data_8REB
#
_entry.id   8REB
#
_cell.length_a   1.00
_cell.length_b   1.00
_cell.length_c   1.00
_cell.angle_alpha   90.00
_cell.angle_beta   90.00
_cell.angle_gamma   90.00
#
_symmetry.space_group_name_H-M   'P 1'
#
loop_
_entity.id
_entity.type
_entity.pdbx_description
1 polymer 'DNA (43-MER)'
2 polymer "RNA (5'-R(P*GP*CP*CP*GP*CP*G)-3')"
3 polymer 'DNA (52-MER)'
4 polymer 'DNA-directed RNA polymerase subunit alpha'
5 polymer 'DNA-directed RNA polymerase subunit beta'
6 polymer "DNA-directed RNA polymerase subunit beta'"
7 polymer 'DNA-directed RNA polymerase subunit omega'
8 polymer 'RNA polymerase sigma-54 factor'
9 non-polymer 'MAGNESIUM ION'
10 non-polymer 'ZINC ION'
#
loop_
_entity_poly.entity_id
_entity_poly.type
_entity_poly.pdbx_seq_one_letter_code
_entity_poly.pdbx_strand_id
1 'polydeoxyribonucleotide'
;(DG)(DC)(DT)(DG)(DG)(DC)(DA)(DC)(DG)(DA)(DC)(DT)(DT)(DT)(DT)(DG)(DC)(DA)(DC)(DT)
(DC)(DG)(DT)(DA)(DT)(DA)(DT)(DC)(DA)(DT)(DG)(DC)(DT)(DG)(DT)(DT)(DG)(DC)(DA)(DC)
(DA)(DT)(DT)
;
N
2 'polyribonucleotide' GCCGCG R
3 'polydeoxyribonucleotide'
;(DA)(DA)(DT)(DG)(DT)(DG)(DC)(DA)(DA)(DC)(DA)(DG)(DC)(DA)(DT)(DG)(DA)(DT)(DC)(DG)
(DC)(DG)(DG)(DC)(DA)(DA)(DG)(DC)(DT)(DG)(DA)(DT)(DC)(DG)(DT)(DG)(DC)(DA)(DA)(DA)
(DA)(DG)(DT)(DC)(DG)(DT)(DG)(DC)(DC)(DA)(DG)(DC)
;
T
4 'polypeptide(L)'
;SVTEFLKPRLVDIEQVSSTHAKVTLEPLERGFGHTLGNALRRILLSSMPGCAVTEVEIDGVLHEYSTKEGVQEDILEILL
NLKGLAVRVQGKDEVILTLNKSGIGPVTAADITHDGDVEIVKPQHVICHLTDENASISMRIKVQRGRGYVPASTRIHSEE
DERPIGRLLVDACYSPVERIAYNVEAARVEQRTDLDKLVIEMETNGTIDPEEAIRRAATILAEQLEAFVDLRDVRQPEVK
EEKPEFDPILLRPVDDLELTVRSANCLKAEAIHYIGDLVQRTEVELLKTPNLGKKSLTEIKDVLASRGLSLGMRLENWPP
A
;
A,B
5 'polypeptide(L)'
;MVYSYTEKKRIRKDFGKRPQVLDVPYLLSIQLDSFQKFIEQDPEGQYGLEAAFRSVFPIQSYSGNSELQYVSYRLGEPVF
DVQECQIRGVTYSAPLRVKLRLVIYEREAPEGTVKDIKEQEVYMGEIPLMTDNGTFVINGTERVIVSQLHRSPGVFFDSD
KGKTHSSGKVLYNARIIPYRGSWLDFEFDPKDNLFVRIDRRRKLPATIILRALNYTTEQILDLFFEKVIFEIRDNKLQME
LVPERLRGETASFDIEANGKVYVEKGRRITARHIRQLEKDDVKLIEVPVEYIAGKVVAKDYIDESTGELICAANMELSLD
LLAKLSQSGHKRIETLFTNDLDHGPYISETLRVDPTNDRLSALVEIYRMMRPGEPPTREAAESLFENLFFSEDRYDLSAV
GRMKFNRSLLREEIEGSGILSKDDIIDVMKKLIDIRNGKGEVDDIDHLGNRRIRSVGEMAENQFRVGLVRVERAVKERLS
LGDLDTLMPQDMINAKPISAAVKEFFGSSQLSQFMDQNNPLSEITHKRRISALGPGGLTRERAGFEVRDVHPTHYGRVCP
IETPEGPNIGLINSLSVYAQTNEYGFLETPYRKVTDGVVTDEIHYLSAIEEGNYVIAQANSNLDEEGHFVEDLVTCRSKG
ESSLFSRDQVDYMDVSTQQVVSVGASLIPFLEHDDANRALMGANMQRQAVPTLRADKPLVGTGMERAVAVDSGVTAVAKR
GGVVQYVDASRIVIKVNEDEMYPGEAGIDIYNLTKYTRSNQNTCINQMPCVSLGEPVERGDVLADGPSTDLGELALGQNM
RVAFMPWNGYNFEDSILVSERVVQEDRFTTIHIQELACVSRDTKLGPEEITADIPNVGEAALSKLDESGIVYIGAEVTGG
DILVGKVTPKGETQLTPEEKLLRAIFGEKASDVKDSSLRVPNGVSGTVIDVQVFTRDGVEKDKRALEIEEMQLKQAKKDL
SEELQILEAGLFSRIRAVLVAGGVEAEKLDKLPRDRWLELGLTDEEKQNQLEQLAEQYDELKHEFEKKLEAKRRKITQGD
DLAPGVLKIVKVYLAVKRRIQPGDKMAGRHGNKGVISKINPIEDMPYDENGTPVDIVLNPLGVPSRMNIGQILETHLGMA
AKGIGDKINAMLKQQQEVAKLREFIQRAYDLGADVRQKVDLSTFSDEEVMRLAENLRKGMPIATPVFDGAKEAEIKELLK
LGDLPTSGQIRLYDGRTGEQFERPVTVGYMYMLKLNHLVDDKMHARSTGSYSLVTQQPLGGKAQFGGQRFGEMEVWALEA
YGAAYTLQEMLTVKSDDVNGRTKMYKNIVDGNHQMEPGMPESFNVLLKEIRSLGINIELED
;
C
6 'polypeptide(L)'
;LLKFLKAQTKTEEFDAIKIALASPDMIRSWSFGEVKKPETINYRTFKPERDGLFCARIFGPVKDYECLCGKYKRLKHRGV
ICEKCGVEVTQTKVRRERMGHIELASPTAHIWFLKSLPSRIGLLLDMPLRDIERVLYFESYVVIEGGMTNLERQQILTEE
QYLDALEEFGDEFDAKMGAEAIQALLKSMDLEQECEQLREELNETNSETKRKKLTKRIKLLEAFVQSGNKPEWMILTVLP
VLPPDLRPLVPLDGGRFATSDLNDLYRRVINRNNRLKRLLDLAAPDIIVRNEKRMLQEAVDALLDNGRRGRAITGSNKRP
LKSLADMIKGKQGRFRQNLLGKRVDYSGRSVITVGPYLRLHQCGLPKKMALELFKPFIYGKLELRGLATTIKAAKKMVER
EEAVVWDILDEVIREHPVLLNRAPTLHRLGIQAFEPVLIEGKAIQLHPLVCAAYNADFDGDQMAVHVPLTLEAQLEARAL
MMSTNNILSPANGEPIIVPSQDVVLGLYYMTRDCVNAKGEGMVLTGPKEAERLYRSGLASLHARVKVRITEYEKDANGEL
VAKTSLKDTTVGRAILWMIVPKGLPYSIVNQALGKKAISKMLNTCYRILGLKPTVIFADQIMYTGFAYAARSGASVGIDD
MVIPEKKHEIISEAEAEVAEIQEQFQSGLVTAGERYNKVIDIWAAANDRVSKAMMDNLQTETVINRDGQEEKQVSFNSIY
MMADSGARGSAAQIRQLAGMRGLMAKPDGSIIETPITANFREGLNVLQYFISTHGARKGLADTALKTANSGYLTRRLVDV
AQDLVVTEDDCGTHEGIMMTPVIEGGDVKEPLRDRVLGRVTAEDVLKPGTADILVPRNTLLHEQWCDLLEENSVDAVKVR
SVVSCDTDFGVCAHCYGRDLARGHIINKGEAIGVIAAQSIGEPGTQLTMRTFHIGGAASRAAAESSIQVKNKGSIKLSNV
KSVVNSSGKLVITSRNTELKLIDEFGRTKESYKVPYGAVLAKGDGEQVAGGETVANWDPHTMPVITEVSGFVRFTDMIDG
QTITRQTDELTGLSSLVVLDSAERTAGGKDLRPALKIVDAQGNDVLIPGTDMPAQYFLPGKAIVQLEDGVQISSGDTLAR
IPQESGGTKDITGGLPRVADLFEARRPKEPAILAEISGIVSFGKETKGKRRLVITPVDGSDPYEEMIPKWRQLNVFEGER
VERGDVISDGPEAPHDILRLRGVHAVTRYIVNEVQDVYRLQGVKINDKHIEVIVRQMLRKATIVNAGSSDFLEGEQVEYS
RVKIANRELEANGKVGATYSRDLLGITKASLATESFISAASFQETTRVLTEAAVAGKRDELRGLKENVIVGRLIPAGTGY
AYHQDRMRRRAAG
;
D
7 'polypeptide(L)' ARVTVQDAVEKIGNRFDLVLVAARRARQMQVGGKDPLVPEENDKTTVIALREIEEGLINNQILDVRERQEQQEQ E
8 'polypeptide(L)'
;TAGTPSGNGVDYQDDELPVYQGETTQSLQDYLMWQVELTPFTDTDRAIATSIVDAVDDTGYLTIQIEDIVDSIGDDEIGL
EEVEAVLKRIQRFDPVGVAAKDLRDCLLIQLSQFAKETPWLEEARLIISDHLDLLANHDFRTLMRVTRLKEEVLKEAVNL
IQSLDPRPGQSIQTGEPEYVIPDVLVRKVNDRWVVELNSDLQEARWLIKSLESANDTLLRVSRCIVEQQQAFFEQGEEYM
KPMVLADIAQAVEMHESTISRVTTQKYLHSPRGIFELKYFFSSHVNTEGGGEASSTAIRALVKKLIAAENPAKPLSDSKL
TSMLSEQGIMVARRTVAKYRESLSIPPSNQ
;
M
#
loop_
_chem_comp.id
_chem_comp.type
_chem_comp.name
_chem_comp.formula
C RNA linking CYTIDINE-5'-MONOPHOSPHATE 'C9 H14 N3 O8 P'
DA DNA linking 2'-DEOXYADENOSINE-5'-MONOPHOSPHATE 'C10 H14 N5 O6 P'
DC DNA linking 2'-DEOXYCYTIDINE-5'-MONOPHOSPHATE 'C9 H14 N3 O7 P'
DG DNA linking 2'-DEOXYGUANOSINE-5'-MONOPHOSPHATE 'C10 H14 N5 O7 P'
DT DNA linking THYMIDINE-5'-MONOPHOSPHATE 'C10 H15 N2 O8 P'
G RNA linking GUANOSINE-5'-MONOPHOSPHATE 'C10 H14 N5 O8 P'
MG non-polymer 'MAGNESIUM ION' 'Mg 2'
ZN non-polymer 'ZINC ION' 'Zn 2'
#
# COMPACT_ATOMS: atom_id res chain seq x y z
N GLU D 4 47.04 -7.31 49.63
CA GLU D 4 45.76 -7.48 50.29
C GLU D 4 44.76 -8.20 49.39
N PHE D 5 45.24 -8.62 48.22
CA PHE D 5 44.43 -9.34 47.26
C PHE D 5 45.12 -10.64 46.87
N LEU D 6 44.33 -11.69 46.67
CA LEU D 6 44.85 -12.97 46.21
C LEU D 6 44.83 -13.03 44.69
N LYS D 7 45.81 -13.72 44.11
CA LYS D 7 45.96 -13.77 42.67
C LYS D 7 45.54 -15.13 42.16
N PRO D 8 44.56 -15.21 41.26
CA PRO D 8 44.14 -16.51 40.73
C PRO D 8 45.27 -17.18 39.98
N ARG D 9 45.37 -18.50 40.14
CA ARG D 9 46.37 -19.29 39.44
C ARG D 9 45.65 -20.39 38.68
N LEU D 10 45.98 -20.53 37.40
CA LEU D 10 45.33 -21.53 36.56
C LEU D 10 45.77 -22.92 37.01
N VAL D 11 44.89 -23.61 37.73
CA VAL D 11 45.18 -24.95 38.23
C VAL D 11 44.08 -25.89 37.75
N ASP D 12 44.43 -27.17 37.63
CA ASP D 12 43.49 -28.25 37.31
C ASP D 12 42.75 -27.94 35.99
N ILE D 13 43.54 -27.82 34.94
CA ILE D 13 42.98 -27.75 33.60
C ILE D 13 42.66 -29.17 33.15
N GLU D 14 41.39 -29.42 32.85
CA GLU D 14 40.91 -30.76 32.57
C GLU D 14 40.23 -30.78 31.22
N GLN D 15 40.53 -31.81 30.43
CA GLN D 15 40.14 -31.87 29.03
C GLN D 15 39.08 -32.96 28.89
N VAL D 16 37.81 -32.54 28.75
CA VAL D 16 36.73 -33.51 28.66
C VAL D 16 36.82 -34.30 27.36
N SER D 17 36.99 -33.61 26.25
CA SER D 17 37.13 -34.25 24.95
C SER D 17 38.00 -33.37 24.08
N SER D 18 38.22 -33.79 22.83
CA SER D 18 39.10 -33.02 21.96
C SER D 18 38.53 -31.64 21.64
N THR D 19 37.24 -31.45 21.87
CA THR D 19 36.57 -30.17 21.65
C THR D 19 36.20 -29.48 22.95
N HIS D 20 35.56 -30.19 23.87
CA HIS D 20 35.17 -29.64 25.16
C HIS D 20 36.40 -29.38 26.02
N ALA D 21 36.28 -28.44 26.95
CA ALA D 21 37.37 -28.16 27.88
C ALA D 21 36.84 -27.46 29.11
N LYS D 22 37.54 -27.62 30.22
CA LYS D 22 37.25 -26.93 31.47
C LYS D 22 38.54 -26.33 32.02
N VAL D 23 38.49 -25.06 32.40
CA VAL D 23 39.63 -24.35 32.96
C VAL D 23 39.23 -23.81 34.32
N THR D 24 40.07 -24.06 35.32
CA THR D 24 39.74 -23.73 36.70
C THR D 24 40.72 -22.70 37.24
N LEU D 25 40.19 -21.66 37.88
CA LEU D 25 40.97 -20.64 38.59
C LEU D 25 40.58 -20.73 40.05
N GLU D 26 41.50 -21.25 40.88
CA GLU D 26 41.13 -21.60 42.25
C GLU D 26 40.96 -20.38 43.15
N PRO D 27 41.97 -19.55 43.40
CA PRO D 27 41.79 -18.47 44.36
C PRO D 27 41.23 -17.20 43.74
N LEU D 28 40.05 -16.79 44.17
CA LEU D 28 39.46 -15.53 43.74
C LEU D 28 38.76 -14.90 44.92
N GLU D 29 38.64 -13.57 44.88
CA GLU D 29 38.06 -12.83 45.99
C GLU D 29 36.54 -12.93 45.96
N ARG D 30 35.88 -12.14 46.78
CA ARG D 30 34.44 -12.29 46.98
C ARG D 30 33.67 -12.04 45.70
N GLY D 31 34.00 -10.96 44.98
CA GLY D 31 33.22 -10.58 43.83
C GLY D 31 33.95 -10.61 42.51
N PHE D 32 35.25 -10.92 42.51
CA PHE D 32 36.01 -10.91 41.28
C PHE D 32 35.65 -12.08 40.36
N GLY D 33 34.99 -13.10 40.88
CA GLY D 33 34.68 -14.25 40.05
C GLY D 33 33.79 -13.88 38.88
N HIS D 34 32.69 -13.17 39.15
CA HIS D 34 31.77 -12.80 38.07
C HIS D 34 32.41 -11.81 37.11
N THR D 35 33.15 -10.83 37.64
CA THR D 35 33.79 -9.83 36.78
C THR D 35 34.76 -10.50 35.81
N LEU D 36 35.68 -11.31 36.33
CA LEU D 36 36.63 -11.99 35.46
C LEU D 36 35.93 -12.95 34.52
N GLY D 37 34.90 -13.65 35.01
CA GLY D 37 34.20 -14.59 34.15
C GLY D 37 33.57 -13.91 32.96
N ASN D 38 32.86 -12.79 33.20
CA ASN D 38 32.18 -12.14 32.09
C ASN D 38 33.19 -11.47 31.15
N ALA D 39 34.22 -10.83 31.70
CA ALA D 39 35.23 -10.23 30.83
C ALA D 39 35.89 -11.28 29.96
N LEU D 40 36.27 -12.41 30.56
CA LEU D 40 36.90 -13.48 29.80
C LEU D 40 35.95 -14.05 28.75
N ARG D 41 34.68 -14.25 29.11
CA ARG D 41 33.74 -14.83 28.14
C ARG D 41 33.52 -13.90 26.96
N ARG D 42 33.34 -12.60 27.23
CA ARG D 42 33.17 -11.66 26.14
C ARG D 42 34.40 -11.59 25.25
N ILE D 43 35.59 -11.63 25.85
CA ILE D 43 36.81 -11.59 25.04
C ILE D 43 36.92 -12.85 24.19
N LEU D 44 36.68 -14.01 24.80
CA LEU D 44 36.78 -15.28 24.06
C LEU D 44 35.80 -15.33 22.90
N LEU D 45 34.55 -14.92 23.14
CA LEU D 45 33.57 -15.00 22.07
C LEU D 45 33.77 -13.92 21.02
N SER D 46 34.36 -12.78 21.41
CA SER D 46 34.49 -11.66 20.49
C SER D 46 35.64 -11.86 19.51
N SER D 47 36.86 -11.97 20.03
CA SER D 47 38.06 -11.96 19.22
C SER D 47 39.01 -13.06 19.68
N MET D 48 39.12 -14.13 18.89
CA MET D 48 40.13 -15.14 19.09
C MET D 48 40.69 -15.50 17.72
N PRO D 49 42.02 -15.42 17.55
CA PRO D 49 42.61 -15.79 16.26
C PRO D 49 42.32 -17.24 15.92
N GLY D 50 42.03 -17.47 14.65
CA GLY D 50 41.75 -18.81 14.17
C GLY D 50 42.07 -18.88 12.70
N CYS D 51 41.85 -20.05 12.12
CA CYS D 51 42.14 -20.28 10.72
C CYS D 51 40.88 -20.75 10.02
N ALA D 52 40.65 -20.22 8.82
CA ALA D 52 39.42 -20.53 8.11
C ALA D 52 39.69 -20.58 6.62
N VAL D 53 38.82 -21.31 5.93
CA VAL D 53 38.89 -21.38 4.48
C VAL D 53 38.35 -20.08 3.91
N THR D 54 39.13 -19.46 3.00
CA THR D 54 38.75 -18.18 2.42
C THR D 54 38.28 -18.31 0.97
N GLU D 55 38.96 -19.12 0.17
CA GLU D 55 38.57 -19.30 -1.22
C GLU D 55 38.83 -20.74 -1.64
N VAL D 56 38.12 -21.16 -2.68
CA VAL D 56 38.22 -22.50 -3.23
C VAL D 56 38.39 -22.39 -4.74
N GLU D 57 38.89 -23.47 -5.35
CA GLU D 57 39.05 -23.51 -6.80
C GLU D 57 38.98 -24.98 -7.24
N ILE D 58 37.81 -25.41 -7.69
CA ILE D 58 37.65 -26.75 -8.21
C ILE D 58 37.99 -26.75 -9.70
N ASP D 59 38.44 -27.89 -10.20
CA ASP D 59 38.95 -27.97 -11.57
C ASP D 59 37.88 -27.59 -12.58
N GLY D 60 36.78 -28.34 -12.62
CA GLY D 60 35.80 -28.15 -13.66
C GLY D 60 34.63 -27.28 -13.29
N VAL D 61 34.78 -26.48 -12.24
CA VAL D 61 33.72 -25.60 -11.76
C VAL D 61 33.96 -24.21 -12.32
N LEU D 62 32.90 -23.43 -12.44
CA LEU D 62 32.97 -22.06 -12.92
C LEU D 62 32.38 -21.05 -11.95
N HIS D 63 31.29 -21.40 -11.30
CA HIS D 63 30.65 -20.55 -10.31
C HIS D 63 29.98 -21.42 -9.27
N GLU D 64 29.51 -20.77 -8.20
CA GLU D 64 28.93 -21.52 -7.09
C GLU D 64 27.61 -22.17 -7.44
N TYR D 65 26.93 -21.69 -8.48
CA TYR D 65 25.60 -22.17 -8.85
C TYR D 65 25.63 -23.19 -9.97
N SER D 66 26.65 -24.03 -10.01
CA SER D 66 26.78 -25.08 -11.01
C SER D 66 26.68 -26.44 -10.36
N THR D 67 26.78 -27.47 -11.19
CA THR D 67 26.81 -28.86 -10.76
C THR D 67 28.03 -29.54 -11.39
N LYS D 68 28.57 -30.53 -10.69
CA LYS D 68 29.66 -31.34 -11.21
C LYS D 68 29.16 -32.76 -11.44
N GLU D 69 29.52 -33.34 -12.60
CA GLU D 69 29.10 -34.69 -12.92
C GLU D 69 29.77 -35.68 -11.97
N GLY D 70 28.97 -36.56 -11.40
CA GLY D 70 29.46 -37.60 -10.52
C GLY D 70 29.40 -37.29 -9.04
N VAL D 71 29.30 -36.02 -8.67
CA VAL D 71 29.19 -35.64 -7.27
C VAL D 71 27.72 -35.45 -6.94
N GLN D 72 27.36 -35.82 -5.71
CA GLN D 72 25.96 -35.77 -5.31
C GLN D 72 25.54 -34.39 -4.81
N GLU D 73 26.46 -33.65 -4.21
CA GLU D 73 26.14 -32.34 -3.66
C GLU D 73 26.45 -31.24 -4.67
N ASP D 74 25.63 -30.20 -4.66
CA ASP D 74 25.88 -29.03 -5.50
C ASP D 74 27.12 -28.29 -4.99
N ILE D 75 27.65 -27.43 -5.86
CA ILE D 75 28.87 -26.70 -5.50
C ILE D 75 28.62 -25.79 -4.30
N LEU D 76 27.42 -25.21 -4.21
CA LEU D 76 27.10 -24.41 -3.03
C LEU D 76 27.16 -25.25 -1.77
N GLU D 77 26.65 -26.49 -1.84
CA GLU D 77 26.74 -27.40 -0.71
C GLU D 77 28.19 -27.75 -0.38
N ILE D 78 29.03 -27.93 -1.40
CA ILE D 78 30.44 -28.22 -1.16
C ILE D 78 31.11 -27.06 -0.44
N LEU D 79 30.82 -25.83 -0.87
CA LEU D 79 31.39 -24.67 -0.20
C LEU D 79 30.91 -24.56 1.23
N LEU D 80 29.62 -24.83 1.47
CA LEU D 80 29.10 -24.77 2.83
C LEU D 80 29.75 -25.83 3.72
N ASN D 81 30.03 -27.01 3.15
CA ASN D 81 30.74 -28.04 3.90
C ASN D 81 32.18 -27.62 4.20
N LEU D 82 32.85 -26.99 3.22
CA LEU D 82 34.22 -26.56 3.43
C LEU D 82 34.31 -25.44 4.45
N LYS D 83 33.27 -24.61 4.55
CA LYS D 83 33.30 -23.50 5.50
C LYS D 83 33.48 -24.00 6.93
N GLY D 84 32.82 -25.09 7.30
CA GLY D 84 32.91 -25.66 8.62
C GLY D 84 34.14 -26.49 8.89
N LEU D 85 34.99 -26.69 7.88
CA LEU D 85 36.24 -27.39 8.10
C LEU D 85 37.19 -26.53 8.92
N ALA D 86 37.87 -27.17 9.87
CA ALA D 86 38.78 -26.48 10.79
C ALA D 86 40.18 -27.05 10.63
N VAL D 87 41.19 -26.18 10.68
CA VAL D 87 42.59 -26.56 10.49
C VAL D 87 43.44 -25.80 11.50
N ARG D 88 44.68 -26.24 11.63
CA ARG D 88 45.69 -25.48 12.36
C ARG D 88 46.96 -25.40 11.51
N VAL D 89 47.60 -24.24 11.50
CA VAL D 89 48.84 -24.04 10.77
C VAL D 89 49.84 -23.31 11.65
N GLN D 90 51.11 -23.68 11.54
CA GLN D 90 52.19 -23.13 12.35
C GLN D 90 53.05 -22.23 11.48
N GLY D 91 53.03 -20.93 11.77
CA GLY D 91 53.94 -20.00 11.13
C GLY D 91 53.58 -19.57 9.74
N LYS D 92 52.47 -20.05 9.18
CA LYS D 92 52.01 -19.64 7.87
C LYS D 92 50.57 -19.16 7.96
N ASP D 93 50.24 -18.17 7.14
CA ASP D 93 48.89 -17.63 7.12
C ASP D 93 48.23 -17.72 5.75
N GLU D 94 48.86 -18.37 4.78
CA GLU D 94 48.38 -18.37 3.41
C GLU D 94 48.46 -19.78 2.84
N VAL D 95 47.99 -20.76 3.58
CA VAL D 95 48.26 -22.14 3.21
C VAL D 95 47.32 -22.57 2.08
N ILE D 96 47.84 -23.40 1.18
CA ILE D 96 47.09 -23.94 0.06
C ILE D 96 47.04 -25.46 0.23
N LEU D 97 45.85 -26.02 0.27
CA LEU D 97 45.64 -27.44 0.43
C LEU D 97 45.04 -28.01 -0.85
N THR D 98 45.69 -29.03 -1.40
CA THR D 98 45.21 -29.69 -2.61
C THR D 98 44.45 -30.94 -2.24
N LEU D 99 43.28 -31.13 -2.84
CA LEU D 99 42.47 -32.33 -2.63
C LEU D 99 42.23 -32.99 -3.97
N ASN D 100 42.75 -34.21 -4.14
CA ASN D 100 42.53 -34.98 -5.36
C ASN D 100 42.06 -36.37 -4.95
N LYS D 101 40.87 -36.75 -5.42
CA LYS D 101 40.35 -38.08 -5.10
C LYS D 101 39.48 -38.56 -6.24
N SER D 102 39.72 -39.79 -6.69
CA SER D 102 38.91 -40.43 -7.71
C SER D 102 38.44 -41.78 -7.18
N GLY D 103 37.17 -42.09 -7.40
CA GLY D 103 36.62 -43.34 -6.92
C GLY D 103 35.16 -43.24 -6.56
N ILE D 104 34.75 -44.01 -5.55
CA ILE D 104 33.35 -44.10 -5.16
C ILE D 104 33.24 -43.71 -3.69
N GLY D 105 32.06 -43.29 -3.27
CA GLY D 105 31.80 -43.03 -1.89
C GLY D 105 32.16 -41.61 -1.48
N PRO D 106 32.25 -41.36 -0.18
CA PRO D 106 32.48 -39.99 0.29
C PRO D 106 33.93 -39.58 0.09
N VAL D 107 34.14 -38.26 0.06
CA VAL D 107 35.46 -37.67 0.12
C VAL D 107 35.54 -36.84 1.39
N THR D 108 36.52 -37.13 2.22
CA THR D 108 36.62 -36.57 3.56
C THR D 108 37.87 -35.70 3.64
N ALA D 109 37.97 -34.93 4.73
CA ALA D 109 39.18 -34.13 4.94
C ALA D 109 40.42 -34.98 5.14
N ALA D 110 40.27 -36.27 5.42
CA ALA D 110 41.43 -37.12 5.66
C ALA D 110 42.27 -37.29 4.41
N ASP D 111 41.65 -37.30 3.24
CA ASP D 111 42.38 -37.53 2.00
C ASP D 111 42.94 -36.25 1.40
N ILE D 112 42.96 -35.15 2.15
CA ILE D 112 43.69 -33.97 1.75
C ILE D 112 45.18 -34.30 1.73
N THR D 113 45.87 -33.90 0.66
CA THR D 113 47.30 -34.17 0.56
C THR D 113 48.03 -33.56 1.74
N HIS D 114 48.88 -34.38 2.39
CA HIS D 114 49.52 -34.00 3.64
C HIS D 114 50.56 -32.93 3.37
N ASP D 115 50.29 -31.72 3.84
CA ASP D 115 51.24 -30.63 3.70
C ASP D 115 52.34 -30.75 4.76
N GLY D 116 53.24 -29.77 4.78
CA GLY D 116 54.31 -29.77 5.75
C GLY D 116 53.82 -29.71 7.18
N ASP D 117 53.18 -28.60 7.55
CA ASP D 117 52.61 -28.41 8.88
C ASP D 117 51.21 -27.83 8.75
N VAL D 118 50.24 -28.70 8.48
CA VAL D 118 48.84 -28.33 8.41
C VAL D 118 48.07 -29.47 9.09
N GLU D 119 47.59 -29.22 10.31
CA GLU D 119 46.91 -30.24 11.10
C GLU D 119 45.42 -30.18 10.82
N ILE D 120 44.87 -31.31 10.39
CA ILE D 120 43.44 -31.50 10.24
C ILE D 120 42.90 -32.02 11.57
N VAL D 121 42.00 -31.26 12.19
CA VAL D 121 41.55 -31.62 13.52
C VAL D 121 40.60 -32.82 13.47
N LYS D 122 39.63 -32.81 12.57
CA LYS D 122 38.70 -33.92 12.41
C LYS D 122 38.80 -34.48 11.00
N PRO D 123 39.42 -35.63 10.81
CA PRO D 123 39.53 -36.21 9.47
C PRO D 123 38.36 -37.10 9.12
N GLN D 124 37.29 -37.08 9.93
CA GLN D 124 36.03 -37.71 9.56
C GLN D 124 34.98 -36.67 9.15
N HIS D 125 35.42 -35.51 8.68
CA HIS D 125 34.51 -34.44 8.27
C HIS D 125 34.27 -34.55 6.78
N VAL D 126 33.15 -35.17 6.40
CA VAL D 126 32.83 -35.36 4.99
C VAL D 126 32.51 -34.02 4.36
N ILE D 127 32.86 -33.85 3.09
CA ILE D 127 32.60 -32.61 2.38
C ILE D 127 31.87 -32.82 1.05
N CYS D 128 31.87 -34.04 0.51
CA CYS D 128 31.23 -34.30 -0.78
C CYS D 128 31.17 -35.81 -0.98
N HIS D 129 30.41 -36.22 -1.99
CA HIS D 129 30.30 -37.62 -2.36
C HIS D 129 30.60 -37.78 -3.84
N LEU D 130 31.13 -38.94 -4.20
CA LEU D 130 31.37 -39.29 -5.60
C LEU D 130 30.58 -40.54 -5.91
N THR D 131 29.77 -40.49 -6.97
CA THR D 131 28.86 -41.57 -7.30
C THR D 131 29.19 -42.29 -8.59
N ASP D 132 29.90 -41.66 -9.51
CA ASP D 132 30.35 -42.33 -10.72
C ASP D 132 31.72 -42.94 -10.49
N GLU D 133 31.91 -44.16 -11.01
CA GLU D 133 33.18 -44.85 -10.79
C GLU D 133 34.33 -44.10 -11.42
N ASN D 134 34.18 -43.69 -12.67
CA ASN D 134 35.22 -42.95 -13.38
C ASN D 134 35.03 -41.44 -13.25
N ALA D 135 34.79 -41.02 -12.01
CA ALA D 135 34.63 -39.61 -11.67
C ALA D 135 35.70 -39.21 -10.67
N SER D 136 36.27 -38.02 -10.86
CA SER D 136 37.35 -37.53 -10.01
C SER D 136 37.08 -36.10 -9.59
N ILE D 137 37.52 -35.76 -8.38
CA ILE D 137 37.39 -34.41 -7.84
C ILE D 137 38.78 -33.89 -7.53
N SER D 138 39.06 -32.68 -7.99
CA SER D 138 40.35 -32.05 -7.75
C SER D 138 40.12 -30.58 -7.46
N MET D 139 40.66 -30.11 -6.34
CA MET D 139 40.36 -28.76 -5.88
C MET D 139 41.53 -28.22 -5.09
N ARG D 140 41.60 -26.89 -5.02
CA ARG D 140 42.63 -26.18 -4.28
C ARG D 140 41.96 -25.22 -3.32
N ILE D 141 42.23 -25.37 -2.03
CA ILE D 141 41.56 -24.63 -0.97
C ILE D 141 42.57 -23.71 -0.30
N LYS D 142 42.21 -22.44 -0.17
CA LYS D 142 43.06 -21.47 0.50
C LYS D 142 42.59 -21.28 1.93
N VAL D 143 43.52 -21.36 2.87
CA VAL D 143 43.23 -21.21 4.29
C VAL D 143 44.05 -20.05 4.83
N GLN D 144 43.38 -19.11 5.50
CA GLN D 144 44.01 -17.94 6.07
C GLN D 144 43.82 -17.92 7.58
N ARG D 145 44.53 -17.02 8.23
CA ARG D 145 44.42 -16.80 9.66
C ARG D 145 43.82 -15.42 9.90
N GLY D 146 42.73 -15.38 10.68
CA GLY D 146 42.02 -14.15 10.94
C GLY D 146 41.54 -14.08 12.37
N ARG D 147 40.76 -13.04 12.66
CA ARG D 147 40.30 -12.74 14.01
C ARG D 147 38.80 -12.89 14.19
N GLY D 148 37.99 -12.23 13.37
CA GLY D 148 36.55 -12.27 13.50
C GLY D 148 35.87 -12.59 12.19
N TYR D 149 34.54 -12.62 12.24
CA TYR D 149 33.76 -12.93 11.04
C TYR D 149 33.99 -11.88 9.97
N VAL D 150 34.26 -12.33 8.75
CA VAL D 150 34.48 -11.43 7.62
C VAL D 150 33.75 -11.99 6.40
N PRO D 151 32.68 -11.34 5.95
CA PRO D 151 31.96 -11.83 4.78
C PRO D 151 32.81 -11.73 3.53
N ALA D 152 32.52 -12.62 2.58
CA ALA D 152 33.25 -12.59 1.31
C ALA D 152 32.94 -11.33 0.51
N SER D 153 31.76 -10.76 0.70
CA SER D 153 31.37 -9.58 -0.06
C SER D 153 32.11 -8.33 0.40
N THR D 154 32.35 -8.19 1.70
CA THR D 154 32.95 -6.97 2.22
C THR D 154 34.38 -6.77 1.75
N ARG D 155 35.17 -7.84 1.67
CA ARG D 155 36.55 -7.69 1.24
C ARG D 155 36.62 -7.26 -0.21
N ILE D 156 37.12 -6.04 -0.43
CA ILE D 156 37.20 -5.44 -1.77
C ILE D 156 38.68 -5.24 -2.09
N HIS D 157 39.51 -5.17 -1.06
CA HIS D 157 40.95 -5.04 -1.25
C HIS D 157 41.54 -6.19 -2.08
N SER D 158 40.92 -7.37 -2.04
CA SER D 158 41.39 -8.48 -2.86
C SER D 158 41.11 -8.26 -4.33
N GLU D 159 40.26 -7.29 -4.68
CA GLU D 159 39.94 -7.00 -6.07
C GLU D 159 41.01 -6.14 -6.75
N GLU D 160 42.09 -5.81 -6.05
CA GLU D 160 43.17 -5.03 -6.66
C GLU D 160 43.76 -5.75 -7.86
N ASP D 161 44.02 -7.05 -7.74
CA ASP D 161 44.47 -7.88 -8.84
C ASP D 161 43.31 -8.75 -9.31
N GLU D 162 43.13 -8.83 -10.62
CA GLU D 162 41.99 -9.55 -11.18
C GLU D 162 42.06 -11.03 -10.85
N ARG D 163 40.89 -11.63 -10.61
CA ARG D 163 40.79 -13.04 -10.26
C ARG D 163 40.27 -13.84 -11.44
N PRO D 164 40.84 -15.00 -11.71
CA PRO D 164 40.34 -15.83 -12.82
C PRO D 164 38.93 -16.32 -12.56
N ILE D 165 38.21 -16.56 -13.65
CA ILE D 165 36.84 -17.05 -13.54
C ILE D 165 36.86 -18.47 -13.02
N GLY D 166 36.36 -18.67 -11.81
CA GLY D 166 36.43 -19.98 -11.19
C GLY D 166 36.88 -19.93 -9.74
N ARG D 167 37.63 -18.89 -9.39
CA ARG D 167 38.00 -18.67 -8.00
C ARG D 167 36.75 -18.36 -7.19
N LEU D 168 36.29 -19.31 -6.39
CA LEU D 168 35.06 -19.19 -5.63
C LEU D 168 35.39 -18.63 -4.25
N LEU D 169 34.67 -17.60 -3.85
CA LEU D 169 34.88 -16.98 -2.55
C LEU D 169 33.86 -17.53 -1.56
N VAL D 170 34.35 -17.97 -0.40
CA VAL D 170 33.49 -18.40 0.69
C VAL D 170 33.67 -17.44 1.85
N ASP D 171 32.65 -17.38 2.70
CA ASP D 171 32.75 -16.55 3.89
C ASP D 171 33.74 -17.15 4.87
N ALA D 172 34.29 -16.29 5.73
CA ALA D 172 35.30 -16.70 6.68
C ALA D 172 34.79 -16.49 8.11
N CYS D 173 34.92 -17.52 8.94
CA CYS D 173 34.53 -17.43 10.33
C CYS D 173 35.65 -16.96 11.24
N TYR D 174 36.83 -17.60 11.14
CA TYR D 174 38.06 -17.25 11.83
C TYR D 174 38.00 -17.44 13.34
N SER D 175 36.86 -17.80 13.90
CA SER D 175 36.72 -17.89 15.35
C SER D 175 36.68 -19.34 15.77
N PRO D 176 37.63 -19.82 16.56
CA PRO D 176 37.61 -21.23 16.97
C PRO D 176 36.58 -21.51 18.06
N VAL D 177 36.36 -20.55 18.95
CA VAL D 177 35.48 -20.76 20.10
C VAL D 177 34.04 -20.72 19.63
N GLU D 178 33.28 -21.74 19.99
CA GLU D 178 31.86 -21.82 19.66
C GLU D 178 30.95 -21.52 20.83
N ARG D 179 31.25 -22.03 22.03
CA ARG D 179 30.41 -21.82 23.19
C ARG D 179 31.28 -21.62 24.42
N ILE D 180 30.94 -20.64 25.24
CA ILE D 180 31.63 -20.38 26.50
C ILE D 180 30.60 -20.26 27.61
N ALA D 181 30.86 -20.94 28.72
CA ALA D 181 30.05 -20.77 29.92
C ALA D 181 30.98 -20.73 31.12
N TYR D 182 30.47 -20.25 32.25
CA TYR D 182 31.29 -20.22 33.45
C TYR D 182 30.42 -20.33 34.68
N ASN D 183 31.05 -20.70 35.78
CA ASN D 183 30.36 -20.86 37.06
C ASN D 183 31.31 -20.48 38.18
N VAL D 184 30.75 -20.08 39.30
CA VAL D 184 31.53 -19.70 40.48
C VAL D 184 31.04 -20.54 41.65
N GLU D 185 31.96 -21.20 42.35
CA GLU D 185 31.63 -22.00 43.51
C GLU D 185 32.53 -21.62 44.67
N ALA D 186 32.34 -22.30 45.80
CA ALA D 186 33.16 -22.07 46.97
C ALA D 186 34.47 -22.85 46.87
N ALA D 187 35.56 -22.21 47.30
CA ALA D 187 36.86 -22.84 47.24
C ALA D 187 37.05 -23.83 48.38
N ARG D 188 38.10 -24.64 48.28
CA ARG D 188 38.49 -25.57 49.31
C ARG D 188 39.45 -24.97 50.31
N VAL D 189 39.75 -23.67 50.17
CA VAL D 189 40.69 -22.98 51.04
C VAL D 189 40.02 -22.78 52.40
N GLU D 190 40.49 -23.52 53.41
CA GLU D 190 39.84 -23.52 54.71
C GLU D 190 40.41 -22.47 55.66
N GLN D 191 41.71 -22.17 55.56
CA GLN D 191 42.29 -21.15 56.43
C GLN D 191 41.76 -19.76 56.11
N ARG D 192 41.50 -19.49 54.84
CA ARG D 192 40.88 -18.21 54.48
C ARG D 192 39.41 -18.22 54.86
N THR D 193 38.86 -17.03 55.09
CA THR D 193 37.49 -16.92 55.56
C THR D 193 36.50 -17.45 54.54
N ASP D 194 36.58 -16.94 53.30
CA ASP D 194 35.65 -17.35 52.25
C ASP D 194 36.23 -16.94 50.91
N LEU D 195 36.54 -17.93 50.07
CA LEU D 195 37.13 -17.68 48.76
C LEU D 195 36.30 -18.38 47.70
N ASP D 196 36.33 -17.83 46.49
CA ASP D 196 35.54 -18.34 45.38
C ASP D 196 36.45 -18.89 44.29
N LYS D 197 35.98 -19.91 43.61
CA LYS D 197 36.70 -20.55 42.51
C LYS D 197 35.86 -20.45 41.25
N LEU D 198 36.53 -20.09 40.15
CA LEU D 198 35.87 -19.86 38.86
C LEU D 198 36.19 -21.02 37.93
N VAL D 199 35.18 -21.53 37.25
CA VAL D 199 35.36 -22.62 36.28
C VAL D 199 34.74 -22.18 34.96
N ILE D 200 35.52 -22.25 33.89
CA ILE D 200 35.09 -21.85 32.56
C ILE D 200 35.06 -23.08 31.68
N GLU D 201 33.89 -23.40 31.13
CA GLU D 201 33.77 -24.49 30.17
C GLU D 201 33.74 -23.90 28.77
N MET D 202 34.53 -24.49 27.89
CA MET D 202 34.71 -24.03 26.53
C MET D 202 34.36 -25.14 25.57
N GLU D 203 33.76 -24.78 24.45
CA GLU D 203 33.53 -25.70 23.34
C GLU D 203 33.98 -24.99 22.08
N THR D 204 34.99 -25.56 21.43
CA THR D 204 35.63 -24.98 20.25
C THR D 204 35.42 -25.90 19.06
N ASN D 205 36.16 -25.63 17.98
CA ASN D 205 36.22 -26.54 16.85
C ASN D 205 37.43 -27.45 16.91
N GLY D 206 38.14 -27.47 18.03
CA GLY D 206 39.35 -28.26 18.18
C GLY D 206 40.60 -27.57 17.71
N THR D 207 40.52 -26.29 17.34
CA THR D 207 41.67 -25.62 16.76
C THR D 207 42.62 -25.08 17.81
N ILE D 208 42.10 -24.43 18.85
CA ILE D 208 42.91 -23.65 19.79
C ILE D 208 43.00 -24.40 21.10
N ASP D 209 44.20 -24.40 21.70
CA ASP D 209 44.38 -24.99 23.02
C ASP D 209 43.65 -24.14 24.06
N PRO D 210 42.97 -24.79 25.02
CA PRO D 210 42.21 -24.02 26.01
C PRO D 210 43.07 -23.11 26.86
N GLU D 211 44.20 -23.64 27.33
CA GLU D 211 45.12 -22.83 28.12
C GLU D 211 45.62 -21.65 27.30
N GLU D 212 45.97 -21.88 26.04
CA GLU D 212 46.41 -20.79 25.17
C GLU D 212 45.31 -19.77 24.97
N ALA D 213 44.06 -20.23 24.84
CA ALA D 213 42.94 -19.31 24.63
C ALA D 213 42.72 -18.42 25.84
N ILE D 214 42.75 -19.00 27.04
CA ILE D 214 42.57 -18.19 28.25
C ILE D 214 43.74 -17.23 28.41
N ARG D 215 44.95 -17.70 28.13
CA ARG D 215 46.12 -16.83 28.21
C ARG D 215 46.00 -15.65 27.25
N ARG D 216 45.58 -15.91 26.01
CA ARG D 216 45.45 -14.84 25.04
C ARG D 216 44.35 -13.86 25.44
N ALA D 217 43.23 -14.36 25.95
CA ALA D 217 42.17 -13.46 26.40
C ALA D 217 42.63 -12.58 27.54
N ALA D 218 43.33 -13.16 28.51
CA ALA D 218 43.85 -12.36 29.62
C ALA D 218 44.84 -11.31 29.12
N THR D 219 45.70 -11.69 28.18
CA THR D 219 46.64 -10.74 27.61
C THR D 219 45.91 -9.59 26.93
N ILE D 220 44.85 -9.91 26.18
CA ILE D 220 44.08 -8.88 25.49
C ILE D 220 43.43 -7.93 26.49
N LEU D 221 42.85 -8.47 27.56
CA LEU D 221 42.22 -7.64 28.57
C LEU D 221 43.23 -6.73 29.24
N ALA D 222 44.40 -7.27 29.60
CA ALA D 222 45.42 -6.45 30.24
C ALA D 222 45.92 -5.36 29.30
N GLU D 223 46.11 -5.70 28.02
CA GLU D 223 46.54 -4.71 27.06
C GLU D 223 45.52 -3.59 26.90
N GLN D 224 44.23 -3.95 26.87
CA GLN D 224 43.19 -2.92 26.79
C GLN D 224 43.18 -2.05 28.03
N LEU D 225 43.33 -2.66 29.21
CA LEU D 225 43.31 -1.90 30.45
C LEU D 225 44.54 -1.03 30.63
N GLU D 226 45.64 -1.34 29.93
CA GLU D 226 46.86 -0.55 30.08
C GLU D 226 46.63 0.92 29.75
N ALA D 227 45.64 1.22 28.91
CA ALA D 227 45.33 2.61 28.58
C ALA D 227 44.54 3.31 29.69
N PHE D 228 44.04 2.57 30.67
CA PHE D 228 43.36 3.17 31.82
C PHE D 228 44.30 3.42 32.99
N VAL D 229 45.36 2.63 33.14
CA VAL D 229 46.24 2.75 34.29
C VAL D 229 46.90 4.12 34.36
N ASP D 230 46.99 4.83 33.24
CA ASP D 230 47.54 6.18 33.19
C ASP D 230 46.67 7.08 32.32
N LEU D 231 45.71 7.75 32.95
CA LEU D 231 44.77 8.58 32.18
C LEU D 231 45.45 9.83 31.67
N ARG D 232 45.90 10.70 32.57
CA ARG D 232 46.49 11.99 32.22
C ARG D 232 45.61 12.71 31.20
N ASP D 233 46.23 13.39 30.24
CA ASP D 233 45.53 14.03 29.14
C ASP D 233 44.45 14.99 29.65
N VAL D 234 44.75 15.67 30.75
CA VAL D 234 43.81 16.61 31.36
C VAL D 234 44.43 18.00 31.43
N GLU D 245 42.41 24.62 -1.21
CA GLU D 245 43.28 24.53 -2.37
C GLU D 245 44.13 23.26 -2.31
N PHE D 246 43.74 22.27 -3.11
CA PHE D 246 44.42 20.99 -3.12
C PHE D 246 44.72 20.41 -4.50
N ASP D 247 44.00 20.80 -5.55
CA ASP D 247 44.18 20.15 -6.84
C ASP D 247 45.47 20.69 -7.50
N PRO D 248 46.36 19.80 -7.96
CA PRO D 248 47.72 20.24 -8.31
C PRO D 248 47.81 21.36 -9.34
N ILE D 249 46.79 21.61 -10.16
CA ILE D 249 46.89 22.69 -11.14
C ILE D 249 46.97 24.04 -10.43
N LEU D 250 46.31 24.15 -9.28
CA LEU D 250 46.49 25.32 -8.41
C LEU D 250 47.87 25.23 -7.76
N LEU D 251 48.19 26.21 -6.91
CA LEU D 251 49.46 26.27 -6.17
C LEU D 251 50.67 26.04 -7.06
N ARG D 252 50.67 26.67 -8.24
CA ARG D 252 51.82 26.72 -9.14
C ARG D 252 52.17 28.16 -9.47
N PRO D 253 53.42 28.45 -9.83
CA PRO D 253 53.77 29.81 -10.25
C PRO D 253 53.04 30.19 -11.53
N VAL D 254 52.77 31.48 -11.69
CA VAL D 254 52.09 31.95 -12.89
C VAL D 254 52.99 31.83 -14.11
N ASP D 255 54.31 31.71 -13.92
CA ASP D 255 55.24 31.66 -15.04
C ASP D 255 55.27 30.28 -15.67
N ASP D 256 54.09 29.74 -15.99
CA ASP D 256 53.97 28.53 -16.78
C ASP D 256 52.88 28.63 -17.84
N LEU D 257 52.13 29.74 -17.87
CA LEU D 257 51.08 29.93 -18.85
C LEU D 257 51.58 30.66 -20.10
N GLU D 258 52.82 31.15 -20.09
CA GLU D 258 53.41 31.84 -21.23
C GLU D 258 52.57 33.06 -21.65
N LEU D 259 52.49 34.01 -20.73
CA LEU D 259 51.75 35.24 -20.97
C LEU D 259 52.54 36.16 -21.90
N THR D 260 52.05 37.38 -22.07
CA THR D 260 52.73 38.35 -22.92
C THR D 260 53.72 39.18 -22.09
N VAL D 261 54.57 39.92 -22.80
CA VAL D 261 55.55 40.76 -22.13
C VAL D 261 54.86 41.87 -21.35
N ARG D 262 53.86 42.52 -21.95
CA ARG D 262 53.15 43.59 -21.27
C ARG D 262 52.34 43.07 -20.10
N SER D 263 52.01 41.78 -20.10
CA SER D 263 51.27 41.20 -18.97
C SER D 263 52.20 40.74 -17.85
N ALA D 264 53.50 40.69 -18.12
CA ALA D 264 54.44 40.22 -17.11
C ALA D 264 54.54 41.19 -15.94
N ASN D 265 54.63 42.49 -16.24
CA ASN D 265 54.83 43.47 -15.17
C ASN D 265 53.54 43.74 -14.41
N CYS D 266 52.39 43.73 -15.12
CA CYS D 266 51.13 44.08 -14.47
C CYS D 266 50.70 43.00 -13.48
N LEU D 267 50.90 41.73 -13.81
CA LEU D 267 50.60 40.67 -12.86
C LEU D 267 51.49 40.78 -11.63
N LYS D 268 52.79 41.03 -11.84
CA LYS D 268 53.70 41.22 -10.71
C LYS D 268 53.33 42.46 -9.91
N ALA D 269 52.86 43.50 -10.59
CA ALA D 269 52.47 44.73 -9.90
C ALA D 269 51.30 44.49 -8.94
N GLU D 270 50.43 43.54 -9.27
CA GLU D 270 49.28 43.26 -8.43
C GLU D 270 49.50 42.09 -7.46
N ALA D 271 50.77 41.70 -7.25
CA ALA D 271 51.12 40.71 -6.24
C ALA D 271 50.41 39.37 -6.47
N ILE D 272 50.26 38.99 -7.73
CA ILE D 272 49.72 37.69 -8.10
C ILE D 272 50.90 36.83 -8.52
N HIS D 273 51.27 35.87 -7.70
CA HIS D 273 52.42 35.02 -7.95
C HIS D 273 52.09 33.53 -8.04
N TYR D 274 50.84 33.14 -7.81
CA TYR D 274 50.40 31.76 -7.97
C TYR D 274 49.20 31.72 -8.89
N ILE D 275 49.02 30.57 -9.55
CA ILE D 275 47.90 30.40 -10.48
C ILE D 275 46.58 30.47 -9.72
N GLY D 276 46.53 29.88 -8.53
CA GLY D 276 45.27 29.81 -7.81
C GLY D 276 44.74 31.17 -7.39
N ASP D 277 45.60 32.03 -6.85
CA ASP D 277 45.16 33.35 -6.45
C ASP D 277 44.64 34.18 -7.61
N LEU D 278 45.05 33.85 -8.84
CA LEU D 278 44.63 34.62 -10.00
C LEU D 278 43.19 34.33 -10.39
N VAL D 279 42.75 33.08 -10.23
CA VAL D 279 41.43 32.66 -10.71
C VAL D 279 40.30 33.18 -9.84
N GLN D 280 40.60 33.89 -8.76
CA GLN D 280 39.58 34.40 -7.85
C GLN D 280 39.22 35.86 -8.11
N ARG D 281 39.80 36.48 -9.13
CA ARG D 281 39.62 37.90 -9.39
C ARG D 281 38.56 38.08 -10.47
N THR D 282 37.42 38.65 -10.09
CA THR D 282 36.32 38.77 -11.04
C THR D 282 36.64 39.82 -12.12
N GLU D 283 35.91 39.73 -13.23
CA GLU D 283 36.20 40.58 -14.38
C GLU D 283 35.99 42.06 -14.06
N VAL D 284 34.95 42.37 -13.29
CA VAL D 284 34.52 43.77 -13.13
C VAL D 284 35.60 44.58 -12.42
N GLU D 285 36.38 43.94 -11.55
CA GLU D 285 37.43 44.68 -10.85
C GLU D 285 38.78 44.52 -11.52
N LEU D 286 39.00 43.41 -12.23
CA LEU D 286 40.26 43.22 -12.93
C LEU D 286 40.44 44.23 -14.05
N LEU D 287 39.33 44.75 -14.59
CA LEU D 287 39.42 45.78 -15.62
C LEU D 287 39.91 47.10 -15.06
N LYS D 288 39.69 47.36 -13.77
CA LYS D 288 40.14 48.59 -13.14
C LYS D 288 41.64 48.62 -12.90
N THR D 289 42.33 47.50 -13.11
CA THR D 289 43.77 47.46 -12.95
C THR D 289 44.44 48.37 -13.97
N PRO D 290 45.58 48.98 -13.63
CA PRO D 290 46.25 49.89 -14.57
C PRO D 290 46.81 49.13 -15.77
N ASN D 291 46.84 49.83 -16.92
CA ASN D 291 47.36 49.41 -18.22
C ASN D 291 47.14 47.92 -18.47
N LEU D 292 45.94 47.43 -18.12
CA LEU D 292 45.61 46.03 -18.35
C LEU D 292 45.41 45.75 -19.84
N GLY D 293 44.59 46.57 -20.50
CA GLY D 293 44.26 46.34 -21.89
C GLY D 293 43.09 45.40 -22.07
N LYS D 294 42.07 45.85 -22.78
CA LYS D 294 40.90 45.00 -23.03
C LYS D 294 41.29 43.77 -23.84
N LYS D 295 42.08 43.96 -24.89
CA LYS D 295 42.53 42.82 -25.69
C LYS D 295 43.47 41.93 -24.90
N SER D 296 44.28 42.51 -23.99
CA SER D 296 45.15 41.69 -23.17
C SER D 296 44.38 40.96 -22.07
N LEU D 297 43.24 41.52 -21.65
CA LEU D 297 42.39 40.80 -20.70
C LEU D 297 41.82 39.53 -21.33
N THR D 298 41.54 39.57 -22.63
CA THR D 298 41.10 38.36 -23.32
C THR D 298 42.22 37.33 -23.38
N GLU D 299 43.47 37.78 -23.54
CA GLU D 299 44.58 36.86 -23.66
C GLU D 299 44.76 36.01 -22.40
N ILE D 300 44.67 36.65 -21.23
CA ILE D 300 44.85 35.90 -19.98
C ILE D 300 43.68 34.95 -19.77
N LYS D 301 42.47 35.39 -20.11
CA LYS D 301 41.32 34.49 -20.05
C LYS D 301 41.49 33.31 -21.00
N ASP D 302 41.99 33.59 -22.21
CA ASP D 302 42.15 32.53 -23.22
C ASP D 302 43.13 31.47 -22.75
N VAL D 303 44.25 31.89 -22.16
CA VAL D 303 45.25 30.92 -21.71
C VAL D 303 44.81 30.25 -20.41
N LEU D 304 43.98 30.93 -19.61
CA LEU D 304 43.45 30.32 -18.41
C LEU D 304 42.39 29.27 -18.73
N ALA D 305 41.56 29.54 -19.73
CA ALA D 305 40.60 28.53 -20.19
C ALA D 305 41.28 27.40 -20.94
N SER D 306 42.54 27.60 -21.35
CA SER D 306 43.27 26.54 -22.03
C SER D 306 43.65 25.39 -21.09
N ARG D 307 43.48 25.56 -19.78
CA ARG D 307 43.73 24.49 -18.84
C ARG D 307 42.48 23.98 -18.15
N GLY D 308 41.32 24.56 -18.45
CA GLY D 308 40.07 24.13 -17.84
C GLY D 308 39.59 24.96 -16.68
N LEU D 309 40.24 26.10 -16.40
CA LEU D 309 39.84 26.96 -15.30
C LEU D 309 39.22 28.23 -15.87
N SER D 310 37.97 28.48 -15.51
CA SER D 310 37.32 29.73 -15.88
C SER D 310 37.48 30.74 -14.76
N LEU D 311 37.68 32.00 -15.14
CA LEU D 311 38.08 33.02 -14.18
C LEU D 311 36.87 33.43 -13.34
N GLY D 312 37.02 33.40 -12.03
CA GLY D 312 35.97 33.78 -11.11
C GLY D 312 35.53 32.73 -10.11
N MET D 313 36.36 31.74 -9.81
CA MET D 313 35.99 30.72 -8.84
C MET D 313 36.14 31.25 -7.41
N ARG D 314 35.58 30.49 -6.47
CA ARG D 314 35.64 30.82 -5.05
C ARG D 314 36.25 29.66 -4.30
N LEU D 315 37.30 29.93 -3.52
CA LEU D 315 37.92 28.94 -2.65
C LEU D 315 37.61 29.26 -1.20
N GLU D 316 38.22 28.48 -0.31
CA GLU D 316 37.92 28.59 1.12
C GLU D 316 39.09 29.10 1.95
N ASN D 317 40.33 28.92 1.50
CA ASN D 317 41.49 29.47 2.19
C ASN D 317 42.62 29.67 1.19
N TRP D 318 43.78 30.09 1.71
CA TRP D 318 44.98 30.24 0.89
C TRP D 318 46.22 30.14 1.74
N PRO D 319 46.90 28.99 1.75
CA PRO D 319 48.16 28.87 2.46
C PRO D 319 49.26 29.60 1.72
N PRO D 320 50.37 29.94 2.40
CA PRO D 320 51.49 30.58 1.69
C PRO D 320 52.08 29.74 0.60
N ALA D 321 52.07 28.41 0.74
CA ALA D 321 52.62 27.51 -0.26
C ALA D 321 51.68 27.38 -1.45
N SER E 1 48.06 -7.12 11.60
CA SER E 1 46.84 -7.89 11.35
C SER E 1 46.27 -8.46 12.64
N VAL E 2 46.50 -9.74 12.87
CA VAL E 2 46.01 -10.42 14.06
C VAL E 2 46.84 -9.97 15.27
N THR E 3 46.30 -10.20 16.46
CA THR E 3 46.91 -9.93 17.76
C THR E 3 46.97 -8.42 18.03
N GLU E 4 46.69 -7.59 17.03
CA GLU E 4 46.74 -6.14 17.18
C GLU E 4 45.32 -5.59 17.29
N PHE E 5 45.07 -4.83 18.35
CA PHE E 5 43.75 -4.30 18.64
C PHE E 5 43.80 -2.79 18.73
N LEU E 6 42.64 -2.17 18.50
CA LEU E 6 42.55 -0.73 18.54
C LEU E 6 42.68 -0.23 19.98
N LYS E 7 43.50 0.79 20.16
CA LYS E 7 43.69 1.38 21.47
C LYS E 7 43.08 2.77 21.51
N PRO E 8 42.33 3.10 22.55
CA PRO E 8 41.68 4.42 22.60
C PRO E 8 42.70 5.54 22.57
N ARG E 9 42.38 6.59 21.83
CA ARG E 9 43.27 7.73 21.65
C ARG E 9 42.53 9.02 21.97
N LEU E 10 43.27 9.98 22.52
CA LEU E 10 42.74 11.27 22.94
C LEU E 10 41.59 11.07 23.94
N VAL E 11 41.97 10.50 25.09
CA VAL E 11 41.05 10.37 26.21
C VAL E 11 40.57 11.74 26.62
N ASP E 12 39.25 11.89 26.75
CA ASP E 12 38.64 13.18 27.04
C ASP E 12 38.14 13.21 28.47
N ILE E 13 38.44 14.29 29.18
CA ILE E 13 38.06 14.46 30.57
C ILE E 13 37.35 15.80 30.71
N GLU E 14 36.17 15.78 31.34
CA GLU E 14 35.42 16.99 31.65
C GLU E 14 35.24 17.04 33.16
N GLN E 15 36.14 17.75 33.84
CA GLN E 15 36.11 17.84 35.29
C GLN E 15 34.97 18.74 35.74
N VAL E 16 34.15 18.25 36.67
CA VAL E 16 33.03 19.00 37.22
C VAL E 16 33.24 19.11 38.72
N SER E 17 33.21 20.34 39.23
CA SER E 17 33.48 20.61 40.65
C SER E 17 34.84 20.05 41.04
N SER E 18 34.86 19.17 42.03
CA SER E 18 36.08 18.47 42.42
C SER E 18 35.89 16.98 42.62
N THR E 19 34.65 16.49 42.63
CA THR E 19 34.37 15.08 42.82
C THR E 19 33.55 14.46 41.69
N HIS E 20 33.17 15.23 40.68
CA HIS E 20 32.37 14.75 39.56
C HIS E 20 33.23 14.80 38.30
N ALA E 21 33.29 13.68 37.59
CA ALA E 21 34.09 13.59 36.37
C ALA E 21 33.33 12.83 35.30
N LYS E 22 33.61 13.16 34.05
CA LYS E 22 33.06 12.46 32.90
C LYS E 22 34.21 12.20 31.93
N VAL E 23 34.59 10.94 31.79
CA VAL E 23 35.76 10.51 31.02
C VAL E 23 35.28 9.80 29.77
N THR E 24 35.74 10.24 28.60
CA THR E 24 35.34 9.64 27.34
C THR E 24 36.55 9.02 26.66
N LEU E 25 36.40 7.77 26.24
CA LEU E 25 37.43 7.05 25.51
C LEU E 25 36.91 6.62 24.16
N GLU E 26 37.73 6.81 23.12
CA GLU E 26 37.34 6.53 21.75
C GLU E 26 38.59 6.39 20.90
N PRO E 27 38.69 5.37 20.05
CA PRO E 27 37.74 4.29 19.83
C PRO E 27 38.16 3.00 20.52
N LEU E 28 37.23 2.06 20.65
CA LEU E 28 37.52 0.73 21.15
C LEU E 28 36.92 -0.27 20.17
N GLU E 29 37.51 -1.47 20.13
CA GLU E 29 36.99 -2.50 19.25
C GLU E 29 35.55 -2.83 19.64
N ARG E 30 34.77 -3.29 18.66
CA ARG E 30 33.34 -3.49 18.88
C ARG E 30 33.12 -4.48 20.02
N GLY E 31 32.29 -4.08 20.98
CA GLY E 31 32.00 -4.91 22.12
C GLY E 31 33.01 -4.81 23.25
N PHE E 32 34.05 -3.98 23.11
CA PHE E 32 35.01 -3.80 24.18
C PHE E 32 34.59 -2.70 25.15
N GLY E 33 33.83 -1.72 24.68
CA GLY E 33 33.35 -0.68 25.57
C GLY E 33 32.51 -1.26 26.70
N HIS E 34 31.61 -2.17 26.37
CA HIS E 34 30.75 -2.77 27.38
C HIS E 34 31.56 -3.61 28.35
N THR E 35 32.52 -4.39 27.85
CA THR E 35 33.34 -5.21 28.72
C THR E 35 34.11 -4.35 29.71
N LEU E 36 34.82 -3.34 29.21
CA LEU E 36 35.62 -2.49 30.08
C LEU E 36 34.75 -1.72 31.05
N GLY E 37 33.64 -1.16 30.57
CA GLY E 37 32.77 -0.40 31.46
C GLY E 37 32.19 -1.26 32.56
N ASN E 38 31.70 -2.46 32.21
CA ASN E 38 31.13 -3.35 33.21
C ASN E 38 32.17 -3.77 34.23
N ALA E 39 33.35 -4.17 33.78
CA ALA E 39 34.38 -4.61 34.72
C ALA E 39 34.79 -3.48 35.65
N LEU E 40 35.04 -2.30 35.09
CA LEU E 40 35.46 -1.17 35.90
C LEU E 40 34.39 -0.77 36.90
N ARG E 41 33.12 -0.73 36.47
CA ARG E 41 32.05 -0.39 37.39
C ARG E 41 31.93 -1.42 38.49
N ARG E 42 32.01 -2.70 38.14
CA ARG E 42 31.82 -3.75 39.14
C ARG E 42 32.90 -3.71 40.20
N ILE E 43 34.16 -3.56 39.79
CA ILE E 43 35.22 -3.53 40.79
C ILE E 43 35.33 -2.17 41.48
N LEU E 44 34.78 -1.11 40.90
CA LEU E 44 34.74 0.17 41.59
C LEU E 44 33.66 0.21 42.66
N LEU E 45 32.58 -0.53 42.43
CA LEU E 45 31.44 -0.51 43.34
C LEU E 45 31.51 -1.60 44.40
N SER E 46 32.08 -2.76 44.08
CA SER E 46 32.01 -3.91 44.98
C SER E 46 33.25 -4.07 45.83
N SER E 47 34.43 -3.71 45.34
CA SER E 47 35.68 -3.98 46.05
C SER E 47 36.66 -2.85 45.80
N MET E 48 36.71 -1.89 46.74
CA MET E 48 37.68 -0.82 46.68
C MET E 48 38.04 -0.47 48.11
N PRO E 49 39.33 -0.34 48.42
CA PRO E 49 39.72 -0.01 49.80
C PRO E 49 39.24 1.39 50.18
N GLY E 50 38.91 1.54 51.46
CA GLY E 50 38.44 2.83 51.95
C GLY E 50 38.14 2.73 53.42
N CYS E 51 37.75 3.87 53.99
CA CYS E 51 37.43 3.97 55.40
C CYS E 51 36.15 4.77 55.57
N ALA E 52 35.23 4.25 56.39
CA ALA E 52 34.00 4.94 56.72
C ALA E 52 33.58 4.51 58.12
N VAL E 53 32.84 5.39 58.81
CA VAL E 53 32.50 5.12 60.19
C VAL E 53 31.67 3.85 60.28
N THR E 54 31.87 3.10 61.35
CA THR E 54 31.16 1.84 61.56
C THR E 54 30.40 1.76 62.86
N GLU E 55 30.95 2.25 63.98
CA GLU E 55 30.25 2.14 65.26
C GLU E 55 30.08 3.51 65.88
N VAL E 56 28.99 3.70 66.62
CA VAL E 56 28.74 4.95 67.32
C VAL E 56 28.32 4.65 68.75
N GLU E 57 28.47 5.65 69.60
CA GLU E 57 28.07 5.56 71.00
C GLU E 57 27.68 6.94 71.48
N ILE E 58 26.44 7.08 71.95
CA ILE E 58 25.94 8.33 72.51
C ILE E 58 25.63 8.09 73.98
N ASP E 59 26.26 8.88 74.85
CA ASP E 59 26.06 8.75 76.28
C ASP E 59 24.62 9.06 76.64
N GLY E 60 24.03 8.22 77.49
CA GLY E 60 22.64 8.39 77.86
C GLY E 60 21.76 7.30 77.30
N VAL E 61 20.87 7.66 76.38
CA VAL E 61 19.99 6.69 75.76
C VAL E 61 20.75 5.87 74.72
N LEU E 62 20.69 4.55 74.84
CA LEU E 62 21.43 3.65 73.97
C LEU E 62 20.53 2.75 73.14
N HIS E 63 19.21 2.89 73.25
CA HIS E 63 18.31 2.06 72.47
C HIS E 63 18.35 2.46 71.00
N GLU E 64 17.95 1.53 70.14
CA GLU E 64 17.87 1.83 68.71
C GLU E 64 16.88 2.94 68.42
N TYR E 65 15.77 2.97 69.15
CA TYR E 65 14.82 4.08 69.12
C TYR E 65 14.94 4.81 70.45
N SER E 66 15.32 6.09 70.39
CA SER E 66 15.64 6.84 71.59
C SER E 66 14.99 8.22 71.53
N THR E 67 14.75 8.79 72.71
CA THR E 67 14.17 10.12 72.79
C THR E 67 15.13 11.21 72.33
N LYS E 68 16.43 10.96 72.40
CA LYS E 68 17.49 11.88 71.99
C LYS E 68 17.53 13.16 72.81
N GLU E 69 16.91 13.17 73.99
CA GLU E 69 16.99 14.26 74.97
C GLU E 69 16.62 15.62 74.39
N GLY E 70 15.96 15.64 73.22
CA GLY E 70 15.54 16.90 72.63
C GLY E 70 16.59 17.54 71.76
N VAL E 71 17.21 16.76 70.89
CA VAL E 71 18.28 17.24 70.03
C VAL E 71 17.75 17.63 68.65
N GLN E 72 16.44 17.88 68.55
CA GLN E 72 15.73 18.36 67.36
C GLN E 72 16.06 17.58 66.10
N GLU E 73 16.57 16.36 66.26
CA GLU E 73 16.89 15.50 65.14
C GLU E 73 16.97 14.07 65.64
N ASP E 74 16.07 13.21 65.14
CA ASP E 74 16.03 11.83 65.60
C ASP E 74 17.37 11.15 65.32
N ILE E 75 17.75 10.24 66.23
CA ILE E 75 19.06 9.61 66.14
C ILE E 75 19.24 8.85 64.84
N LEU E 76 18.14 8.48 64.17
CA LEU E 76 18.26 7.92 62.83
C LEU E 76 18.89 8.94 61.88
N GLU E 77 18.46 10.20 61.96
CA GLU E 77 19.08 11.24 61.15
C GLU E 77 20.54 11.46 61.57
N ILE E 78 20.85 11.25 62.85
CA ILE E 78 22.24 11.35 63.29
C ILE E 78 23.09 10.29 62.62
N LEU E 79 22.59 9.05 62.60
CA LEU E 79 23.33 7.96 61.96
C LEU E 79 23.47 8.20 60.47
N LEU E 80 22.41 8.70 59.83
CA LEU E 80 22.50 9.05 58.41
C LEU E 80 23.53 10.14 58.16
N ASN E 81 23.57 11.16 59.02
CA ASN E 81 24.52 12.25 58.84
C ASN E 81 25.95 11.78 58.99
N LEU E 82 26.23 10.99 60.03
CA LEU E 82 27.61 10.54 60.23
C LEU E 82 28.00 9.42 59.28
N LYS E 83 27.03 8.77 58.63
CA LYS E 83 27.36 7.77 57.61
C LYS E 83 28.13 8.39 56.46
N GLY E 84 27.68 9.54 55.97
CA GLY E 84 28.24 10.14 54.78
C GLY E 84 29.54 10.87 54.94
N LEU E 85 29.95 11.19 56.17
CA LEU E 85 31.21 11.88 56.36
C LEU E 85 32.37 10.95 56.01
N ALA E 86 33.35 11.49 55.30
CA ALA E 86 34.47 10.71 54.77
C ALA E 86 35.75 11.07 55.51
N VAL E 87 36.55 10.06 55.84
CA VAL E 87 37.76 10.23 56.61
C VAL E 87 38.92 9.57 55.87
N ARG E 88 40.14 9.95 56.24
CA ARG E 88 41.36 9.34 55.75
C ARG E 88 42.22 8.98 56.96
N VAL E 89 42.42 7.69 57.19
CA VAL E 89 43.27 7.20 58.27
C VAL E 89 44.58 6.73 57.68
N GLN E 90 45.69 7.06 58.35
CA GLN E 90 47.03 6.76 57.86
C GLN E 90 47.75 5.89 58.89
N GLY E 91 48.09 4.67 58.48
CA GLY E 91 48.87 3.80 59.32
C GLY E 91 48.11 3.09 60.42
N LYS E 92 46.80 3.29 60.50
CA LYS E 92 45.98 2.65 61.53
C LYS E 92 44.80 1.98 60.86
N ASP E 93 44.31 0.90 61.48
CA ASP E 93 43.15 0.20 60.94
C ASP E 93 41.87 0.69 61.61
N GLU E 94 41.81 0.64 62.93
CA GLU E 94 40.67 1.12 63.69
C GLU E 94 41.07 2.38 64.46
N VAL E 95 40.16 3.33 64.55
CA VAL E 95 40.46 4.56 65.30
C VAL E 95 39.16 5.08 65.91
N ILE E 96 39.28 5.61 67.12
CA ILE E 96 38.19 6.16 67.91
C ILE E 96 38.28 7.68 67.84
N LEU E 97 37.13 8.32 67.62
CA LEU E 97 37.03 9.77 67.66
C LEU E 97 35.93 10.16 68.64
N THR E 98 36.07 11.36 69.21
CA THR E 98 35.14 11.85 70.21
C THR E 98 34.73 13.28 69.88
N LEU E 99 33.45 13.59 70.06
CA LEU E 99 32.94 14.94 69.88
C LEU E 99 32.08 15.32 71.08
N ASN E 100 32.46 16.40 71.75
CA ASN E 100 31.73 16.94 72.89
C ASN E 100 31.45 18.41 72.63
N LYS E 101 30.20 18.83 72.75
CA LYS E 101 29.85 20.23 72.53
C LYS E 101 28.80 20.71 73.51
N SER E 102 28.76 22.03 73.67
CA SER E 102 27.76 22.73 74.46
C SER E 102 27.53 24.10 73.85
N GLY E 103 26.41 24.71 74.20
CA GLY E 103 26.11 26.05 73.73
C GLY E 103 25.43 26.07 72.37
N ILE E 104 24.56 27.06 72.15
CA ILE E 104 23.73 27.08 70.95
C ILE E 104 24.61 27.18 69.71
N GLY E 105 24.36 26.30 68.75
CA GLY E 105 25.12 26.27 67.51
C GLY E 105 25.23 24.85 66.98
N PRO E 106 25.05 24.69 65.67
CA PRO E 106 25.09 23.35 65.08
C PRO E 106 26.45 22.69 65.26
N VAL E 107 26.44 21.38 65.43
CA VAL E 107 27.67 20.59 65.54
C VAL E 107 28.03 20.10 64.15
N THR E 108 29.17 20.55 63.65
CA THR E 108 29.71 20.07 62.39
C THR E 108 30.78 19.01 62.65
N ALA E 109 31.28 18.42 61.56
CA ALA E 109 32.31 17.41 61.69
C ALA E 109 33.65 18.00 62.11
N ALA E 110 33.85 19.31 61.93
CA ALA E 110 35.10 19.93 62.34
C ALA E 110 35.25 19.95 63.86
N ASP E 111 34.13 19.88 64.58
CA ASP E 111 34.16 20.05 66.03
C ASP E 111 34.54 18.78 66.77
N ILE E 112 34.74 17.66 66.06
CA ILE E 112 35.25 16.47 66.70
C ILE E 112 36.73 16.63 67.03
N THR E 113 37.24 15.76 67.89
CA THR E 113 38.65 15.81 68.24
C THR E 113 39.50 15.48 67.02
N HIS E 114 40.67 16.10 66.95
CA HIS E 114 41.55 15.97 65.80
C HIS E 114 42.73 15.08 66.16
N ASP E 115 42.98 14.06 65.34
CA ASP E 115 44.12 13.18 65.49
C ASP E 115 45.04 13.35 64.28
N GLY E 116 46.33 13.09 64.50
CA GLY E 116 47.29 13.26 63.42
C GLY E 116 47.07 12.31 62.27
N ASP E 117 46.82 11.04 62.58
CA ASP E 117 46.63 10.03 61.52
C ASP E 117 45.28 10.17 60.85
N VAL E 118 44.28 10.71 61.54
CA VAL E 118 42.95 10.88 60.97
C VAL E 118 42.88 12.21 60.23
N GLU E 119 42.51 12.15 58.95
CA GLU E 119 42.38 13.31 58.08
C GLU E 119 40.96 13.33 57.53
N ILE E 120 40.12 14.19 58.08
CA ILE E 120 38.72 14.25 57.66
C ILE E 120 38.57 15.31 56.59
N VAL E 121 37.90 14.95 55.48
CA VAL E 121 37.86 15.80 54.30
C VAL E 121 36.67 16.74 54.27
N LYS E 122 35.63 16.47 55.07
CA LYS E 122 34.45 17.34 55.13
C LYS E 122 34.21 17.74 56.58
N PRO E 123 35.03 18.63 57.12
CA PRO E 123 34.84 19.07 58.51
C PRO E 123 33.60 19.92 58.70
N GLN E 124 33.15 20.62 57.65
CA GLN E 124 31.95 21.44 57.78
C GLN E 124 30.67 20.61 57.64
N HIS E 125 30.79 19.33 57.31
CA HIS E 125 29.64 18.45 57.25
C HIS E 125 29.00 18.38 58.63
N VAL E 126 27.70 18.65 58.69
CA VAL E 126 27.00 18.80 59.97
C VAL E 126 26.38 17.47 60.38
N ILE E 127 26.57 17.11 61.65
CA ILE E 127 25.90 15.93 62.19
C ILE E 127 24.48 16.28 62.63
N CYS E 128 24.33 17.40 63.34
CA CYS E 128 23.02 17.93 63.69
C CYS E 128 23.20 19.37 64.14
N HIS E 129 22.08 20.05 64.35
CA HIS E 129 22.11 21.42 64.86
C HIS E 129 21.95 21.46 66.37
N LEU E 130 22.76 20.65 67.07
CA LEU E 130 22.85 20.65 68.52
C LEU E 130 21.54 20.25 69.18
N THR E 131 21.56 20.08 70.50
CA THR E 131 20.33 19.96 71.27
C THR E 131 19.52 21.24 71.15
N ASP E 132 18.20 21.10 71.24
CA ASP E 132 17.33 22.28 71.21
C ASP E 132 17.71 23.24 72.33
N GLU E 133 17.70 24.54 72.00
CA GLU E 133 18.20 25.59 72.89
C GLU E 133 19.66 25.30 73.18
N ASN E 134 20.06 25.06 74.43
CA ASN E 134 21.44 24.72 74.76
C ASN E 134 21.47 23.50 75.66
N ALA E 135 22.50 22.68 75.49
CA ALA E 135 22.74 21.47 76.27
C ALA E 135 24.05 20.87 75.79
N SER E 136 24.55 19.90 76.55
CA SER E 136 25.79 19.22 76.22
C SER E 136 25.50 17.92 75.49
N ILE E 137 26.14 17.73 74.33
CA ILE E 137 26.01 16.52 73.55
C ILE E 137 27.40 15.91 73.39
N SER E 138 27.53 14.64 73.75
CA SER E 138 28.80 13.93 73.70
C SER E 138 28.61 12.61 72.98
N MET E 139 29.52 12.29 72.06
CA MET E 139 29.44 11.04 71.33
C MET E 139 30.85 10.56 70.99
N ARG E 140 30.98 9.24 70.84
CA ARG E 140 32.23 8.61 70.46
C ARG E 140 31.96 7.63 69.33
N ILE E 141 32.67 7.80 68.23
CA ILE E 141 32.50 6.96 67.06
C ILE E 141 33.79 6.19 66.82
N LYS E 142 33.65 5.06 66.13
CA LYS E 142 34.80 4.24 65.75
C LYS E 142 34.70 3.93 64.27
N VAL E 143 35.83 4.12 63.57
CA VAL E 143 35.91 3.94 62.14
C VAL E 143 37.07 3.01 61.83
N GLN E 144 36.83 2.05 60.94
CA GLN E 144 37.84 1.08 60.54
C GLN E 144 37.88 0.99 59.01
N ARG E 145 39.05 0.71 58.48
CA ARG E 145 39.22 0.52 57.05
C ARG E 145 38.59 -0.80 56.61
N GLY E 146 37.90 -0.77 55.49
CA GLY E 146 37.23 -1.96 54.96
C GLY E 146 37.34 -2.03 53.47
N ARG E 147 36.39 -2.76 52.85
CA ARG E 147 36.44 -3.01 51.42
C ARG E 147 35.01 -3.06 50.88
N GLY E 148 34.75 -2.28 49.83
CA GLY E 148 33.43 -2.29 49.23
C GLY E 148 32.38 -1.66 50.12
N TYR E 149 31.18 -2.25 50.10
CA TYR E 149 30.05 -1.81 50.89
C TYR E 149 29.50 -2.99 51.67
N VAL E 150 29.33 -2.82 52.98
CA VAL E 150 28.71 -3.86 53.79
C VAL E 150 27.63 -3.23 54.67
N PRO E 151 26.39 -3.70 54.56
CA PRO E 151 25.33 -3.16 55.42
C PRO E 151 25.40 -3.74 56.81
N ALA E 152 24.69 -3.09 57.74
CA ALA E 152 24.61 -3.57 59.12
C ALA E 152 23.59 -4.71 59.20
N SER E 153 24.00 -5.86 58.64
CA SER E 153 23.18 -7.06 58.76
C SER E 153 23.14 -7.55 60.20
N THR E 154 24.31 -7.65 60.84
CA THR E 154 24.39 -8.04 62.24
C THR E 154 25.74 -7.62 62.79
N ARG E 155 25.87 -7.69 64.11
CA ARG E 155 27.12 -7.33 64.76
C ARG E 155 28.06 -8.53 64.84
N ILE E 156 27.64 -9.59 65.52
CA ILE E 156 28.40 -10.83 65.67
C ILE E 156 29.77 -10.52 66.26
N HIS E 157 29.82 -9.63 67.24
CA HIS E 157 31.07 -9.23 67.87
C HIS E 157 30.89 -9.16 69.38
N SER E 158 32.01 -9.30 70.08
CA SER E 158 32.06 -9.25 71.56
C SER E 158 31.14 -10.34 72.08
N GLU E 159 30.30 -10.07 73.08
CA GLU E 159 29.38 -11.07 73.62
C GLU E 159 28.06 -10.39 73.97
N GLU E 160 26.97 -11.14 73.83
CA GLU E 160 25.61 -10.66 74.12
C GLU E 160 25.36 -9.45 73.22
N ASP E 161 24.95 -8.30 73.76
CA ASP E 161 24.67 -7.11 72.97
C ASP E 161 25.61 -5.95 73.28
N GLU E 162 26.77 -6.24 73.87
CA GLU E 162 27.70 -5.17 74.22
C GLU E 162 28.20 -4.46 72.97
N ARG E 163 28.63 -5.21 71.97
CA ARG E 163 29.06 -4.59 70.71
C ARG E 163 27.94 -3.86 70.00
N PRO E 164 26.71 -4.38 69.88
CA PRO E 164 25.63 -3.56 69.30
C PRO E 164 25.38 -2.26 70.04
N ILE E 165 25.20 -2.31 71.37
CA ILE E 165 24.88 -1.09 72.11
C ILE E 165 26.03 -0.10 72.05
N GLY E 166 27.28 -0.58 72.06
CA GLY E 166 28.41 0.29 71.88
C GLY E 166 28.69 0.67 70.44
N ARG E 167 27.91 0.13 69.50
CA ARG E 167 28.10 0.39 68.08
C ARG E 167 26.88 0.96 67.39
N LEU E 168 25.68 0.49 67.71
CA LEU E 168 24.42 0.88 67.08
C LEU E 168 24.34 0.49 65.61
N LEU E 169 25.38 -0.18 65.08
CA LEU E 169 25.33 -0.83 63.78
C LEU E 169 24.98 0.15 62.65
N VAL E 170 25.90 1.07 62.40
CA VAL E 170 25.78 1.98 61.27
C VAL E 170 26.28 1.28 60.01
N ASP E 171 25.51 1.40 58.92
CA ASP E 171 25.94 0.85 57.65
C ASP E 171 27.27 1.47 57.21
N ALA E 172 28.16 0.64 56.71
CA ALA E 172 29.50 1.07 56.32
C ALA E 172 29.62 1.11 54.81
N CYS E 173 30.05 2.25 54.29
CA CYS E 173 30.35 2.42 52.86
C CYS E 173 31.83 2.70 52.73
N TYR E 174 32.62 1.62 52.66
CA TYR E 174 34.06 1.75 52.62
C TYR E 174 34.53 2.34 51.28
N SER E 175 33.99 1.83 50.19
CA SER E 175 34.47 2.24 48.86
C SER E 175 34.20 3.72 48.65
N PRO E 176 35.18 4.49 48.21
CA PRO E 176 35.00 5.94 48.03
C PRO E 176 34.45 6.28 46.64
N VAL E 177 33.34 5.67 46.29
CA VAL E 177 32.67 5.96 45.02
C VAL E 177 31.20 6.22 45.29
N GLU E 178 30.76 7.47 45.09
CA GLU E 178 29.36 7.81 45.35
C GLU E 178 28.46 7.32 44.23
N ARG E 179 28.93 7.38 42.98
CA ARG E 179 28.12 6.92 41.86
C ARG E 179 29.02 6.62 40.67
N ILE E 180 28.80 5.48 40.05
CA ILE E 180 29.49 5.10 38.81
C ILE E 180 28.44 4.75 37.77
N ALA E 181 28.57 5.34 36.59
CA ALA E 181 27.70 5.01 35.48
C ALA E 181 28.55 4.96 34.21
N TYR E 182 28.19 4.07 33.30
CA TYR E 182 28.88 3.99 32.03
C TYR E 182 27.86 3.89 30.91
N ASN E 183 28.21 4.47 29.78
CA ASN E 183 27.37 4.48 28.60
C ASN E 183 28.24 4.19 27.39
N VAL E 184 27.73 3.37 26.48
CA VAL E 184 28.51 2.91 25.35
C VAL E 184 27.79 3.32 24.08
N GLU E 185 28.49 4.04 23.21
CA GLU E 185 27.91 4.68 22.05
C GLU E 185 28.66 4.25 20.79
N ALA E 186 28.12 4.66 19.64
CA ALA E 186 28.76 4.37 18.37
C ALA E 186 29.82 5.41 18.04
N ALA E 187 30.97 4.93 17.59
CA ALA E 187 32.06 5.79 17.14
C ALA E 187 32.82 5.05 16.04
N ARG E 188 33.55 5.81 15.25
CA ARG E 188 34.17 5.26 14.05
C ARG E 188 35.50 5.94 13.77
N VAL E 189 36.35 5.22 13.04
CA VAL E 189 37.60 5.76 12.51
C VAL E 189 37.76 5.19 11.10
N GLU E 190 38.29 6.01 10.20
CA GLU E 190 38.45 5.71 8.78
C GLU E 190 37.26 4.92 8.23
N GLN E 191 37.53 3.83 7.50
CA GLN E 191 36.44 3.09 6.87
C GLN E 191 35.60 2.33 7.90
N ARG E 192 36.19 1.98 9.05
CA ARG E 192 35.43 1.26 10.07
C ARG E 192 34.34 2.17 10.62
N THR E 193 33.15 1.59 10.81
CA THR E 193 32.00 2.34 11.33
C THR E 193 31.33 1.70 12.53
N ASP E 194 31.58 0.42 12.81
CA ASP E 194 31.00 -0.25 13.96
C ASP E 194 32.01 -0.28 15.10
N LEU E 195 32.33 0.91 15.61
CA LEU E 195 33.28 1.03 16.70
C LEU E 195 32.58 1.55 17.95
N ASP E 196 33.23 1.37 19.09
CA ASP E 196 32.59 1.61 20.37
C ASP E 196 33.26 2.79 21.07
N LYS E 197 32.46 3.64 21.70
CA LYS E 197 32.95 4.78 22.46
C LYS E 197 32.41 4.70 23.89
N LEU E 198 33.29 4.82 24.86
CA LEU E 198 32.93 4.65 26.26
C LEU E 198 32.84 6.01 26.93
N VAL E 199 31.80 6.20 27.73
CA VAL E 199 31.63 7.40 28.55
C VAL E 199 31.41 6.96 29.99
N ILE E 200 32.26 7.41 30.90
CA ILE E 200 32.20 7.02 32.30
C ILE E 200 31.91 8.26 33.12
N GLU E 201 30.84 8.24 33.90
CA GLU E 201 30.48 9.32 34.79
C GLU E 201 30.72 8.84 36.22
N MET E 202 31.58 9.54 36.94
CA MET E 202 32.01 9.14 38.27
C MET E 202 31.77 10.29 39.25
N GLU E 203 31.28 9.94 40.44
CA GLU E 203 31.22 10.88 41.55
C GLU E 203 31.73 10.17 42.80
N THR E 204 32.66 10.82 43.51
CA THR E 204 33.28 10.24 44.68
C THR E 204 32.87 11.04 45.92
N ASN E 205 32.75 10.34 47.05
CA ASN E 205 32.47 11.02 48.31
C ASN E 205 33.60 11.95 48.71
N GLY E 206 34.77 11.77 48.16
CA GLY E 206 35.94 12.53 48.52
C GLY E 206 37.07 11.59 48.86
N THR E 207 38.14 12.18 49.40
CA THR E 207 39.36 11.49 49.80
C THR E 207 40.10 10.91 48.60
N ILE E 208 39.45 10.89 47.44
CA ILE E 208 39.91 10.27 46.21
C ILE E 208 39.45 11.11 45.02
N ASP E 209 40.38 11.51 44.19
CA ASP E 209 40.04 12.12 42.91
C ASP E 209 39.45 11.06 41.99
N PRO E 210 38.34 11.35 41.29
CA PRO E 210 37.74 10.31 40.43
C PRO E 210 38.72 9.70 39.43
N GLU E 211 39.63 10.50 38.88
CA GLU E 211 40.67 9.96 38.03
C GLU E 211 41.56 8.99 38.80
N GLU E 212 41.88 9.33 40.04
CA GLU E 212 42.64 8.41 40.89
C GLU E 212 41.84 7.15 41.16
N ALA E 213 40.53 7.27 41.31
CA ALA E 213 39.69 6.09 41.52
C ALA E 213 39.72 5.16 40.32
N ILE E 214 39.56 5.71 39.12
CA ILE E 214 39.59 4.88 37.92
C ILE E 214 40.97 4.27 37.74
N ARG E 215 42.03 5.04 38.03
CA ARG E 215 43.39 4.51 37.90
C ARG E 215 43.62 3.37 38.89
N ARG E 216 43.14 3.51 40.12
CA ARG E 216 43.31 2.43 41.10
C ARG E 216 42.53 1.19 40.68
N ALA E 217 41.31 1.36 40.18
CA ALA E 217 40.53 0.21 39.73
C ALA E 217 41.22 -0.48 38.57
N ALA E 218 41.71 0.28 37.59
CA ALA E 218 42.44 -0.31 36.48
C ALA E 218 43.68 -1.04 36.97
N THR E 219 44.38 -0.45 37.93
CA THR E 219 45.59 -1.08 38.47
C THR E 219 45.27 -2.43 39.09
N ILE E 220 44.24 -2.49 39.94
CA ILE E 220 43.95 -3.75 40.61
C ILE E 220 43.44 -4.78 39.62
N LEU E 221 42.62 -4.37 38.65
CA LEU E 221 42.10 -5.34 37.69
C LEU E 221 43.20 -5.86 36.78
N ALA E 222 44.15 -5.01 36.42
CA ALA E 222 45.25 -5.46 35.56
C ALA E 222 46.22 -6.36 36.32
N GLU E 223 46.51 -6.03 37.58
CA GLU E 223 47.42 -6.86 38.35
C GLU E 223 46.73 -8.09 38.90
N GLN E 224 45.41 -8.21 38.72
CA GLN E 224 44.73 -9.47 38.96
C GLN E 224 45.00 -10.50 37.86
N LEU E 225 45.65 -10.10 36.76
CA LEU E 225 45.91 -10.99 35.63
C LEU E 225 47.39 -11.30 35.45
N GLU E 226 48.23 -10.89 36.40
CA GLU E 226 49.66 -11.09 36.23
C GLU E 226 50.05 -12.56 36.16
N ALA E 227 49.21 -13.46 36.68
CA ALA E 227 49.50 -14.88 36.57
C ALA E 227 49.38 -15.39 35.14
N PHE E 228 48.70 -14.65 34.26
CA PHE E 228 48.59 -15.03 32.86
C PHE E 228 49.33 -14.09 31.91
N VAL E 229 49.61 -12.85 32.31
CA VAL E 229 50.31 -11.93 31.43
C VAL E 229 51.81 -11.86 31.70
N ASP E 230 52.29 -12.38 32.82
CA ASP E 230 53.71 -12.27 33.16
C ASP E 230 54.58 -13.00 32.14
N LEU E 231 54.41 -14.32 32.02
CA LEU E 231 55.17 -15.07 31.02
C LEU E 231 54.77 -14.64 29.60
N ARG E 232 53.48 -14.44 29.37
CA ARG E 232 52.99 -13.98 28.07
C ARG E 232 53.02 -12.45 28.03
N ASP E 233 54.24 -11.92 28.00
CA ASP E 233 54.48 -10.49 28.00
C ASP E 233 55.43 -10.14 26.85
N VAL E 234 55.12 -9.03 26.16
CA VAL E 234 55.99 -8.58 25.08
C VAL E 234 57.35 -8.15 25.62
N ARG E 235 57.35 -7.40 26.72
CA ARG E 235 58.60 -6.93 27.32
C ARG E 235 59.07 -7.87 28.42
N MET F 1 5.42 -51.41 4.27
CA MET F 1 4.24 -51.89 4.97
C MET F 1 3.58 -50.77 5.77
N VAL F 2 3.82 -50.76 7.08
CA VAL F 2 3.23 -49.74 7.94
C VAL F 2 3.76 -48.36 7.59
N TYR F 3 5.08 -48.25 7.39
CA TYR F 3 5.72 -46.98 7.08
C TYR F 3 6.48 -47.10 5.77
N SER F 4 6.32 -46.09 4.92
CA SER F 4 7.00 -46.08 3.63
C SER F 4 8.49 -45.83 3.81
N TYR F 5 9.24 -46.04 2.72
CA TYR F 5 10.69 -45.88 2.78
C TYR F 5 11.08 -44.43 3.07
N THR F 6 10.40 -43.47 2.45
CA THR F 6 10.69 -42.08 2.73
C THR F 6 10.21 -41.63 4.10
N GLU F 7 9.10 -42.18 4.59
CA GLU F 7 8.63 -41.88 5.94
C GLU F 7 9.50 -42.51 7.02
N LYS F 8 10.08 -43.67 6.74
CA LYS F 8 10.95 -44.34 7.70
C LYS F 8 12.20 -43.51 8.00
N LYS F 9 12.55 -42.57 7.13
CA LYS F 9 13.77 -41.79 7.32
C LYS F 9 13.63 -40.79 8.46
N ARG F 10 12.42 -40.25 8.66
CA ARG F 10 12.18 -39.31 9.74
C ARG F 10 10.68 -39.32 10.02
N ILE F 11 10.29 -39.85 11.18
CA ILE F 11 8.89 -40.02 11.52
C ILE F 11 8.49 -38.93 12.49
N ARG F 12 7.52 -38.12 12.08
CA ARG F 12 6.98 -37.10 12.96
C ARG F 12 6.20 -37.73 14.10
N LYS F 13 6.14 -37.04 15.23
CA LYS F 13 5.35 -37.50 16.37
C LYS F 13 3.98 -36.86 16.27
N ASP F 14 3.07 -37.51 15.55
CA ASP F 14 1.71 -37.02 15.45
C ASP F 14 1.04 -37.07 16.82
N PHE F 15 0.15 -36.09 17.06
CA PHE F 15 -0.59 -36.05 18.31
C PHE F 15 -2.05 -36.45 18.14
N GLY F 16 -2.58 -36.41 16.92
CA GLY F 16 -3.76 -37.19 16.58
C GLY F 16 -4.97 -37.06 17.48
N LYS F 17 -5.21 -38.11 18.25
CA LYS F 17 -6.32 -38.34 19.18
C LYS F 17 -7.60 -38.76 18.45
N ARG F 18 -7.67 -38.66 17.12
CA ARG F 18 -8.89 -39.05 16.41
C ARG F 18 -8.49 -39.67 15.08
N PRO F 19 -8.83 -40.93 14.84
CA PRO F 19 -8.51 -41.56 13.56
C PRO F 19 -9.12 -40.79 12.40
N GLN F 20 -8.40 -40.77 11.29
CA GLN F 20 -8.86 -40.15 10.07
C GLN F 20 -9.57 -41.18 9.21
N VAL F 21 -10.77 -40.84 8.74
CA VAL F 21 -11.56 -41.78 7.96
C VAL F 21 -11.09 -41.76 6.51
N LEU F 22 -11.17 -40.60 5.86
CA LEU F 22 -10.72 -40.46 4.49
C LEU F 22 -9.54 -39.50 4.44
N ASP F 23 -8.53 -39.89 3.68
CA ASP F 23 -7.33 -39.08 3.54
C ASP F 23 -7.61 -37.84 2.71
N VAL F 24 -6.71 -36.87 2.79
CA VAL F 24 -6.87 -35.61 2.06
C VAL F 24 -6.85 -35.92 0.57
N PRO F 25 -7.60 -35.18 -0.24
CA PRO F 25 -7.61 -35.45 -1.67
C PRO F 25 -6.32 -35.00 -2.35
N TYR F 26 -6.29 -35.05 -3.68
CA TYR F 26 -5.10 -34.68 -4.42
C TYR F 26 -4.65 -33.25 -4.14
N LEU F 27 -5.54 -32.36 -3.72
CA LEU F 27 -5.31 -30.93 -3.51
C LEU F 27 -5.22 -30.16 -4.81
N LEU F 28 -5.33 -30.83 -5.96
CA LEU F 28 -5.35 -30.15 -7.24
C LEU F 28 -6.42 -30.74 -8.15
N SER F 29 -7.46 -31.33 -7.58
CA SER F 29 -8.46 -32.02 -8.38
C SER F 29 -9.22 -31.05 -9.28
N ILE F 30 -9.47 -29.83 -8.81
CA ILE F 30 -10.33 -28.92 -9.56
C ILE F 30 -9.75 -28.64 -10.94
N GLN F 31 -8.50 -28.17 -10.99
CA GLN F 31 -7.93 -27.76 -12.27
C GLN F 31 -7.71 -28.94 -13.19
N LEU F 32 -7.09 -30.01 -12.68
CA LEU F 32 -6.79 -31.17 -13.51
C LEU F 32 -8.07 -31.79 -14.05
N ASP F 33 -9.06 -32.01 -13.19
CA ASP F 33 -10.31 -32.62 -13.64
C ASP F 33 -11.05 -31.71 -14.62
N SER F 34 -11.06 -30.40 -14.35
CA SER F 34 -11.76 -29.49 -15.26
C SER F 34 -11.15 -29.52 -16.64
N PHE F 35 -9.83 -29.44 -16.73
CA PHE F 35 -9.21 -29.45 -18.06
C PHE F 35 -9.33 -30.82 -18.71
N GLN F 36 -9.24 -31.90 -17.93
CA GLN F 36 -9.41 -33.22 -18.51
C GLN F 36 -10.80 -33.38 -19.09
N LYS F 37 -11.81 -32.83 -18.43
CA LYS F 37 -13.17 -32.85 -18.96
C LYS F 37 -13.30 -31.97 -20.19
N PHE F 38 -12.55 -30.86 -20.23
CA PHE F 38 -12.63 -29.96 -21.38
C PHE F 38 -11.97 -30.57 -22.62
N ILE F 39 -10.92 -31.37 -22.43
CA ILE F 39 -10.08 -31.79 -23.56
C ILE F 39 -10.48 -33.16 -24.09
N GLU F 40 -10.67 -34.13 -23.20
CA GLU F 40 -10.79 -35.52 -23.62
C GLU F 40 -12.03 -35.76 -24.47
N GLN F 41 -11.94 -36.75 -25.36
CA GLN F 41 -13.07 -37.12 -26.20
C GLN F 41 -14.20 -37.66 -25.36
N ASP F 42 -15.44 -37.33 -25.74
CA ASP F 42 -16.63 -37.83 -25.08
C ASP F 42 -17.58 -38.34 -26.15
N PRO F 43 -17.97 -39.62 -26.12
CA PRO F 43 -18.88 -40.15 -27.15
C PRO F 43 -20.28 -39.56 -27.11
N GLU F 44 -20.70 -38.95 -26.00
CA GLU F 44 -21.90 -38.13 -25.97
C GLU F 44 -21.50 -36.67 -25.85
N GLY F 45 -22.22 -35.81 -26.57
CA GLY F 45 -21.92 -34.40 -26.56
C GLY F 45 -22.34 -33.71 -25.28
N GLN F 46 -21.66 -34.03 -24.18
CA GLN F 46 -22.03 -33.44 -22.90
C GLN F 46 -21.21 -32.20 -22.59
N TYR F 47 -19.89 -32.29 -22.71
CA TYR F 47 -19.02 -31.17 -22.35
C TYR F 47 -17.73 -31.28 -23.13
N GLY F 48 -17.01 -30.17 -23.21
CA GLY F 48 -15.74 -30.11 -23.91
C GLY F 48 -15.90 -29.64 -25.34
N LEU F 49 -14.83 -29.89 -26.10
CA LEU F 49 -14.81 -29.47 -27.50
C LEU F 49 -15.91 -30.15 -28.31
N GLU F 50 -16.15 -31.44 -28.05
CA GLU F 50 -17.15 -32.18 -28.80
C GLU F 50 -18.54 -31.57 -28.61
N ALA F 51 -18.84 -31.10 -27.41
CA ALA F 51 -20.12 -30.46 -27.17
C ALA F 51 -20.30 -29.22 -28.01
N ALA F 52 -19.27 -28.37 -28.08
CA ALA F 52 -19.36 -27.17 -28.92
C ALA F 52 -19.50 -27.53 -30.39
N PHE F 53 -18.72 -28.51 -30.85
CA PHE F 53 -18.79 -28.91 -32.25
C PHE F 53 -20.17 -29.43 -32.61
N ARG F 54 -20.76 -30.27 -31.75
CA ARG F 54 -22.12 -30.73 -31.99
C ARG F 54 -23.14 -29.60 -31.87
N SER F 55 -22.87 -28.60 -31.04
CA SER F 55 -23.76 -27.46 -30.95
C SER F 55 -23.79 -26.68 -32.25
N VAL F 56 -22.63 -26.50 -32.89
CA VAL F 56 -22.57 -25.71 -34.11
C VAL F 56 -22.83 -26.57 -35.33
N PHE F 57 -22.00 -27.58 -35.57
CA PHE F 57 -22.17 -28.43 -36.74
C PHE F 57 -23.34 -29.39 -36.53
N PRO F 58 -23.99 -29.85 -37.63
CA PRO F 58 -23.73 -29.47 -39.03
C PRO F 58 -24.34 -28.13 -39.40
N ILE F 59 -23.84 -27.48 -40.44
CA ILE F 59 -24.37 -26.19 -40.90
C ILE F 59 -24.53 -26.24 -42.41
N GLN F 60 -25.67 -25.76 -42.90
CA GLN F 60 -25.96 -25.74 -44.34
C GLN F 60 -26.28 -24.32 -44.78
N SER F 61 -26.09 -24.08 -46.08
CA SER F 61 -26.45 -22.81 -46.66
C SER F 61 -27.97 -22.68 -46.79
N TYR F 62 -28.41 -21.48 -47.16
CA TYR F 62 -29.83 -21.20 -47.30
C TYR F 62 -30.35 -21.92 -48.55
N SER F 63 -30.84 -23.15 -48.36
CA SER F 63 -31.35 -23.99 -49.43
C SER F 63 -30.32 -24.23 -50.53
N GLY F 64 -29.03 -24.24 -50.17
CA GLY F 64 -27.98 -24.46 -51.13
C GLY F 64 -27.66 -25.90 -51.44
N ASN F 65 -28.31 -26.84 -50.76
CA ASN F 65 -28.12 -28.27 -50.99
C ASN F 65 -26.65 -28.68 -50.78
N SER F 66 -26.00 -28.04 -49.81
CA SER F 66 -24.61 -28.32 -49.49
C SER F 66 -24.42 -28.24 -47.98
N GLU F 67 -23.75 -29.24 -47.41
CA GLU F 67 -23.59 -29.34 -45.97
C GLU F 67 -22.16 -29.77 -45.62
N LEU F 68 -21.72 -29.38 -44.43
CA LEU F 68 -20.47 -29.83 -43.85
C LEU F 68 -20.80 -30.75 -42.67
N GLN F 69 -20.43 -32.01 -42.78
CA GLN F 69 -20.67 -32.99 -41.74
C GLN F 69 -19.41 -33.17 -40.90
N TYR F 70 -19.57 -33.14 -39.59
CA TYR F 70 -18.47 -33.25 -38.64
C TYR F 70 -18.34 -34.69 -38.17
N VAL F 71 -17.13 -35.24 -38.23
CA VAL F 71 -16.84 -36.58 -37.73
C VAL F 71 -15.53 -36.53 -36.95
N SER F 72 -15.65 -36.40 -35.62
CA SER F 72 -14.53 -36.57 -34.68
C SER F 72 -13.41 -35.54 -34.88
N TYR F 73 -12.46 -35.52 -33.94
CA TYR F 73 -11.33 -34.61 -34.01
C TYR F 73 -10.17 -35.22 -33.25
N ARG F 74 -9.04 -34.50 -33.24
CA ARG F 74 -7.82 -35.01 -32.65
C ARG F 74 -6.92 -33.84 -32.27
N LEU F 75 -6.09 -34.06 -31.25
CA LEU F 75 -5.07 -33.11 -30.85
C LEU F 75 -3.70 -33.68 -31.16
N GLY F 76 -2.87 -32.91 -31.86
CA GLY F 76 -1.56 -33.38 -32.22
C GLY F 76 -0.58 -33.32 -31.07
N GLU F 77 0.58 -33.91 -31.30
CA GLU F 77 1.63 -33.92 -30.30
C GLU F 77 2.25 -32.53 -30.19
N PRO F 78 2.47 -32.01 -28.98
CA PRO F 78 3.12 -30.70 -28.84
C PRO F 78 4.52 -30.73 -29.44
N VAL F 79 4.91 -29.61 -30.06
CA VAL F 79 6.23 -29.53 -30.67
C VAL F 79 7.34 -29.46 -29.64
N PHE F 80 7.15 -28.70 -28.56
CA PHE F 80 8.15 -28.58 -27.50
C PHE F 80 7.54 -28.97 -26.18
N ASP F 81 8.31 -29.72 -25.39
CA ASP F 81 7.85 -30.07 -24.05
C ASP F 81 7.92 -28.84 -23.16
N VAL F 82 7.34 -28.94 -21.96
CA VAL F 82 7.13 -27.76 -21.13
C VAL F 82 8.46 -27.12 -20.73
N GLN F 83 9.51 -27.94 -20.57
CA GLN F 83 10.80 -27.40 -20.16
C GLN F 83 11.38 -26.49 -21.24
N GLU F 84 11.63 -27.05 -22.43
CA GLU F 84 12.11 -26.23 -23.53
C GLU F 84 11.16 -25.09 -23.84
N CYS F 85 9.86 -25.36 -23.77
CA CYS F 85 8.87 -24.33 -24.10
C CYS F 85 8.99 -23.13 -23.16
N GLN F 86 9.22 -23.39 -21.88
CA GLN F 86 9.48 -22.29 -20.94
C GLN F 86 10.83 -21.65 -21.20
N ILE F 87 11.81 -22.43 -21.68
CA ILE F 87 13.14 -21.88 -21.90
C ILE F 87 13.12 -20.85 -23.04
N ARG F 88 12.49 -21.21 -24.18
CA ARG F 88 12.51 -20.30 -25.33
C ARG F 88 11.63 -19.09 -25.09
N GLY F 89 10.47 -19.27 -24.49
CA GLY F 89 9.53 -18.19 -24.31
C GLY F 89 8.36 -18.27 -25.27
N VAL F 90 7.92 -19.50 -25.57
CA VAL F 90 6.82 -19.76 -26.49
C VAL F 90 5.70 -20.40 -25.68
N THR F 91 4.50 -20.40 -26.25
CA THR F 91 3.33 -20.96 -25.60
C THR F 91 3.31 -22.49 -25.75
N TYR F 92 2.99 -23.18 -24.66
CA TYR F 92 2.85 -24.63 -24.67
C TYR F 92 1.45 -24.96 -25.16
N SER F 93 1.36 -25.55 -26.35
CA SER F 93 0.07 -25.73 -27.00
C SER F 93 0.12 -26.95 -27.93
N ALA F 94 -1.05 -27.36 -28.38
CA ALA F 94 -1.24 -28.46 -29.31
C ALA F 94 -2.20 -28.07 -30.43
N PRO F 95 -2.08 -28.68 -31.60
CA PRO F 95 -2.98 -28.33 -32.70
C PRO F 95 -4.29 -29.11 -32.65
N LEU F 96 -5.31 -28.55 -33.29
CA LEU F 96 -6.60 -29.22 -33.48
C LEU F 96 -6.69 -29.68 -34.94
N ARG F 97 -6.94 -30.95 -35.15
CA ARG F 97 -7.21 -31.50 -36.48
C ARG F 97 -8.59 -32.14 -36.44
N VAL F 98 -9.56 -31.52 -37.10
CA VAL F 98 -10.93 -32.02 -37.12
C VAL F 98 -11.20 -32.62 -38.49
N LYS F 99 -11.85 -33.78 -38.50
CA LYS F 99 -12.23 -34.45 -39.74
C LYS F 99 -13.66 -34.06 -40.08
N LEU F 100 -13.84 -33.39 -41.22
CA LEU F 100 -15.17 -33.01 -41.67
C LEU F 100 -15.24 -33.16 -43.18
N ARG F 101 -16.45 -33.40 -43.68
CA ARG F 101 -16.68 -33.75 -45.07
C ARG F 101 -17.73 -32.83 -45.68
N LEU F 102 -17.70 -32.70 -47.00
CA LEU F 102 -18.72 -31.95 -47.72
C LEU F 102 -19.69 -32.92 -48.40
N VAL F 103 -20.97 -32.56 -48.37
CA VAL F 103 -22.00 -33.29 -49.10
C VAL F 103 -22.80 -32.28 -49.92
N ILE F 104 -22.86 -32.51 -51.22
CA ILE F 104 -23.60 -31.67 -52.15
C ILE F 104 -24.82 -32.44 -52.62
N TYR F 105 -26.00 -31.88 -52.37
CA TYR F 105 -27.26 -32.57 -52.60
C TYR F 105 -27.78 -32.32 -54.00
N GLU F 106 -28.76 -33.12 -54.40
CA GLU F 106 -29.37 -33.00 -55.72
C GLU F 106 -30.34 -31.83 -55.74
N ARG F 107 -30.20 -30.96 -56.73
CA ARG F 107 -31.15 -29.86 -56.88
C ARG F 107 -32.48 -30.34 -57.43
N GLU F 108 -32.44 -31.26 -58.41
CA GLU F 108 -33.68 -31.77 -58.99
C GLU F 108 -34.39 -32.74 -58.05
N ALA F 109 -33.62 -33.62 -57.40
CA ALA F 109 -34.21 -34.62 -56.53
C ALA F 109 -34.13 -34.17 -55.09
N PRO F 110 -35.25 -33.90 -54.42
CA PRO F 110 -35.18 -33.50 -53.00
C PRO F 110 -34.66 -34.63 -52.13
N GLU F 111 -33.96 -34.24 -51.06
CA GLU F 111 -33.41 -35.16 -50.07
C GLU F 111 -32.44 -36.17 -50.67
N GLY F 112 -31.80 -35.83 -51.79
CA GLY F 112 -30.84 -36.70 -52.42
C GLY F 112 -29.53 -35.98 -52.63
N THR F 113 -28.43 -36.74 -52.57
CA THR F 113 -27.09 -36.19 -52.68
C THR F 113 -26.46 -36.64 -53.99
N VAL F 114 -25.62 -35.76 -54.55
CA VAL F 114 -24.94 -36.05 -55.82
C VAL F 114 -23.44 -36.12 -55.60
N LYS F 115 -22.93 -35.44 -54.58
CA LYS F 115 -21.50 -35.42 -54.31
C LYS F 115 -21.24 -35.65 -52.84
N ASP F 116 -20.18 -36.40 -52.53
CA ASP F 116 -19.77 -36.65 -51.15
C ASP F 116 -18.24 -36.66 -51.13
N ILE F 117 -17.66 -35.53 -50.73
CA ILE F 117 -16.21 -35.38 -50.66
C ILE F 117 -15.79 -35.55 -49.22
N LYS F 118 -15.12 -36.68 -48.94
CA LYS F 118 -14.65 -36.99 -47.60
C LYS F 118 -13.13 -36.76 -47.53
N GLU F 119 -12.77 -35.50 -47.29
CA GLU F 119 -11.37 -35.15 -47.16
C GLU F 119 -10.85 -35.47 -45.76
N GLN F 120 -9.53 -35.39 -45.61
CA GLN F 120 -8.89 -35.66 -44.33
C GLN F 120 -9.10 -34.49 -43.38
N GLU F 121 -8.41 -34.55 -42.24
CA GLU F 121 -8.60 -33.56 -41.19
C GLU F 121 -8.13 -32.19 -41.65
N VAL F 122 -8.75 -31.15 -41.09
CA VAL F 122 -8.39 -29.77 -41.37
C VAL F 122 -7.98 -29.11 -40.05
N TYR F 123 -6.92 -28.31 -40.13
CA TYR F 123 -6.27 -27.72 -38.97
C TYR F 123 -6.87 -26.35 -38.70
N MET F 124 -7.24 -26.10 -37.44
CA MET F 124 -7.51 -24.74 -36.99
C MET F 124 -7.03 -24.59 -35.56
N GLY F 125 -6.57 -23.39 -35.22
CA GLY F 125 -6.31 -23.03 -33.84
C GLY F 125 -5.14 -23.72 -33.18
N GLU F 126 -4.74 -23.20 -32.03
CA GLU F 126 -3.72 -23.79 -31.18
C GLU F 126 -4.24 -23.76 -29.74
N ILE F 127 -4.55 -24.92 -29.18
CA ILE F 127 -5.15 -25.01 -27.86
C ILE F 127 -4.02 -25.17 -26.83
N PRO F 128 -3.88 -24.26 -25.88
CA PRO F 128 -2.89 -24.46 -24.83
C PRO F 128 -3.29 -25.60 -23.92
N LEU F 129 -2.29 -26.29 -23.39
CA LEU F 129 -2.51 -27.38 -22.45
C LEU F 129 -1.90 -27.04 -21.11
N MET F 130 -2.49 -27.59 -20.06
CA MET F 130 -1.97 -27.41 -18.71
C MET F 130 -0.98 -28.51 -18.38
N THR F 131 0.02 -28.17 -17.59
CA THR F 131 1.05 -29.13 -17.23
C THR F 131 0.53 -30.09 -16.17
N ASP F 132 1.44 -30.91 -15.64
CA ASP F 132 1.04 -31.88 -14.62
C ASP F 132 0.73 -31.22 -13.28
N ASN F 133 1.06 -29.95 -13.12
CA ASN F 133 0.76 -29.23 -11.89
C ASN F 133 -0.44 -28.29 -12.02
N GLY F 134 -1.02 -28.17 -13.20
CA GLY F 134 -2.19 -27.34 -13.37
C GLY F 134 -1.91 -25.93 -13.79
N THR F 135 -0.88 -25.74 -14.61
CA THR F 135 -0.47 -24.41 -15.05
C THR F 135 -0.33 -24.38 -16.56
N PHE F 136 -0.71 -23.25 -17.16
CA PHE F 136 -0.61 -23.04 -18.60
C PHE F 136 0.64 -22.22 -18.90
N VAL F 137 1.71 -22.89 -19.29
CA VAL F 137 2.92 -22.17 -19.68
C VAL F 137 2.68 -21.53 -21.04
N ILE F 138 2.31 -20.26 -21.04
CA ILE F 138 2.02 -19.51 -22.27
C ILE F 138 2.95 -18.31 -22.34
N ASN F 139 3.53 -18.09 -23.51
CA ASN F 139 4.46 -16.99 -23.75
C ASN F 139 5.62 -17.02 -22.75
N GLY F 140 6.03 -18.22 -22.37
CA GLY F 140 7.13 -18.39 -21.44
C GLY F 140 6.84 -17.88 -20.04
N THR F 141 5.62 -18.07 -19.56
CA THR F 141 5.25 -17.69 -18.19
C THR F 141 4.53 -18.87 -17.56
N GLU F 142 3.83 -18.67 -16.45
CA GLU F 142 3.19 -19.78 -15.75
C GLU F 142 1.67 -19.69 -15.80
N ARG F 143 1.10 -18.57 -15.39
CA ARG F 143 -0.28 -18.20 -15.73
C ARG F 143 -1.29 -19.26 -15.28
N VAL F 144 -1.48 -19.33 -13.96
CA VAL F 144 -2.60 -20.12 -13.45
C VAL F 144 -3.91 -19.41 -13.76
N ILE F 145 -4.95 -20.21 -13.98
CA ILE F 145 -6.30 -19.71 -14.23
C ILE F 145 -7.14 -20.00 -12.98
N VAL F 146 -7.73 -18.95 -12.42
CA VAL F 146 -8.36 -19.01 -11.11
C VAL F 146 -9.85 -19.30 -11.30
N SER F 147 -10.38 -20.22 -10.50
CA SER F 147 -11.80 -20.55 -10.56
C SER F 147 -12.65 -19.36 -10.15
N GLN F 148 -13.86 -19.31 -10.68
CA GLN F 148 -14.77 -18.18 -10.47
C GLN F 148 -16.00 -18.63 -9.70
N LEU F 149 -16.48 -17.75 -8.82
CA LEU F 149 -17.71 -17.95 -8.05
C LEU F 149 -18.75 -16.97 -8.57
N HIS F 150 -19.80 -17.47 -9.19
CA HIS F 150 -20.81 -16.61 -9.81
C HIS F 150 -22.21 -17.12 -9.44
N ARG F 151 -23.23 -16.39 -9.87
CA ARG F 151 -24.61 -16.76 -9.59
C ARG F 151 -25.06 -17.82 -10.57
N SER F 152 -25.55 -18.94 -10.04
CA SER F 152 -26.04 -20.00 -10.91
C SER F 152 -27.29 -19.53 -11.65
N PRO F 153 -27.37 -19.80 -12.96
CA PRO F 153 -28.57 -19.38 -13.71
C PRO F 153 -29.81 -20.03 -13.15
N GLY F 154 -30.89 -19.27 -13.10
CA GLY F 154 -32.12 -19.79 -12.53
C GLY F 154 -33.05 -18.65 -12.13
N VAL F 155 -33.85 -18.93 -11.10
CA VAL F 155 -34.86 -18.00 -10.62
C VAL F 155 -34.53 -17.60 -9.20
N PHE F 156 -34.49 -16.29 -8.93
CA PHE F 156 -34.16 -15.79 -7.62
C PHE F 156 -35.18 -14.74 -7.19
N PHE F 157 -35.73 -14.90 -6.00
CA PHE F 157 -36.66 -13.94 -5.42
C PHE F 157 -35.91 -13.12 -4.38
N ASP F 158 -36.22 -11.82 -4.34
CA ASP F 158 -35.52 -10.90 -3.45
C ASP F 158 -36.52 -9.93 -2.84
N SER F 159 -36.13 -9.34 -1.71
CA SER F 159 -37.04 -8.53 -0.92
C SER F 159 -36.57 -7.09 -0.75
N ASP F 160 -35.36 -6.76 -1.22
CA ASP F 160 -34.74 -5.44 -1.13
C ASP F 160 -34.82 -4.83 0.27
N LYS F 161 -34.97 -5.68 1.28
CA LYS F 161 -35.06 -5.33 2.70
C LYS F 161 -36.25 -4.46 3.03
N GLY F 162 -37.10 -4.11 2.05
CA GLY F 162 -38.30 -3.37 2.34
C GLY F 162 -38.11 -1.92 2.69
N LYS F 163 -36.99 -1.31 2.31
CA LYS F 163 -36.76 0.12 2.52
C LYS F 163 -36.40 0.76 1.19
N THR F 164 -37.41 1.03 0.37
CA THR F 164 -37.22 1.69 -0.90
C THR F 164 -38.04 2.97 -0.97
N HIS F 165 -39.32 2.87 -0.63
CA HIS F 165 -40.25 4.00 -0.70
C HIS F 165 -40.42 4.69 0.65
N SER F 166 -39.68 4.26 1.67
CA SER F 166 -39.74 4.80 3.02
C SER F 166 -41.11 4.68 3.65
N SER F 167 -42.03 3.94 3.02
CA SER F 167 -43.35 3.70 3.56
C SER F 167 -43.44 2.42 4.36
N GLY F 168 -42.36 1.65 4.45
CA GLY F 168 -42.36 0.39 5.14
C GLY F 168 -42.93 -0.77 4.37
N LYS F 169 -43.33 -0.56 3.12
CA LYS F 169 -43.90 -1.60 2.29
C LYS F 169 -42.78 -2.41 1.65
N VAL F 170 -42.79 -3.72 1.86
CA VAL F 170 -41.75 -4.60 1.35
C VAL F 170 -42.07 -4.95 -0.10
N LEU F 171 -41.10 -4.77 -0.98
CA LEU F 171 -41.27 -5.04 -2.40
C LEU F 171 -40.49 -6.31 -2.75
N TYR F 172 -41.20 -7.31 -3.27
CA TYR F 172 -40.59 -8.56 -3.70
C TYR F 172 -40.39 -8.52 -5.20
N ASN F 173 -39.20 -8.88 -5.66
CA ASN F 173 -38.91 -8.94 -7.08
C ASN F 173 -38.32 -10.30 -7.43
N ALA F 174 -38.79 -10.87 -8.52
CA ALA F 174 -38.29 -12.12 -9.05
C ALA F 174 -37.40 -11.84 -10.25
N ARG F 175 -36.36 -12.64 -10.41
CA ARG F 175 -35.43 -12.43 -11.51
C ARG F 175 -35.03 -13.77 -12.10
N ILE F 176 -35.09 -13.85 -13.42
CA ILE F 176 -34.69 -15.04 -14.17
C ILE F 176 -33.38 -14.70 -14.88
N ILE F 177 -32.32 -15.40 -14.50
CA ILE F 177 -30.97 -15.19 -15.03
C ILE F 177 -30.64 -16.40 -15.91
N PRO F 178 -30.42 -16.19 -17.21
CA PRO F 178 -29.99 -17.29 -18.08
C PRO F 178 -28.48 -17.49 -17.96
N TYR F 179 -28.03 -18.64 -18.46
CA TYR F 179 -26.59 -18.82 -18.62
C TYR F 179 -26.05 -17.87 -19.67
N ARG F 180 -26.78 -17.70 -20.76
CA ARG F 180 -26.39 -16.78 -21.84
C ARG F 180 -27.66 -16.19 -22.42
N GLY F 181 -27.82 -14.88 -22.30
CA GLY F 181 -29.01 -14.22 -22.77
C GLY F 181 -29.29 -12.98 -21.95
N SER F 182 -30.57 -12.65 -21.83
CA SER F 182 -31.04 -11.46 -21.13
C SER F 182 -31.95 -11.87 -19.98
N TRP F 183 -31.84 -11.18 -18.85
CA TRP F 183 -32.62 -11.58 -17.69
C TRP F 183 -34.05 -11.06 -17.80
N LEU F 184 -34.91 -11.56 -16.91
CA LEU F 184 -36.26 -11.03 -16.74
C LEU F 184 -36.43 -10.59 -15.30
N ASP F 185 -37.09 -9.46 -15.09
CA ASP F 185 -37.42 -9.01 -13.75
C ASP F 185 -38.92 -8.81 -13.63
N PHE F 186 -39.48 -9.25 -12.51
CA PHE F 186 -40.84 -8.90 -12.12
C PHE F 186 -40.77 -8.17 -10.79
N GLU F 187 -41.36 -6.98 -10.75
CA GLU F 187 -41.25 -6.07 -9.62
C GLU F 187 -42.63 -5.60 -9.21
N PHE F 188 -42.73 -5.12 -7.97
CA PHE F 188 -43.98 -4.63 -7.42
C PHE F 188 -43.89 -3.14 -7.15
N ASP F 189 -44.86 -2.41 -7.66
CA ASP F 189 -45.07 -0.99 -7.42
C ASP F 189 -45.81 -0.83 -6.10
N PRO F 190 -45.39 0.11 -5.24
CA PRO F 190 -46.06 0.26 -3.94
C PRO F 190 -47.56 0.49 -4.04
N LYS F 191 -48.04 1.02 -5.16
CA LYS F 191 -49.47 1.07 -5.43
C LYS F 191 -50.04 -0.30 -5.81
N ASP F 192 -49.28 -1.37 -5.62
CA ASP F 192 -49.71 -2.74 -5.91
C ASP F 192 -50.05 -2.92 -7.39
N ASN F 193 -49.01 -2.76 -8.20
CA ASN F 193 -49.09 -2.99 -9.64
C ASN F 193 -47.91 -3.83 -10.09
N LEU F 194 -48.18 -4.92 -10.81
CA LEU F 194 -47.13 -5.74 -11.37
C LEU F 194 -46.34 -4.96 -12.41
N PHE F 195 -45.04 -5.18 -12.49
CA PHE F 195 -44.23 -4.57 -13.53
C PHE F 195 -43.18 -5.56 -14.01
N VAL F 196 -42.86 -5.48 -15.29
CA VAL F 196 -41.92 -6.38 -15.93
C VAL F 196 -40.78 -5.57 -16.53
N ARG F 197 -39.56 -6.05 -16.34
CA ARG F 197 -38.36 -5.37 -16.83
C ARG F 197 -37.56 -6.35 -17.67
N ILE F 198 -37.36 -6.01 -18.94
CA ILE F 198 -36.60 -6.83 -19.87
C ILE F 198 -35.28 -6.11 -20.13
N ASP F 199 -34.17 -6.82 -19.94
CA ASP F 199 -32.84 -6.28 -20.19
C ASP F 199 -32.58 -5.03 -19.35
N ARG F 200 -33.25 -4.92 -18.21
CA ARG F 200 -33.08 -3.79 -17.28
C ARG F 200 -33.42 -2.46 -17.95
N ARG F 201 -34.51 -2.45 -18.72
CA ARG F 201 -35.03 -1.23 -19.30
C ARG F 201 -36.04 -0.60 -18.36
N ARG F 202 -36.80 0.37 -18.85
CA ARG F 202 -37.87 0.95 -18.06
C ARG F 202 -38.97 -0.10 -17.83
N LYS F 203 -39.76 0.12 -16.78
CA LYS F 203 -40.82 -0.80 -16.42
C LYS F 203 -42.00 -0.68 -17.38
N LEU F 204 -42.66 -1.81 -17.64
CA LEU F 204 -43.89 -1.84 -18.41
C LEU F 204 -44.95 -2.62 -17.65
N PRO F 205 -46.22 -2.35 -17.91
CA PRO F 205 -47.28 -3.17 -17.30
C PRO F 205 -47.11 -4.62 -17.68
N ALA F 206 -47.34 -5.50 -16.71
CA ALA F 206 -46.96 -6.90 -16.88
C ALA F 206 -47.83 -7.65 -17.86
N THR F 207 -49.08 -7.22 -18.09
CA THR F 207 -50.00 -8.02 -18.88
C THR F 207 -49.66 -8.06 -20.37
N ILE F 208 -48.70 -7.25 -20.82
CA ILE F 208 -48.38 -7.19 -22.24
C ILE F 208 -47.85 -8.54 -22.72
N ILE F 209 -46.97 -9.17 -21.94
CA ILE F 209 -46.40 -10.44 -22.35
C ILE F 209 -47.48 -11.53 -22.34
N LEU F 210 -48.39 -11.47 -21.36
CA LEU F 210 -49.50 -12.42 -21.33
C LEU F 210 -50.36 -12.29 -22.58
N ARG F 211 -50.65 -11.05 -23.00
CA ARG F 211 -51.37 -10.84 -24.24
C ARG F 211 -50.54 -11.31 -25.43
N ALA F 212 -49.22 -11.25 -25.32
CA ALA F 212 -48.34 -11.64 -26.41
C ALA F 212 -48.31 -13.14 -26.65
N LEU F 213 -48.77 -13.95 -25.69
CA LEU F 213 -48.81 -15.40 -25.85
C LEU F 213 -50.18 -15.91 -26.29
N ASN F 214 -50.90 -15.12 -27.08
CA ASN F 214 -52.23 -15.52 -27.60
C ASN F 214 -53.18 -15.87 -26.46
N TYR F 215 -53.13 -15.09 -25.39
CA TYR F 215 -54.00 -15.30 -24.23
C TYR F 215 -55.03 -14.18 -24.17
N THR F 216 -56.30 -14.54 -24.20
CA THR F 216 -57.37 -13.56 -24.12
C THR F 216 -57.63 -13.19 -22.66
N THR F 217 -58.43 -12.13 -22.48
CA THR F 217 -58.71 -11.62 -21.14
C THR F 217 -59.39 -12.67 -20.27
N GLU F 218 -60.41 -13.34 -20.82
CA GLU F 218 -61.10 -14.37 -20.04
C GLU F 218 -60.15 -15.49 -19.66
N GLN F 219 -59.28 -15.90 -20.58
CA GLN F 219 -58.34 -16.99 -20.31
C GLN F 219 -57.33 -16.60 -19.24
N ILE F 220 -56.78 -15.38 -19.29
CA ILE F 220 -55.79 -14.97 -18.30
C ILE F 220 -56.46 -14.81 -16.93
N LEU F 221 -57.70 -14.30 -16.91
CA LEU F 221 -58.40 -14.21 -15.63
C LEU F 221 -58.66 -15.59 -15.05
N ASP F 222 -59.04 -16.56 -15.90
CA ASP F 222 -59.27 -17.90 -15.41
C ASP F 222 -57.97 -18.55 -14.93
N LEU F 223 -56.86 -18.24 -15.58
CA LEU F 223 -55.59 -18.85 -15.20
C LEU F 223 -55.03 -18.26 -13.91
N PHE F 224 -55.12 -16.96 -13.72
CA PHE F 224 -54.52 -16.29 -12.56
C PHE F 224 -55.50 -16.15 -11.40
N PHE F 225 -56.73 -16.64 -11.51
CA PHE F 225 -57.71 -16.52 -10.46
C PHE F 225 -58.67 -17.69 -10.51
N GLU F 226 -59.34 -17.94 -9.39
CA GLU F 226 -60.40 -18.93 -9.33
C GLU F 226 -61.74 -18.23 -9.44
N LYS F 227 -62.69 -18.86 -10.11
CA LYS F 227 -63.96 -18.23 -10.46
C LYS F 227 -65.12 -18.92 -9.73
N VAL F 228 -66.00 -18.10 -9.17
CA VAL F 228 -67.24 -18.57 -8.56
C VAL F 228 -68.40 -18.16 -9.47
N ILE F 229 -69.56 -18.74 -9.20
CA ILE F 229 -70.76 -18.54 -10.02
C ILE F 229 -71.88 -18.03 -9.13
N PHE F 230 -72.55 -16.97 -9.57
CA PHE F 230 -73.74 -16.45 -8.91
C PHE F 230 -74.95 -16.75 -9.78
N GLU F 231 -75.94 -17.43 -9.20
CA GLU F 231 -77.13 -17.86 -9.93
C GLU F 231 -78.32 -17.04 -9.45
N ILE F 232 -79.00 -16.40 -10.40
CA ILE F 232 -80.18 -15.59 -10.11
C ILE F 232 -81.33 -16.18 -10.91
N ARG F 233 -82.09 -17.08 -10.28
CA ARG F 233 -83.23 -17.72 -10.90
C ARG F 233 -84.47 -17.47 -10.05
N ASP F 234 -85.54 -17.02 -10.69
CA ASP F 234 -86.79 -16.69 -10.01
C ASP F 234 -86.57 -15.68 -8.87
N ASN F 235 -85.67 -14.74 -9.12
CA ASN F 235 -85.30 -13.67 -8.18
C ASN F 235 -84.74 -14.20 -6.86
N LYS F 236 -84.39 -15.49 -6.80
CA LYS F 236 -83.81 -16.03 -5.57
C LYS F 236 -82.40 -15.48 -5.36
N LEU F 237 -81.59 -15.45 -6.41
CA LEU F 237 -80.21 -14.94 -6.36
C LEU F 237 -79.40 -15.71 -5.31
N GLN F 238 -79.21 -17.00 -5.59
CA GLN F 238 -78.47 -17.87 -4.70
C GLN F 238 -76.98 -17.77 -4.97
N MET F 239 -76.19 -18.27 -4.02
CA MET F 239 -74.74 -18.24 -4.11
C MET F 239 -74.17 -19.59 -3.71
N GLU F 240 -73.17 -20.04 -4.47
CA GLU F 240 -72.50 -21.30 -4.16
C GLU F 240 -71.76 -21.20 -2.84
N LEU F 241 -71.77 -22.30 -2.08
CA LEU F 241 -71.16 -22.33 -0.76
C LEU F 241 -69.76 -22.93 -0.85
N VAL F 242 -68.76 -22.16 -0.44
CA VAL F 242 -67.38 -22.64 -0.37
C VAL F 242 -66.85 -22.30 1.02
N PRO F 243 -67.15 -23.14 2.03
CA PRO F 243 -66.76 -22.77 3.40
C PRO F 243 -65.27 -22.59 3.61
N GLU F 244 -64.44 -23.30 2.82
CA GLU F 244 -63.00 -23.14 2.97
C GLU F 244 -62.55 -21.72 2.63
N ARG F 245 -63.10 -21.15 1.56
CA ARG F 245 -62.73 -19.79 1.17
C ARG F 245 -63.29 -18.76 2.14
N LEU F 246 -64.49 -19.00 2.67
CA LEU F 246 -65.13 -18.05 3.59
C LEU F 246 -64.51 -18.23 4.98
N ARG F 247 -63.31 -17.69 5.14
CA ARG F 247 -62.61 -17.70 6.41
C ARG F 247 -62.82 -16.41 7.19
N GLY F 248 -62.45 -15.27 6.60
CA GLY F 248 -62.68 -13.99 7.24
C GLY F 248 -63.63 -13.12 6.43
N GLU F 249 -64.84 -12.90 6.94
CA GLU F 249 -65.83 -12.08 6.26
C GLU F 249 -66.90 -11.68 7.26
N THR F 250 -67.56 -10.56 6.98
CA THR F 250 -68.63 -10.04 7.82
C THR F 250 -69.97 -10.34 7.16
N ALA F 251 -70.88 -10.95 7.92
CA ALA F 251 -72.19 -11.32 7.41
C ALA F 251 -73.04 -10.07 7.29
N SER F 252 -73.28 -9.63 6.05
CA SER F 252 -74.10 -8.44 5.82
C SER F 252 -75.57 -8.68 6.13
N PHE F 253 -76.00 -9.93 6.17
CA PHE F 253 -77.40 -10.26 6.44
C PHE F 253 -77.47 -11.66 7.02
N ASP F 254 -78.68 -12.09 7.35
CA ASP F 254 -78.88 -13.42 7.91
C ASP F 254 -78.51 -14.49 6.91
N ILE F 255 -77.81 -15.52 7.38
CA ILE F 255 -77.37 -16.63 6.56
C ILE F 255 -78.06 -17.88 7.06
N GLU F 256 -78.96 -18.43 6.24
CA GLU F 256 -79.75 -19.60 6.60
C GLU F 256 -79.33 -20.79 5.75
N ALA F 257 -79.33 -21.97 6.37
CA ALA F 257 -78.94 -23.21 5.71
C ALA F 257 -80.19 -24.04 5.46
N ASN F 258 -80.55 -24.18 4.18
CA ASN F 258 -81.71 -24.98 3.76
C ASN F 258 -82.98 -24.52 4.47
N GLY F 259 -83.15 -23.20 4.60
CA GLY F 259 -84.28 -22.63 5.28
C GLY F 259 -84.15 -22.53 6.79
N LYS F 260 -83.06 -23.02 7.36
CA LYS F 260 -82.81 -22.93 8.80
C LYS F 260 -81.63 -22.01 9.03
N VAL F 261 -81.77 -21.12 10.01
CA VAL F 261 -80.73 -20.12 10.27
C VAL F 261 -79.45 -20.83 10.68
N TYR F 262 -78.37 -20.53 9.96
CA TYR F 262 -77.05 -21.11 10.25
C TYR F 262 -76.14 -20.11 10.95
N VAL F 263 -75.94 -18.94 10.35
CA VAL F 263 -75.12 -17.88 10.92
C VAL F 263 -75.90 -16.58 10.86
N GLU F 264 -76.05 -15.92 11.99
CA GLU F 264 -76.79 -14.67 12.04
C GLU F 264 -76.02 -13.55 11.36
N LYS F 265 -76.71 -12.43 11.14
CA LYS F 265 -76.07 -11.26 10.55
C LYS F 265 -75.04 -10.70 11.50
N GLY F 266 -73.79 -10.66 11.07
CA GLY F 266 -72.71 -10.22 11.96
C GLY F 266 -72.51 -11.13 13.15
N ARG F 267 -72.71 -12.43 12.96
CA ARG F 267 -72.56 -13.40 14.05
C ARG F 267 -71.08 -13.76 14.20
N ARG F 268 -70.81 -14.80 15.00
CA ARG F 268 -69.43 -15.22 15.23
C ARG F 268 -68.79 -15.69 13.93
N ILE F 269 -67.57 -15.23 13.68
CA ILE F 269 -66.80 -15.60 12.50
C ILE F 269 -65.69 -16.60 12.85
N THR F 270 -65.75 -17.19 14.05
CA THR F 270 -64.72 -18.10 14.49
C THR F 270 -64.77 -19.40 13.68
N ALA F 271 -63.74 -20.22 13.86
CA ALA F 271 -63.65 -21.49 13.15
C ALA F 271 -64.75 -22.46 13.57
N ARG F 272 -65.33 -22.29 14.76
CA ARG F 272 -66.41 -23.17 15.18
C ARG F 272 -67.63 -23.03 14.29
N HIS F 273 -68.00 -21.79 13.95
CA HIS F 273 -69.14 -21.58 13.07
C HIS F 273 -68.88 -22.14 11.68
N ILE F 274 -67.67 -21.96 11.17
CA ILE F 274 -67.32 -22.50 9.86
C ILE F 274 -67.39 -24.02 9.86
N ARG F 275 -66.87 -24.64 10.93
CA ARG F 275 -66.92 -26.09 11.04
C ARG F 275 -68.36 -26.59 11.13
N GLN F 276 -69.19 -25.89 11.89
CA GLN F 276 -70.60 -26.28 12.00
C GLN F 276 -71.30 -26.17 10.65
N LEU F 277 -71.02 -25.10 9.90
CA LEU F 277 -71.60 -24.94 8.57
C LEU F 277 -71.12 -26.03 7.62
N GLU F 278 -69.84 -26.37 7.69
CA GLU F 278 -69.29 -27.40 6.80
C GLU F 278 -69.82 -28.78 7.14
N LYS F 279 -70.08 -29.05 8.42
CA LYS F 279 -70.62 -30.35 8.81
C LYS F 279 -71.99 -30.58 8.21
N ASP F 280 -72.83 -29.55 8.19
CA ASP F 280 -74.15 -29.66 7.58
C ASP F 280 -74.05 -29.55 6.06
N ASP F 281 -74.60 -30.53 5.37
CA ASP F 281 -74.59 -30.53 3.91
C ASP F 281 -75.65 -29.56 3.40
N VAL F 282 -75.20 -28.40 2.92
CA VAL F 282 -76.08 -27.32 2.50
C VAL F 282 -75.78 -26.99 1.05
N LYS F 283 -76.83 -26.89 0.24
CA LYS F 283 -76.70 -26.48 -1.16
C LYS F 283 -76.59 -24.96 -1.23
N LEU F 284 -76.69 -24.42 -2.45
CA LEU F 284 -76.62 -22.97 -2.62
C LEU F 284 -77.78 -22.28 -1.92
N ILE F 285 -77.49 -21.14 -1.30
CA ILE F 285 -78.47 -20.39 -0.54
C ILE F 285 -78.52 -18.96 -1.04
N GLU F 286 -79.64 -18.29 -0.79
CA GLU F 286 -79.81 -16.91 -1.22
C GLU F 286 -78.95 -15.98 -0.39
N VAL F 287 -78.46 -14.91 -1.02
CA VAL F 287 -77.62 -13.92 -0.36
C VAL F 287 -78.16 -12.54 -0.70
N PRO F 288 -77.92 -11.55 0.17
CA PRO F 288 -78.38 -10.19 -0.13
C PRO F 288 -77.73 -9.65 -1.39
N VAL F 289 -78.50 -8.82 -2.12
CA VAL F 289 -78.02 -8.24 -3.36
C VAL F 289 -76.95 -7.18 -3.14
N GLU F 290 -76.79 -6.69 -1.91
CA GLU F 290 -75.80 -5.66 -1.65
C GLU F 290 -74.38 -6.20 -1.74
N TYR F 291 -74.19 -7.49 -1.42
CA TYR F 291 -72.85 -8.06 -1.44
C TYR F 291 -72.28 -8.09 -2.86
N ILE F 292 -73.10 -8.43 -3.85
CA ILE F 292 -72.63 -8.55 -5.23
C ILE F 292 -72.27 -7.20 -5.84
N ALA F 293 -72.59 -6.09 -5.17
CA ALA F 293 -72.30 -4.77 -5.73
C ALA F 293 -70.80 -4.56 -5.90
N GLY F 294 -70.01 -4.99 -4.93
CA GLY F 294 -68.57 -4.83 -5.01
C GLY F 294 -67.85 -5.87 -5.83
N LYS F 295 -68.53 -6.90 -6.28
CA LYS F 295 -67.90 -7.95 -7.08
C LYS F 295 -67.60 -7.44 -8.48
N VAL F 296 -66.74 -8.18 -9.17
CA VAL F 296 -66.31 -7.85 -10.53
C VAL F 296 -66.57 -9.06 -11.42
N VAL F 297 -67.22 -8.83 -12.56
CA VAL F 297 -67.50 -9.92 -13.49
C VAL F 297 -66.20 -10.42 -14.09
N ALA F 298 -66.04 -11.75 -14.14
CA ALA F 298 -64.83 -12.35 -14.70
C ALA F 298 -65.00 -12.69 -16.17
N LYS F 299 -66.00 -13.51 -16.50
CA LYS F 299 -66.20 -13.93 -17.87
C LYS F 299 -66.95 -12.86 -18.64
N ASP F 300 -67.39 -13.18 -19.86
CA ASP F 300 -68.13 -12.26 -20.73
C ASP F 300 -69.35 -12.99 -21.26
N TYR F 301 -70.46 -12.89 -20.54
CA TYR F 301 -71.69 -13.56 -20.94
C TYR F 301 -72.25 -12.92 -22.21
N ILE F 302 -72.83 -13.75 -23.08
CA ILE F 302 -73.37 -13.33 -24.37
C ILE F 302 -74.88 -13.37 -24.31
N ASP F 303 -75.51 -12.30 -24.78
CA ASP F 303 -76.97 -12.23 -24.85
C ASP F 303 -77.47 -13.04 -26.03
N GLU F 304 -78.43 -13.93 -25.77
CA GLU F 304 -78.99 -14.76 -26.84
C GLU F 304 -79.92 -13.98 -27.76
N SER F 305 -80.46 -12.85 -27.29
CA SER F 305 -81.40 -12.07 -28.10
C SER F 305 -80.67 -11.24 -29.15
N THR F 306 -79.62 -10.55 -28.76
CA THR F 306 -78.87 -9.67 -29.65
C THR F 306 -77.38 -9.91 -29.48
N GLY F 307 -76.63 -9.52 -30.52
CA GLY F 307 -75.18 -9.68 -30.47
C GLY F 307 -74.50 -8.82 -29.43
N GLU F 308 -75.16 -7.77 -28.96
CA GLU F 308 -74.60 -6.94 -27.91
C GLU F 308 -74.46 -7.74 -26.62
N LEU F 309 -73.34 -7.54 -25.93
CA LEU F 309 -73.07 -8.27 -24.70
C LEU F 309 -72.14 -7.44 -23.82
N ILE F 310 -72.11 -7.78 -22.55
CA ILE F 310 -71.26 -7.08 -21.57
C ILE F 310 -69.98 -7.90 -21.46
N CYS F 311 -69.01 -7.56 -22.32
CA CYS F 311 -67.72 -8.22 -22.34
C CYS F 311 -66.65 -7.43 -21.60
N ALA F 312 -67.03 -6.36 -20.90
CA ALA F 312 -66.06 -5.52 -20.20
C ALA F 312 -65.53 -6.22 -18.96
N ALA F 313 -64.39 -6.91 -19.10
CA ALA F 313 -63.76 -7.55 -17.96
C ALA F 313 -63.18 -6.50 -17.02
N ASN F 314 -62.97 -6.91 -15.76
CA ASN F 314 -62.50 -6.03 -14.70
C ASN F 314 -63.41 -4.81 -14.55
N MET F 315 -64.72 -5.04 -14.64
CA MET F 315 -65.71 -3.99 -14.47
C MET F 315 -66.77 -4.45 -13.48
N GLU F 316 -67.23 -3.53 -12.65
CA GLU F 316 -68.25 -3.83 -11.66
C GLU F 316 -69.63 -3.82 -12.31
N LEU F 317 -70.65 -4.17 -11.54
CA LEU F 317 -72.01 -4.30 -12.03
C LEU F 317 -72.91 -3.24 -11.39
N SER F 318 -73.82 -2.70 -12.20
CA SER F 318 -74.82 -1.76 -11.75
C SER F 318 -76.18 -2.44 -11.68
N LEU F 319 -77.14 -1.74 -11.05
CA LEU F 319 -78.48 -2.30 -10.91
C LEU F 319 -79.14 -2.50 -12.26
N ASP F 320 -78.94 -1.57 -13.20
CA ASP F 320 -79.53 -1.70 -14.52
C ASP F 320 -78.97 -2.89 -15.27
N LEU F 321 -77.67 -3.17 -15.15
CA LEU F 321 -77.10 -4.31 -15.85
C LEU F 321 -77.62 -5.63 -15.30
N LEU F 322 -78.04 -5.67 -14.03
CA LEU F 322 -78.68 -6.87 -13.51
C LEU F 322 -79.97 -7.16 -14.26
N ALA F 323 -80.81 -6.14 -14.46
CA ALA F 323 -82.03 -6.32 -15.24
C ALA F 323 -81.70 -6.65 -16.69
N LYS F 324 -80.63 -6.05 -17.23
CA LYS F 324 -80.24 -6.35 -18.60
C LYS F 324 -79.85 -7.81 -18.77
N LEU F 325 -79.07 -8.35 -17.84
CA LEU F 325 -78.67 -9.75 -17.94
C LEU F 325 -79.84 -10.69 -17.64
N SER F 326 -80.76 -10.28 -16.76
CA SER F 326 -81.96 -11.07 -16.54
C SER F 326 -82.81 -11.14 -17.80
N GLN F 327 -82.92 -10.02 -18.51
CA GLN F 327 -83.62 -10.02 -19.79
C GLN F 327 -82.90 -10.90 -20.81
N SER F 328 -81.57 -10.82 -20.83
CA SER F 328 -80.79 -11.64 -21.75
C SER F 328 -80.78 -13.12 -21.39
N GLY F 329 -81.25 -13.47 -20.19
CA GLY F 329 -81.28 -14.86 -19.78
C GLY F 329 -80.04 -15.37 -19.09
N HIS F 330 -79.18 -14.48 -18.59
CA HIS F 330 -77.95 -14.89 -17.91
C HIS F 330 -78.31 -15.35 -16.50
N LYS F 331 -78.76 -16.61 -16.40
CA LYS F 331 -79.10 -17.16 -15.10
C LYS F 331 -77.88 -17.27 -14.19
N ARG F 332 -76.75 -17.71 -14.74
CA ARG F 332 -75.52 -17.88 -13.99
C ARG F 332 -74.47 -16.89 -14.51
N ILE F 333 -73.80 -16.21 -13.59
CA ILE F 333 -72.78 -15.22 -13.92
C ILE F 333 -71.49 -15.62 -13.24
N GLU F 334 -70.40 -15.67 -14.01
CA GLU F 334 -69.10 -16.07 -13.49
C GLU F 334 -68.33 -14.84 -13.04
N THR F 335 -68.03 -14.77 -11.75
CA THR F 335 -67.26 -13.67 -11.18
C THR F 335 -66.11 -14.24 -10.36
N LEU F 336 -64.98 -13.52 -10.36
CA LEU F 336 -63.81 -14.02 -9.66
C LEU F 336 -64.00 -13.92 -8.15
N PHE F 337 -62.96 -14.32 -7.42
CA PHE F 337 -63.05 -14.41 -5.96
C PHE F 337 -63.32 -13.03 -5.34
N THR F 338 -62.55 -12.03 -5.76
CA THR F 338 -62.63 -10.67 -5.21
C THR F 338 -62.47 -10.67 -3.68
N ASN F 339 -61.89 -11.72 -3.12
CA ASN F 339 -61.76 -11.87 -1.68
C ASN F 339 -60.33 -11.54 -1.27
N ASP F 340 -60.19 -10.63 -0.30
CA ASP F 340 -58.88 -10.25 0.22
C ASP F 340 -58.81 -10.69 1.68
N LEU F 341 -58.47 -11.97 1.88
CA LEU F 341 -58.07 -12.50 3.18
C LEU F 341 -56.67 -13.06 3.14
N ASP F 342 -56.40 -13.97 2.21
CA ASP F 342 -55.06 -14.42 1.87
C ASP F 342 -54.66 -14.00 0.47
N HIS F 343 -55.57 -14.10 -0.49
CA HIS F 343 -55.33 -13.61 -1.84
C HIS F 343 -55.45 -12.09 -1.86
N GLY F 344 -55.48 -11.52 -3.06
CA GLY F 344 -55.63 -10.10 -3.20
C GLY F 344 -55.89 -9.67 -4.63
N PRO F 345 -56.28 -8.40 -4.81
CA PRO F 345 -56.45 -7.87 -6.17
C PRO F 345 -55.11 -7.72 -6.87
N TYR F 346 -54.85 -8.56 -7.87
CA TYR F 346 -53.60 -8.54 -8.60
C TYR F 346 -53.88 -8.80 -10.08
N ILE F 347 -52.89 -8.52 -10.91
CA ILE F 347 -52.94 -8.79 -12.35
C ILE F 347 -54.03 -7.94 -13.02
N SER F 348 -55.23 -7.94 -12.45
CA SER F 348 -56.33 -7.16 -13.01
C SER F 348 -55.98 -5.68 -13.07
N GLU F 349 -55.24 -5.18 -12.07
CA GLU F 349 -54.86 -3.78 -12.08
C GLU F 349 -53.94 -3.45 -13.25
N THR F 350 -52.96 -4.32 -13.51
CA THR F 350 -52.04 -4.09 -14.61
C THR F 350 -52.77 -4.09 -15.95
N LEU F 351 -53.69 -5.04 -16.14
CA LEU F 351 -54.46 -5.07 -17.38
C LEU F 351 -55.40 -3.88 -17.49
N ARG F 352 -55.90 -3.38 -16.36
CA ARG F 352 -56.69 -2.16 -16.38
C ARG F 352 -55.83 -0.97 -16.78
N VAL F 353 -54.55 -0.99 -16.43
CA VAL F 353 -53.66 0.12 -16.76
C VAL F 353 -53.42 0.18 -18.26
N ASP F 354 -53.11 -0.95 -18.89
CA ASP F 354 -52.77 -0.97 -20.31
C ASP F 354 -53.94 -1.50 -21.13
N PRO F 355 -54.40 -0.76 -22.14
CA PRO F 355 -55.60 -1.15 -22.88
C PRO F 355 -55.40 -2.13 -24.02
N THR F 356 -54.15 -2.49 -24.34
CA THR F 356 -53.92 -3.44 -25.43
C THR F 356 -54.42 -4.82 -25.04
N ASN F 357 -55.16 -5.46 -25.95
CA ASN F 357 -55.71 -6.78 -25.67
C ASN F 357 -55.58 -7.74 -26.84
N ASP F 358 -54.67 -7.46 -27.79
CA ASP F 358 -54.49 -8.27 -28.97
C ASP F 358 -53.02 -8.63 -29.13
N ARG F 359 -52.77 -9.80 -29.70
CA ARG F 359 -51.40 -10.29 -29.83
C ARG F 359 -50.54 -9.35 -30.66
N LEU F 360 -51.08 -8.85 -31.78
CA LEU F 360 -50.34 -7.91 -32.60
C LEU F 360 -50.09 -6.61 -31.85
N SER F 361 -51.08 -6.14 -31.07
CA SER F 361 -50.90 -4.92 -30.30
C SER F 361 -49.79 -5.10 -29.26
N ALA F 362 -49.79 -6.22 -28.54
CA ALA F 362 -48.75 -6.47 -27.56
C ALA F 362 -47.38 -6.58 -28.22
N LEU F 363 -47.31 -7.28 -29.35
CA LEU F 363 -46.04 -7.46 -30.04
C LEU F 363 -45.48 -6.12 -30.53
N VAL F 364 -46.34 -5.28 -31.12
CA VAL F 364 -45.86 -3.99 -31.61
C VAL F 364 -45.46 -3.09 -30.44
N GLU F 365 -46.21 -3.16 -29.33
CA GLU F 365 -45.85 -2.36 -28.16
C GLU F 365 -44.49 -2.78 -27.61
N ILE F 366 -44.25 -4.09 -27.50
CA ILE F 366 -42.98 -4.54 -26.95
C ILE F 366 -41.85 -4.29 -27.93
N TYR F 367 -42.11 -4.35 -29.23
CA TYR F 367 -41.07 -4.02 -30.21
C TYR F 367 -40.70 -2.55 -30.14
N ARG F 368 -41.69 -1.67 -29.97
CA ARG F 368 -41.39 -0.25 -29.81
C ARG F 368 -40.65 0.02 -28.51
N MET F 369 -41.04 -0.68 -27.43
CA MET F 369 -40.39 -0.46 -26.14
C MET F 369 -38.94 -0.92 -26.16
N MET F 370 -38.70 -2.14 -26.66
CA MET F 370 -37.34 -2.66 -26.73
C MET F 370 -36.51 -1.89 -27.74
N ARG F 371 -37.05 -1.70 -28.95
CA ARG F 371 -36.34 -1.03 -30.03
C ARG F 371 -37.05 0.28 -30.34
N PRO F 372 -36.50 1.43 -29.93
CA PRO F 372 -37.22 2.71 -30.10
C PRO F 372 -37.06 3.30 -31.49
N GLY F 373 -36.62 2.49 -32.46
CA GLY F 373 -36.41 2.97 -33.81
C GLY F 373 -37.61 2.83 -34.72
N GLU F 374 -37.41 2.18 -35.86
CA GLU F 374 -38.47 2.05 -36.85
C GLU F 374 -39.59 1.16 -36.31
N PRO F 375 -40.85 1.57 -36.48
CA PRO F 375 -41.95 0.67 -36.13
C PRO F 375 -42.00 -0.52 -37.07
N PRO F 376 -42.59 -1.63 -36.66
CA PRO F 376 -42.58 -2.83 -37.48
C PRO F 376 -43.80 -3.00 -38.39
N THR F 377 -43.75 -4.07 -39.19
CA THR F 377 -44.78 -4.39 -40.17
C THR F 377 -45.19 -5.84 -40.05
N ARG F 378 -45.51 -6.27 -38.81
CA ARG F 378 -46.06 -7.58 -38.52
C ARG F 378 -44.97 -8.66 -38.64
N GLU F 379 -43.81 -8.29 -39.16
CA GLU F 379 -42.71 -9.22 -39.33
C GLU F 379 -41.52 -8.92 -38.43
N ALA F 380 -41.32 -7.66 -38.03
CA ALA F 380 -40.18 -7.32 -37.20
C ALA F 380 -40.46 -7.55 -35.73
N ALA F 381 -41.67 -7.21 -35.27
CA ALA F 381 -42.02 -7.45 -33.87
C ALA F 381 -42.03 -8.94 -33.54
N GLU F 382 -42.61 -9.76 -34.43
CA GLU F 382 -42.68 -11.19 -34.19
C GLU F 382 -41.29 -11.80 -34.15
N SER F 383 -40.43 -11.43 -35.11
CA SER F 383 -39.06 -11.94 -35.11
C SER F 383 -38.28 -11.46 -33.89
N LEU F 384 -38.50 -10.21 -33.48
CA LEU F 384 -37.80 -9.69 -32.31
C LEU F 384 -38.19 -10.46 -31.05
N PHE F 385 -39.49 -10.70 -30.87
CA PHE F 385 -39.94 -11.47 -29.72
C PHE F 385 -39.45 -12.92 -29.79
N GLU F 386 -39.41 -13.50 -30.99
CA GLU F 386 -38.86 -14.83 -31.14
C GLU F 386 -37.39 -14.86 -30.73
N ASN F 387 -36.64 -13.81 -31.06
CA ASN F 387 -35.22 -13.78 -30.75
C ASN F 387 -34.96 -13.59 -29.26
N LEU F 388 -35.81 -12.82 -28.56
CA LEU F 388 -35.59 -12.68 -27.12
C LEU F 388 -35.69 -14.02 -26.40
N PHE F 389 -36.87 -14.63 -26.39
CA PHE F 389 -37.08 -15.85 -25.63
C PHE F 389 -37.65 -16.94 -26.54
N PHE F 390 -37.74 -18.13 -25.98
CA PHE F 390 -38.06 -19.36 -26.72
C PHE F 390 -37.36 -19.36 -28.09
N SER F 391 -36.06 -19.08 -28.04
CA SER F 391 -35.17 -19.12 -29.19
C SER F 391 -34.08 -20.14 -28.93
N GLU F 392 -33.83 -20.98 -29.93
CA GLU F 392 -32.91 -22.10 -29.72
C GLU F 392 -31.46 -21.63 -29.59
N ASP F 393 -31.10 -20.52 -30.22
CA ASP F 393 -29.72 -20.07 -30.24
C ASP F 393 -29.49 -18.76 -29.50
N ARG F 394 -30.39 -17.78 -29.64
CA ARG F 394 -30.17 -16.48 -29.02
C ARG F 394 -30.21 -16.56 -27.50
N TYR F 395 -31.14 -17.33 -26.96
CA TYR F 395 -31.33 -17.48 -25.52
C TYR F 395 -31.05 -18.92 -25.13
N ASP F 396 -30.32 -19.11 -24.02
CA ASP F 396 -30.03 -20.45 -23.54
C ASP F 396 -29.61 -20.40 -22.09
N LEU F 397 -30.38 -21.04 -21.22
CA LEU F 397 -29.95 -21.34 -19.87
C LEU F 397 -29.60 -22.82 -19.79
N SER F 398 -28.44 -23.11 -19.21
CA SER F 398 -27.86 -24.45 -19.33
C SER F 398 -28.63 -25.44 -18.47
N ALA F 399 -28.12 -26.67 -18.42
CA ALA F 399 -28.77 -27.72 -17.65
C ALA F 399 -28.89 -27.34 -16.18
N VAL F 400 -27.87 -26.67 -15.63
CA VAL F 400 -27.98 -26.19 -14.25
C VAL F 400 -29.09 -25.15 -14.13
N GLY F 401 -29.27 -24.32 -15.15
CA GLY F 401 -30.35 -23.36 -15.12
C GLY F 401 -31.71 -24.02 -15.09
N ARG F 402 -31.92 -25.02 -15.94
CA ARG F 402 -33.19 -25.74 -15.95
C ARG F 402 -33.41 -26.46 -14.64
N MET F 403 -32.35 -27.07 -14.08
CA MET F 403 -32.49 -27.76 -12.80
C MET F 403 -32.92 -26.80 -11.71
N LYS F 404 -32.25 -25.65 -11.61
CA LYS F 404 -32.60 -24.67 -10.58
C LYS F 404 -34.01 -24.13 -10.80
N PHE F 405 -34.38 -23.89 -12.06
CA PHE F 405 -35.72 -23.42 -12.35
C PHE F 405 -36.77 -24.40 -11.88
N ASN F 406 -36.60 -25.69 -12.21
CA ASN F 406 -37.58 -26.68 -11.78
C ASN F 406 -37.59 -26.84 -10.27
N ARG F 407 -36.43 -26.83 -9.63
CA ARG F 407 -36.40 -27.02 -8.19
C ARG F 407 -37.06 -25.85 -7.45
N SER F 408 -36.83 -24.63 -7.91
CA SER F 408 -37.42 -23.48 -7.23
C SER F 408 -38.94 -23.50 -7.30
N LEU F 409 -39.51 -24.15 -8.30
CA LEU F 409 -40.96 -24.22 -8.46
C LEU F 409 -41.53 -25.58 -8.11
N LEU F 410 -40.72 -26.45 -7.50
CA LEU F 410 -41.16 -27.76 -7.01
C LEU F 410 -41.83 -28.58 -8.11
N ARG F 411 -41.03 -28.92 -9.12
CA ARG F 411 -41.45 -29.84 -10.17
C ARG F 411 -40.67 -31.14 -10.04
N GLU F 412 -41.37 -32.26 -10.23
CA GLU F 412 -40.76 -33.56 -10.00
C GLU F 412 -39.63 -33.84 -10.98
N GLU F 413 -39.82 -33.48 -12.25
CA GLU F 413 -38.78 -33.69 -13.25
C GLU F 413 -37.65 -32.69 -13.06
N ILE F 414 -36.44 -33.12 -13.43
CA ILE F 414 -35.25 -32.29 -13.34
C ILE F 414 -34.71 -31.92 -14.71
N GLU F 415 -34.53 -32.92 -15.58
CA GLU F 415 -34.11 -32.64 -16.95
C GLU F 415 -35.25 -32.01 -17.73
N GLY F 416 -34.93 -31.01 -18.54
CA GLY F 416 -35.95 -30.33 -19.31
C GLY F 416 -35.31 -29.53 -20.43
N SER F 417 -36.16 -28.95 -21.25
CA SER F 417 -35.68 -28.10 -22.35
C SER F 417 -34.97 -26.88 -21.79
N GLY F 418 -33.80 -26.58 -22.36
CA GLY F 418 -33.01 -25.46 -21.93
C GLY F 418 -33.50 -24.13 -22.46
N ILE F 419 -34.80 -24.04 -22.74
CA ILE F 419 -35.39 -22.83 -23.30
C ILE F 419 -36.78 -22.64 -22.70
N LEU F 420 -37.17 -21.38 -22.55
CA LEU F 420 -38.41 -21.05 -21.86
C LEU F 420 -39.64 -21.45 -22.68
N SER F 421 -40.66 -21.93 -21.98
CA SER F 421 -41.95 -22.28 -22.56
C SER F 421 -42.94 -21.16 -22.25
N LYS F 422 -44.23 -21.42 -22.52
CA LYS F 422 -45.27 -20.47 -22.18
C LYS F 422 -45.78 -20.65 -20.76
N ASP F 423 -45.57 -21.83 -20.16
CA ASP F 423 -46.17 -22.12 -18.86
C ASP F 423 -45.26 -21.68 -17.71
N ASP F 424 -43.94 -21.71 -17.92
CA ASP F 424 -43.01 -21.40 -16.84
C ASP F 424 -43.12 -19.93 -16.41
N ILE F 425 -43.36 -19.03 -17.36
CA ILE F 425 -43.59 -17.64 -17.00
C ILE F 425 -44.83 -17.51 -16.12
N ILE F 426 -45.88 -18.25 -16.48
CA ILE F 426 -47.09 -18.27 -15.66
C ILE F 426 -46.76 -18.76 -14.26
N ASP F 427 -45.98 -19.84 -14.16
CA ASP F 427 -45.67 -20.41 -12.86
C ASP F 427 -44.85 -19.45 -12.00
N VAL F 428 -43.87 -18.79 -12.59
CA VAL F 428 -43.05 -17.86 -11.80
C VAL F 428 -43.87 -16.65 -11.39
N MET F 429 -44.77 -16.17 -12.25
CA MET F 429 -45.64 -15.06 -11.87
C MET F 429 -46.55 -15.46 -10.71
N LYS F 430 -47.12 -16.67 -10.77
CA LYS F 430 -47.96 -17.14 -9.67
C LYS F 430 -47.14 -17.30 -8.39
N LYS F 431 -45.88 -17.74 -8.52
CA LYS F 431 -45.04 -17.86 -7.34
C LYS F 431 -44.76 -16.50 -6.72
N LEU F 432 -44.51 -15.48 -7.55
CA LEU F 432 -44.33 -14.14 -7.01
C LEU F 432 -45.60 -13.65 -6.33
N ILE F 433 -46.76 -13.93 -6.95
CA ILE F 433 -48.02 -13.52 -6.33
C ILE F 433 -48.19 -14.20 -4.97
N ASP F 434 -47.89 -15.50 -4.89
CA ASP F 434 -48.14 -16.23 -3.66
C ASP F 434 -47.15 -15.83 -2.57
N ILE F 435 -45.90 -15.54 -2.92
CA ILE F 435 -44.96 -15.06 -1.92
C ILE F 435 -45.37 -13.67 -1.46
N ARG F 436 -46.01 -12.89 -2.33
CA ARG F 436 -46.60 -11.64 -1.89
C ARG F 436 -47.72 -11.88 -0.87
N ASN F 437 -48.60 -12.84 -1.15
CA ASN F 437 -49.69 -13.11 -0.21
C ASN F 437 -49.17 -13.61 1.13
N GLY F 438 -48.12 -14.42 1.12
CA GLY F 438 -47.54 -14.91 2.36
C GLY F 438 -47.06 -16.33 2.28
N LYS F 439 -47.63 -17.13 1.39
CA LYS F 439 -47.17 -18.49 1.20
C LYS F 439 -45.80 -18.49 0.54
N GLY F 440 -44.86 -19.22 1.12
CA GLY F 440 -43.50 -19.21 0.64
C GLY F 440 -42.67 -18.10 1.26
N GLU F 441 -41.36 -18.17 1.02
CA GLU F 441 -40.43 -17.22 1.61
C GLU F 441 -39.33 -16.88 0.62
N VAL F 442 -38.76 -15.69 0.80
CA VAL F 442 -37.67 -15.23 -0.07
C VAL F 442 -36.39 -15.98 0.29
N ASP F 443 -35.58 -16.28 -0.72
CA ASP F 443 -34.37 -17.06 -0.53
C ASP F 443 -33.13 -16.17 -0.46
N ASP F 444 -32.08 -16.71 0.17
CA ASP F 444 -30.84 -15.98 0.35
C ASP F 444 -29.98 -16.06 -0.91
N ILE F 445 -29.35 -14.94 -1.25
CA ILE F 445 -28.62 -14.84 -2.52
C ILE F 445 -27.14 -15.21 -2.31
N ASP F 446 -26.65 -15.08 -1.09
CA ASP F 446 -25.26 -15.43 -0.76
C ASP F 446 -25.13 -16.91 -0.45
N HIS F 447 -26.25 -17.61 -0.27
CA HIS F 447 -26.26 -19.03 0.04
C HIS F 447 -25.45 -19.82 -0.99
N LEU F 448 -24.60 -20.72 -0.51
CA LEU F 448 -23.74 -21.48 -1.42
C LEU F 448 -24.51 -22.52 -2.23
N GLY F 449 -25.82 -22.65 -2.02
CA GLY F 449 -26.66 -23.36 -2.96
C GLY F 449 -27.10 -22.53 -4.14
N ASN F 450 -26.73 -21.25 -4.15
CA ASN F 450 -27.04 -20.33 -5.24
C ASN F 450 -25.80 -19.75 -5.87
N ARG F 451 -24.62 -20.27 -5.53
CA ARG F 451 -23.36 -19.80 -6.10
C ARG F 451 -22.60 -20.97 -6.68
N ARG F 452 -22.28 -20.88 -7.96
CA ARG F 452 -21.63 -21.94 -8.70
C ARG F 452 -20.19 -21.58 -8.98
N ILE F 453 -19.37 -22.59 -9.24
CA ILE F 453 -17.95 -22.40 -9.54
C ILE F 453 -17.68 -22.81 -10.97
N ARG F 454 -17.14 -21.88 -11.75
CA ARG F 454 -16.65 -22.16 -13.09
C ARG F 454 -15.14 -22.30 -13.05
N SER F 455 -14.65 -23.46 -13.43
CA SER F 455 -13.22 -23.73 -13.46
C SER F 455 -12.69 -23.42 -14.86
N VAL F 456 -11.46 -23.85 -15.14
CA VAL F 456 -10.82 -23.52 -16.40
C VAL F 456 -11.55 -24.12 -17.58
N GLY F 457 -11.99 -25.38 -17.44
CA GLY F 457 -12.57 -26.08 -18.58
C GLY F 457 -13.80 -25.38 -19.11
N GLU F 458 -14.67 -24.94 -18.23
CA GLU F 458 -15.92 -24.31 -18.67
C GLU F 458 -15.67 -22.97 -19.35
N MET F 459 -14.78 -22.15 -18.80
CA MET F 459 -14.48 -20.86 -19.43
C MET F 459 -13.80 -21.05 -20.77
N ALA F 460 -12.87 -22.01 -20.86
CA ALA F 460 -12.23 -22.28 -22.14
C ALA F 460 -13.24 -22.78 -23.16
N GLU F 461 -14.18 -23.63 -22.73
CA GLU F 461 -15.24 -24.08 -23.63
C GLU F 461 -16.08 -22.91 -24.11
N ASN F 462 -16.40 -21.98 -23.20
CA ASN F 462 -17.20 -20.83 -23.60
C ASN F 462 -16.48 -19.96 -24.63
N GLN F 463 -15.20 -19.70 -24.41
CA GLN F 463 -14.45 -18.91 -25.38
C GLN F 463 -14.34 -19.62 -26.72
N PHE F 464 -14.12 -20.94 -26.69
CA PHE F 464 -14.06 -21.70 -27.92
C PHE F 464 -15.40 -21.68 -28.65
N ARG F 465 -16.50 -21.73 -27.90
CA ARG F 465 -17.82 -21.64 -28.52
C ARG F 465 -18.03 -20.27 -29.17
N VAL F 466 -17.57 -19.20 -28.52
CA VAL F 466 -17.68 -17.87 -29.12
C VAL F 466 -16.91 -17.82 -30.44
N GLY F 467 -15.66 -18.28 -30.41
CA GLY F 467 -14.90 -18.34 -31.64
C GLY F 467 -15.57 -19.20 -32.70
N LEU F 468 -16.19 -20.30 -32.28
CA LEU F 468 -16.81 -21.22 -33.22
C LEU F 468 -18.01 -20.61 -33.90
N VAL F 469 -18.87 -19.91 -33.16
CA VAL F 469 -20.00 -19.24 -33.81
C VAL F 469 -19.51 -18.13 -34.71
N ARG F 470 -18.43 -17.44 -34.32
CA ARG F 470 -17.86 -16.42 -35.18
C ARG F 470 -17.36 -17.01 -36.49
N VAL F 471 -16.75 -18.20 -36.44
CA VAL F 471 -16.28 -18.83 -37.68
C VAL F 471 -17.46 -19.34 -38.50
N GLU F 472 -18.52 -19.81 -37.83
CA GLU F 472 -19.67 -20.33 -38.56
C GLU F 472 -20.38 -19.23 -39.34
N ARG F 473 -20.53 -18.05 -38.73
CA ARG F 473 -21.17 -16.94 -39.44
C ARG F 473 -20.41 -16.60 -40.71
N ALA F 474 -19.11 -16.91 -40.75
CA ALA F 474 -18.33 -16.65 -41.95
C ALA F 474 -18.44 -17.77 -42.96
N VAL F 475 -18.35 -19.03 -42.51
CA VAL F 475 -18.35 -20.14 -43.46
C VAL F 475 -19.71 -20.28 -44.13
N LYS F 476 -20.77 -19.82 -43.45
CA LYS F 476 -22.10 -19.92 -44.07
C LYS F 476 -22.18 -19.18 -45.39
N GLU F 477 -21.39 -18.12 -45.57
CA GLU F 477 -21.56 -17.23 -46.70
C GLU F 477 -21.20 -17.90 -48.02
N ARG F 478 -20.03 -18.55 -48.07
CA ARG F 478 -19.47 -18.95 -49.35
C ARG F 478 -20.23 -20.12 -49.99
N LEU F 479 -20.95 -20.93 -49.20
CA LEU F 479 -21.53 -22.16 -49.73
C LEU F 479 -22.47 -21.89 -50.90
N SER F 480 -23.04 -20.69 -50.98
CA SER F 480 -23.88 -20.35 -52.13
C SER F 480 -23.05 -20.07 -53.39
N LEU F 481 -21.74 -19.85 -53.24
CA LEU F 481 -20.88 -19.52 -54.37
C LEU F 481 -19.78 -20.55 -54.57
N GLY F 482 -19.89 -21.72 -53.95
CA GLY F 482 -18.87 -22.75 -54.01
C GLY F 482 -19.26 -23.86 -54.96
N ASP F 483 -18.31 -24.23 -55.82
CA ASP F 483 -18.52 -25.32 -56.76
C ASP F 483 -17.98 -26.62 -56.15
N LEU F 484 -17.93 -27.68 -56.95
CA LEU F 484 -17.51 -28.98 -56.45
C LEU F 484 -16.00 -29.05 -56.17
N ASP F 485 -15.23 -28.09 -56.68
CA ASP F 485 -13.79 -28.12 -56.48
C ASP F 485 -13.36 -27.66 -55.10
N THR F 486 -14.26 -27.06 -54.33
CA THR F 486 -13.89 -26.54 -53.01
C THR F 486 -13.61 -27.68 -52.05
N LEU F 487 -12.53 -27.54 -51.28
CA LEU F 487 -12.12 -28.52 -50.28
C LEU F 487 -12.20 -27.90 -48.89
N MET F 488 -12.01 -28.74 -47.87
CA MET F 488 -12.12 -28.25 -46.49
C MET F 488 -11.10 -27.17 -46.16
N PRO F 489 -9.82 -27.29 -46.52
CA PRO F 489 -8.92 -26.14 -46.37
C PRO F 489 -9.45 -24.89 -47.05
N GLN F 490 -10.06 -25.04 -48.23
CA GLN F 490 -10.66 -23.92 -48.95
C GLN F 490 -12.11 -23.69 -48.57
N ASP F 491 -12.61 -24.38 -47.55
CA ASP F 491 -13.99 -24.24 -47.09
C ASP F 491 -14.12 -23.17 -46.03
N MET F 492 -13.25 -22.16 -46.07
CA MET F 492 -13.17 -21.12 -45.04
C MET F 492 -13.06 -21.75 -43.66
N ILE F 493 -11.96 -22.49 -43.47
CA ILE F 493 -11.66 -23.04 -42.15
C ILE F 493 -11.47 -21.91 -41.15
N ASN F 494 -10.71 -20.88 -41.54
CA ASN F 494 -10.55 -19.64 -40.78
C ASN F 494 -10.06 -19.93 -39.36
N ALA F 495 -8.83 -20.43 -39.28
CA ALA F 495 -8.22 -20.71 -37.99
C ALA F 495 -8.01 -19.45 -37.16
N LYS F 496 -7.92 -18.30 -37.82
CA LYS F 496 -7.53 -17.08 -37.13
C LYS F 496 -8.51 -16.66 -36.05
N PRO F 497 -9.83 -16.61 -36.28
CA PRO F 497 -10.73 -16.23 -35.17
C PRO F 497 -10.64 -17.17 -33.98
N ILE F 498 -10.60 -18.48 -34.22
CA ILE F 498 -10.52 -19.45 -33.13
C ILE F 498 -9.26 -19.24 -32.32
N SER F 499 -8.11 -19.18 -33.00
CA SER F 499 -6.84 -19.02 -32.31
C SER F 499 -6.78 -17.69 -31.57
N ALA F 500 -7.28 -16.62 -32.20
CA ALA F 500 -7.25 -15.32 -31.56
C ALA F 500 -8.09 -15.30 -30.29
N ALA F 501 -9.29 -15.88 -30.35
CA ALA F 501 -10.16 -15.90 -29.17
C ALA F 501 -9.54 -16.70 -28.04
N VAL F 502 -9.02 -17.89 -28.35
CA VAL F 502 -8.49 -18.74 -27.29
C VAL F 502 -7.23 -18.14 -26.69
N LYS F 503 -6.38 -17.53 -27.53
CA LYS F 503 -5.16 -16.92 -27.01
C LYS F 503 -5.47 -15.66 -26.21
N GLU F 504 -6.45 -14.88 -26.66
CA GLU F 504 -6.86 -13.69 -25.91
C GLU F 504 -7.39 -14.07 -24.55
N PHE F 505 -8.18 -15.15 -24.47
CA PHE F 505 -8.64 -15.59 -23.15
C PHE F 505 -7.48 -16.07 -22.29
N PHE F 506 -6.65 -16.97 -22.83
CA PHE F 506 -5.67 -17.63 -21.99
C PHE F 506 -4.60 -16.65 -21.52
N GLY F 507 -4.20 -15.70 -22.36
CA GLY F 507 -3.16 -14.77 -22.00
C GLY F 507 -3.63 -13.53 -21.28
N SER F 508 -4.56 -12.79 -21.89
CA SER F 508 -5.00 -11.50 -21.37
C SER F 508 -6.46 -11.61 -20.94
N SER F 509 -6.68 -12.03 -19.71
CA SER F 509 -8.02 -12.13 -19.18
C SER F 509 -8.04 -11.70 -17.72
N GLN F 510 -9.25 -11.51 -17.22
CA GLN F 510 -9.42 -11.11 -15.82
C GLN F 510 -8.95 -12.20 -14.86
N LEU F 511 -9.22 -13.46 -15.17
CA LEU F 511 -8.97 -14.58 -14.26
C LEU F 511 -7.89 -15.53 -14.78
N SER F 512 -6.86 -15.00 -15.44
CA SER F 512 -5.71 -15.82 -15.82
C SER F 512 -4.47 -14.99 -15.52
N GLN F 513 -3.92 -15.16 -14.33
CA GLN F 513 -2.90 -14.28 -13.79
C GLN F 513 -1.61 -15.03 -13.52
N PHE F 514 -0.53 -14.27 -13.39
CA PHE F 514 0.77 -14.84 -13.05
C PHE F 514 0.69 -15.66 -11.79
N MET F 515 1.20 -16.88 -11.84
CA MET F 515 1.14 -17.71 -10.64
C MET F 515 2.30 -17.39 -9.73
N ASP F 516 1.98 -17.16 -8.45
CA ASP F 516 3.01 -16.84 -7.48
C ASP F 516 3.91 -18.05 -7.27
N GLN F 517 5.20 -17.81 -7.09
CA GLN F 517 6.17 -18.88 -7.04
C GLN F 517 6.94 -18.97 -5.72
N ASN F 518 6.73 -18.05 -4.79
CA ASN F 518 7.37 -18.17 -3.49
C ASN F 518 6.88 -19.43 -2.78
N ASN F 519 7.79 -20.34 -2.49
CA ASN F 519 7.47 -21.63 -1.86
C ASN F 519 6.59 -22.48 -2.76
N PRO F 520 6.41 -23.76 -2.44
CA PRO F 520 5.32 -24.52 -3.05
C PRO F 520 3.96 -24.17 -2.46
N LEU F 521 3.93 -23.63 -1.24
CA LEU F 521 2.65 -23.34 -0.59
C LEU F 521 1.89 -22.25 -1.34
N SER F 522 2.58 -21.19 -1.76
CA SER F 522 1.87 -20.13 -2.47
C SER F 522 1.40 -20.61 -3.82
N GLU F 523 2.19 -21.46 -4.50
CA GLU F 523 1.74 -22.07 -5.74
C GLU F 523 0.46 -22.86 -5.52
N ILE F 524 0.46 -23.76 -4.53
CA ILE F 524 -0.68 -24.64 -4.32
C ILE F 524 -1.89 -23.84 -3.87
N THR F 525 -1.67 -22.72 -3.19
CA THR F 525 -2.80 -21.89 -2.77
C THR F 525 -3.38 -21.14 -3.96
N HIS F 526 -2.53 -20.57 -4.81
CA HIS F 526 -3.03 -19.85 -5.98
C HIS F 526 -3.80 -20.79 -6.91
N LYS F 527 -3.37 -22.05 -6.99
CA LYS F 527 -4.03 -22.96 -7.92
C LYS F 527 -5.47 -23.23 -7.49
N ARG F 528 -5.72 -23.45 -6.20
CA ARG F 528 -7.08 -23.67 -5.70
C ARG F 528 -7.60 -22.40 -5.04
N ARG F 529 -8.00 -21.46 -5.89
CA ARG F 529 -8.49 -20.16 -5.45
C ARG F 529 -9.86 -19.90 -6.04
N ILE F 530 -10.75 -19.32 -5.23
CA ILE F 530 -12.09 -18.95 -5.65
C ILE F 530 -12.15 -17.43 -5.73
N SER F 531 -12.48 -16.90 -6.90
CA SER F 531 -12.56 -15.47 -7.12
C SER F 531 -13.99 -15.08 -7.43
N ALA F 532 -14.53 -14.13 -6.68
CA ALA F 532 -15.87 -13.63 -6.95
C ALA F 532 -15.90 -12.62 -8.08
N LEU F 533 -14.74 -12.10 -8.48
CA LEU F 533 -14.66 -11.16 -9.59
C LEU F 533 -14.65 -11.92 -10.91
N GLY F 534 -14.39 -11.23 -12.01
CA GLY F 534 -14.31 -11.88 -13.29
C GLY F 534 -15.21 -11.24 -14.34
N PRO F 535 -15.21 -11.81 -15.54
CA PRO F 535 -16.12 -11.33 -16.58
C PRO F 535 -17.58 -11.40 -16.18
N GLY F 536 -18.05 -12.61 -15.87
CA GLY F 536 -19.45 -12.80 -15.53
C GLY F 536 -19.72 -12.62 -14.05
N GLY F 537 -18.74 -12.10 -13.32
CA GLY F 537 -18.82 -11.90 -11.89
C GLY F 537 -19.19 -10.48 -11.54
N LEU F 538 -18.67 -10.00 -10.41
CA LEU F 538 -18.98 -8.69 -9.89
C LEU F 538 -17.70 -7.91 -9.64
N THR F 539 -17.80 -6.59 -9.72
CA THR F 539 -16.67 -5.70 -9.54
C THR F 539 -16.45 -5.39 -8.06
N ARG F 540 -15.25 -4.88 -7.76
CA ARG F 540 -14.89 -4.61 -6.37
C ARG F 540 -15.79 -3.54 -5.76
N GLU F 541 -16.02 -2.44 -6.49
CA GLU F 541 -16.78 -1.34 -5.93
C GLU F 541 -18.26 -1.65 -5.86
N ARG F 542 -18.74 -2.62 -6.65
CA ARG F 542 -20.15 -2.95 -6.71
C ARG F 542 -20.53 -4.06 -5.73
N ALA F 543 -19.65 -4.41 -4.80
CA ALA F 543 -19.92 -5.43 -3.79
C ALA F 543 -20.14 -4.76 -2.44
N GLY F 544 -21.22 -5.15 -1.76
CA GLY F 544 -21.56 -4.58 -0.48
C GLY F 544 -21.01 -5.40 0.68
N PHE F 545 -21.51 -5.08 1.88
CA PHE F 545 -21.08 -5.77 3.08
C PHE F 545 -21.46 -7.25 3.03
N GLU F 546 -22.65 -7.56 2.54
CA GLU F 546 -23.20 -8.90 2.68
C GLU F 546 -22.46 -9.92 1.80
N VAL F 547 -22.02 -9.52 0.62
CA VAL F 547 -21.36 -10.47 -0.28
C VAL F 547 -20.03 -10.94 0.30
N ARG F 548 -19.30 -10.06 0.98
CA ARG F 548 -17.99 -10.37 1.52
C ARG F 548 -18.05 -10.72 3.00
N ASP F 549 -19.06 -11.47 3.42
CA ASP F 549 -19.16 -11.95 4.78
C ASP F 549 -19.11 -13.47 4.81
N VAL F 550 -19.07 -14.02 6.02
CA VAL F 550 -18.97 -15.47 6.18
C VAL F 550 -20.37 -16.03 6.43
N HIS F 551 -20.91 -16.72 5.43
CA HIS F 551 -22.24 -17.30 5.48
C HIS F 551 -22.18 -18.68 6.16
N PRO F 552 -23.15 -18.99 7.03
CA PRO F 552 -23.11 -20.28 7.73
C PRO F 552 -22.95 -21.50 6.83
N THR F 553 -23.18 -21.39 5.53
CA THR F 553 -22.94 -22.51 4.63
C THR F 553 -21.50 -22.59 4.16
N HIS F 554 -20.65 -21.68 4.58
CA HIS F 554 -19.24 -21.69 4.24
C HIS F 554 -18.46 -22.73 5.00
N TYR F 555 -19.11 -23.60 5.78
CA TYR F 555 -18.40 -24.40 6.77
C TYR F 555 -17.32 -25.28 6.16
N GLY F 556 -17.72 -26.28 5.40
CA GLY F 556 -16.75 -27.22 4.87
C GLY F 556 -16.42 -27.00 3.41
N ARG F 557 -16.78 -25.84 2.89
CA ARG F 557 -16.60 -25.54 1.46
C ARG F 557 -15.55 -24.48 1.22
N VAL F 558 -15.64 -23.34 1.90
CA VAL F 558 -14.75 -22.21 1.68
C VAL F 558 -14.13 -21.81 3.00
N CYS F 559 -12.83 -21.57 2.97
CA CYS F 559 -12.09 -21.27 4.20
C CYS F 559 -12.58 -19.96 4.80
N PRO F 560 -12.80 -19.90 6.12
CA PRO F 560 -13.21 -18.65 6.74
C PRO F 560 -12.05 -17.75 7.13
N ILE F 561 -10.82 -18.25 7.09
CA ILE F 561 -9.66 -17.52 7.59
C ILE F 561 -8.86 -16.90 6.46
N GLU F 562 -8.56 -17.67 5.42
CA GLU F 562 -7.66 -17.23 4.37
C GLU F 562 -8.40 -16.36 3.36
N THR F 563 -7.98 -15.10 3.24
CA THR F 563 -8.51 -14.14 2.29
C THR F 563 -7.64 -12.89 2.31
N PRO F 564 -7.52 -12.17 1.19
CA PRO F 564 -6.75 -10.92 1.21
C PRO F 564 -7.32 -9.91 2.18
N GLU F 565 -6.52 -8.91 2.51
CA GLU F 565 -6.86 -8.04 3.64
C GLU F 565 -7.64 -6.80 3.22
N GLY F 566 -7.05 -5.94 2.39
CA GLY F 566 -7.61 -4.62 2.23
C GLY F 566 -8.81 -4.49 1.32
N PRO F 567 -8.61 -4.54 0.00
CA PRO F 567 -9.73 -4.29 -0.92
C PRO F 567 -10.59 -5.51 -1.17
N ASN F 568 -9.96 -6.67 -1.27
CA ASN F 568 -10.61 -7.87 -1.78
C ASN F 568 -11.12 -8.79 -0.69
N ILE F 569 -11.15 -8.33 0.56
CA ILE F 569 -11.55 -9.21 1.65
C ILE F 569 -12.94 -9.74 1.39
N GLY F 570 -13.11 -11.05 1.51
CA GLY F 570 -14.38 -11.69 1.26
C GLY F 570 -14.67 -11.97 -0.19
N LEU F 571 -14.04 -11.25 -1.12
CA LEU F 571 -14.25 -11.50 -2.53
C LEU F 571 -13.34 -12.60 -3.08
N ILE F 572 -12.19 -12.85 -2.44
CA ILE F 572 -11.29 -13.92 -2.83
C ILE F 572 -11.17 -14.89 -1.67
N ASN F 573 -11.38 -16.18 -1.94
CA ASN F 573 -11.34 -17.22 -0.93
C ASN F 573 -10.52 -18.40 -1.45
N SER F 574 -10.36 -19.40 -0.60
CA SER F 574 -9.69 -20.64 -0.96
C SER F 574 -10.55 -21.81 -0.52
N LEU F 575 -10.57 -22.87 -1.33
CA LEU F 575 -11.31 -24.06 -0.94
C LEU F 575 -10.71 -24.69 0.30
N SER F 576 -11.57 -25.29 1.11
CA SER F 576 -11.07 -26.09 2.22
C SER F 576 -10.33 -27.31 1.68
N VAL F 577 -9.82 -28.12 2.61
CA VAL F 577 -9.00 -29.25 2.19
C VAL F 577 -9.84 -30.27 1.42
N TYR F 578 -11.08 -30.48 1.84
CA TYR F 578 -11.90 -31.58 1.34
C TYR F 578 -12.96 -31.18 0.32
N ALA F 579 -13.15 -29.89 0.08
CA ALA F 579 -14.24 -29.44 -0.79
C ALA F 579 -13.97 -29.83 -2.24
N GLN F 580 -15.03 -30.25 -2.93
CA GLN F 580 -15.00 -30.49 -4.36
C GLN F 580 -16.25 -29.90 -4.98
N THR F 581 -16.51 -30.27 -6.23
CA THR F 581 -17.62 -29.70 -7.00
C THR F 581 -18.56 -30.80 -7.46
N ASN F 582 -19.85 -30.49 -7.50
CA ASN F 582 -20.86 -31.42 -8.00
C ASN F 582 -20.68 -31.62 -9.49
N GLU F 583 -21.57 -32.42 -10.08
CA GLU F 583 -21.63 -32.50 -11.53
C GLU F 583 -22.07 -31.17 -12.13
N TYR F 584 -22.91 -30.43 -11.42
CA TYR F 584 -23.31 -29.10 -11.86
C TYR F 584 -22.26 -28.04 -11.56
N GLY F 585 -21.60 -28.13 -10.42
CA GLY F 585 -20.57 -27.15 -10.10
C GLY F 585 -20.67 -26.55 -8.72
N PHE F 586 -21.70 -26.92 -7.95
CA PHE F 586 -21.83 -26.44 -6.59
C PHE F 586 -20.85 -27.18 -5.68
N LEU F 587 -20.41 -26.49 -4.64
CA LEU F 587 -19.43 -27.04 -3.71
C LEU F 587 -20.07 -28.08 -2.79
N GLU F 588 -19.41 -29.22 -2.64
CA GLU F 588 -19.87 -30.26 -1.74
C GLU F 588 -18.74 -30.64 -0.80
N THR F 589 -19.12 -31.28 0.30
CA THR F 589 -18.21 -31.58 1.40
C THR F 589 -18.52 -32.97 1.95
N PRO F 590 -17.49 -33.75 2.28
CA PRO F 590 -17.73 -35.11 2.78
C PRO F 590 -18.30 -35.14 4.18
N TYR F 591 -19.06 -36.20 4.46
CA TYR F 591 -19.61 -36.47 5.77
C TYR F 591 -19.76 -37.98 5.93
N ARG F 592 -19.87 -38.42 7.18
CA ARG F 592 -20.02 -39.83 7.49
C ARG F 592 -21.44 -40.12 7.90
N LYS F 593 -22.03 -41.16 7.30
CA LYS F 593 -23.39 -41.54 7.61
C LYS F 593 -23.48 -42.06 9.04
N VAL F 594 -24.67 -41.93 9.64
CA VAL F 594 -24.96 -42.50 10.95
C VAL F 594 -26.17 -43.40 10.82
N THR F 595 -26.01 -44.67 11.21
CA THR F 595 -27.09 -45.64 11.18
C THR F 595 -27.40 -46.06 12.61
N ASP F 596 -28.69 -46.01 12.97
CA ASP F 596 -29.15 -46.26 14.35
C ASP F 596 -28.39 -45.31 15.25
N GLY F 597 -27.56 -45.78 16.18
CA GLY F 597 -26.70 -44.92 16.95
C GLY F 597 -25.23 -44.99 16.60
N VAL F 598 -24.83 -45.84 15.66
CA VAL F 598 -23.44 -46.07 15.34
C VAL F 598 -23.02 -45.11 14.23
N VAL F 599 -21.71 -44.88 14.12
CA VAL F 599 -21.13 -44.06 13.08
C VAL F 599 -20.43 -44.99 12.11
N THR F 600 -21.01 -45.18 10.93
CA THR F 600 -20.43 -46.08 9.95
C THR F 600 -19.27 -45.37 9.25
N ASP F 601 -18.74 -45.98 8.20
CA ASP F 601 -17.56 -45.46 7.51
C ASP F 601 -17.87 -44.96 6.11
N GLU F 602 -19.03 -45.29 5.55
CA GLU F 602 -19.39 -44.83 4.23
C GLU F 602 -19.52 -43.31 4.20
N ILE F 603 -19.03 -42.69 3.13
CA ILE F 603 -18.87 -41.25 3.04
C ILE F 603 -19.82 -40.72 1.98
N HIS F 604 -20.64 -39.75 2.36
CA HIS F 604 -21.54 -39.07 1.44
C HIS F 604 -21.09 -37.61 1.30
N TYR F 605 -21.04 -37.13 0.08
CA TYR F 605 -20.72 -35.73 -0.18
C TYR F 605 -22.02 -34.93 -0.24
N LEU F 606 -22.15 -33.96 0.66
CA LEU F 606 -23.35 -33.16 0.75
C LEU F 606 -23.09 -31.76 0.21
N SER F 607 -24.06 -31.24 -0.54
CA SER F 607 -23.98 -29.89 -1.07
C SER F 607 -24.46 -28.90 -0.03
N ALA F 608 -24.66 -27.65 -0.43
CA ALA F 608 -25.16 -26.65 0.51
C ALA F 608 -26.66 -26.83 0.78
N ILE F 609 -27.43 -27.15 -0.25
CA ILE F 609 -28.87 -27.31 -0.09
C ILE F 609 -29.20 -28.56 0.71
N GLU F 610 -28.56 -29.68 0.39
CA GLU F 610 -28.95 -30.94 1.00
C GLU F 610 -28.62 -30.97 2.48
N GLU F 611 -27.50 -30.37 2.88
CA GLU F 611 -27.09 -30.40 4.29
C GLU F 611 -28.02 -29.63 5.19
N GLY F 612 -28.92 -28.80 4.64
CA GLY F 612 -29.77 -27.98 5.47
C GLY F 612 -30.82 -28.72 6.27
N ASN F 613 -31.22 -29.91 5.83
CA ASN F 613 -32.29 -30.63 6.52
C ASN F 613 -31.76 -31.74 7.42
N TYR F 614 -30.60 -32.30 7.14
CA TYR F 614 -30.01 -33.31 8.02
C TYR F 614 -29.43 -32.64 9.26
N VAL F 615 -29.26 -33.43 10.31
CA VAL F 615 -28.66 -32.99 11.56
C VAL F 615 -27.25 -33.55 11.59
N ILE F 616 -26.25 -32.66 11.61
CA ILE F 616 -24.87 -33.00 11.35
C ILE F 616 -24.08 -32.85 12.64
N ALA F 617 -23.31 -33.88 13.00
CA ALA F 617 -22.57 -33.90 14.25
C ALA F 617 -21.32 -33.02 14.14
N GLN F 618 -20.45 -33.11 15.14
CA GLN F 618 -19.19 -32.37 15.16
C GLN F 618 -18.02 -33.34 15.13
N ALA F 619 -16.89 -32.85 14.63
CA ALA F 619 -15.73 -33.70 14.41
C ALA F 619 -15.21 -34.28 15.72
N ASN F 620 -15.14 -33.46 16.76
CA ASN F 620 -14.60 -33.90 18.05
C ASN F 620 -15.68 -34.43 18.99
N SER F 621 -16.40 -35.45 18.53
CA SER F 621 -17.38 -36.14 19.35
C SER F 621 -16.83 -37.49 19.76
N ASN F 622 -16.85 -37.76 21.07
CA ASN F 622 -16.24 -38.98 21.58
C ASN F 622 -16.98 -40.20 21.06
N LEU F 623 -16.22 -41.27 20.84
CA LEU F 623 -16.80 -42.52 20.34
C LEU F 623 -16.20 -43.69 21.12
N ASP F 624 -16.98 -44.77 21.18
CA ASP F 624 -16.52 -46.01 21.76
C ASP F 624 -15.88 -46.88 20.67
N GLU F 625 -15.45 -48.09 21.03
CA GLU F 625 -14.89 -49.01 20.05
C GLU F 625 -15.92 -49.44 19.01
N GLU F 626 -17.15 -49.72 19.42
CA GLU F 626 -18.18 -50.15 18.49
C GLU F 626 -18.64 -49.06 17.54
N GLY F 627 -18.25 -47.81 17.79
CA GLY F 627 -18.66 -46.69 16.96
C GLY F 627 -19.77 -45.84 17.53
N HIS F 628 -20.38 -46.26 18.63
CA HIS F 628 -21.46 -45.48 19.23
C HIS F 628 -20.92 -44.20 19.86
N PHE F 629 -21.83 -43.26 20.12
CA PHE F 629 -21.46 -42.02 20.78
C PHE F 629 -21.25 -42.27 22.26
N VAL F 630 -20.17 -41.71 22.81
CA VAL F 630 -19.88 -41.91 24.23
C VAL F 630 -20.93 -41.22 25.09
N GLU F 631 -21.30 -40.00 24.73
CA GLU F 631 -22.24 -39.22 25.53
C GLU F 631 -23.56 -39.09 24.78
N ASP F 632 -24.65 -38.99 25.54
CA ASP F 632 -25.98 -39.05 24.94
C ASP F 632 -26.30 -37.79 24.15
N LEU F 633 -26.03 -36.61 24.71
CA LEU F 633 -26.40 -35.35 24.10
C LEU F 633 -25.17 -34.68 23.49
N VAL F 634 -25.13 -34.61 22.16
CA VAL F 634 -23.95 -34.15 21.45
C VAL F 634 -24.28 -32.88 20.67
N THR F 635 -23.23 -32.13 20.33
CA THR F 635 -23.39 -30.90 19.58
C THR F 635 -23.70 -31.21 18.11
N CYS F 636 -24.44 -30.32 17.46
CA CYS F 636 -24.87 -30.57 16.10
C CYS F 636 -25.23 -29.27 15.42
N ARG F 637 -25.34 -29.34 14.09
CA ARG F 637 -25.84 -28.24 13.27
C ARG F 637 -27.06 -28.74 12.50
N SER F 638 -28.22 -28.12 12.73
CA SER F 638 -29.46 -28.62 12.16
C SER F 638 -29.87 -27.85 10.91
N LYS F 639 -30.12 -26.54 11.04
CA LYS F 639 -30.45 -25.69 9.89
C LYS F 639 -29.71 -24.37 10.09
N GLY F 640 -28.45 -24.32 9.66
CA GLY F 640 -27.67 -23.11 9.79
C GLY F 640 -27.45 -22.65 11.22
N GLU F 641 -27.64 -23.54 12.19
CA GLU F 641 -27.48 -23.20 13.60
C GLU F 641 -26.70 -24.33 14.27
N SER F 642 -26.67 -24.32 15.59
CA SER F 642 -25.99 -25.36 16.35
C SER F 642 -26.66 -25.50 17.71
N SER F 643 -26.79 -26.74 18.17
CA SER F 643 -27.46 -26.99 19.45
C SER F 643 -27.13 -28.39 19.91
N LEU F 644 -27.72 -28.77 21.04
CA LEU F 644 -27.50 -30.07 21.66
C LEU F 644 -28.64 -31.01 21.28
N PHE F 645 -28.30 -32.16 20.72
CA PHE F 645 -29.28 -33.11 20.23
C PHE F 645 -29.00 -34.50 20.79
N SER F 646 -30.01 -35.35 20.76
CA SER F 646 -29.90 -36.69 21.30
C SER F 646 -29.00 -37.55 20.42
N ARG F 647 -28.64 -38.72 20.95
CA ARG F 647 -27.71 -39.61 20.26
C ARG F 647 -28.35 -40.36 19.10
N ASP F 648 -29.68 -40.49 19.08
CA ASP F 648 -30.36 -41.20 18.01
C ASP F 648 -30.98 -40.26 16.98
N GLN F 649 -30.82 -38.95 17.15
CA GLN F 649 -31.44 -37.99 16.25
C GLN F 649 -30.50 -37.55 15.13
N VAL F 650 -29.19 -37.67 15.32
CA VAL F 650 -28.23 -37.21 14.33
C VAL F 650 -28.36 -38.05 13.05
N ASP F 651 -27.93 -37.46 11.93
CA ASP F 651 -27.95 -38.15 10.65
C ASP F 651 -26.61 -38.14 9.93
N TYR F 652 -25.69 -37.24 10.25
CA TYR F 652 -24.38 -37.20 9.61
C TYR F 652 -23.36 -36.69 10.62
N MET F 653 -22.10 -36.99 10.34
CA MET F 653 -20.99 -36.57 11.21
C MET F 653 -19.85 -36.01 10.38
N ASP F 654 -19.15 -35.03 10.95
CA ASP F 654 -17.98 -34.46 10.29
C ASP F 654 -16.90 -35.52 10.11
N VAL F 655 -16.20 -35.46 8.99
CA VAL F 655 -15.25 -36.53 8.67
C VAL F 655 -13.93 -36.32 9.40
N SER F 656 -13.53 -35.07 9.59
CA SER F 656 -12.26 -34.77 10.23
C SER F 656 -12.30 -33.36 10.78
N THR F 657 -11.22 -32.97 11.44
CA THR F 657 -11.17 -31.67 12.10
C THR F 657 -10.54 -30.58 11.24
N GLN F 658 -10.08 -30.91 10.03
CA GLN F 658 -9.55 -29.93 9.10
C GLN F 658 -10.57 -29.51 8.05
N GLN F 659 -11.83 -29.90 8.23
CA GLN F 659 -12.85 -29.63 7.21
C GLN F 659 -13.07 -28.14 7.00
N VAL F 660 -12.91 -27.33 8.04
CA VAL F 660 -13.24 -25.92 7.98
C VAL F 660 -12.12 -25.09 7.35
N VAL F 661 -10.87 -25.44 7.59
CA VAL F 661 -9.74 -24.59 7.27
C VAL F 661 -9.12 -25.05 5.95
N SER F 662 -8.55 -24.09 5.21
CA SER F 662 -8.00 -24.36 3.89
C SER F 662 -6.64 -25.03 4.02
N VAL F 663 -5.96 -25.22 2.88
CA VAL F 663 -4.63 -25.80 2.90
C VAL F 663 -3.63 -24.83 3.49
N GLY F 664 -3.78 -23.54 3.20
CA GLY F 664 -2.87 -22.55 3.76
C GLY F 664 -3.00 -22.40 5.26
N ALA F 665 -4.24 -22.38 5.75
CA ALA F 665 -4.48 -22.16 7.18
C ALA F 665 -4.39 -23.45 7.99
N SER F 666 -4.37 -24.61 7.35
CA SER F 666 -4.19 -25.86 8.08
C SER F 666 -2.73 -26.16 8.35
N LEU F 667 -1.83 -25.20 8.14
CA LEU F 667 -0.41 -25.38 8.38
C LEU F 667 0.04 -24.66 9.64
N ILE F 668 -0.85 -23.89 10.27
CA ILE F 668 -0.52 -23.12 11.46
C ILE F 668 -0.75 -24.02 12.67
N PRO F 669 0.29 -24.44 13.39
CA PRO F 669 0.07 -25.22 14.60
C PRO F 669 -0.59 -24.36 15.65
N PHE F 670 -1.43 -25.01 16.46
CA PHE F 670 -2.17 -24.31 17.51
C PHE F 670 -3.00 -23.17 16.94
N LEU F 671 -3.65 -23.44 15.81
CA LEU F 671 -4.54 -22.44 15.21
C LEU F 671 -5.67 -22.07 16.15
N GLU F 672 -6.17 -23.04 16.93
CA GLU F 672 -7.29 -22.80 17.82
C GLU F 672 -6.97 -21.84 18.95
N HIS F 673 -5.69 -21.51 19.17
CA HIS F 673 -5.30 -20.56 20.19
C HIS F 673 -5.01 -19.18 19.62
N ASP F 674 -5.31 -18.94 18.35
CA ASP F 674 -5.01 -17.68 17.68
C ASP F 674 -6.30 -16.91 17.43
N ASP F 675 -6.20 -15.59 17.49
CA ASP F 675 -7.31 -14.76 17.07
C ASP F 675 -7.56 -14.96 15.59
N ALA F 676 -8.82 -14.82 15.19
CA ALA F 676 -9.17 -15.10 13.79
C ALA F 676 -8.46 -14.16 12.83
N ASN F 677 -8.35 -12.87 13.19
CA ASN F 677 -7.68 -11.94 12.29
C ASN F 677 -6.18 -12.16 12.28
N ARG F 678 -5.57 -12.44 13.43
CA ARG F 678 -4.14 -12.75 13.44
C ARG F 678 -3.84 -14.04 12.71
N ALA F 679 -4.72 -15.03 12.83
CA ALA F 679 -4.57 -16.25 12.05
C ALA F 679 -4.70 -15.95 10.56
N LEU F 680 -5.60 -15.05 10.20
CA LEU F 680 -5.73 -14.64 8.80
C LEU F 680 -4.44 -14.04 8.28
N MET F 681 -3.85 -13.13 9.05
CA MET F 681 -2.60 -12.51 8.61
C MET F 681 -1.48 -13.52 8.53
N GLY F 682 -1.43 -14.47 9.47
CA GLY F 682 -0.42 -15.51 9.40
C GLY F 682 -0.57 -16.38 8.17
N ALA F 683 -1.80 -16.75 7.84
CA ALA F 683 -2.04 -17.57 6.66
C ALA F 683 -1.67 -16.82 5.39
N ASN F 684 -2.02 -15.53 5.31
CA ASN F 684 -1.66 -14.76 4.12
C ASN F 684 -0.18 -14.42 4.08
N MET F 685 0.51 -14.54 5.21
CA MET F 685 1.93 -14.20 5.26
C MET F 685 2.82 -15.40 5.01
N GLN F 686 2.31 -16.61 5.26
CA GLN F 686 3.08 -17.82 4.93
C GLN F 686 3.41 -17.91 3.45
N ARG F 687 2.58 -17.35 2.58
CA ARG F 687 2.73 -17.49 1.15
C ARG F 687 3.76 -16.53 0.56
N GLN F 688 4.29 -15.61 1.36
CA GLN F 688 5.30 -14.67 0.89
C GLN F 688 6.70 -15.04 1.34
N ALA F 689 6.85 -16.15 2.06
CA ALA F 689 8.16 -16.57 2.52
C ALA F 689 9.05 -16.91 1.33
N VAL F 690 10.33 -16.56 1.44
CA VAL F 690 11.29 -16.79 0.36
C VAL F 690 12.05 -18.08 0.66
N PRO F 691 12.18 -19.00 -0.30
CA PRO F 691 13.00 -20.18 -0.07
C PRO F 691 14.45 -19.81 0.23
N THR F 692 15.02 -20.49 1.21
CA THR F 692 16.30 -20.16 1.79
C THR F 692 17.38 -21.06 1.16
N LEU F 693 18.66 -20.76 1.45
CA LEU F 693 19.74 -21.59 0.94
C LEU F 693 19.53 -23.06 1.27
N ARG F 694 19.26 -23.38 2.53
CA ARG F 694 19.06 -24.74 2.97
C ARG F 694 17.72 -24.85 3.68
N ALA F 695 16.90 -25.81 3.24
CA ALA F 695 15.61 -26.04 3.87
C ALA F 695 15.79 -26.62 5.27
N ASP F 696 14.94 -26.17 6.19
CA ASP F 696 14.99 -26.61 7.58
C ASP F 696 13.57 -26.98 7.99
N LYS F 697 13.37 -28.24 8.36
CA LYS F 697 12.04 -28.74 8.67
C LYS F 697 11.46 -28.02 9.89
N PRO F 698 10.14 -27.91 9.96
CA PRO F 698 9.52 -27.32 11.16
C PRO F 698 9.58 -28.29 12.32
N LEU F 699 10.09 -27.82 13.46
CA LEU F 699 10.05 -28.63 14.66
C LEU F 699 8.63 -28.81 15.16
N VAL F 700 7.78 -27.80 14.97
CA VAL F 700 6.37 -27.88 15.32
C VAL F 700 5.59 -27.73 14.02
N GLY F 701 5.08 -28.84 13.51
CA GLY F 701 4.31 -28.85 12.29
C GLY F 701 2.87 -29.25 12.51
N THR F 702 2.22 -29.67 11.44
CA THR F 702 0.82 -30.08 11.52
C THR F 702 0.65 -31.49 10.99
N GLY F 703 1.42 -31.84 9.95
CA GLY F 703 1.28 -33.10 9.27
C GLY F 703 0.72 -32.97 7.88
N MET F 704 0.23 -31.80 7.51
CA MET F 704 -0.20 -31.51 6.15
C MET F 704 0.96 -31.07 5.26
N GLU F 705 2.17 -31.04 5.80
CA GLU F 705 3.31 -30.57 5.04
C GLU F 705 3.75 -31.58 3.99
N ARG F 706 3.63 -32.87 4.32
CA ARG F 706 3.90 -33.90 3.31
C ARG F 706 2.98 -33.76 2.12
N ALA F 707 1.70 -33.52 2.38
CA ALA F 707 0.73 -33.39 1.30
C ALA F 707 1.05 -32.20 0.43
N VAL F 708 1.36 -31.05 1.04
CA VAL F 708 1.66 -29.85 0.25
C VAL F 708 2.91 -30.06 -0.59
N ALA F 709 3.97 -30.61 0.02
CA ALA F 709 5.21 -30.82 -0.71
C ALA F 709 5.04 -31.80 -1.85
N VAL F 710 4.32 -32.90 -1.63
CA VAL F 710 4.19 -33.92 -2.65
C VAL F 710 3.26 -33.48 -3.77
N ASP F 711 2.07 -32.98 -3.42
CA ASP F 711 1.09 -32.61 -4.43
C ASP F 711 1.32 -31.24 -5.04
N SER F 712 2.30 -30.47 -4.55
CA SER F 712 2.59 -29.21 -5.20
C SER F 712 3.35 -29.41 -6.51
N GLY F 713 4.03 -30.55 -6.66
CA GLY F 713 4.71 -30.88 -7.89
C GLY F 713 6.14 -30.37 -8.00
N VAL F 714 6.63 -29.63 -7.02
CA VAL F 714 8.00 -29.15 -7.08
C VAL F 714 8.98 -30.30 -6.91
N THR F 715 8.67 -31.26 -6.06
CA THR F 715 9.56 -32.37 -5.79
C THR F 715 9.57 -33.34 -6.96
N ALA F 716 10.50 -34.29 -6.90
CA ALA F 716 10.58 -35.38 -7.87
C ALA F 716 10.05 -36.64 -7.18
N VAL F 717 8.98 -37.21 -7.72
CA VAL F 717 8.30 -38.33 -7.11
C VAL F 717 8.37 -39.52 -8.05
N ALA F 718 8.69 -40.69 -7.51
CA ALA F 718 8.78 -41.89 -8.31
C ALA F 718 7.39 -42.33 -8.78
N LYS F 719 7.34 -42.91 -9.98
CA LYS F 719 6.11 -43.47 -10.50
C LYS F 719 6.15 -44.97 -10.73
N ARG F 720 7.33 -45.57 -10.92
CA ARG F 720 7.51 -47.01 -10.94
C ARG F 720 8.74 -47.37 -10.11
N GLY F 721 8.78 -46.87 -8.89
CA GLY F 721 9.96 -47.00 -8.05
C GLY F 721 10.47 -48.41 -7.83
N GLY F 722 11.72 -48.64 -8.22
CA GLY F 722 12.40 -49.89 -7.93
C GLY F 722 13.61 -49.69 -7.05
N VAL F 723 14.80 -49.82 -7.63
CA VAL F 723 16.05 -49.62 -6.93
C VAL F 723 16.85 -48.55 -7.66
N VAL F 724 17.33 -47.58 -6.90
CA VAL F 724 18.10 -46.48 -7.45
C VAL F 724 19.43 -47.01 -7.97
N GLN F 725 19.79 -46.62 -9.18
CA GLN F 725 21.01 -47.11 -9.83
C GLN F 725 22.11 -46.05 -9.90
N TYR F 726 21.75 -44.80 -10.17
CA TYR F 726 22.73 -43.74 -10.30
C TYR F 726 22.17 -42.43 -9.75
N VAL F 727 22.97 -41.73 -8.95
CA VAL F 727 22.55 -40.48 -8.34
C VAL F 727 23.59 -39.41 -8.65
N ASP F 728 23.12 -38.25 -9.08
CA ASP F 728 23.98 -37.13 -9.38
C ASP F 728 23.23 -35.86 -8.99
N ALA F 729 23.98 -34.77 -8.80
CA ALA F 729 23.36 -33.51 -8.41
C ALA F 729 22.47 -32.95 -9.52
N SER F 730 22.30 -33.70 -10.61
CA SER F 730 21.48 -33.24 -11.72
C SER F 730 20.49 -34.31 -12.17
N ARG F 731 20.85 -35.58 -12.04
CA ARG F 731 20.06 -36.68 -12.57
C ARG F 731 19.87 -37.77 -11.52
N ILE F 732 18.79 -38.53 -11.64
CA ILE F 732 18.58 -39.74 -10.86
C ILE F 732 18.08 -40.84 -11.80
N VAL F 733 18.79 -41.96 -11.83
CA VAL F 733 18.46 -43.09 -12.70
C VAL F 733 18.10 -44.27 -11.83
N ILE F 734 16.89 -44.80 -12.04
CA ILE F 734 16.34 -45.90 -11.24
C ILE F 734 16.06 -47.08 -12.15
N LYS F 735 16.52 -48.26 -11.73
CA LYS F 735 16.21 -49.51 -12.41
C LYS F 735 14.92 -50.07 -11.81
N VAL F 736 13.90 -50.21 -12.65
CA VAL F 736 12.59 -50.65 -12.17
C VAL F 736 12.65 -52.14 -11.85
N ASN F 737 12.10 -52.52 -10.70
CA ASN F 737 12.10 -53.91 -10.28
C ASN F 737 11.25 -54.76 -11.22
N GLU F 738 11.60 -56.05 -11.30
CA GLU F 738 10.98 -56.94 -12.28
C GLU F 738 9.50 -57.20 -11.99
N ASP F 739 9.03 -56.92 -10.77
CA ASP F 739 7.64 -57.25 -10.43
C ASP F 739 6.66 -56.48 -11.29
N GLU F 740 6.98 -55.22 -11.60
CA GLU F 740 6.21 -54.44 -12.56
C GLU F 740 7.13 -54.08 -13.73
N MET F 741 6.73 -54.49 -14.94
CA MET F 741 7.55 -54.28 -16.12
C MET F 741 6.67 -54.37 -17.35
N TYR F 742 6.84 -53.42 -18.26
CA TYR F 742 6.20 -53.51 -19.57
C TYR F 742 7.01 -54.45 -20.44
N PRO F 743 6.41 -55.49 -21.02
CA PRO F 743 7.19 -56.47 -21.80
C PRO F 743 7.89 -55.81 -22.98
N GLY F 744 9.11 -56.23 -23.22
CA GLY F 744 9.89 -55.70 -24.33
C GLY F 744 10.66 -54.46 -23.95
N GLU F 745 11.89 -54.38 -24.46
CA GLU F 745 12.76 -53.22 -24.34
C GLU F 745 13.13 -52.89 -22.89
N ALA F 746 12.86 -53.82 -21.97
CA ALA F 746 13.22 -53.69 -20.54
C ALA F 746 12.63 -52.37 -20.03
N GLY F 747 13.43 -51.51 -19.41
CA GLY F 747 12.93 -50.22 -18.95
C GLY F 747 13.57 -49.71 -17.67
N ILE F 748 13.96 -48.43 -17.71
CA ILE F 748 14.49 -47.72 -16.55
C ILE F 748 13.83 -46.34 -16.53
N ASP F 749 13.93 -45.67 -15.38
CA ASP F 749 13.30 -44.37 -15.20
C ASP F 749 14.39 -43.33 -14.89
N ILE F 750 14.39 -42.24 -15.65
CA ILE F 750 15.39 -41.20 -15.50
C ILE F 750 14.67 -39.90 -15.14
N TYR F 751 15.05 -39.31 -14.02
CA TYR F 751 14.51 -38.03 -13.58
C TYR F 751 15.61 -36.98 -13.71
N ASN F 752 15.33 -35.94 -14.49
CA ASN F 752 16.27 -34.85 -14.73
C ASN F 752 15.85 -33.69 -13.84
N LEU F 753 16.60 -33.47 -12.76
CA LEU F 753 16.26 -32.39 -11.84
C LEU F 753 16.50 -31.04 -12.50
N THR F 754 15.63 -30.09 -12.19
CA THR F 754 15.77 -28.73 -12.71
C THR F 754 16.67 -27.95 -11.76
N LYS F 755 17.86 -27.59 -12.23
CA LYS F 755 18.82 -26.88 -11.41
C LYS F 755 18.42 -25.41 -11.34
N TYR F 756 19.35 -24.55 -10.88
CA TYR F 756 19.04 -23.16 -10.59
C TYR F 756 18.30 -22.50 -11.74
N THR F 757 17.05 -22.15 -11.50
CA THR F 757 16.15 -21.62 -12.50
C THR F 757 15.28 -20.55 -11.84
N ARG F 758 15.18 -19.40 -12.49
CA ARG F 758 14.42 -18.30 -11.91
C ARG F 758 12.94 -18.64 -11.86
N SER F 759 12.25 -18.10 -10.88
CA SER F 759 10.82 -18.24 -10.74
C SER F 759 10.14 -16.95 -11.22
N ASN F 760 8.81 -16.90 -11.11
CA ASN F 760 8.10 -15.71 -11.52
C ASN F 760 8.45 -14.52 -10.63
N GLN F 761 8.69 -14.77 -9.35
CA GLN F 761 9.02 -13.72 -8.40
C GLN F 761 10.53 -13.52 -8.26
N ASN F 762 11.31 -14.01 -9.22
CA ASN F 762 12.76 -13.89 -9.26
C ASN F 762 13.44 -14.54 -8.06
N THR F 763 12.82 -15.58 -7.50
CA THR F 763 13.52 -16.44 -6.55
C THR F 763 14.21 -17.56 -7.34
N CYS F 764 14.81 -18.52 -6.65
CA CYS F 764 15.49 -19.62 -7.31
C CYS F 764 14.72 -20.91 -7.10
N ILE F 765 14.58 -21.68 -8.18
CA ILE F 765 13.95 -22.98 -8.14
C ILE F 765 15.05 -24.02 -8.30
N ASN F 766 15.27 -24.80 -7.25
CA ASN F 766 16.39 -25.73 -7.21
C ASN F 766 15.93 -27.07 -6.66
N GLN F 767 16.45 -28.14 -7.24
CA GLN F 767 16.16 -29.49 -6.78
C GLN F 767 17.46 -30.21 -6.47
N MET F 768 17.53 -30.84 -5.31
CA MET F 768 18.69 -31.63 -4.92
C MET F 768 18.24 -33.02 -4.51
N PRO F 769 19.00 -34.05 -4.87
CA PRO F 769 18.55 -35.42 -4.63
C PRO F 769 18.47 -35.74 -3.15
N CYS F 770 17.60 -36.70 -2.83
CA CYS F 770 17.46 -37.19 -1.46
C CYS F 770 18.01 -38.61 -1.28
N VAL F 771 18.17 -39.37 -2.35
CA VAL F 771 18.62 -40.75 -2.30
C VAL F 771 20.10 -40.79 -2.62
N SER F 772 20.81 -41.78 -2.07
CA SER F 772 22.25 -41.83 -2.20
C SER F 772 22.73 -42.80 -3.27
N LEU F 773 22.48 -44.09 -3.10
CA LEU F 773 22.89 -45.11 -4.07
C LEU F 773 22.36 -46.48 -3.66
N GLY F 774 21.91 -47.27 -4.63
CA GLY F 774 21.40 -48.60 -4.33
C GLY F 774 20.27 -48.62 -3.33
N GLU F 775 19.71 -47.47 -3.00
CA GLU F 775 18.68 -47.38 -1.96
C GLU F 775 17.34 -47.78 -2.55
N PRO F 776 16.66 -48.78 -2.00
CA PRO F 776 15.34 -49.14 -2.53
C PRO F 776 14.35 -47.99 -2.41
N VAL F 777 13.51 -47.85 -3.42
CA VAL F 777 12.50 -46.80 -3.46
C VAL F 777 11.18 -47.40 -3.91
N GLU F 778 10.10 -46.98 -3.26
CA GLU F 778 8.76 -47.46 -3.59
C GLU F 778 8.02 -46.39 -4.39
N ARG F 779 6.87 -46.77 -4.94
CA ARG F 779 6.09 -45.85 -5.74
C ARG F 779 5.51 -44.74 -4.88
N GLY F 780 5.69 -43.51 -5.32
CA GLY F 780 5.20 -42.36 -4.58
C GLY F 780 6.20 -41.72 -3.64
N ASP F 781 7.39 -42.28 -3.50
CA ASP F 781 8.40 -41.66 -2.65
C ASP F 781 9.02 -40.46 -3.37
N VAL F 782 9.58 -39.55 -2.58
CA VAL F 782 10.22 -38.36 -3.11
C VAL F 782 11.70 -38.65 -3.34
N LEU F 783 12.17 -38.31 -4.55
CA LEU F 783 13.57 -38.48 -4.91
C LEU F 783 14.39 -37.21 -4.67
N ALA F 784 13.85 -36.05 -5.02
CA ALA F 784 14.50 -34.78 -4.80
C ALA F 784 13.48 -33.78 -4.31
N ASP F 785 13.90 -32.88 -3.42
CA ASP F 785 13.02 -31.88 -2.86
C ASP F 785 13.31 -30.52 -3.49
N GLY F 786 12.27 -29.85 -3.96
CA GLY F 786 12.42 -28.59 -4.64
C GLY F 786 12.80 -27.47 -3.72
N PRO F 787 12.34 -26.26 -4.02
CA PRO F 787 12.65 -25.11 -3.16
C PRO F 787 11.88 -25.20 -1.84
N SER F 788 12.59 -24.93 -0.75
CA SER F 788 12.01 -24.88 0.60
C SER F 788 11.25 -26.17 0.91
N THR F 789 11.93 -27.30 0.73
CA THR F 789 11.36 -28.60 1.05
C THR F 789 12.48 -29.46 1.60
N ASP F 790 12.18 -30.21 2.66
CA ASP F 790 13.15 -31.07 3.33
C ASP F 790 12.59 -32.49 3.39
N LEU F 791 13.20 -33.39 2.62
CA LEU F 791 12.81 -34.81 2.61
C LEU F 791 11.33 -34.97 2.29
N GLY F 792 10.87 -34.25 1.29
CA GLY F 792 9.49 -34.34 0.88
C GLY F 792 8.52 -33.73 1.85
N GLU F 793 8.97 -32.80 2.68
CA GLU F 793 8.13 -32.14 3.68
C GLU F 793 8.34 -30.64 3.59
N LEU F 794 7.25 -29.89 3.54
CA LEU F 794 7.30 -28.45 3.27
C LEU F 794 8.02 -27.74 4.41
N ALA F 795 9.14 -27.10 4.09
CA ALA F 795 9.96 -26.37 5.06
C ALA F 795 10.28 -25.00 4.48
N LEU F 796 9.41 -24.02 4.74
CA LEU F 796 9.52 -22.71 4.13
C LEU F 796 10.03 -21.64 5.09
N GLY F 797 10.78 -22.06 6.10
CA GLY F 797 11.39 -21.14 7.05
C GLY F 797 12.56 -21.79 7.76
N GLN F 798 12.90 -21.34 8.96
CA GLN F 798 13.96 -21.95 9.75
C GLN F 798 13.61 -21.89 11.23
N ASN F 799 14.10 -22.86 12.00
CA ASN F 799 13.88 -22.89 13.44
C ASN F 799 14.88 -21.98 14.12
N MET F 800 14.38 -21.04 14.91
CA MET F 800 15.24 -20.07 15.59
C MET F 800 14.98 -20.10 17.08
N ARG F 801 16.06 -20.06 17.87
CA ARG F 801 15.95 -19.98 19.32
C ARG F 801 15.45 -18.60 19.69
N VAL F 802 14.19 -18.53 20.10
CA VAL F 802 13.46 -17.28 20.33
C VAL F 802 13.26 -17.10 21.82
N ALA F 803 13.62 -15.91 22.33
CA ALA F 803 13.38 -15.54 23.71
C ALA F 803 12.42 -14.36 23.73
N PHE F 804 11.39 -14.46 24.57
CA PHE F 804 10.35 -13.42 24.64
C PHE F 804 10.71 -12.47 25.77
N MET F 805 11.23 -11.29 25.42
CA MET F 805 11.65 -10.32 26.41
C MET F 805 11.97 -8.99 25.74
N PRO F 806 11.66 -7.86 26.40
CA PRO F 806 12.13 -6.58 25.88
C PRO F 806 13.62 -6.42 26.10
N TRP F 807 14.30 -5.84 25.11
CA TRP F 807 15.76 -5.75 25.13
C TRP F 807 16.21 -4.36 24.73
N ASN F 808 16.35 -3.47 25.73
CA ASN F 808 16.97 -2.16 25.53
C ASN F 808 16.27 -1.36 24.45
N GLY F 809 15.00 -1.66 24.21
CA GLY F 809 14.23 -0.93 23.21
C GLY F 809 14.51 -1.30 21.78
N TYR F 810 15.34 -2.32 21.54
CA TYR F 810 15.64 -2.72 20.18
C TYR F 810 14.58 -3.61 19.57
N ASN F 811 13.63 -4.09 20.36
CA ASN F 811 12.46 -4.78 19.85
C ASN F 811 11.19 -4.00 20.22
N PHE F 812 11.28 -2.68 20.14
CA PHE F 812 10.13 -1.81 20.35
C PHE F 812 9.10 -2.04 19.26
N GLU F 813 7.83 -1.85 19.62
CA GLU F 813 6.70 -2.05 18.70
C GLU F 813 6.79 -3.48 18.21
N ASP F 814 6.98 -3.73 16.92
CA ASP F 814 7.09 -5.07 16.38
C ASP F 814 8.47 -5.39 15.85
N SER F 815 9.48 -4.60 16.18
CA SER F 815 10.81 -4.85 15.65
C SER F 815 11.39 -6.11 16.25
N ILE F 816 12.34 -6.70 15.51
CA ILE F 816 12.93 -7.98 15.86
C ILE F 816 14.44 -7.80 15.98
N LEU F 817 15.00 -8.30 17.08
CA LEU F 817 16.43 -8.24 17.32
C LEU F 817 17.05 -9.58 16.98
N VAL F 818 18.10 -9.56 16.17
CA VAL F 818 18.72 -10.76 15.64
C VAL F 818 20.18 -10.80 16.08
N SER F 819 20.67 -11.99 16.40
CA SER F 819 22.07 -12.17 16.76
C SER F 819 22.91 -12.36 15.50
N GLU F 820 24.21 -12.07 15.64
CA GLU F 820 25.12 -12.21 14.51
C GLU F 820 25.28 -13.67 14.10
N ARG F 821 25.01 -14.60 15.00
CA ARG F 821 25.14 -16.01 14.66
C ARG F 821 24.18 -16.41 13.55
N VAL F 822 23.03 -15.75 13.45
CA VAL F 822 22.09 -16.04 12.38
C VAL F 822 22.70 -15.68 11.02
N VAL F 823 23.39 -14.53 10.95
CA VAL F 823 24.04 -14.13 9.72
C VAL F 823 25.24 -15.02 9.42
N GLN F 824 25.99 -15.40 10.47
CA GLN F 824 27.19 -16.21 10.26
C GLN F 824 26.85 -17.60 9.71
N GLU F 825 25.81 -18.24 10.25
CA GLU F 825 25.44 -19.56 9.77
C GLU F 825 24.67 -19.55 8.47
N ASP F 826 24.55 -18.39 7.81
CA ASP F 826 23.95 -18.29 6.48
C ASP F 826 22.49 -18.74 6.47
N ARG F 827 21.82 -18.64 7.61
CA ARG F 827 20.38 -18.79 7.62
C ARG F 827 19.73 -17.54 7.05
N PHE F 828 18.63 -17.74 6.32
CA PHE F 828 17.85 -16.69 5.67
C PHE F 828 18.60 -16.02 4.51
N THR F 829 19.69 -16.60 4.02
CA THR F 829 20.32 -16.09 2.82
C THR F 829 19.62 -16.69 1.60
N THR F 830 19.17 -15.84 0.69
CA THR F 830 18.32 -16.28 -0.41
C THR F 830 18.95 -15.91 -1.74
N ILE F 831 18.86 -16.83 -2.70
CA ILE F 831 19.39 -16.61 -4.03
C ILE F 831 18.30 -16.01 -4.90
N HIS F 832 18.60 -14.91 -5.57
CA HIS F 832 17.66 -14.26 -6.49
C HIS F 832 18.28 -14.23 -7.88
N ILE F 833 17.50 -14.63 -8.88
CA ILE F 833 17.97 -14.74 -10.25
C ILE F 833 17.19 -13.75 -11.10
N GLN F 834 17.88 -13.06 -12.00
CA GLN F 834 17.29 -12.03 -12.84
C GLN F 834 17.58 -12.32 -14.31
N GLU F 835 16.70 -11.78 -15.15
CA GLU F 835 16.76 -11.92 -16.60
C GLU F 835 17.28 -10.65 -17.23
N LEU F 836 18.13 -10.79 -18.26
CA LEU F 836 18.43 -9.69 -19.15
C LEU F 836 18.41 -10.21 -20.57
N ALA F 837 17.92 -9.39 -21.49
CA ALA F 837 17.73 -9.85 -22.86
C ALA F 837 18.28 -8.82 -23.83
N CYS F 838 18.82 -9.33 -24.94
CA CYS F 838 19.28 -8.49 -26.04
C CYS F 838 18.73 -9.06 -27.34
N VAL F 839 18.42 -8.16 -28.26
CA VAL F 839 17.81 -8.50 -29.53
C VAL F 839 18.64 -7.88 -30.64
N SER F 840 19.01 -8.68 -31.63
CA SER F 840 19.67 -8.17 -32.83
C SER F 840 18.61 -8.08 -33.92
N ARG F 841 18.14 -6.88 -34.18
CA ARG F 841 17.02 -6.68 -35.09
C ARG F 841 17.47 -5.84 -36.28
N ASP F 842 16.81 -6.08 -37.42
CA ASP F 842 17.13 -5.36 -38.64
C ASP F 842 16.70 -3.89 -38.52
N THR F 843 17.33 -3.05 -39.33
CA THR F 843 17.09 -1.61 -39.29
C THR F 843 17.16 -1.07 -40.72
N LYS F 844 16.57 0.11 -40.92
CA LYS F 844 16.56 0.74 -42.24
C LYS F 844 17.97 0.87 -42.82
N LEU F 845 18.95 1.19 -41.98
CA LEU F 845 20.32 1.40 -42.43
C LEU F 845 21.08 0.09 -42.65
N GLY F 846 20.51 -1.04 -42.27
CA GLY F 846 21.17 -2.32 -42.46
C GLY F 846 20.95 -3.26 -41.30
N PRO F 847 21.74 -4.33 -41.25
CA PRO F 847 21.58 -5.33 -40.19
C PRO F 847 22.45 -5.03 -38.98
N GLU F 848 21.90 -5.34 -37.81
CA GLU F 848 22.61 -5.15 -36.55
C GLU F 848 23.45 -6.38 -36.24
N GLU F 849 24.73 -6.18 -35.98
CA GLU F 849 25.66 -7.27 -35.74
C GLU F 849 26.11 -7.27 -34.28
N ILE F 850 26.28 -8.48 -33.75
CA ILE F 850 26.82 -8.67 -32.40
C ILE F 850 28.27 -9.08 -32.53
N THR F 851 29.17 -8.16 -32.17
CA THR F 851 30.60 -8.42 -32.25
C THR F 851 31.25 -8.00 -30.94
N ALA F 852 32.38 -8.64 -30.64
CA ALA F 852 33.13 -8.28 -29.43
C ALA F 852 33.76 -6.91 -29.57
N ASP F 853 34.24 -6.58 -30.77
CA ASP F 853 34.91 -5.31 -31.00
C ASP F 853 33.87 -4.19 -31.02
N ILE F 854 33.88 -3.37 -29.97
CA ILE F 854 32.95 -2.25 -29.83
C ILE F 854 33.74 -0.96 -29.96
N PRO F 855 33.47 -0.13 -30.98
CA PRO F 855 34.18 1.14 -31.09
C PRO F 855 33.89 2.05 -29.90
N ASN F 856 34.85 2.91 -29.58
CA ASN F 856 34.81 3.92 -28.53
C ASN F 856 34.94 3.31 -27.13
N VAL F 857 34.88 1.99 -27.00
CA VAL F 857 34.99 1.31 -25.71
C VAL F 857 36.34 0.62 -25.64
N GLY F 858 37.02 0.76 -24.50
CA GLY F 858 38.38 0.28 -24.36
C GLY F 858 38.45 -1.22 -24.09
N GLU F 859 39.68 -1.67 -23.85
CA GLU F 859 39.93 -3.09 -23.62
C GLU F 859 39.41 -3.54 -22.26
N ALA F 860 39.46 -2.65 -21.26
CA ALA F 860 39.09 -3.03 -19.90
C ALA F 860 37.65 -3.51 -19.82
N ALA F 861 36.73 -2.82 -20.50
CA ALA F 861 35.34 -3.24 -20.48
C ALA F 861 35.14 -4.54 -21.25
N LEU F 862 35.96 -4.79 -22.26
CA LEU F 862 35.87 -6.00 -23.07
C LEU F 862 36.61 -7.17 -22.45
N SER F 863 37.10 -7.06 -21.22
CA SER F 863 37.83 -8.15 -20.61
C SER F 863 36.92 -9.36 -20.37
N LYS F 864 35.67 -9.12 -20.02
CA LYS F 864 34.73 -10.18 -19.68
C LYS F 864 33.88 -10.61 -20.87
N LEU F 865 34.34 -10.36 -22.09
CA LEU F 865 33.63 -10.76 -23.30
C LEU F 865 34.51 -11.69 -24.12
N ASP F 866 33.91 -12.74 -24.65
CA ASP F 866 34.66 -13.72 -25.44
C ASP F 866 34.86 -13.18 -26.87
N GLU F 867 35.36 -14.04 -27.76
CA GLU F 867 35.54 -13.65 -29.15
C GLU F 867 34.21 -13.43 -29.86
N SER F 868 33.10 -13.86 -29.29
CA SER F 868 31.79 -13.70 -29.89
C SER F 868 31.04 -12.47 -29.35
N GLY F 869 31.49 -11.88 -28.26
CA GLY F 869 30.88 -10.70 -27.72
C GLY F 869 29.84 -10.92 -26.64
N ILE F 870 29.92 -12.03 -25.91
CA ILE F 870 28.96 -12.36 -24.87
C ILE F 870 29.73 -12.76 -23.62
N VAL F 871 29.25 -12.35 -22.44
CA VAL F 871 30.01 -12.55 -21.22
C VAL F 871 30.26 -14.03 -20.96
N TYR F 872 31.40 -14.31 -20.33
CA TYR F 872 31.73 -15.68 -19.95
C TYR F 872 30.75 -16.18 -18.90
N ILE F 873 30.47 -17.48 -18.95
CA ILE F 873 29.64 -18.10 -17.94
C ILE F 873 30.38 -18.04 -16.61
N GLY F 874 29.70 -17.57 -15.57
CA GLY F 874 30.32 -17.44 -14.27
C GLY F 874 31.03 -16.13 -14.02
N ALA F 875 31.06 -15.23 -15.00
CA ALA F 875 31.66 -13.92 -14.79
C ALA F 875 30.84 -13.12 -13.80
N GLU F 876 31.53 -12.51 -12.84
CA GLU F 876 30.88 -11.71 -11.81
C GLU F 876 30.80 -10.26 -12.28
N VAL F 877 29.58 -9.77 -12.46
CA VAL F 877 29.37 -8.45 -13.04
C VAL F 877 28.56 -7.60 -12.06
N THR F 878 28.70 -6.29 -12.20
CA THR F 878 27.98 -5.33 -11.39
C THR F 878 27.93 -4.01 -12.15
N GLY F 879 27.27 -3.03 -11.56
CA GLY F 879 27.26 -1.69 -12.11
C GLY F 879 26.73 -1.60 -13.53
N GLY F 880 27.61 -1.33 -14.48
CA GLY F 880 27.20 -1.21 -15.87
C GLY F 880 28.11 -1.90 -16.86
N ASP F 881 28.73 -3.01 -16.46
CA ASP F 881 29.59 -3.75 -17.36
C ASP F 881 28.80 -4.32 -18.53
N ILE F 882 29.48 -4.40 -19.67
CA ILE F 882 28.85 -4.87 -20.91
C ILE F 882 28.61 -6.37 -20.79
N LEU F 883 27.39 -6.81 -21.16
CA LEU F 883 27.09 -8.23 -21.19
C LEU F 883 27.14 -8.80 -22.60
N VAL F 884 26.53 -8.12 -23.57
CA VAL F 884 26.65 -8.47 -24.97
C VAL F 884 27.00 -7.22 -25.75
N GLY F 885 27.86 -7.36 -26.75
CA GLY F 885 28.24 -6.24 -27.57
C GLY F 885 27.49 -6.20 -28.88
N LYS F 886 26.46 -5.35 -28.96
CA LYS F 886 25.64 -5.24 -30.15
C LYS F 886 25.86 -3.87 -30.78
N VAL F 887 26.03 -3.86 -32.10
CA VAL F 887 26.39 -2.67 -32.85
C VAL F 887 25.26 -2.31 -33.79
N THR F 888 24.85 -1.04 -33.79
CA THR F 888 23.81 -0.53 -34.67
C THR F 888 24.44 0.28 -35.78
N PRO F 889 24.18 -0.04 -37.05
CA PRO F 889 24.80 0.69 -38.14
C PRO F 889 24.12 2.03 -38.39
N LYS F 890 24.85 2.91 -39.06
CA LYS F 890 24.39 4.25 -39.40
C LYS F 890 24.50 4.48 -40.89
N GLY F 891 23.54 5.24 -41.44
CA GLY F 891 23.52 5.53 -42.86
C GLY F 891 24.36 6.74 -43.22
N GLU F 892 25.25 6.57 -44.19
CA GLU F 892 26.11 7.67 -44.65
C GLU F 892 26.34 7.48 -46.13
N THR F 893 25.94 8.47 -46.93
CA THR F 893 26.11 8.39 -48.38
C THR F 893 26.63 9.67 -49.02
N GLN F 894 26.76 10.78 -48.28
CA GLN F 894 27.37 12.00 -48.80
C GLN F 894 28.81 12.01 -48.30
N LEU F 895 29.72 11.53 -49.16
CA LEU F 895 31.10 11.22 -48.78
C LEU F 895 31.90 12.52 -48.79
N THR F 896 32.28 13.00 -47.61
CA THR F 896 32.92 14.29 -47.49
C THR F 896 34.39 14.16 -47.07
N PRO F 897 35.25 15.10 -47.50
CA PRO F 897 36.70 14.92 -47.30
C PRO F 897 37.14 14.81 -45.85
N GLU F 898 36.50 15.52 -44.92
CA GLU F 898 36.85 15.34 -43.52
C GLU F 898 36.57 13.92 -43.06
N GLU F 899 35.47 13.34 -43.54
CA GLU F 899 35.22 11.93 -43.28
C GLU F 899 36.26 11.05 -43.97
N LYS F 900 36.82 11.51 -45.09
CA LYS F 900 37.90 10.74 -45.72
C LYS F 900 39.14 10.72 -44.83
N LEU F 901 39.49 11.86 -44.24
CA LEU F 901 40.62 11.90 -43.33
C LEU F 901 40.36 11.03 -42.10
N LEU F 902 39.14 11.11 -41.56
CA LEU F 902 38.73 10.27 -40.43
C LEU F 902 38.80 8.78 -40.77
N ARG F 903 38.35 8.41 -41.97
CA ARG F 903 38.37 7.01 -42.38
C ARG F 903 39.79 6.54 -42.63
N ALA F 904 40.66 7.44 -43.08
CA ALA F 904 42.05 7.06 -43.34
C ALA F 904 42.82 6.85 -42.04
N ILE F 905 42.67 7.76 -41.07
CA ILE F 905 43.47 7.62 -39.86
C ILE F 905 43.01 6.42 -39.03
N PHE F 906 41.72 6.30 -38.80
CA PHE F 906 41.17 5.21 -38.02
C PHE F 906 40.66 4.09 -38.93
N GLY F 907 39.96 3.13 -38.35
CA GLY F 907 39.57 1.93 -39.08
C GLY F 907 38.57 2.21 -40.17
N GLU F 908 38.26 1.13 -40.91
CA GLU F 908 37.33 1.23 -42.04
C GLU F 908 35.97 1.72 -41.60
N LYS F 909 35.54 1.35 -40.40
CA LYS F 909 34.34 1.95 -39.84
C LYS F 909 34.63 3.36 -39.32
N ALA F 910 35.80 3.57 -38.73
CA ALA F 910 36.14 4.81 -38.05
C ALA F 910 35.08 5.17 -37.02
N SER F 911 34.51 4.14 -36.38
CA SER F 911 33.44 4.29 -35.40
C SER F 911 32.23 5.03 -35.98
N ASP F 912 31.96 4.83 -37.26
CA ASP F 912 30.77 5.42 -37.85
C ASP F 912 29.51 4.81 -37.24
N VAL F 913 29.52 3.50 -37.00
CA VAL F 913 28.35 2.80 -36.49
C VAL F 913 28.26 2.99 -34.98
N LYS F 914 27.09 3.37 -34.50
CA LYS F 914 26.86 3.46 -33.07
C LYS F 914 26.83 2.08 -32.43
N ASP F 915 26.99 2.06 -31.11
CA ASP F 915 26.93 0.84 -30.34
C ASP F 915 25.78 0.93 -29.35
N SER F 916 24.98 -0.12 -29.26
CA SER F 916 23.89 -0.23 -28.29
C SER F 916 24.04 -1.61 -27.68
N SER F 917 24.79 -1.70 -26.59
CA SER F 917 25.10 -2.97 -25.96
C SER F 917 24.29 -3.15 -24.69
N LEU F 918 24.09 -4.41 -24.31
CA LEU F 918 23.41 -4.72 -23.07
C LEU F 918 24.34 -4.50 -21.90
N ARG F 919 23.95 -3.59 -21.01
CA ARG F 919 24.70 -3.32 -19.80
C ARG F 919 23.84 -3.66 -18.59
N VAL F 920 24.49 -4.08 -17.51
CA VAL F 920 23.74 -4.34 -16.28
C VAL F 920 23.06 -3.06 -15.84
N PRO F 921 21.76 -3.07 -15.57
CA PRO F 921 21.12 -1.87 -15.02
C PRO F 921 21.74 -1.51 -13.69
N ASN F 922 21.84 -0.21 -13.42
CA ASN F 922 22.54 0.25 -12.24
C ASN F 922 21.87 -0.28 -10.97
N GLY F 923 22.70 -0.60 -9.98
CA GLY F 923 22.20 -1.14 -8.74
C GLY F 923 21.94 -2.63 -8.74
N VAL F 924 22.31 -3.33 -9.80
CA VAL F 924 22.13 -4.78 -9.90
C VAL F 924 23.50 -5.43 -9.98
N SER F 925 23.67 -6.52 -9.22
CA SER F 925 24.93 -7.25 -9.19
C SER F 925 24.63 -8.74 -9.22
N GLY F 926 25.66 -9.53 -9.51
CA GLY F 926 25.51 -10.97 -9.50
C GLY F 926 26.56 -11.62 -10.36
N THR F 927 26.39 -12.93 -10.54
CA THR F 927 27.26 -13.74 -11.38
C THR F 927 26.44 -14.34 -12.51
N VAL F 928 26.98 -14.31 -13.73
CA VAL F 928 26.26 -14.84 -14.87
C VAL F 928 26.08 -16.34 -14.71
N ILE F 929 24.87 -16.83 -14.89
CA ILE F 929 24.52 -18.23 -14.71
C ILE F 929 24.42 -18.95 -16.05
N ASP F 930 23.62 -18.42 -16.97
CA ASP F 930 23.43 -19.07 -18.25
C ASP F 930 23.21 -18.02 -19.33
N VAL F 931 23.58 -18.38 -20.55
CA VAL F 931 23.34 -17.57 -21.74
C VAL F 931 22.61 -18.45 -22.76
N GLN F 932 21.55 -17.89 -23.36
CA GLN F 932 20.60 -18.67 -24.15
C GLN F 932 20.44 -18.07 -25.54
N VAL F 933 21.56 -17.87 -26.23
CA VAL F 933 21.53 -17.27 -27.57
C VAL F 933 20.72 -18.13 -28.52
N PHE F 934 19.81 -17.49 -29.26
CA PHE F 934 19.03 -18.14 -30.31
C PHE F 934 19.29 -17.45 -31.64
N THR F 935 19.28 -18.21 -32.72
CA THR F 935 19.59 -17.70 -34.04
C THR F 935 18.49 -18.04 -35.03
N ARG F 936 18.40 -17.21 -36.08
CA ARG F 936 17.41 -17.42 -37.13
C ARG F 936 17.93 -18.41 -38.16
N ASP F 937 16.98 -19.06 -38.84
CA ASP F 937 17.32 -19.99 -39.91
C ASP F 937 17.94 -19.22 -41.08
N GLY F 938 19.06 -19.72 -41.59
CA GLY F 938 19.73 -19.07 -42.70
C GLY F 938 20.91 -18.23 -42.24
N VAL F 939 20.79 -17.62 -41.06
CA VAL F 939 21.88 -16.81 -40.52
C VAL F 939 22.98 -17.74 -40.00
N GLU F 940 24.22 -17.29 -40.13
CA GLU F 940 25.36 -18.08 -39.69
C GLU F 940 25.32 -18.29 -38.18
N LYS F 941 25.71 -19.48 -37.75
CA LYS F 941 25.66 -19.81 -36.33
C LYS F 941 26.70 -19.00 -35.55
N ASP F 942 26.32 -18.58 -34.35
CA ASP F 942 27.24 -17.86 -33.49
C ASP F 942 28.24 -18.83 -32.86
N LYS F 943 29.38 -18.27 -32.41
CA LYS F 943 30.44 -19.11 -31.87
C LYS F 943 29.98 -19.87 -30.63
N ARG F 944 29.28 -19.19 -29.73
CA ARG F 944 28.74 -19.85 -28.54
C ARG F 944 27.63 -20.83 -28.87
N ALA F 945 26.97 -20.64 -30.02
CA ALA F 945 25.89 -21.52 -30.41
C ALA F 945 26.38 -22.95 -30.61
N LEU F 946 27.53 -23.12 -31.27
CA LEU F 946 28.05 -24.48 -31.44
C LEU F 946 28.38 -25.13 -30.11
N GLU F 947 28.91 -24.35 -29.16
CA GLU F 947 29.21 -24.91 -27.85
C GLU F 947 27.94 -25.37 -27.14
N ILE F 948 26.90 -24.54 -27.16
CA ILE F 948 25.66 -24.93 -26.50
C ILE F 948 25.05 -26.14 -27.19
N GLU F 949 25.04 -26.15 -28.53
CA GLU F 949 24.49 -27.28 -29.25
C GLU F 949 25.25 -28.57 -28.94
N GLU F 950 26.57 -28.52 -28.91
CA GLU F 950 27.35 -29.72 -28.65
C GLU F 950 27.15 -30.20 -27.22
N MET F 951 26.94 -29.27 -26.28
CA MET F 951 26.55 -29.69 -24.93
C MET F 951 25.22 -30.41 -24.94
N GLN F 952 24.25 -29.90 -25.71
CA GLN F 952 22.94 -30.55 -25.78
C GLN F 952 23.07 -31.94 -26.38
N LEU F 953 23.84 -32.08 -27.46
CA LEU F 953 24.05 -33.41 -28.05
C LEU F 953 24.71 -34.35 -27.07
N LYS F 954 25.74 -33.90 -26.35
CA LYS F 954 26.43 -34.79 -25.43
C LYS F 954 25.50 -35.23 -24.32
N GLN F 955 24.68 -34.32 -23.81
CA GLN F 955 23.70 -34.69 -22.77
C GLN F 955 22.68 -35.68 -23.32
N ALA F 956 22.18 -35.45 -24.53
CA ALA F 956 21.18 -36.33 -25.11
C ALA F 956 21.73 -37.73 -25.32
N LYS F 957 22.92 -37.83 -25.90
CA LYS F 957 23.49 -39.16 -26.13
C LYS F 957 23.84 -39.85 -24.83
N LYS F 958 24.32 -39.09 -23.84
CA LYS F 958 24.61 -39.69 -22.54
C LYS F 958 23.35 -40.25 -21.89
N ASP F 959 22.23 -39.53 -22.00
CA ASP F 959 20.98 -40.01 -21.43
C ASP F 959 20.36 -41.15 -22.21
N LEU F 960 20.53 -41.19 -23.54
CA LEU F 960 19.88 -42.24 -24.32
C LEU F 960 20.71 -43.51 -24.41
N SER F 961 22.03 -43.43 -24.23
CA SER F 961 22.86 -44.62 -24.36
C SER F 961 22.65 -45.62 -23.23
N GLU F 962 21.99 -45.23 -22.14
CA GLU F 962 21.84 -46.12 -21.01
C GLU F 962 20.94 -47.31 -21.36
N GLU F 963 19.78 -47.04 -21.96
CA GLU F 963 18.90 -48.12 -22.37
C GLU F 963 19.55 -48.97 -23.46
N LEU F 964 20.32 -48.35 -24.34
CA LEU F 964 21.04 -49.11 -25.35
C LEU F 964 22.02 -50.09 -24.70
N GLN F 965 22.76 -49.62 -23.70
CA GLN F 965 23.73 -50.49 -23.03
C GLN F 965 23.02 -51.61 -22.28
N ILE F 966 21.91 -51.30 -21.61
CA ILE F 966 21.16 -52.34 -20.90
C ILE F 966 20.65 -53.40 -21.88
N LEU F 967 20.08 -52.95 -23.00
CA LEU F 967 19.52 -53.89 -23.97
C LEU F 967 20.61 -54.75 -24.61
N GLU F 968 21.76 -54.14 -24.94
CA GLU F 968 22.85 -54.92 -25.53
C GLU F 968 23.43 -55.90 -24.52
N ALA F 969 23.48 -55.51 -23.23
CA ALA F 969 23.92 -56.45 -22.20
C ALA F 969 22.97 -57.62 -22.09
N GLY F 970 21.67 -57.36 -22.14
CA GLY F 970 20.70 -58.45 -22.11
C GLY F 970 20.83 -59.39 -23.29
N LEU F 971 21.00 -58.82 -24.49
CA LEU F 971 21.19 -59.64 -25.68
C LEU F 971 22.46 -60.48 -25.59
N PHE F 972 23.55 -59.87 -25.10
CA PHE F 972 24.79 -60.61 -24.92
C PHE F 972 24.64 -61.74 -23.91
N SER F 973 23.89 -61.49 -22.83
CA SER F 973 23.65 -62.54 -21.85
C SER F 973 22.85 -63.69 -22.46
N ARG F 974 21.83 -63.38 -23.25
CA ARG F 974 21.07 -64.43 -23.92
C ARG F 974 21.94 -65.22 -24.88
N ILE F 975 22.80 -64.53 -25.63
CA ILE F 975 23.69 -65.21 -26.57
C ILE F 975 24.67 -66.10 -25.82
N ARG F 976 25.20 -65.62 -24.69
CA ARG F 976 26.11 -66.42 -23.89
C ARG F 976 25.42 -67.67 -23.35
N ALA F 977 24.17 -67.52 -22.89
CA ALA F 977 23.42 -68.69 -22.43
C ALA F 977 23.19 -69.69 -23.57
N VAL F 978 22.86 -69.17 -24.76
CA VAL F 978 22.61 -70.04 -25.90
C VAL F 978 23.87 -70.83 -26.26
N LEU F 979 25.02 -70.15 -26.30
CA LEU F 979 26.26 -70.85 -26.63
C LEU F 979 26.70 -71.77 -25.50
N VAL F 980 26.30 -71.47 -24.26
CA VAL F 980 26.56 -72.39 -23.16
C VAL F 980 25.74 -73.66 -23.34
N ALA F 981 24.51 -73.53 -23.85
CA ALA F 981 23.67 -74.70 -24.08
C ALA F 981 24.30 -75.67 -25.06
N GLY F 982 25.15 -75.19 -25.96
CA GLY F 982 25.82 -76.05 -26.92
C GLY F 982 27.10 -75.47 -27.48
N GLY F 983 28.17 -76.25 -27.43
CA GLY F 983 29.47 -75.80 -27.92
C GLY F 983 30.03 -74.62 -27.14
N VAL F 984 29.99 -74.72 -25.82
CA VAL F 984 30.48 -73.65 -24.96
C VAL F 984 32.01 -73.65 -24.95
N GLU F 985 32.60 -72.49 -25.23
CA GLU F 985 34.04 -72.32 -25.18
C GLU F 985 34.50 -71.68 -23.88
N ALA F 986 33.61 -71.51 -22.92
CA ALA F 986 33.91 -70.94 -21.58
C ALA F 986 34.43 -69.51 -21.79
N GLU F 987 35.44 -69.09 -21.02
CA GLU F 987 35.91 -67.71 -21.11
C GLU F 987 36.44 -67.38 -22.49
N LYS F 988 36.93 -68.38 -23.22
CA LYS F 988 37.38 -68.14 -24.60
C LYS F 988 36.24 -67.61 -25.45
N LEU F 989 35.04 -68.14 -25.28
CA LEU F 989 33.88 -67.61 -25.99
C LEU F 989 33.65 -66.15 -25.61
N ASP F 990 33.93 -65.79 -24.36
CA ASP F 990 33.84 -64.39 -23.93
C ASP F 990 35.06 -63.58 -24.31
N LYS F 991 36.16 -64.24 -24.71
CA LYS F 991 37.36 -63.50 -25.08
C LYS F 991 37.20 -62.79 -26.41
N LEU F 992 36.65 -63.47 -27.41
CA LEU F 992 36.51 -62.86 -28.72
C LEU F 992 35.24 -62.02 -28.80
N PRO F 993 35.24 -60.98 -29.64
CA PRO F 993 34.02 -60.17 -29.79
C PRO F 993 33.02 -60.84 -30.72
N ARG F 994 31.81 -60.27 -30.74
CA ARG F 994 30.71 -60.77 -31.56
C ARG F 994 30.43 -62.24 -31.27
N ASP F 995 30.55 -62.61 -29.99
CA ASP F 995 30.33 -63.99 -29.54
C ASP F 995 31.23 -64.97 -30.27
N ARG F 996 32.46 -64.54 -30.56
CA ARG F 996 33.43 -65.34 -31.30
C ARG F 996 32.84 -65.80 -32.64
N TRP F 997 32.49 -64.81 -33.46
CA TRP F 997 31.82 -65.06 -34.75
C TRP F 997 30.56 -65.89 -34.58
N LEU F 998 29.77 -65.57 -33.56
CA LEU F 998 28.52 -66.25 -33.25
C LEU F 998 28.74 -67.74 -32.98
N GLU F 999 29.92 -68.09 -32.47
CA GLU F 999 30.26 -69.46 -32.10
C GLU F 999 30.06 -70.42 -33.28
N LEU F 1000 30.44 -69.96 -34.48
CA LEU F 1000 30.30 -70.72 -35.72
C LEU F 1000 28.82 -71.07 -35.88
N GLY F 1001 28.47 -72.33 -36.16
CA GLY F 1001 27.08 -72.70 -36.29
C GLY F 1001 26.63 -73.70 -35.23
N LEU F 1002 27.55 -74.53 -34.78
CA LEU F 1002 27.28 -75.58 -33.78
C LEU F 1002 26.17 -76.48 -34.34
N THR F 1003 25.08 -76.71 -33.62
CA THR F 1003 24.00 -77.52 -34.14
C THR F 1003 23.23 -76.77 -35.23
N ASP F 1004 22.57 -77.54 -36.10
CA ASP F 1004 21.80 -76.93 -37.18
C ASP F 1004 20.66 -76.08 -36.65
N GLU F 1005 19.96 -76.56 -35.62
CA GLU F 1005 18.84 -75.81 -35.07
C GLU F 1005 19.29 -74.49 -34.47
N GLU F 1006 20.40 -74.50 -33.71
CA GLU F 1006 20.89 -73.27 -33.11
C GLU F 1006 21.34 -72.27 -34.15
N LYS F 1007 22.06 -72.74 -35.18
CA LYS F 1007 22.51 -71.84 -36.24
C LYS F 1007 21.34 -71.26 -37.03
N GLN F 1008 20.34 -72.09 -37.35
CA GLN F 1008 19.23 -71.63 -38.16
C GLN F 1008 18.24 -70.78 -37.37
N ASN F 1009 18.07 -71.06 -36.09
CA ASN F 1009 17.06 -70.39 -35.27
C ASN F 1009 17.64 -69.46 -34.23
N GLN F 1010 18.55 -69.95 -33.38
CA GLN F 1010 19.03 -69.15 -32.26
C GLN F 1010 19.97 -68.04 -32.73
N LEU F 1011 21.06 -68.41 -33.38
CA LEU F 1011 22.06 -67.42 -33.79
C LEU F 1011 21.50 -66.43 -34.79
N GLU F 1012 20.71 -66.93 -35.75
CA GLU F 1012 20.12 -66.05 -36.76
C GLU F 1012 19.18 -65.03 -36.12
N GLN F 1013 18.32 -65.49 -35.21
CA GLN F 1013 17.40 -64.58 -34.54
C GLN F 1013 18.15 -63.57 -33.67
N LEU F 1014 19.21 -64.02 -32.99
CA LEU F 1014 19.99 -63.11 -32.17
C LEU F 1014 20.64 -62.02 -33.02
N ALA F 1015 21.24 -62.41 -34.15
CA ALA F 1015 21.86 -61.42 -35.03
C ALA F 1015 20.81 -60.49 -35.61
N GLU F 1016 19.64 -61.01 -35.97
CA GLU F 1016 18.57 -60.17 -36.49
C GLU F 1016 18.14 -59.13 -35.46
N GLN F 1017 17.93 -59.57 -34.21
CA GLN F 1017 17.55 -58.64 -33.15
C GLN F 1017 18.64 -57.59 -32.94
N TYR F 1018 19.90 -58.01 -32.97
CA TYR F 1018 21.01 -57.08 -32.77
C TYR F 1018 21.03 -56.00 -33.87
N ASP F 1019 20.86 -56.42 -35.13
CA ASP F 1019 20.93 -55.44 -36.20
C ASP F 1019 19.72 -54.52 -36.20
N GLU F 1020 18.53 -55.04 -35.87
CA GLU F 1020 17.37 -54.16 -35.73
C GLU F 1020 17.57 -53.16 -34.60
N LEU F 1021 18.15 -53.61 -33.48
CA LEU F 1021 18.44 -52.68 -32.39
C LEU F 1021 19.41 -51.60 -32.81
N LYS F 1022 20.46 -51.99 -33.53
CA LYS F 1022 21.44 -51.00 -34.01
C LYS F 1022 20.76 -49.99 -34.91
N HIS F 1023 19.91 -50.46 -35.84
CA HIS F 1023 19.25 -49.56 -36.78
C HIS F 1023 18.30 -48.60 -36.08
N GLU F 1024 17.50 -49.10 -35.13
CA GLU F 1024 16.56 -48.22 -34.45
C GLU F 1024 17.30 -47.21 -33.59
N PHE F 1025 18.38 -47.64 -32.93
CA PHE F 1025 19.18 -46.69 -32.16
C PHE F 1025 19.75 -45.60 -33.05
N GLU F 1026 20.30 -45.99 -34.21
CA GLU F 1026 20.88 -45.01 -35.13
C GLU F 1026 19.82 -44.02 -35.61
N LYS F 1027 18.65 -44.51 -35.99
CA LYS F 1027 17.64 -43.61 -36.54
C LYS F 1027 17.09 -42.67 -35.46
N LYS F 1028 16.89 -43.17 -34.23
CA LYS F 1028 16.37 -42.28 -33.20
C LYS F 1028 17.42 -41.25 -32.79
N LEU F 1029 18.70 -41.64 -32.77
CA LEU F 1029 19.75 -40.67 -32.49
C LEU F 1029 19.82 -39.61 -33.58
N GLU F 1030 19.71 -40.02 -34.84
CA GLU F 1030 19.72 -39.06 -35.94
C GLU F 1030 18.54 -38.10 -35.84
N ALA F 1031 17.35 -38.63 -35.53
CA ALA F 1031 16.18 -37.77 -35.37
C ALA F 1031 16.37 -36.77 -34.23
N LYS F 1032 16.91 -37.23 -33.11
CA LYS F 1032 17.14 -36.32 -31.98
C LYS F 1032 18.16 -35.24 -32.34
N ARG F 1033 19.23 -35.62 -33.03
CA ARG F 1033 20.25 -34.65 -33.42
C ARG F 1033 19.67 -33.62 -34.39
N ARG F 1034 18.84 -34.06 -35.34
CA ARG F 1034 18.19 -33.12 -36.24
C ARG F 1034 17.24 -32.21 -35.47
N LYS F 1035 16.56 -32.75 -34.47
CA LYS F 1035 15.67 -31.93 -33.64
C LYS F 1035 16.44 -30.86 -32.89
N ILE F 1036 17.61 -31.19 -32.34
CA ILE F 1036 18.33 -30.26 -31.48
C ILE F 1036 18.90 -29.11 -32.31
N THR F 1037 19.52 -29.41 -33.44
CA THR F 1037 20.21 -28.41 -34.25
C THR F 1037 19.32 -28.02 -35.43
N GLN F 1038 18.75 -26.82 -35.35
CA GLN F 1038 17.98 -26.25 -36.44
C GLN F 1038 17.91 -24.75 -36.24
N GLY F 1039 17.52 -24.04 -37.30
CA GLY F 1039 17.38 -22.59 -37.21
C GLY F 1039 15.99 -22.19 -36.76
N ASP F 1040 15.91 -21.45 -35.66
CA ASP F 1040 14.63 -21.00 -35.14
C ASP F 1040 13.96 -20.04 -36.10
N ASP F 1041 12.63 -20.15 -36.19
CA ASP F 1041 11.82 -19.27 -37.05
C ASP F 1041 11.25 -18.16 -36.19
N LEU F 1042 12.10 -17.19 -35.86
CA LEU F 1042 11.72 -16.10 -34.97
C LEU F 1042 10.84 -15.09 -35.70
N ALA F 1043 10.62 -13.95 -35.06
CA ALA F 1043 9.84 -12.88 -35.67
C ALA F 1043 10.56 -12.35 -36.91
N PRO F 1044 9.83 -11.78 -37.87
CA PRO F 1044 10.48 -11.34 -39.11
C PRO F 1044 11.57 -10.31 -38.90
N GLY F 1045 11.38 -9.38 -37.96
CA GLY F 1045 12.41 -8.37 -37.74
C GLY F 1045 13.64 -8.91 -37.06
N VAL F 1046 13.46 -9.78 -36.07
CA VAL F 1046 14.57 -10.23 -35.23
C VAL F 1046 15.39 -11.30 -35.95
N LEU F 1047 16.71 -11.20 -35.81
CA LEU F 1047 17.59 -12.21 -36.38
C LEU F 1047 18.32 -13.00 -35.29
N LYS F 1048 18.39 -12.46 -34.07
CA LYS F 1048 19.11 -13.17 -33.01
C LYS F 1048 18.62 -12.70 -31.65
N ILE F 1049 18.46 -13.66 -30.73
CA ILE F 1049 18.00 -13.42 -29.38
C ILE F 1049 19.10 -13.90 -28.42
N VAL F 1050 19.43 -13.09 -27.42
CA VAL F 1050 20.39 -13.47 -26.40
C VAL F 1050 19.76 -13.23 -25.03
N LYS F 1051 19.85 -14.23 -24.16
CA LYS F 1051 19.28 -14.17 -22.82
C LYS F 1051 20.36 -14.49 -21.80
N VAL F 1052 20.55 -13.61 -20.82
CA VAL F 1052 21.61 -13.72 -19.84
C VAL F 1052 20.99 -13.76 -18.45
N TYR F 1053 21.42 -14.72 -17.63
CA TYR F 1053 20.85 -14.92 -16.30
C TYR F 1053 21.86 -14.44 -15.26
N LEU F 1054 21.38 -13.75 -14.23
CA LEU F 1054 22.23 -13.32 -13.13
C LEU F 1054 21.72 -13.90 -11.83
N ALA F 1055 22.63 -14.21 -10.90
CA ALA F 1055 22.25 -14.73 -9.60
C ALA F 1055 23.02 -13.99 -8.51
N VAL F 1056 22.29 -13.53 -7.50
CA VAL F 1056 22.88 -12.77 -6.40
C VAL F 1056 22.32 -13.32 -5.09
N LYS F 1057 23.19 -13.47 -4.10
CA LYS F 1057 22.79 -13.99 -2.80
C LYS F 1057 22.54 -12.85 -1.84
N ARG F 1058 21.27 -12.62 -1.51
CA ARG F 1058 20.86 -11.58 -0.58
C ARG F 1058 20.97 -12.14 0.83
N ARG F 1059 21.74 -11.49 1.68
CA ARG F 1059 21.86 -11.88 3.07
C ARG F 1059 21.02 -10.97 3.95
N ILE F 1060 20.67 -11.49 5.13
CA ILE F 1060 19.75 -10.80 6.02
C ILE F 1060 20.38 -9.51 6.54
N GLN F 1061 19.57 -8.48 6.68
CA GLN F 1061 20.04 -7.18 7.15
C GLN F 1061 18.91 -6.48 7.88
N PRO F 1062 19.22 -5.45 8.68
CA PRO F 1062 18.19 -4.81 9.52
C PRO F 1062 16.87 -4.51 8.84
N GLY F 1063 16.86 -3.93 7.65
CA GLY F 1063 15.57 -3.56 7.08
C GLY F 1063 14.68 -4.73 6.72
N ASP F 1064 15.23 -5.94 6.65
CA ASP F 1064 14.50 -7.09 6.13
C ASP F 1064 13.34 -7.48 7.03
N LYS F 1065 12.32 -8.06 6.43
CA LYS F 1065 11.07 -8.38 7.10
C LYS F 1065 10.98 -9.88 7.42
N MET F 1066 10.70 -10.20 8.67
CA MET F 1066 10.65 -11.56 9.15
C MET F 1066 9.36 -11.76 9.94
N ALA F 1067 8.79 -12.96 9.86
CA ALA F 1067 7.51 -13.21 10.52
C ALA F 1067 7.36 -14.68 10.87
N GLY F 1068 6.70 -14.94 12.00
CA GLY F 1068 6.26 -16.29 12.32
C GLY F 1068 4.97 -16.61 11.57
N ARG F 1069 4.50 -17.85 11.74
CA ARG F 1069 3.27 -18.26 11.07
C ARG F 1069 2.04 -18.06 11.95
N HIS F 1070 2.12 -17.18 12.96
CA HIS F 1070 0.98 -16.86 13.80
C HIS F 1070 0.58 -15.40 13.68
N GLY F 1071 0.86 -14.79 12.53
CA GLY F 1071 0.49 -13.40 12.31
C GLY F 1071 1.44 -12.39 12.91
N ASN F 1072 2.50 -12.83 13.59
CA ASN F 1072 3.44 -11.92 14.22
C ASN F 1072 4.56 -11.60 13.23
N LYS F 1073 4.61 -10.36 12.77
CA LYS F 1073 5.56 -9.94 11.77
C LYS F 1073 6.37 -8.78 12.33
N GLY F 1074 7.50 -8.51 11.70
CA GLY F 1074 8.30 -7.37 12.09
C GLY F 1074 9.45 -7.20 11.14
N VAL F 1075 10.15 -6.09 11.30
CA VAL F 1075 11.39 -5.84 10.59
C VAL F 1075 12.51 -5.91 11.60
N ILE F 1076 13.66 -6.39 11.16
CA ILE F 1076 14.81 -6.45 12.04
C ILE F 1076 15.25 -5.05 12.41
N SER F 1077 15.89 -4.92 13.56
CA SER F 1077 16.33 -3.63 14.03
C SER F 1077 17.84 -3.54 14.18
N LYS F 1078 18.47 -4.61 14.63
CA LYS F 1078 19.90 -4.60 14.90
C LYS F 1078 20.41 -6.02 14.75
N ILE F 1079 21.64 -6.14 14.28
CA ILE F 1079 22.32 -7.44 14.21
C ILE F 1079 23.31 -7.47 15.37
N ASN F 1080 22.85 -8.00 16.49
CA ASN F 1080 23.66 -8.01 17.71
C ASN F 1080 24.84 -8.98 17.55
N PRO F 1081 25.98 -8.68 18.16
CA PRO F 1081 27.05 -9.66 18.20
C PRO F 1081 26.67 -10.86 19.05
N ILE F 1082 27.44 -11.94 18.90
CA ILE F 1082 27.10 -13.19 19.58
C ILE F 1082 27.16 -13.01 21.09
N GLU F 1083 28.20 -12.34 21.57
CA GLU F 1083 28.42 -12.26 23.01
C GLU F 1083 27.48 -11.28 23.71
N ASP F 1084 26.71 -10.49 22.99
CA ASP F 1084 25.79 -9.53 23.61
C ASP F 1084 24.41 -10.10 23.87
N MET F 1085 24.09 -11.26 23.32
CA MET F 1085 22.77 -11.84 23.47
C MET F 1085 22.62 -12.54 24.82
N PRO F 1086 21.40 -12.64 25.33
CA PRO F 1086 21.20 -13.38 26.59
C PRO F 1086 21.55 -14.86 26.42
N TYR F 1087 22.08 -15.45 27.49
CA TYR F 1087 22.44 -16.86 27.50
C TYR F 1087 21.93 -17.50 28.78
N ASP F 1088 21.71 -18.80 28.72
CA ASP F 1088 21.23 -19.55 29.87
C ASP F 1088 22.42 -20.02 30.70
N GLU F 1089 22.16 -20.86 31.70
CA GLU F 1089 23.24 -21.35 32.55
C GLU F 1089 24.23 -22.21 31.80
N ASN F 1090 23.85 -22.75 30.64
CA ASN F 1090 24.74 -23.56 29.82
C ASN F 1090 25.56 -22.74 28.85
N GLY F 1091 25.37 -21.43 28.81
CA GLY F 1091 26.19 -20.56 27.99
C GLY F 1091 25.81 -20.46 26.54
N THR F 1092 24.74 -21.11 26.11
CA THR F 1092 24.33 -21.04 24.71
C THR F 1092 23.38 -19.86 24.51
N PRO F 1093 23.69 -18.93 23.62
CA PRO F 1093 22.87 -17.73 23.49
C PRO F 1093 21.68 -17.92 22.56
N VAL F 1094 20.68 -17.05 22.74
CA VAL F 1094 19.49 -17.09 21.90
C VAL F 1094 19.81 -16.51 20.53
N ASP F 1095 18.96 -16.82 19.55
CA ASP F 1095 19.12 -16.32 18.20
C ASP F 1095 18.25 -15.11 17.91
N ILE F 1096 17.02 -15.09 18.42
CA ILE F 1096 16.07 -14.01 18.20
C ILE F 1096 15.49 -13.60 19.53
N VAL F 1097 15.33 -12.29 19.74
CA VAL F 1097 14.66 -11.74 20.91
C VAL F 1097 13.44 -10.99 20.44
N LEU F 1098 12.27 -11.36 20.97
CA LEU F 1098 11.00 -10.78 20.57
C LEU F 1098 10.38 -10.02 21.74
N ASN F 1099 9.44 -9.15 21.41
CA ASN F 1099 8.76 -8.35 22.42
C ASN F 1099 7.55 -9.10 22.95
N PRO F 1100 7.43 -9.28 24.26
CA PRO F 1100 6.23 -9.95 24.79
C PRO F 1100 4.97 -9.12 24.67
N LEU F 1101 5.09 -7.80 24.59
CA LEU F 1101 3.91 -6.94 24.52
C LEU F 1101 3.09 -7.17 23.25
N GLY F 1102 3.66 -7.83 22.25
CA GLY F 1102 2.89 -8.17 21.07
C GLY F 1102 2.00 -9.38 21.23
N VAL F 1103 2.11 -10.10 22.35
CA VAL F 1103 1.29 -11.30 22.57
C VAL F 1103 -0.09 -10.98 23.14
N PRO F 1104 -0.21 -10.28 24.28
CA PRO F 1104 -1.54 -10.20 24.91
C PRO F 1104 -2.54 -9.35 24.14
N SER F 1105 -2.11 -8.26 23.53
CA SER F 1105 -3.05 -7.42 22.80
C SER F 1105 -3.42 -7.98 21.44
N ARG F 1106 -2.63 -8.91 20.91
CA ARG F 1106 -2.93 -9.55 19.65
C ARG F 1106 -3.63 -10.89 19.81
N MET F 1107 -3.53 -11.50 20.99
CA MET F 1107 -4.12 -12.81 21.28
C MET F 1107 -3.55 -13.88 20.34
N ASN F 1108 -2.24 -14.00 20.34
CA ASN F 1108 -1.53 -15.13 19.74
C ASN F 1108 -0.96 -15.94 20.89
N ILE F 1109 -1.74 -16.88 21.41
CA ILE F 1109 -1.19 -17.86 22.33
C ILE F 1109 -0.60 -19.03 21.56
N GLY F 1110 -0.89 -19.13 20.26
CA GLY F 1110 -0.18 -20.08 19.43
C GLY F 1110 1.31 -19.82 19.41
N GLN F 1111 1.71 -18.54 19.45
CA GLN F 1111 3.11 -18.18 19.60
C GLN F 1111 3.75 -18.92 20.78
N ILE F 1112 3.16 -18.74 21.96
CA ILE F 1112 3.76 -19.28 23.17
C ILE F 1112 3.71 -20.79 23.19
N LEU F 1113 2.60 -21.37 22.74
CA LEU F 1113 2.53 -22.83 22.75
C LEU F 1113 3.50 -23.44 21.75
N GLU F 1114 3.66 -22.82 20.58
CA GLU F 1114 4.66 -23.29 19.62
C GLU F 1114 6.06 -23.13 20.18
N THR F 1115 6.31 -22.05 20.92
CA THR F 1115 7.62 -21.86 21.53
C THR F 1115 7.92 -22.96 22.53
N HIS F 1116 6.95 -23.29 23.40
CA HIS F 1116 7.17 -24.36 24.36
C HIS F 1116 7.34 -25.70 23.68
N LEU F 1117 6.54 -25.98 22.66
CA LEU F 1117 6.65 -27.25 21.96
C LEU F 1117 7.99 -27.37 21.24
N GLY F 1118 8.47 -26.27 20.66
CA GLY F 1118 9.77 -26.29 20.03
C GLY F 1118 10.88 -26.51 21.04
N MET F 1119 10.75 -25.91 22.23
CA MET F 1119 11.75 -26.16 23.27
C MET F 1119 11.77 -27.62 23.67
N ALA F 1120 10.60 -28.24 23.83
CA ALA F 1120 10.55 -29.66 24.18
C ALA F 1120 11.13 -30.53 23.08
N ALA F 1121 10.79 -30.24 21.82
CA ALA F 1121 11.32 -31.02 20.71
C ALA F 1121 12.83 -30.91 20.62
N LYS F 1122 13.36 -29.69 20.79
CA LYS F 1122 14.82 -29.55 20.77
C LYS F 1122 15.46 -30.19 21.97
N GLY F 1123 14.77 -30.25 23.12
CA GLY F 1123 15.30 -30.98 24.25
C GLY F 1123 15.45 -32.45 23.96
N ILE F 1124 14.43 -33.05 23.34
CA ILE F 1124 14.55 -34.46 22.96
C ILE F 1124 15.66 -34.64 21.93
N GLY F 1125 15.76 -33.72 20.96
CA GLY F 1125 16.83 -33.82 19.99
C GLY F 1125 18.21 -33.73 20.62
N ASP F 1126 18.36 -32.86 21.61
CA ASP F 1126 19.64 -32.73 22.31
C ASP F 1126 19.95 -34.01 23.08
N LYS F 1127 18.93 -34.61 23.71
CA LYS F 1127 19.16 -35.87 24.40
C LYS F 1127 19.61 -36.97 23.44
N ILE F 1128 18.95 -37.05 22.27
CA ILE F 1128 19.34 -38.05 21.28
C ILE F 1128 20.76 -37.79 20.80
N ASN F 1129 21.09 -36.53 20.53
CA ASN F 1129 22.43 -36.21 20.04
C ASN F 1129 23.49 -36.52 21.09
N ALA F 1130 23.14 -36.33 22.37
CA ALA F 1130 24.09 -36.67 23.43
C ALA F 1130 24.30 -38.18 23.51
N MET F 1131 23.21 -38.96 23.53
CA MET F 1131 23.38 -40.42 23.56
C MET F 1131 24.01 -40.95 22.28
N LEU F 1132 24.01 -40.18 21.20
CA LEU F 1132 24.70 -40.59 19.99
C LEU F 1132 26.17 -40.18 20.02
N LYS F 1133 26.49 -39.09 20.72
CA LYS F 1133 27.87 -38.61 20.77
C LYS F 1133 28.79 -39.62 21.46
N GLN F 1134 28.36 -40.16 22.59
CA GLN F 1134 29.17 -41.08 23.38
C GLN F 1134 29.09 -42.51 22.88
N GLN F 1135 28.57 -42.73 21.67
CA GLN F 1135 28.52 -44.05 21.06
C GLN F 1135 27.81 -45.06 21.95
N GLN F 1136 26.67 -44.68 22.48
CA GLN F 1136 25.90 -45.59 23.33
C GLN F 1136 25.34 -46.75 22.51
N GLU F 1137 25.27 -47.91 23.13
CA GLU F 1137 24.86 -49.12 22.42
C GLU F 1137 23.42 -48.98 21.97
N VAL F 1138 23.09 -49.67 20.87
CA VAL F 1138 21.86 -49.38 20.12
C VAL F 1138 20.60 -49.56 20.96
N ALA F 1139 20.53 -50.63 21.77
CA ALA F 1139 19.26 -51.01 22.39
C ALA F 1139 18.71 -49.91 23.27
N LYS F 1140 19.57 -49.23 24.03
CA LYS F 1140 19.09 -48.14 24.88
C LYS F 1140 18.61 -46.97 24.04
N LEU F 1141 19.26 -46.72 22.90
CA LEU F 1141 18.79 -45.67 22.01
C LEU F 1141 17.42 -46.00 21.44
N ARG F 1142 17.21 -47.25 21.04
CA ARG F 1142 15.90 -47.67 20.55
C ARG F 1142 14.86 -47.53 21.66
N GLU F 1143 15.21 -47.90 22.89
CA GLU F 1143 14.27 -47.80 23.99
C GLU F 1143 13.90 -46.34 24.25
N PHE F 1144 14.88 -45.44 24.23
CA PHE F 1144 14.58 -44.03 24.46
C PHE F 1144 13.71 -43.45 23.35
N ILE F 1145 14.03 -43.79 22.09
CA ILE F 1145 13.22 -43.26 20.99
C ILE F 1145 11.81 -43.82 21.06
N GLN F 1146 11.66 -45.09 21.44
CA GLN F 1146 10.33 -45.66 21.66
C GLN F 1146 9.59 -44.90 22.76
N ARG F 1147 10.27 -44.59 23.85
CA ARG F 1147 9.64 -43.87 24.93
C ARG F 1147 9.18 -42.49 24.47
N ALA F 1148 9.99 -41.83 23.65
CA ALA F 1148 9.60 -40.53 23.11
C ALA F 1148 8.38 -40.65 22.20
N TYR F 1149 8.34 -41.69 21.37
CA TYR F 1149 7.22 -41.89 20.46
C TYR F 1149 5.99 -42.47 21.14
N ASP F 1150 6.16 -43.12 22.29
CA ASP F 1150 5.04 -43.72 23.01
C ASP F 1150 4.37 -42.75 23.97
N LEU F 1151 4.63 -41.45 23.83
CA LEU F 1151 4.10 -40.47 24.75
C LEU F 1151 2.65 -40.15 24.41
N GLY F 1152 2.10 -39.13 25.06
CA GLY F 1152 0.76 -38.66 24.74
C GLY F 1152 -0.31 -39.47 25.42
N ALA F 1153 -1.52 -38.92 25.40
CA ALA F 1153 -2.69 -39.51 26.03
C ALA F 1153 -3.61 -40.04 24.94
N ASP F 1154 -3.53 -41.34 24.67
CA ASP F 1154 -4.37 -42.02 23.70
C ASP F 1154 -4.23 -41.37 22.31
N VAL F 1155 -3.05 -41.53 21.76
CA VAL F 1155 -2.73 -41.01 20.43
C VAL F 1155 -2.85 -42.16 19.44
N ARG F 1156 -3.28 -41.84 18.22
CA ARG F 1156 -3.51 -42.88 17.22
C ARG F 1156 -2.24 -43.34 16.53
N GLN F 1157 -1.12 -42.66 16.74
CA GLN F 1157 0.14 -43.11 16.17
C GLN F 1157 0.74 -44.20 17.03
N LYS F 1158 1.06 -45.33 16.41
CA LYS F 1158 1.55 -46.52 17.09
C LYS F 1158 2.85 -47.00 16.47
N VAL F 1159 3.80 -46.08 16.30
CA VAL F 1159 5.09 -46.46 15.74
C VAL F 1159 5.84 -47.35 16.72
N ASP F 1160 6.27 -48.51 16.23
CA ASP F 1160 6.98 -49.50 17.03
C ASP F 1160 8.29 -49.85 16.36
N LEU F 1161 9.39 -49.74 17.11
CA LEU F 1161 10.71 -49.99 16.57
C LEU F 1161 11.12 -51.46 16.63
N SER F 1162 10.28 -52.33 17.21
CA SER F 1162 10.59 -53.75 17.23
C SER F 1162 10.70 -54.30 15.81
N THR F 1163 9.79 -53.88 14.93
CA THR F 1163 9.86 -54.28 13.53
C THR F 1163 10.99 -53.62 12.76
N PHE F 1164 11.64 -52.61 13.35
CA PHE F 1164 12.76 -51.95 12.70
C PHE F 1164 14.06 -52.67 13.01
N SER F 1165 14.88 -52.88 11.99
CA SER F 1165 16.21 -53.42 12.22
C SER F 1165 17.15 -52.32 12.70
N ASP F 1166 18.37 -52.71 13.04
CA ASP F 1166 19.30 -51.79 13.68
C ASP F 1166 19.67 -50.63 12.77
N GLU F 1167 19.92 -50.91 11.48
CA GLU F 1167 20.43 -49.88 10.59
C GLU F 1167 19.44 -48.74 10.43
N GLU F 1168 18.16 -49.06 10.20
CA GLU F 1168 17.17 -48.00 10.01
C GLU F 1168 16.99 -47.20 11.28
N VAL F 1169 17.09 -47.85 12.45
CA VAL F 1169 16.96 -47.12 13.70
C VAL F 1169 18.12 -46.15 13.88
N MET F 1170 19.34 -46.59 13.57
CA MET F 1170 20.48 -45.69 13.65
C MET F 1170 20.34 -44.52 12.69
N ARG F 1171 19.88 -44.79 11.47
CA ARG F 1171 19.68 -43.72 10.50
C ARG F 1171 18.62 -42.72 10.99
N LEU F 1172 17.53 -43.22 11.54
CA LEU F 1172 16.48 -42.34 12.05
C LEU F 1172 16.99 -41.50 13.22
N ALA F 1173 17.75 -42.12 14.13
CA ALA F 1173 18.28 -41.38 15.27
C ALA F 1173 19.26 -40.31 14.82
N GLU F 1174 20.09 -40.62 13.82
CA GLU F 1174 20.96 -39.60 13.25
C GLU F 1174 20.16 -38.50 12.56
N ASN F 1175 18.97 -38.81 12.07
CA ASN F 1175 18.10 -37.81 11.47
C ASN F 1175 17.35 -36.97 12.49
N LEU F 1176 17.18 -37.47 13.72
CA LEU F 1176 16.47 -36.76 14.77
C LEU F 1176 17.43 -36.02 15.69
N ARG F 1177 18.70 -35.92 15.29
CA ARG F 1177 19.70 -35.32 16.16
C ARG F 1177 19.42 -33.84 16.40
N LYS F 1178 18.97 -33.13 15.35
CA LYS F 1178 18.70 -31.70 15.50
C LYS F 1178 17.43 -31.45 16.30
N GLY F 1179 16.52 -32.42 16.35
CA GLY F 1179 15.31 -32.29 17.12
C GLY F 1179 14.28 -33.32 16.70
N MET F 1180 13.23 -33.51 17.48
CA MET F 1180 12.17 -34.43 17.10
C MET F 1180 11.07 -33.64 16.40
N PRO F 1181 10.88 -33.83 15.10
CA PRO F 1181 9.84 -33.05 14.41
C PRO F 1181 8.44 -33.51 14.79
N ILE F 1182 7.94 -33.01 15.92
CA ILE F 1182 6.62 -33.38 16.37
C ILE F 1182 5.57 -32.49 15.70
N ALA F 1183 4.37 -33.04 15.53
CA ALA F 1183 3.32 -32.40 14.76
C ALA F 1183 2.02 -32.42 15.53
N THR F 1184 1.26 -31.33 15.42
CA THR F 1184 -0.06 -31.22 16.03
C THR F 1184 -1.06 -30.92 14.94
N PRO F 1185 -2.06 -31.78 14.70
CA PRO F 1185 -3.14 -31.42 13.79
C PRO F 1185 -3.80 -30.11 14.19
N VAL F 1186 -4.64 -29.56 13.31
CA VAL F 1186 -5.08 -28.18 13.43
C VAL F 1186 -5.86 -27.93 14.72
N PHE F 1187 -7.01 -28.60 14.88
CA PHE F 1187 -7.89 -28.33 16.01
C PHE F 1187 -7.86 -29.41 17.08
N ASP F 1188 -7.18 -30.53 16.85
CA ASP F 1188 -6.95 -31.53 17.90
C ASP F 1188 -5.47 -31.88 17.98
N GLY F 1189 -4.71 -31.02 18.65
CA GLY F 1189 -3.28 -31.22 18.73
C GLY F 1189 -2.78 -31.44 20.14
N ALA F 1190 -1.58 -30.98 20.42
CA ALA F 1190 -0.99 -31.17 21.75
C ALA F 1190 -1.77 -30.38 22.79
N LYS F 1191 -2.01 -31.01 23.93
CA LYS F 1191 -2.64 -30.36 25.07
C LYS F 1191 -1.55 -29.84 26.00
N GLU F 1192 -1.99 -29.14 27.06
CA GLU F 1192 -1.04 -28.61 28.03
C GLU F 1192 -0.27 -29.73 28.73
N ALA F 1193 -0.97 -30.77 29.19
CA ALA F 1193 -0.30 -31.84 29.90
C ALA F 1193 0.70 -32.55 29.01
N GLU F 1194 0.36 -32.76 27.74
CA GLU F 1194 1.28 -33.41 26.82
C GLU F 1194 2.53 -32.58 26.60
N ILE F 1195 2.39 -31.27 26.43
CA ILE F 1195 3.55 -30.41 26.26
C ILE F 1195 4.42 -30.45 27.51
N LYS F 1196 3.80 -30.36 28.69
CA LYS F 1196 4.58 -30.34 29.93
C LYS F 1196 5.31 -31.65 30.15
N GLU F 1197 4.66 -32.79 29.87
CA GLU F 1197 5.32 -34.07 30.05
C GLU F 1197 6.37 -34.33 28.96
N LEU F 1198 6.17 -33.77 27.77
CA LEU F 1198 7.22 -33.83 26.74
C LEU F 1198 8.45 -33.05 27.20
N LEU F 1199 8.24 -31.87 27.79
CA LEU F 1199 9.34 -31.12 28.36
C LEU F 1199 10.01 -31.90 29.48
N LYS F 1200 9.22 -32.57 30.30
CA LYS F 1200 9.76 -33.35 31.41
C LYS F 1200 10.66 -34.48 30.91
N LEU F 1201 10.25 -35.14 29.83
CA LEU F 1201 11.04 -36.25 29.30
C LEU F 1201 12.40 -35.76 28.82
N GLY F 1202 12.48 -34.52 28.33
CA GLY F 1202 13.72 -33.95 27.84
C GLY F 1202 14.57 -33.25 28.89
N ASP F 1203 14.21 -33.38 30.16
CA ASP F 1203 14.97 -32.78 31.27
C ASP F 1203 15.00 -31.25 31.17
N LEU F 1204 13.86 -30.67 30.84
CA LEU F 1204 13.66 -29.23 30.74
C LEU F 1204 12.60 -28.78 31.74
N PRO F 1205 12.63 -27.52 32.19
CA PRO F 1205 11.61 -27.08 33.15
C PRO F 1205 10.22 -27.10 32.53
N THR F 1206 9.27 -27.67 33.28
CA THR F 1206 7.91 -27.82 32.76
C THR F 1206 7.22 -26.47 32.60
N SER F 1207 7.69 -25.44 33.30
CA SER F 1207 7.08 -24.13 33.19
C SER F 1207 7.34 -23.50 31.82
N GLY F 1208 8.29 -24.01 31.07
CA GLY F 1208 8.62 -23.47 29.77
C GLY F 1208 9.52 -22.25 29.80
N GLN F 1209 9.90 -21.80 30.99
CA GLN F 1209 10.76 -20.63 31.16
C GLN F 1209 12.05 -21.06 31.82
N ILE F 1210 13.16 -20.48 31.37
CA ILE F 1210 14.45 -20.76 31.97
C ILE F 1210 15.02 -19.47 32.54
N ARG F 1211 16.19 -19.55 33.16
CA ARG F 1211 16.88 -18.40 33.70
C ARG F 1211 17.88 -17.89 32.68
N LEU F 1212 17.74 -16.64 32.29
CA LEU F 1212 18.57 -16.02 31.27
C LEU F 1212 19.53 -15.03 31.93
N TYR F 1213 20.80 -15.09 31.53
CA TYR F 1213 21.81 -14.18 32.01
C TYR F 1213 22.10 -13.13 30.94
N ASP F 1214 22.26 -11.88 31.36
CA ASP F 1214 22.56 -10.81 30.43
C ASP F 1214 23.93 -11.03 29.80
N GLY F 1215 24.00 -10.83 28.48
CA GLY F 1215 25.24 -11.09 27.78
C GLY F 1215 26.28 -10.02 27.89
N ARG F 1216 25.92 -8.85 28.41
CA ARG F 1216 26.84 -7.72 28.50
C ARG F 1216 27.28 -7.43 29.93
N THR F 1217 26.41 -7.59 30.90
CA THR F 1217 26.74 -7.35 32.29
C THR F 1217 26.82 -8.62 33.13
N GLY F 1218 26.31 -9.74 32.63
CA GLY F 1218 26.39 -11.00 33.33
C GLY F 1218 25.40 -11.18 34.44
N GLU F 1219 24.56 -10.17 34.70
CA GLU F 1219 23.55 -10.27 35.72
C GLU F 1219 22.36 -11.07 35.21
N GLN F 1220 21.79 -11.87 36.10
CA GLN F 1220 20.62 -12.66 35.74
C GLN F 1220 19.39 -11.76 35.71
N PHE F 1221 18.58 -11.93 34.67
CA PHE F 1221 17.35 -11.17 34.58
C PHE F 1221 16.43 -11.54 35.72
N GLU F 1222 15.71 -10.55 36.24
CA GLU F 1222 15.00 -10.71 37.50
C GLU F 1222 13.96 -11.82 37.43
N ARG F 1223 13.22 -11.89 36.34
CA ARG F 1223 12.19 -12.91 36.20
C ARG F 1223 12.64 -13.98 35.21
N PRO F 1224 12.12 -15.20 35.31
CA PRO F 1224 12.40 -16.19 34.28
C PRO F 1224 11.84 -15.76 32.94
N VAL F 1225 12.52 -16.16 31.86
CA VAL F 1225 12.21 -15.70 30.52
C VAL F 1225 11.80 -16.89 29.67
N THR F 1226 10.76 -16.70 28.87
CA THR F 1226 10.28 -17.77 27.98
C THR F 1226 11.23 -17.92 26.81
N VAL F 1227 11.87 -19.09 26.70
CA VAL F 1227 12.82 -19.38 25.64
C VAL F 1227 12.38 -20.67 24.96
N GLY F 1228 12.43 -20.69 23.64
CA GLY F 1228 12.04 -21.87 22.91
C GLY F 1228 12.57 -21.81 21.50
N TYR F 1229 11.95 -22.60 20.63
CA TYR F 1229 12.33 -22.64 19.22
C TYR F 1229 11.10 -22.35 18.38
N MET F 1230 11.08 -21.19 17.75
CA MET F 1230 9.96 -20.80 16.91
C MET F 1230 10.40 -20.81 15.46
N TYR F 1231 9.49 -21.20 14.58
CA TYR F 1231 9.82 -21.44 13.18
C TYR F 1231 9.50 -20.17 12.40
N MET F 1232 10.53 -19.43 12.03
CA MET F 1232 10.39 -18.09 11.48
C MET F 1232 10.64 -18.10 9.98
N LEU F 1233 10.00 -17.16 9.29
CA LEU F 1233 10.03 -17.05 7.85
C LEU F 1233 10.59 -15.69 7.47
N LYS F 1234 11.22 -15.62 6.30
CA LYS F 1234 11.75 -14.38 5.75
C LYS F 1234 10.87 -13.97 4.57
N LEU F 1235 10.09 -12.92 4.75
CA LEU F 1235 9.17 -12.49 3.71
C LEU F 1235 9.95 -11.84 2.57
N ASN F 1236 9.26 -11.64 1.45
CA ASN F 1236 9.86 -11.12 0.24
C ASN F 1236 10.08 -9.61 0.27
N HIS F 1237 9.77 -8.96 1.38
CA HIS F 1237 9.82 -7.50 1.48
C HIS F 1237 11.17 -7.11 2.09
N LEU F 1238 12.12 -6.75 1.22
CA LEU F 1238 13.49 -6.47 1.62
C LEU F 1238 13.85 -5.04 1.27
N VAL F 1239 14.68 -4.42 2.10
CA VAL F 1239 15.09 -3.03 1.86
C VAL F 1239 15.94 -2.88 0.61
N ASP F 1240 16.52 -3.96 0.10
CA ASP F 1240 17.23 -3.85 -1.17
C ASP F 1240 16.32 -3.39 -2.29
N ASP F 1241 15.04 -3.74 -2.24
CA ASP F 1241 14.08 -3.34 -3.25
C ASP F 1241 13.18 -2.19 -2.78
N LYS F 1242 13.47 -1.60 -1.62
CA LYS F 1242 12.57 -0.59 -1.06
C LYS F 1242 13.30 0.66 -0.61
N MET F 1243 14.58 0.80 -0.93
CA MET F 1243 15.34 2.00 -0.59
C MET F 1243 15.48 2.81 -1.86
N HIS F 1244 15.16 4.10 -1.78
CA HIS F 1244 15.16 4.96 -2.95
C HIS F 1244 15.49 6.38 -2.52
N ALA F 1245 16.10 7.13 -3.43
CA ALA F 1245 16.44 8.52 -3.18
C ALA F 1245 16.71 9.19 -4.51
N ARG F 1246 16.32 10.47 -4.62
CA ARG F 1246 16.44 11.21 -5.85
C ARG F 1246 16.77 12.66 -5.56
N SER F 1247 17.65 13.25 -6.36
CA SER F 1247 17.94 14.68 -6.29
C SER F 1247 17.67 15.39 -7.61
N THR F 1248 17.82 14.69 -8.73
CA THR F 1248 17.43 15.22 -10.04
C THR F 1248 17.34 14.03 -10.99
N GLY F 1249 16.38 14.08 -11.91
CA GLY F 1249 16.21 12.97 -12.82
C GLY F 1249 15.58 13.37 -14.14
N SER F 1250 14.59 12.60 -14.57
CA SER F 1250 13.83 12.88 -15.77
C SER F 1250 12.41 13.29 -15.40
N TYR F 1251 11.89 14.28 -16.13
CA TYR F 1251 10.59 14.86 -15.85
C TYR F 1251 9.62 14.50 -16.97
N SER F 1252 8.34 14.48 -16.64
CA SER F 1252 7.32 14.17 -17.62
C SER F 1252 7.26 15.24 -18.70
N LEU F 1253 6.89 14.83 -19.92
CA LEU F 1253 6.91 15.75 -21.05
C LEU F 1253 5.95 16.91 -20.83
N VAL F 1254 4.76 16.63 -20.34
CA VAL F 1254 3.80 17.66 -19.97
C VAL F 1254 3.77 17.72 -18.45
N THR F 1255 3.50 18.91 -17.91
CA THR F 1255 3.46 19.21 -16.48
C THR F 1255 4.85 19.25 -15.87
N GLN F 1256 5.86 18.84 -16.64
CA GLN F 1256 7.27 18.98 -16.26
C GLN F 1256 7.56 18.64 -14.80
N GLN F 1257 6.90 17.62 -14.27
CA GLN F 1257 7.13 17.17 -12.91
C GLN F 1257 7.93 15.88 -12.92
N PRO F 1258 8.62 15.55 -11.82
CA PRO F 1258 9.41 14.32 -11.80
C PRO F 1258 8.54 13.09 -12.00
N LEU F 1259 9.12 12.07 -12.63
CA LEU F 1259 8.41 10.82 -12.84
C LEU F 1259 8.13 10.15 -11.50
N GLY F 1260 7.36 9.08 -11.55
CA GLY F 1260 6.90 8.42 -10.34
C GLY F 1260 7.41 7.01 -10.21
N GLY F 1261 7.95 6.70 -9.04
CA GLY F 1261 8.27 5.34 -8.68
C GLY F 1261 9.72 4.98 -8.98
N LYS F 1262 10.18 3.92 -8.32
CA LYS F 1262 11.49 3.36 -8.57
C LYS F 1262 11.55 2.75 -9.97
N ALA F 1263 12.75 2.37 -10.38
CA ALA F 1263 13.05 1.88 -11.71
C ALA F 1263 12.86 2.95 -12.78
N GLN F 1264 12.37 4.12 -12.40
CA GLN F 1264 12.35 5.29 -13.27
C GLN F 1264 12.96 6.50 -12.58
N PHE F 1265 13.57 6.33 -11.40
CA PHE F 1265 14.18 7.41 -10.65
C PHE F 1265 13.15 8.50 -10.34
N GLY F 1266 12.13 8.11 -9.61
CA GLY F 1266 11.06 9.03 -9.31
C GLY F 1266 11.22 9.71 -7.97
N GLY F 1267 10.42 10.75 -7.77
CA GLY F 1267 10.39 11.48 -6.52
C GLY F 1267 9.14 11.15 -5.74
N GLN F 1268 9.24 11.23 -4.42
CA GLN F 1268 8.11 10.92 -3.56
C GLN F 1268 6.99 11.93 -3.80
N ARG F 1269 5.75 11.47 -3.71
CA ARG F 1269 4.61 12.31 -3.98
C ARG F 1269 4.26 13.11 -2.74
N PHE F 1270 4.29 14.43 -2.87
CA PHE F 1270 3.81 15.32 -1.82
C PHE F 1270 2.32 15.51 -2.05
N GLY F 1271 1.53 14.62 -1.46
CA GLY F 1271 0.11 14.57 -1.73
C GLY F 1271 -0.64 15.75 -1.13
N GLU F 1272 -1.96 15.67 -1.21
CA GLU F 1272 -2.78 16.76 -0.69
C GLU F 1272 -2.65 16.89 0.82
N MET F 1273 -2.68 15.78 1.54
CA MET F 1273 -2.67 15.84 3.00
C MET F 1273 -1.32 16.33 3.52
N GLU F 1274 -0.23 16.06 2.80
CA GLU F 1274 1.06 16.59 3.20
C GLU F 1274 1.05 18.11 3.16
N VAL F 1275 0.48 18.69 2.12
CA VAL F 1275 0.37 20.14 2.03
C VAL F 1275 -0.58 20.68 3.09
N TRP F 1276 -1.64 19.93 3.41
CA TRP F 1276 -2.50 20.35 4.53
C TRP F 1276 -1.69 20.43 5.82
N ALA F 1277 -0.85 19.44 6.06
CA ALA F 1277 -0.04 19.43 7.28
C ALA F 1277 0.95 20.58 7.29
N LEU F 1278 1.58 20.86 6.15
CA LEU F 1278 2.52 21.98 6.09
C LEU F 1278 1.81 23.31 6.31
N GLU F 1279 0.60 23.46 5.76
CA GLU F 1279 -0.18 24.67 6.04
C GLU F 1279 -0.54 24.76 7.51
N ALA F 1280 -0.88 23.63 8.12
CA ALA F 1280 -1.21 23.63 9.54
C ALA F 1280 -0.01 24.05 10.37
N TYR F 1281 1.19 23.66 9.97
CA TYR F 1281 2.38 24.12 10.66
C TYR F 1281 2.60 25.61 10.47
N GLY F 1282 2.05 26.19 9.41
CA GLY F 1282 2.36 27.55 9.04
C GLY F 1282 3.58 27.69 8.17
N ALA F 1283 4.04 26.59 7.56
CA ALA F 1283 5.29 26.58 6.80
C ALA F 1283 5.02 27.08 5.39
N ALA F 1284 5.18 28.37 5.18
CA ALA F 1284 4.90 28.94 3.86
C ALA F 1284 6.06 28.76 2.90
N TYR F 1285 7.30 28.97 3.36
CA TYR F 1285 8.43 28.90 2.43
C TYR F 1285 8.74 27.46 2.04
N THR F 1286 8.63 26.53 2.99
CA THR F 1286 8.81 25.12 2.65
C THR F 1286 7.75 24.67 1.64
N LEU F 1287 6.51 25.10 1.85
CA LEU F 1287 5.43 24.75 0.93
C LEU F 1287 5.69 25.35 -0.45
N GLN F 1288 6.12 26.61 -0.50
CA GLN F 1288 6.39 27.25 -1.79
C GLN F 1288 7.51 26.53 -2.54
N GLU F 1289 8.57 26.16 -1.84
CA GLU F 1289 9.66 25.45 -2.52
C GLU F 1289 9.23 24.04 -2.93
N MET F 1290 8.34 23.41 -2.17
CA MET F 1290 7.84 22.10 -2.55
C MET F 1290 6.88 22.15 -3.72
N LEU F 1291 6.23 23.29 -3.95
CA LEU F 1291 5.26 23.43 -5.02
C LEU F 1291 5.84 23.94 -6.33
N THR F 1292 6.87 24.79 -6.29
CA THR F 1292 7.39 25.40 -7.51
C THR F 1292 8.81 24.94 -7.83
N VAL F 1293 9.76 25.19 -6.94
CA VAL F 1293 11.17 25.00 -7.26
C VAL F 1293 11.50 23.53 -7.39
N LYS F 1294 11.02 22.69 -6.47
CA LYS F 1294 11.39 21.28 -6.51
C LYS F 1294 10.73 20.55 -7.66
N SER F 1295 9.51 20.94 -8.04
CA SER F 1295 8.74 20.12 -8.95
C SER F 1295 8.52 20.76 -10.33
N ASP F 1296 7.80 21.88 -10.41
CA ASP F 1296 7.22 22.29 -11.67
C ASP F 1296 7.87 23.50 -12.33
N ASP F 1297 8.47 24.41 -11.55
CA ASP F 1297 9.08 25.60 -12.14
C ASP F 1297 10.28 25.19 -13.00
N VAL F 1298 10.13 25.32 -14.32
CA VAL F 1298 11.17 24.83 -15.23
C VAL F 1298 12.47 25.59 -15.04
N ASN F 1299 12.40 26.92 -14.99
CA ASN F 1299 13.59 27.72 -14.75
C ASN F 1299 13.97 27.79 -13.27
N GLY F 1300 12.98 27.67 -12.38
CA GLY F 1300 13.30 27.65 -10.96
C GLY F 1300 14.17 26.48 -10.57
N ARG F 1301 13.98 25.33 -11.21
CA ARG F 1301 14.83 24.18 -10.94
C ARG F 1301 16.28 24.49 -11.21
N THR F 1302 16.58 24.97 -12.42
CA THR F 1302 17.96 25.24 -12.79
C THR F 1302 18.56 26.36 -11.95
N LYS F 1303 17.77 27.41 -11.69
CA LYS F 1303 18.28 28.49 -10.86
C LYS F 1303 18.58 28.03 -9.45
N MET F 1304 17.71 27.18 -8.88
CA MET F 1304 17.93 26.70 -7.53
C MET F 1304 19.16 25.80 -7.47
N TYR F 1305 19.33 24.95 -8.48
CA TYR F 1305 20.52 24.10 -8.53
C TYR F 1305 21.79 24.92 -8.63
N LYS F 1306 21.79 25.95 -9.47
CA LYS F 1306 22.97 26.79 -9.60
C LYS F 1306 23.24 27.55 -8.31
N ASN F 1307 22.17 28.00 -7.64
CA ASN F 1307 22.33 28.69 -6.36
C ASN F 1307 22.91 27.76 -5.30
N ILE F 1308 22.48 26.50 -5.28
CA ILE F 1308 23.00 25.54 -4.31
C ILE F 1308 24.47 25.27 -4.57
N VAL F 1309 24.82 24.98 -5.82
CA VAL F 1309 26.21 24.65 -6.15
C VAL F 1309 27.10 25.85 -5.87
N ASP F 1310 26.63 27.06 -6.19
CA ASP F 1310 27.34 28.26 -5.77
C ASP F 1310 27.43 28.32 -4.25
N GLY F 1311 26.34 27.98 -3.57
CA GLY F 1311 26.32 28.01 -2.12
C GLY F 1311 25.49 29.16 -1.60
N ASN F 1312 24.42 29.50 -2.32
CA ASN F 1312 23.62 30.68 -2.04
C ASN F 1312 22.34 30.35 -1.28
N HIS F 1313 21.73 29.20 -1.51
CA HIS F 1313 20.51 28.79 -0.81
C HIS F 1313 19.41 29.83 -0.96
N GLN F 1314 19.29 30.38 -2.17
CA GLN F 1314 18.28 31.38 -2.49
C GLN F 1314 17.19 30.75 -3.34
N MET F 1315 15.95 31.16 -3.12
CA MET F 1315 14.84 30.49 -3.78
C MET F 1315 14.65 30.96 -5.21
N GLU F 1316 14.37 32.25 -5.41
CA GLU F 1316 14.00 32.81 -6.70
C GLU F 1316 12.87 31.99 -7.31
N PRO F 1317 11.68 32.05 -6.73
CA PRO F 1317 10.59 31.18 -7.21
C PRO F 1317 10.01 31.68 -8.52
N GLY F 1318 8.98 31.00 -9.00
CA GLY F 1318 8.41 31.37 -10.29
C GLY F 1318 7.00 30.87 -10.49
N MET F 1319 6.72 30.35 -11.68
CA MET F 1319 5.37 30.02 -12.10
C MET F 1319 5.30 28.54 -12.42
N PRO F 1320 4.56 27.74 -11.66
CA PRO F 1320 4.51 26.30 -11.95
C PRO F 1320 3.98 26.03 -13.35
N GLU F 1321 4.64 25.09 -14.04
CA GLU F 1321 4.20 24.73 -15.38
C GLU F 1321 2.84 24.05 -15.37
N SER F 1322 2.48 23.41 -14.26
CA SER F 1322 1.18 22.75 -14.18
C SER F 1322 0.05 23.75 -14.31
N PHE F 1323 0.20 24.94 -13.73
CA PHE F 1323 -0.86 25.94 -13.86
C PHE F 1323 -0.92 26.53 -15.26
N ASN F 1324 0.21 26.68 -15.94
CA ASN F 1324 0.15 27.09 -17.33
C ASN F 1324 -0.55 26.04 -18.19
N VAL F 1325 -0.29 24.76 -17.91
CA VAL F 1325 -0.98 23.69 -18.62
C VAL F 1325 -2.47 23.77 -18.35
N LEU F 1326 -2.85 24.01 -17.09
CA LEU F 1326 -4.26 24.12 -16.76
C LEU F 1326 -4.91 25.30 -17.46
N LEU F 1327 -4.22 26.44 -17.52
CA LEU F 1327 -4.75 27.58 -18.24
C LEU F 1327 -4.96 27.26 -19.71
N LYS F 1328 -4.01 26.57 -20.33
CA LYS F 1328 -4.19 26.21 -21.74
C LYS F 1328 -5.33 25.23 -21.92
N GLU F 1329 -5.51 24.31 -20.97
CA GLU F 1329 -6.60 23.35 -21.06
C GLU F 1329 -7.95 24.05 -20.91
N ILE F 1330 -8.05 25.03 -20.02
CA ILE F 1330 -9.30 25.76 -19.85
C ILE F 1330 -9.57 26.63 -21.07
N ARG F 1331 -8.54 27.30 -21.57
CA ARG F 1331 -8.69 28.13 -22.76
C ARG F 1331 -9.08 27.30 -23.97
N SER F 1332 -8.65 26.04 -24.01
CA SER F 1332 -9.02 25.16 -25.11
C SER F 1332 -10.50 24.82 -25.10
N LEU F 1333 -11.19 25.08 -23.99
CA LEU F 1333 -12.64 25.05 -23.95
C LEU F 1333 -13.16 26.35 -24.54
N GLY F 1334 -14.43 26.66 -24.33
CA GLY F 1334 -14.96 27.91 -24.83
C GLY F 1334 -14.81 29.04 -23.83
N ILE F 1335 -13.94 28.85 -22.85
CA ILE F 1335 -13.85 29.70 -21.68
C ILE F 1335 -12.52 30.47 -21.71
N ASN F 1336 -12.58 31.77 -21.46
CA ASN F 1336 -11.40 32.62 -21.40
C ASN F 1336 -10.99 32.83 -19.94
N ILE F 1337 -9.77 32.45 -19.60
CA ILE F 1337 -9.19 32.70 -18.30
C ILE F 1337 -7.82 33.34 -18.50
N GLU F 1338 -7.55 34.42 -17.78
CA GLU F 1338 -6.32 35.16 -17.98
C GLU F 1338 -5.76 35.60 -16.64
N LEU F 1339 -4.59 36.22 -16.68
CA LEU F 1339 -3.91 36.73 -15.50
C LEU F 1339 -4.00 38.25 -15.52
N GLU F 1340 -4.82 38.82 -14.65
CA GLU F 1340 -4.94 40.26 -14.59
C GLU F 1340 -3.77 40.86 -13.84
N ASP F 1341 -3.63 42.18 -13.96
CA ASP F 1341 -2.52 42.89 -13.35
C ASP F 1341 -3.01 43.77 -12.20
N LEU G 1 20.14 43.40 -32.43
CA LEU G 1 18.98 42.62 -31.99
C LEU G 1 19.42 41.32 -31.33
N LEU G 2 20.40 41.41 -30.44
CA LEU G 2 20.95 40.26 -29.75
C LEU G 2 20.89 40.49 -28.24
N LYS G 3 21.39 39.51 -27.49
CA LYS G 3 21.34 39.52 -26.03
C LYS G 3 19.90 39.69 -25.53
N PHE G 4 19.01 38.88 -26.08
CA PHE G 4 17.60 38.92 -25.72
C PHE G 4 17.26 37.69 -24.89
N LEU G 5 16.52 37.89 -23.80
CA LEU G 5 16.04 36.81 -22.96
C LEU G 5 14.51 36.84 -23.00
N LYS G 6 13.92 35.71 -23.36
CA LYS G 6 12.46 35.60 -23.42
C LYS G 6 11.89 34.70 -22.34
N ALA G 7 12.64 33.69 -21.89
CA ALA G 7 12.16 32.85 -20.82
C ALA G 7 12.06 33.61 -19.50
N GLN G 8 13.04 34.46 -19.20
CA GLN G 8 12.98 35.24 -17.97
C GLN G 8 11.84 36.24 -17.99
N THR G 9 11.67 36.96 -19.10
CA THR G 9 10.58 37.91 -19.22
C THR G 9 9.23 37.26 -19.45
N LYS G 10 9.20 35.94 -19.72
CA LYS G 10 7.93 35.25 -19.87
C LYS G 10 7.14 35.24 -18.57
N THR G 11 7.82 35.36 -17.43
CA THR G 11 7.16 35.44 -16.14
C THR G 11 6.85 36.90 -15.84
N GLU G 12 5.56 37.24 -15.78
CA GLU G 12 5.11 38.59 -15.56
C GLU G 12 4.31 38.67 -14.27
N GLU G 13 4.35 39.84 -13.63
CA GLU G 13 3.61 40.05 -12.40
C GLU G 13 2.12 39.96 -12.67
N PHE G 14 1.40 39.31 -11.77
CA PHE G 14 -0.02 39.10 -11.94
C PHE G 14 -0.69 38.98 -10.58
N ASP G 15 -2.01 39.17 -10.58
CA ASP G 15 -2.84 38.91 -9.42
C ASP G 15 -4.29 38.91 -9.87
N ALA G 16 -5.13 38.21 -9.10
CA ALA G 16 -6.58 38.22 -9.30
C ALA G 16 -6.94 37.74 -10.71
N ILE G 17 -6.74 36.45 -10.92
CA ILE G 17 -7.09 35.85 -12.21
C ILE G 17 -8.59 35.96 -12.42
N LYS G 18 -8.98 36.21 -13.67
CA LYS G 18 -10.37 36.42 -14.03
C LYS G 18 -10.77 35.43 -15.12
N ILE G 19 -12.07 35.21 -15.25
CA ILE G 19 -12.61 34.21 -16.15
C ILE G 19 -13.87 34.76 -16.80
N ALA G 20 -14.08 34.44 -18.07
CA ALA G 20 -15.27 34.88 -18.80
C ALA G 20 -15.37 34.08 -20.08
N LEU G 21 -16.49 34.25 -20.77
CA LEU G 21 -16.69 33.59 -22.06
C LEU G 21 -15.71 34.13 -23.09
N ALA G 22 -15.35 33.27 -24.04
CA ALA G 22 -14.38 33.59 -25.07
C ALA G 22 -15.11 33.93 -26.37
N SER G 23 -14.97 35.15 -26.82
CA SER G 23 -15.60 35.59 -28.05
C SER G 23 -14.86 35.03 -29.26
N PRO G 24 -15.56 34.80 -30.37
CA PRO G 24 -14.88 34.24 -31.56
C PRO G 24 -13.70 35.07 -32.05
N ASP G 25 -13.80 36.40 -32.02
CA ASP G 25 -12.67 37.22 -32.43
C ASP G 25 -11.50 37.03 -31.49
N MET G 26 -11.77 36.90 -30.18
CA MET G 26 -10.71 36.63 -29.23
C MET G 26 -10.09 35.25 -29.46
N ILE G 27 -10.92 34.27 -29.83
CA ILE G 27 -10.40 32.95 -30.17
C ILE G 27 -9.46 33.06 -31.37
N ARG G 28 -9.85 33.84 -32.38
CA ARG G 28 -8.94 34.09 -33.49
C ARG G 28 -7.66 34.75 -33.03
N SER G 29 -7.77 35.66 -32.05
CA SER G 29 -6.60 36.36 -31.54
C SER G 29 -5.62 35.40 -30.89
N TRP G 30 -6.11 34.43 -30.11
CA TRP G 30 -5.22 33.43 -29.52
C TRP G 30 -4.50 32.65 -30.60
N SER G 31 -5.23 32.21 -31.63
CA SER G 31 -4.70 31.27 -32.59
C SER G 31 -3.58 31.88 -33.42
N PHE G 32 -2.60 31.05 -33.75
CA PHE G 32 -1.55 31.43 -34.69
C PHE G 32 -1.79 30.83 -36.07
N GLY G 33 -2.93 30.21 -36.29
CA GLY G 33 -3.27 29.66 -37.58
C GLY G 33 -4.57 28.89 -37.51
N GLU G 34 -4.95 28.36 -38.66
CA GLU G 34 -6.16 27.54 -38.80
C GLU G 34 -5.78 26.19 -39.35
N VAL G 35 -6.31 25.13 -38.75
CA VAL G 35 -6.05 23.77 -39.20
C VAL G 35 -7.21 23.32 -40.07
N LYS G 36 -6.90 22.62 -41.16
CA LYS G 36 -7.90 22.07 -42.05
C LYS G 36 -7.71 20.59 -42.37
N LYS G 37 -6.48 20.07 -42.32
CA LYS G 37 -6.23 18.69 -42.64
C LYS G 37 -6.12 17.86 -41.38
N PRO G 38 -6.82 16.74 -41.29
CA PRO G 38 -6.81 15.96 -40.05
C PRO G 38 -5.52 15.19 -39.80
N GLU G 39 -4.71 14.99 -40.84
CA GLU G 39 -3.56 14.09 -40.73
C GLU G 39 -2.63 14.52 -39.60
N THR G 40 -2.16 13.54 -38.82
CA THR G 40 -1.38 13.82 -37.63
C THR G 40 0.12 13.85 -37.93
N ILE G 41 0.68 12.71 -38.37
CA ILE G 41 2.03 12.65 -38.93
C ILE G 41 2.01 11.66 -40.08
N ASN G 42 2.72 12.00 -41.15
CA ASN G 42 2.88 11.08 -42.26
C ASN G 42 4.18 10.29 -42.08
N TYR G 43 4.26 9.17 -42.80
CA TYR G 43 5.41 8.28 -42.68
C TYR G 43 6.34 8.36 -43.88
N ARG G 44 5.99 9.15 -44.90
CA ARG G 44 6.87 9.28 -46.06
C ARG G 44 8.12 10.09 -45.73
N THR G 45 8.04 11.01 -44.78
CA THR G 45 9.20 11.76 -44.35
C THR G 45 9.26 12.01 -42.84
N PHE G 46 8.30 11.51 -42.07
CA PHE G 46 8.28 11.67 -40.61
C PHE G 46 8.30 13.14 -40.21
N LYS G 47 7.41 13.93 -40.82
CA LYS G 47 7.28 15.34 -40.49
C LYS G 47 5.81 15.69 -40.31
N PRO G 48 5.51 16.68 -39.47
CA PRO G 48 4.13 17.16 -39.36
C PRO G 48 3.61 17.71 -40.68
N GLU G 49 2.31 17.51 -40.93
CA GLU G 49 1.69 17.90 -42.19
C GLU G 49 1.54 19.41 -42.32
N ARG G 50 1.37 19.83 -43.57
CA ARG G 50 1.14 21.23 -43.89
C ARG G 50 -0.33 21.54 -43.59
N ASP G 51 -0.57 22.41 -42.61
CA ASP G 51 -1.90 22.62 -42.03
C ASP G 51 -2.46 21.33 -41.43
N GLY G 52 -1.68 20.70 -40.56
CA GLY G 52 -2.13 19.53 -39.84
C GLY G 52 -2.46 19.83 -38.38
N LEU G 53 -2.88 18.78 -37.67
CA LEU G 53 -3.10 18.91 -36.23
C LEU G 53 -1.79 19.23 -35.52
N PHE G 54 -0.73 18.49 -35.82
CA PHE G 54 0.63 18.89 -35.52
C PHE G 54 1.13 19.61 -36.76
N CYS G 55 1.40 20.90 -36.64
CA CYS G 55 1.93 21.65 -37.76
C CYS G 55 3.19 22.38 -37.35
N ALA G 56 3.96 22.80 -38.36
CA ALA G 56 5.19 23.53 -38.12
C ALA G 56 5.10 24.99 -38.51
N ARG G 57 4.24 25.35 -39.47
CA ARG G 57 3.98 26.77 -39.74
C ARG G 57 3.36 27.44 -38.53
N ILE G 58 2.40 26.75 -37.91
CA ILE G 58 1.86 27.17 -36.64
C ILE G 58 2.42 26.23 -35.57
N PHE G 59 2.18 26.57 -34.31
CA PHE G 59 2.67 25.80 -33.16
C PHE G 59 4.18 25.88 -33.00
N GLY G 60 4.87 26.53 -33.93
CA GLY G 60 6.29 26.68 -33.85
C GLY G 60 7.05 25.53 -34.48
N PRO G 61 8.38 25.58 -34.42
CA PRO G 61 9.19 24.54 -35.07
C PRO G 61 9.22 23.27 -34.26
N VAL G 62 9.91 22.25 -34.79
CA VAL G 62 9.94 20.93 -34.17
C VAL G 62 11.22 20.66 -33.42
N LYS G 63 12.37 21.11 -33.93
CA LYS G 63 13.65 20.76 -33.32
C LYS G 63 14.48 22.02 -33.18
N ASP G 64 14.75 22.43 -31.93
CA ASP G 64 15.61 23.56 -31.63
C ASP G 64 15.22 24.80 -32.43
N TYR G 65 16.20 25.45 -33.03
CA TYR G 65 15.96 26.61 -33.86
C TYR G 65 15.84 26.28 -35.34
N GLU G 66 15.93 25.01 -35.70
CA GLU G 66 15.85 24.63 -37.11
C GLU G 66 14.43 24.79 -37.63
N CYS G 67 14.32 25.18 -38.89
CA CYS G 67 13.05 25.26 -39.58
C CYS G 67 12.99 24.18 -40.66
N LEU G 68 11.78 23.88 -41.12
CA LEU G 68 11.60 22.82 -42.10
C LEU G 68 12.31 23.20 -43.41
N CYS G 69 12.73 22.16 -44.14
CA CYS G 69 13.52 22.24 -45.37
C CYS G 69 14.94 22.74 -45.11
N GLY G 70 15.27 23.12 -43.88
CA GLY G 70 16.63 23.51 -43.54
C GLY G 70 17.13 24.74 -44.26
N LYS G 71 16.23 25.60 -44.73
CA LYS G 71 16.68 26.83 -45.38
C LYS G 71 17.37 27.76 -44.39
N TYR G 72 16.75 28.02 -43.25
CA TYR G 72 17.33 28.84 -42.20
C TYR G 72 17.30 28.01 -40.92
N LYS G 73 18.44 27.42 -40.55
CA LYS G 73 18.52 26.58 -39.35
C LYS G 73 19.83 26.88 -38.61
N ARG G 74 19.78 27.85 -37.71
CA ARG G 74 20.87 28.21 -36.80
C ARG G 74 20.33 29.29 -35.86
N LEU G 75 21.20 29.72 -34.94
CA LEU G 75 20.86 30.85 -34.07
C LEU G 75 21.07 32.19 -34.76
N LYS G 76 21.83 32.22 -35.86
CA LYS G 76 22.06 33.48 -36.55
C LYS G 76 20.75 34.08 -37.05
N HIS G 77 19.89 33.24 -37.61
CA HIS G 77 18.57 33.67 -38.04
C HIS G 77 17.60 33.52 -36.88
N ARG G 78 16.80 34.55 -36.64
CA ARG G 78 15.88 34.55 -35.50
C ARG G 78 14.59 35.25 -35.90
N GLY G 79 13.47 34.59 -35.64
CA GLY G 79 12.18 35.16 -36.00
C GLY G 79 12.02 35.40 -37.48
N VAL G 80 12.56 34.51 -38.30
CA VAL G 80 12.46 34.61 -39.75
C VAL G 80 11.61 33.45 -40.24
N ILE G 81 10.76 33.72 -41.22
CA ILE G 81 9.84 32.73 -41.76
C ILE G 81 10.35 32.31 -43.13
N CYS G 82 10.59 31.01 -43.30
CA CYS G 82 11.11 30.53 -44.56
C CYS G 82 10.10 30.75 -45.68
N GLU G 83 10.62 30.98 -46.88
CA GLU G 83 9.74 31.13 -48.04
C GLU G 83 8.99 29.85 -48.33
N LYS G 84 9.67 28.71 -48.27
CA LYS G 84 9.03 27.43 -48.58
C LYS G 84 8.02 27.03 -47.51
N CYS G 85 8.40 27.16 -46.24
CA CYS G 85 7.55 26.76 -45.13
C CYS G 85 7.37 27.94 -44.18
N GLY G 86 6.13 28.13 -43.72
CA GLY G 86 5.81 29.27 -42.89
C GLY G 86 6.38 29.19 -41.48
N VAL G 87 7.30 28.24 -41.26
CA VAL G 87 7.87 28.03 -39.94
C VAL G 87 8.76 29.21 -39.58
N GLU G 88 8.74 29.61 -38.32
CA GLU G 88 9.65 30.64 -37.83
C GLU G 88 10.66 30.02 -36.89
N VAL G 89 11.85 30.61 -36.83
CA VAL G 89 12.94 30.07 -36.04
C VAL G 89 12.79 30.57 -34.61
N THR G 90 12.56 29.66 -33.68
CA THR G 90 12.42 30.01 -32.26
C THR G 90 12.72 28.78 -31.41
N GLN G 91 12.42 28.89 -30.12
CA GLN G 91 12.98 28.02 -29.08
C GLN G 91 12.30 26.66 -29.00
N THR G 92 11.25 26.42 -29.80
CA THR G 92 10.46 25.17 -29.88
C THR G 92 9.97 24.72 -28.51
N LYS G 93 10.10 25.57 -27.49
CA LYS G 93 9.32 25.44 -26.29
C LYS G 93 7.95 26.07 -26.44
N VAL G 94 7.73 26.80 -27.54
CA VAL G 94 6.42 27.37 -27.85
C VAL G 94 5.45 26.33 -28.36
N ARG G 95 5.88 25.09 -28.54
CA ARG G 95 4.95 24.02 -28.87
C ARG G 95 3.94 23.80 -27.76
N ARG G 96 4.22 24.31 -26.56
CA ARG G 96 3.31 24.20 -25.44
C ARG G 96 2.40 25.42 -25.29
N GLU G 97 2.58 26.46 -26.11
CA GLU G 97 1.86 27.71 -25.90
C GLU G 97 1.02 28.14 -27.10
N ARG G 98 1.50 27.94 -28.32
CA ARG G 98 0.74 28.34 -29.49
C ARG G 98 -0.52 27.48 -29.63
N MET G 99 -1.65 28.13 -29.88
CA MET G 99 -2.95 27.47 -29.73
C MET G 99 -3.55 26.97 -31.03
N GLY G 100 -3.82 27.85 -31.99
CA GLY G 100 -4.52 27.46 -33.20
C GLY G 100 -6.02 27.44 -33.00
N HIS G 101 -6.74 27.23 -34.10
CA HIS G 101 -8.20 27.29 -34.08
C HIS G 101 -8.77 26.50 -35.24
N ILE G 102 -10.08 26.26 -35.16
CA ILE G 102 -10.82 25.53 -36.18
C ILE G 102 -12.04 26.36 -36.57
N GLU G 103 -12.19 26.63 -37.85
CA GLU G 103 -13.38 27.27 -38.39
C GLU G 103 -14.42 26.20 -38.69
N LEU G 104 -15.55 26.25 -38.00
CA LEU G 104 -16.54 25.18 -38.06
C LEU G 104 -17.44 25.25 -39.28
N ALA G 105 -17.52 26.38 -39.96
CA ALA G 105 -18.34 26.57 -41.15
C ALA G 105 -19.82 26.32 -40.90
N SER G 106 -20.20 26.04 -39.66
CA SER G 106 -21.56 25.77 -39.26
C SER G 106 -21.67 25.93 -37.75
N PRO G 107 -22.58 26.78 -37.26
CA PRO G 107 -22.65 27.01 -35.81
C PRO G 107 -22.99 25.73 -35.07
N THR G 108 -22.40 25.58 -33.89
CA THR G 108 -22.65 24.46 -33.01
C THR G 108 -22.77 24.96 -31.58
N ALA G 109 -23.45 24.17 -30.76
CA ALA G 109 -23.75 24.57 -29.40
C ALA G 109 -22.70 24.06 -28.42
N HIS G 110 -22.58 24.75 -27.29
CA HIS G 110 -21.65 24.36 -26.25
C HIS G 110 -22.35 23.44 -25.26
N ILE G 111 -21.92 22.17 -25.22
CA ILE G 111 -22.51 21.20 -24.31
C ILE G 111 -22.30 21.62 -22.86
N TRP G 112 -21.28 22.44 -22.60
CA TRP G 112 -21.01 22.93 -21.25
C TRP G 112 -22.23 23.64 -20.67
N PHE G 113 -22.84 24.54 -21.45
CA PHE G 113 -23.94 25.35 -20.96
C PHE G 113 -25.30 24.76 -21.32
N LEU G 114 -25.40 24.08 -22.46
CA LEU G 114 -26.67 23.48 -22.86
C LEU G 114 -27.07 22.37 -21.91
N LYS G 115 -26.14 21.47 -21.57
CA LYS G 115 -26.47 20.26 -20.82
C LYS G 115 -25.80 20.33 -19.45
N SER G 116 -26.49 21.00 -18.53
CA SER G 116 -26.18 20.95 -17.11
C SER G 116 -27.45 21.32 -16.37
N LEU G 117 -27.62 20.78 -15.16
CA LEU G 117 -28.92 20.83 -14.50
C LEU G 117 -29.50 22.23 -14.41
N PRO G 118 -28.75 23.28 -14.02
CA PRO G 118 -29.29 24.63 -14.23
C PRO G 118 -28.86 25.19 -15.58
N SER G 119 -29.50 24.69 -16.65
CA SER G 119 -29.11 25.06 -18.00
C SER G 119 -29.16 26.56 -18.20
N ARG G 120 -28.00 27.15 -18.49
CA ARG G 120 -27.92 28.61 -18.61
C ARG G 120 -28.70 29.09 -19.82
N ILE G 121 -28.45 28.49 -20.99
CA ILE G 121 -29.15 28.91 -22.20
C ILE G 121 -30.63 28.56 -22.11
N GLY G 122 -30.95 27.42 -21.51
CA GLY G 122 -32.34 27.00 -21.41
C GLY G 122 -33.20 27.98 -20.64
N LEU G 123 -32.72 28.41 -19.46
CA LEU G 123 -33.49 29.37 -18.68
C LEU G 123 -33.29 30.80 -19.15
N LEU G 124 -32.21 31.09 -19.88
CA LEU G 124 -32.12 32.38 -20.55
C LEU G 124 -33.20 32.52 -21.62
N LEU G 125 -33.50 31.43 -22.31
CA LEU G 125 -34.56 31.41 -23.31
C LEU G 125 -35.94 31.27 -22.71
N ASP G 126 -36.04 30.98 -21.41
CA ASP G 126 -37.31 30.77 -20.71
C ASP G 126 -38.13 29.69 -21.40
N MET G 127 -37.45 28.61 -21.79
CA MET G 127 -38.14 27.49 -22.41
C MET G 127 -37.50 26.19 -21.95
N PRO G 128 -38.26 25.10 -21.89
CA PRO G 128 -37.74 23.86 -21.30
C PRO G 128 -36.57 23.29 -22.09
N LEU G 129 -35.74 22.51 -21.39
CA LEU G 129 -34.55 21.93 -22.00
C LEU G 129 -34.89 20.98 -23.14
N ARG G 130 -36.04 20.30 -23.07
CA ARG G 130 -36.36 19.31 -24.09
C ARG G 130 -36.62 19.96 -25.43
N ASP G 131 -37.25 21.14 -25.43
CA ASP G 131 -37.50 21.82 -26.69
C ASP G 131 -36.21 22.25 -27.37
N ILE G 132 -35.27 22.82 -26.61
CA ILE G 132 -34.01 23.23 -27.22
C ILE G 132 -33.19 22.01 -27.63
N GLU G 133 -33.24 20.94 -26.85
CA GLU G 133 -32.54 19.72 -27.22
C GLU G 133 -33.10 19.13 -28.52
N ARG G 134 -34.43 19.16 -28.67
CA ARG G 134 -35.04 18.63 -29.88
C ARG G 134 -34.74 19.50 -31.08
N VAL G 135 -34.77 20.83 -30.91
CA VAL G 135 -34.54 21.71 -32.05
C VAL G 135 -33.07 21.70 -32.44
N LEU G 136 -32.18 21.48 -31.48
CA LEU G 136 -30.74 21.49 -31.74
C LEU G 136 -30.28 20.24 -32.48
N TYR G 137 -31.09 19.19 -32.49
CA TYR G 137 -30.76 17.95 -33.19
C TYR G 137 -31.72 17.68 -34.33
N PHE G 138 -32.44 18.71 -34.78
CA PHE G 138 -33.23 18.69 -36.01
C PHE G 138 -34.44 17.77 -35.91
N GLU G 139 -35.01 17.63 -34.70
CA GLU G 139 -36.27 16.92 -34.59
C GLU G 139 -37.45 17.83 -34.86
N SER G 140 -37.34 19.12 -34.55
CA SER G 140 -38.40 20.08 -34.77
C SER G 140 -37.79 21.42 -35.11
N TYR G 141 -38.59 22.26 -35.76
CA TYR G 141 -38.18 23.60 -36.14
C TYR G 141 -38.48 24.57 -35.01
N VAL G 142 -38.02 25.81 -35.17
CA VAL G 142 -38.45 26.92 -34.32
C VAL G 142 -38.60 28.14 -35.22
N VAL G 143 -39.66 28.90 -35.00
CA VAL G 143 -39.96 30.08 -35.81
C VAL G 143 -39.53 31.32 -35.04
N ILE G 144 -39.32 32.41 -35.79
CA ILE G 144 -38.98 33.70 -35.23
C ILE G 144 -39.82 34.76 -35.92
N GLU G 145 -40.29 35.73 -35.13
CA GLU G 145 -41.12 36.84 -35.61
C GLU G 145 -42.42 36.26 -36.16
N GLY G 146 -42.79 36.54 -37.41
CA GLY G 146 -44.08 36.07 -37.92
C GLY G 146 -45.27 36.70 -37.22
N GLY G 147 -45.22 38.02 -37.00
CA GLY G 147 -46.29 38.69 -36.30
C GLY G 147 -47.61 38.67 -37.07
N MET G 148 -47.53 38.79 -38.40
CA MET G 148 -48.75 38.77 -39.21
C MET G 148 -49.47 37.44 -39.08
N THR G 149 -48.72 36.34 -39.08
CA THR G 149 -49.30 35.02 -38.94
C THR G 149 -49.63 34.74 -37.48
N ASN G 150 -50.41 33.67 -37.26
CA ASN G 150 -50.83 33.30 -35.92
C ASN G 150 -49.73 32.62 -35.12
N LEU G 151 -48.60 32.28 -35.75
CA LEU G 151 -47.53 31.60 -35.04
C LEU G 151 -46.91 32.51 -33.99
N GLU G 152 -46.58 31.91 -32.84
CA GLU G 152 -46.00 32.66 -31.74
C GLU G 152 -44.52 32.94 -32.01
N ARG G 153 -43.88 33.66 -31.08
CA ARG G 153 -42.47 34.00 -31.25
C ARG G 153 -41.58 32.78 -31.06
N GLN G 154 -41.96 31.87 -30.17
CA GLN G 154 -41.13 30.72 -29.84
C GLN G 154 -41.85 29.40 -30.08
N GLN G 155 -42.40 29.21 -31.27
CA GLN G 155 -43.14 27.97 -31.55
C GLN G 155 -42.19 26.79 -31.64
N ILE G 156 -42.69 25.61 -31.25
CA ILE G 156 -41.93 24.37 -31.32
C ILE G 156 -42.67 23.54 -32.37
N LEU G 157 -43.12 24.20 -33.43
CA LEU G 157 -43.85 23.51 -34.50
C LEU G 157 -42.95 22.48 -35.18
N THR G 158 -43.52 21.31 -35.48
CA THR G 158 -42.79 20.20 -36.07
C THR G 158 -42.88 20.25 -37.60
N GLU G 159 -42.44 19.16 -38.26
CA GLU G 159 -42.40 19.14 -39.72
C GLU G 159 -43.80 19.22 -40.33
N GLU G 160 -44.74 18.45 -39.80
CA GLU G 160 -46.11 18.50 -40.31
C GLU G 160 -46.72 19.88 -40.10
N GLN G 161 -46.49 20.47 -38.93
CA GLN G 161 -46.96 21.82 -38.68
C GLN G 161 -46.29 22.81 -39.63
N TYR G 162 -45.01 22.59 -39.94
CA TYR G 162 -44.31 23.46 -40.88
C TYR G 162 -44.94 23.39 -42.26
N LEU G 163 -45.25 22.17 -42.72
CA LEU G 163 -45.91 22.02 -44.02
C LEU G 163 -47.27 22.69 -44.04
N ASP G 164 -48.04 22.50 -42.96
CA ASP G 164 -49.36 23.15 -42.88
C ASP G 164 -49.22 24.67 -42.91
N ALA G 165 -48.22 25.20 -42.20
CA ALA G 165 -48.01 26.65 -42.17
C ALA G 165 -47.62 27.18 -43.55
N LEU G 166 -46.68 26.51 -44.22
CA LEU G 166 -46.27 26.99 -45.53
C LEU G 166 -47.37 26.81 -46.58
N GLU G 167 -48.27 25.86 -46.39
CA GLU G 167 -49.41 25.74 -47.29
C GLU G 167 -50.46 26.81 -47.01
N GLU G 168 -50.63 27.18 -45.74
CA GLU G 168 -51.63 28.17 -45.36
C GLU G 168 -51.03 29.57 -45.28
N PHE G 169 -50.04 29.76 -44.40
CA PHE G 169 -49.44 31.09 -44.23
C PHE G 169 -48.54 31.47 -45.38
N GLY G 170 -47.85 30.49 -45.98
CA GLY G 170 -46.94 30.77 -47.06
C GLY G 170 -45.69 31.50 -46.59
N ASP G 171 -45.61 32.79 -46.90
CA ASP G 171 -44.48 33.61 -46.45
C ASP G 171 -44.70 34.03 -45.00
N GLU G 172 -43.88 34.96 -44.52
CA GLU G 172 -43.91 35.51 -43.16
C GLU G 172 -43.57 34.48 -42.10
N PHE G 173 -43.20 33.26 -42.47
CA PHE G 173 -42.85 32.20 -41.52
C PHE G 173 -41.34 32.01 -41.60
N ASP G 174 -40.62 32.58 -40.64
CA ASP G 174 -39.16 32.49 -40.58
C ASP G 174 -38.84 31.37 -39.59
N ALA G 175 -38.94 30.13 -40.06
CA ALA G 175 -38.72 28.96 -39.23
C ALA G 175 -37.48 28.22 -39.69
N LYS G 176 -36.60 27.89 -38.74
CA LYS G 176 -35.39 27.14 -39.03
C LYS G 176 -35.06 26.25 -37.83
N MET G 177 -34.09 25.35 -38.03
CA MET G 177 -33.85 24.29 -37.07
C MET G 177 -32.48 24.29 -36.43
N GLY G 178 -31.42 24.62 -37.17
CA GLY G 178 -30.07 24.42 -36.70
C GLY G 178 -29.70 25.28 -35.50
N ALA G 179 -28.43 25.17 -35.11
CA ALA G 179 -27.91 26.10 -34.12
C ALA G 179 -28.00 27.54 -34.61
N GLU G 180 -28.09 27.74 -35.93
CA GLU G 180 -28.36 29.07 -36.46
C GLU G 180 -29.70 29.59 -35.96
N ALA G 181 -30.64 28.70 -35.65
CA ALA G 181 -31.90 29.13 -35.05
C ALA G 181 -31.65 29.77 -33.69
N ILE G 182 -30.80 29.15 -32.87
CA ILE G 182 -30.49 29.71 -31.57
C ILE G 182 -29.69 31.00 -31.73
N GLN G 183 -28.77 31.04 -32.70
CA GLN G 183 -28.18 32.32 -33.10
C GLN G 183 -29.24 33.39 -33.29
N ALA G 184 -30.18 33.16 -34.21
CA ALA G 184 -31.13 34.19 -34.59
C ALA G 184 -32.01 34.60 -33.43
N LEU G 185 -32.46 33.63 -32.62
CA LEU G 185 -33.36 33.98 -31.52
C LEU G 185 -32.62 34.52 -30.32
N LEU G 186 -31.28 34.36 -30.28
CA LEU G 186 -30.51 34.94 -29.19
C LEU G 186 -30.05 36.36 -29.51
N LYS G 187 -29.70 36.62 -30.78
CA LYS G 187 -29.30 37.97 -31.16
C LYS G 187 -30.47 38.95 -31.03
N SER G 188 -31.67 38.50 -31.42
CA SER G 188 -32.83 39.39 -31.40
C SER G 188 -33.29 39.73 -30.00
N MET G 189 -32.86 38.98 -28.99
CA MET G 189 -33.30 39.24 -27.62
C MET G 189 -32.66 40.51 -27.09
N ASP G 190 -33.48 41.37 -26.49
CA ASP G 190 -33.04 42.61 -25.90
C ASP G 190 -32.93 42.40 -24.39
N LEU G 191 -31.76 42.70 -23.83
CA LEU G 191 -31.49 42.36 -22.44
C LEU G 191 -32.24 43.29 -21.48
N GLU G 192 -32.10 44.60 -21.68
CA GLU G 192 -32.66 45.56 -20.72
C GLU G 192 -34.18 45.53 -20.74
N GLN G 193 -34.78 45.47 -21.94
CA GLN G 193 -36.23 45.45 -22.03
C GLN G 193 -36.81 44.19 -21.39
N GLU G 194 -36.19 43.04 -21.65
CA GLU G 194 -36.66 41.79 -21.05
C GLU G 194 -36.51 41.84 -19.53
N CYS G 195 -35.38 42.35 -19.05
CA CYS G 195 -35.17 42.44 -17.60
C CYS G 195 -36.22 43.35 -16.96
N GLU G 196 -36.49 44.50 -17.57
CA GLU G 196 -37.48 45.41 -17.01
C GLU G 196 -38.87 44.78 -17.02
N GLN G 197 -39.25 44.14 -18.12
CA GLN G 197 -40.56 43.52 -18.20
C GLN G 197 -40.72 42.42 -17.15
N LEU G 198 -39.69 41.58 -16.99
CA LEU G 198 -39.77 40.51 -16.01
C LEU G 198 -39.77 41.06 -14.58
N ARG G 199 -39.04 42.14 -14.35
CA ARG G 199 -39.07 42.77 -13.03
C ARG G 199 -40.45 43.31 -12.71
N GLU G 200 -41.09 43.96 -13.68
CA GLU G 200 -42.45 44.44 -13.47
C GLU G 200 -43.41 43.27 -13.23
N GLU G 201 -43.25 42.18 -13.99
CA GLU G 201 -44.11 41.02 -13.79
C GLU G 201 -43.93 40.43 -12.40
N LEU G 202 -42.68 40.32 -11.93
CA LEU G 202 -42.42 39.76 -10.62
C LEU G 202 -42.95 40.65 -9.51
N ASN G 203 -42.80 41.97 -9.65
CA ASN G 203 -43.25 42.87 -8.59
C ASN G 203 -44.76 43.03 -8.58
N GLU G 204 -45.41 42.92 -9.73
CA GLU G 204 -46.86 43.12 -9.79
C GLU G 204 -47.61 41.95 -9.16
N THR G 205 -47.20 40.72 -9.49
CA THR G 205 -47.88 39.52 -9.03
C THR G 205 -47.02 38.80 -8.00
N ASN G 206 -47.63 38.44 -6.87
CA ASN G 206 -46.96 37.74 -5.79
C ASN G 206 -47.38 36.28 -5.81
N SER G 207 -46.41 35.39 -6.02
CA SER G 207 -46.67 33.96 -6.04
C SER G 207 -45.34 33.23 -5.83
N GLU G 208 -45.30 32.36 -4.82
CA GLU G 208 -44.05 31.70 -4.45
C GLU G 208 -43.49 30.82 -5.56
N THR G 209 -44.36 30.12 -6.29
CA THR G 209 -43.90 29.18 -7.32
C THR G 209 -43.15 29.90 -8.43
N LYS G 210 -43.68 31.02 -8.91
CA LYS G 210 -43.03 31.73 -10.01
C LYS G 210 -41.98 32.71 -9.50
N ARG G 211 -42.00 33.07 -8.22
CA ARG G 211 -41.07 34.07 -7.70
C ARG G 211 -39.62 33.58 -7.82
N LYS G 212 -39.37 32.33 -7.45
CA LYS G 212 -38.00 31.82 -7.47
C LYS G 212 -37.45 31.77 -8.89
N LYS G 213 -38.24 31.28 -9.84
CA LYS G 213 -37.80 31.25 -11.23
C LYS G 213 -37.58 32.66 -11.76
N LEU G 214 -38.47 33.59 -11.42
CA LEU G 214 -38.30 34.96 -11.87
C LEU G 214 -37.03 35.57 -11.32
N THR G 215 -36.75 35.36 -10.03
CA THR G 215 -35.53 35.90 -9.44
C THR G 215 -34.28 35.26 -10.06
N LYS G 216 -34.31 33.96 -10.33
CA LYS G 216 -33.16 33.34 -10.98
C LYS G 216 -32.93 33.93 -12.36
N ARG G 217 -34.00 34.13 -13.13
CA ARG G 217 -33.85 34.72 -14.46
C ARG G 217 -33.31 36.15 -14.37
N ILE G 218 -33.82 36.94 -13.42
CA ILE G 218 -33.34 38.31 -13.24
C ILE G 218 -31.86 38.31 -12.87
N LYS G 219 -31.45 37.42 -11.97
CA LYS G 219 -30.06 37.36 -11.57
C LYS G 219 -29.17 37.04 -12.77
N LEU G 220 -29.56 36.04 -13.57
CA LEU G 220 -28.75 35.70 -14.73
C LEU G 220 -28.68 36.84 -15.73
N LEU G 221 -29.82 37.47 -16.00
CA LEU G 221 -29.84 38.57 -16.97
C LEU G 221 -28.97 39.74 -16.49
N GLU G 222 -29.08 40.10 -15.22
CA GLU G 222 -28.27 41.19 -14.70
C GLU G 222 -26.80 40.84 -14.76
N ALA G 223 -26.45 39.59 -14.44
CA ALA G 223 -25.05 39.17 -14.55
C ALA G 223 -24.55 39.31 -15.98
N PHE G 224 -25.37 38.93 -16.95
CA PHE G 224 -24.95 39.06 -18.36
C PHE G 224 -24.76 40.52 -18.75
N VAL G 225 -25.69 41.39 -18.37
CA VAL G 225 -25.56 42.79 -18.77
C VAL G 225 -24.39 43.47 -18.05
N GLN G 226 -24.04 42.98 -16.86
CA GLN G 226 -23.00 43.65 -16.08
C GLN G 226 -21.61 43.15 -16.47
N SER G 227 -21.49 41.86 -16.79
CA SER G 227 -20.17 41.31 -17.11
C SER G 227 -19.68 41.75 -18.48
N GLY G 228 -20.56 42.29 -19.32
CA GLY G 228 -20.19 42.68 -20.66
C GLY G 228 -20.21 41.56 -21.68
N ASN G 229 -20.54 40.35 -21.28
CA ASN G 229 -20.62 39.23 -22.21
C ASN G 229 -21.81 39.41 -23.15
N LYS G 230 -21.71 38.79 -24.31
CA LYS G 230 -22.81 38.72 -25.26
C LYS G 230 -23.39 37.32 -25.23
N PRO G 231 -24.67 37.14 -24.87
CA PRO G 231 -25.23 35.79 -24.81
C PRO G 231 -25.11 35.01 -26.10
N GLU G 232 -24.83 35.67 -27.23
CA GLU G 232 -24.61 34.97 -28.48
C GLU G 232 -23.33 34.15 -28.45
N TRP G 233 -22.49 34.35 -27.44
CA TRP G 233 -21.21 33.65 -27.35
C TRP G 233 -21.32 32.30 -26.66
N MET G 234 -22.49 31.95 -26.14
CA MET G 234 -22.65 30.63 -25.52
C MET G 234 -22.31 29.53 -26.51
N ILE G 235 -22.94 29.54 -27.66
CA ILE G 235 -22.60 28.60 -28.72
C ILE G 235 -21.37 29.14 -29.43
N LEU G 236 -20.55 28.24 -29.98
CA LEU G 236 -19.23 28.60 -30.46
C LEU G 236 -19.15 28.39 -31.97
N THR G 237 -18.78 29.44 -32.69
CA THR G 237 -18.56 29.39 -34.13
C THR G 237 -17.17 28.90 -34.49
N VAL G 238 -16.15 29.27 -33.71
CA VAL G 238 -14.77 28.86 -33.94
C VAL G 238 -14.29 28.13 -32.69
N LEU G 239 -13.67 26.97 -32.89
CA LEU G 239 -13.31 26.09 -31.78
C LEU G 239 -11.80 26.04 -31.62
N PRO G 240 -11.25 26.41 -30.47
CA PRO G 240 -9.80 26.40 -30.30
C PRO G 240 -9.27 24.97 -30.17
N VAL G 241 -7.96 24.82 -30.36
CA VAL G 241 -7.30 23.54 -30.27
C VAL G 241 -6.08 23.66 -29.37
N LEU G 242 -5.75 22.58 -28.68
CA LEU G 242 -4.67 22.61 -27.71
C LEU G 242 -3.31 22.66 -28.39
N PRO G 243 -2.29 23.17 -27.71
CA PRO G 243 -0.94 23.11 -28.26
C PRO G 243 -0.49 21.67 -28.40
N PRO G 244 0.35 21.38 -29.40
CA PRO G 244 0.73 19.98 -29.64
C PRO G 244 1.43 19.32 -28.48
N ASP G 245 2.25 20.06 -27.74
CA ASP G 245 3.06 19.41 -26.71
C ASP G 245 2.27 19.08 -25.46
N LEU G 246 1.03 19.55 -25.33
CA LEU G 246 0.17 19.14 -24.24
C LEU G 246 -0.68 17.94 -24.58
N ARG G 247 -0.64 17.47 -25.82
CA ARG G 247 -1.29 16.21 -26.23
C ARG G 247 -0.31 15.40 -27.06
N PRO G 248 0.76 14.91 -26.45
CA PRO G 248 1.79 14.21 -27.21
C PRO G 248 1.29 12.88 -27.76
N LEU G 249 1.91 12.45 -28.85
CA LEU G 249 1.55 11.19 -29.49
C LEU G 249 2.26 10.04 -28.83
N VAL G 250 1.57 8.92 -28.68
CA VAL G 250 2.16 7.73 -28.07
C VAL G 250 3.13 7.09 -29.05
N PRO G 251 4.38 6.87 -28.66
CA PRO G 251 5.30 6.12 -29.51
C PRO G 251 5.13 4.62 -29.35
N LEU G 252 5.56 3.89 -30.37
CA LEU G 252 5.31 2.45 -30.44
C LEU G 252 6.59 1.75 -30.89
N ASP G 253 6.46 0.47 -31.20
CA ASP G 253 7.57 -0.25 -31.84
C ASP G 253 7.81 0.29 -33.23
N GLY G 254 9.09 0.41 -33.59
CA GLY G 254 9.43 1.00 -34.87
C GLY G 254 9.09 2.48 -34.91
N GLY G 255 8.88 2.97 -36.14
CA GLY G 255 8.53 4.36 -36.34
C GLY G 255 7.06 4.69 -36.29
N ARG G 256 6.21 3.71 -35.97
CA ARG G 256 4.78 3.93 -35.97
C ARG G 256 4.35 4.69 -34.72
N PHE G 257 3.35 5.55 -34.87
CA PHE G 257 2.86 6.38 -33.78
C PHE G 257 1.38 6.11 -33.53
N ALA G 258 0.99 6.15 -32.26
CA ALA G 258 -0.38 5.88 -31.85
C ALA G 258 -1.10 7.17 -31.54
N THR G 259 -2.27 7.36 -32.14
CA THR G 259 -3.07 8.54 -31.89
C THR G 259 -3.72 8.46 -30.51
N SER G 260 -3.55 9.51 -29.72
CA SER G 260 -4.05 9.54 -28.36
C SER G 260 -5.53 9.89 -28.35
N ASP G 261 -6.07 10.22 -27.18
CA ASP G 261 -7.50 10.44 -27.04
C ASP G 261 -7.91 11.75 -27.70
N LEU G 262 -7.32 12.86 -27.26
CA LEU G 262 -7.71 14.16 -27.78
C LEU G 262 -7.37 14.29 -29.25
N ASN G 263 -6.29 13.65 -29.70
CA ASN G 263 -5.98 13.65 -31.13
C ASN G 263 -7.09 12.97 -31.91
N ASP G 264 -7.60 11.85 -31.41
CA ASP G 264 -8.71 11.17 -32.08
C ASP G 264 -9.94 12.06 -32.12
N LEU G 265 -10.26 12.72 -31.01
CA LEU G 265 -11.43 13.59 -30.98
C LEU G 265 -11.28 14.75 -31.95
N TYR G 266 -10.10 15.38 -31.98
CA TYR G 266 -9.87 16.49 -32.89
C TYR G 266 -9.94 16.03 -34.34
N ARG G 267 -9.36 14.86 -34.64
CA ARG G 267 -9.42 14.36 -36.02
C ARG G 267 -10.85 14.11 -36.44
N ARG G 268 -11.66 13.54 -35.55
CA ARG G 268 -13.06 13.30 -35.87
C ARG G 268 -13.78 14.62 -36.15
N VAL G 269 -13.57 15.62 -35.30
CA VAL G 269 -14.23 16.91 -35.50
C VAL G 269 -13.82 17.52 -36.83
N ILE G 270 -12.52 17.45 -37.15
CA ILE G 270 -12.03 18.01 -38.40
C ILE G 270 -12.64 17.28 -39.60
N ASN G 271 -12.72 15.95 -39.52
CA ASN G 271 -13.33 15.18 -40.61
C ASN G 271 -14.76 15.62 -40.85
N ARG G 272 -15.58 15.69 -39.80
CA ARG G 272 -16.97 16.03 -40.01
C ARG G 272 -17.12 17.46 -40.50
N ASN G 273 -16.32 18.38 -39.97
CA ASN G 273 -16.38 19.77 -40.43
C ASN G 273 -16.01 19.87 -41.90
N ASN G 274 -14.95 19.19 -42.32
CA ASN G 274 -14.53 19.26 -43.72
C ASN G 274 -15.58 18.66 -44.64
N ARG G 275 -16.17 17.52 -44.25
CA ARG G 275 -17.19 16.92 -45.08
C ARG G 275 -18.41 17.83 -45.22
N LEU G 276 -18.84 18.43 -44.10
CA LEU G 276 -19.96 19.35 -44.16
C LEU G 276 -19.66 20.54 -45.07
N LYS G 277 -18.45 21.10 -44.95
CA LYS G 277 -18.09 22.24 -45.78
C LYS G 277 -18.10 21.86 -47.25
N ARG G 278 -17.56 20.68 -47.59
CA ARG G 278 -17.50 20.29 -48.99
C ARG G 278 -18.88 19.99 -49.56
N LEU G 279 -19.79 19.45 -48.73
CA LEU G 279 -21.12 19.13 -49.25
C LEU G 279 -22.06 20.32 -49.20
N LEU G 280 -21.70 21.40 -48.52
CA LEU G 280 -22.55 22.59 -48.53
C LEU G 280 -22.65 23.20 -49.93
N ASP G 281 -21.54 23.28 -50.65
CA ASP G 281 -21.52 23.96 -51.94
C ASP G 281 -22.01 23.09 -53.08
N LEU G 282 -22.30 21.82 -52.84
CA LEU G 282 -22.73 20.90 -53.89
C LEU G 282 -24.23 20.90 -54.12
N ALA G 283 -24.96 21.82 -53.49
CA ALA G 283 -26.43 21.88 -53.58
C ALA G 283 -27.05 20.55 -53.18
N ALA G 284 -26.51 19.95 -52.13
CA ALA G 284 -26.99 18.68 -51.64
C ALA G 284 -28.40 18.83 -51.07
N PRO G 285 -29.18 17.74 -51.04
CA PRO G 285 -30.53 17.81 -50.49
C PRO G 285 -30.51 18.24 -49.03
N ASP G 286 -31.66 18.70 -48.56
CA ASP G 286 -31.74 19.24 -47.20
C ASP G 286 -31.48 18.17 -46.15
N ILE G 287 -31.95 16.94 -46.39
CA ILE G 287 -31.87 15.91 -45.35
C ILE G 287 -30.42 15.52 -45.10
N ILE G 288 -29.59 15.41 -46.14
CA ILE G 288 -28.20 15.02 -45.92
C ILE G 288 -27.43 16.16 -45.24
N VAL G 289 -27.72 17.41 -45.61
CA VAL G 289 -27.11 18.55 -44.93
C VAL G 289 -27.47 18.54 -43.46
N ARG G 290 -28.74 18.29 -43.15
CA ARG G 290 -29.19 18.21 -41.77
C ARG G 290 -28.50 17.09 -41.02
N ASN G 291 -28.37 15.93 -41.65
CA ASN G 291 -27.70 14.80 -41.03
C ASN G 291 -26.25 15.13 -40.72
N GLU G 292 -25.55 15.77 -41.66
CA GLU G 292 -24.16 16.12 -41.41
C GLU G 292 -24.03 17.19 -40.33
N LYS G 293 -24.94 18.16 -40.29
CA LYS G 293 -24.91 19.16 -39.23
C LYS G 293 -25.10 18.50 -37.87
N ARG G 294 -26.06 17.58 -37.76
CA ARG G 294 -26.26 16.86 -36.51
C ARG G 294 -25.01 16.08 -36.13
N MET G 295 -24.40 15.42 -37.11
CA MET G 295 -23.21 14.63 -36.82
C MET G 295 -22.07 15.50 -36.33
N LEU G 296 -21.88 16.66 -36.95
CA LEU G 296 -20.83 17.58 -36.50
C LEU G 296 -21.10 18.07 -35.09
N GLN G 297 -22.36 18.41 -34.78
CA GLN G 297 -22.67 18.87 -33.43
C GLN G 297 -22.41 17.76 -32.41
N GLU G 298 -22.78 16.52 -32.75
CA GLU G 298 -22.52 15.41 -31.85
C GLU G 298 -21.03 15.20 -31.64
N ALA G 299 -20.24 15.31 -32.71
CA ALA G 299 -18.79 15.13 -32.59
C ALA G 299 -18.17 16.23 -31.72
N VAL G 300 -18.61 17.47 -31.89
CA VAL G 300 -18.08 18.56 -31.08
C VAL G 300 -18.42 18.35 -29.62
N ASP G 301 -19.66 17.92 -29.33
CA ASP G 301 -20.02 17.63 -27.95
C ASP G 301 -19.19 16.49 -27.38
N ALA G 302 -18.93 15.45 -28.17
CA ALA G 302 -18.09 14.36 -27.68
C ALA G 302 -16.68 14.84 -27.37
N LEU G 303 -16.14 15.71 -28.23
CA LEU G 303 -14.83 16.29 -27.96
C LEU G 303 -14.83 17.08 -26.67
N LEU G 304 -15.80 17.96 -26.51
CA LEU G 304 -15.71 18.98 -25.47
C LEU G 304 -16.02 18.40 -24.10
N ASP G 305 -16.91 17.42 -24.05
CA ASP G 305 -17.20 16.70 -22.81
C ASP G 305 -17.80 15.35 -23.19
N ASN G 306 -17.02 14.29 -23.04
CA ASN G 306 -17.49 12.97 -23.41
C ASN G 306 -18.23 12.32 -22.25
N GLY G 307 -19.12 11.39 -22.58
CA GLY G 307 -19.85 10.64 -21.58
C GLY G 307 -21.30 11.04 -21.41
N ARG G 308 -21.73 12.16 -21.98
CA ARG G 308 -23.12 12.58 -21.92
C ARG G 308 -23.59 12.92 -23.32
N ARG G 309 -24.89 12.73 -23.56
CA ARG G 309 -25.51 12.93 -24.87
C ARG G 309 -24.83 12.04 -25.92
N GLY G 310 -25.06 10.74 -25.75
CA GLY G 310 -24.58 9.77 -26.72
C GLY G 310 -23.82 8.61 -26.10
N ARG G 311 -24.01 8.41 -24.80
CA ARG G 311 -23.43 7.29 -24.03
C ARG G 311 -21.98 7.04 -24.44
N ALA G 312 -21.18 8.12 -24.44
CA ALA G 312 -19.76 8.09 -24.75
C ALA G 312 -19.51 7.70 -26.21
N ILE G 313 -18.32 8.01 -26.71
CA ILE G 313 -17.97 7.66 -28.09
C ILE G 313 -16.95 6.53 -28.18
N THR G 314 -16.26 6.21 -27.08
CA THR G 314 -15.33 5.09 -26.94
C THR G 314 -14.41 4.90 -28.13
N GLY G 315 -13.89 3.68 -28.29
CA GLY G 315 -13.09 3.35 -29.46
C GLY G 315 -11.87 2.50 -29.18
N SER G 316 -11.76 1.39 -29.90
CA SER G 316 -10.57 0.52 -29.92
C SER G 316 -10.35 -0.21 -28.60
N ASN G 317 -11.19 0.06 -27.59
CA ASN G 317 -11.08 -0.66 -26.33
C ASN G 317 -12.43 -0.86 -25.65
N LYS G 318 -13.53 -0.43 -26.25
CA LYS G 318 -14.85 -0.46 -25.62
C LYS G 318 -14.84 0.28 -24.29
N ARG G 319 -14.10 1.38 -24.24
CA ARG G 319 -13.98 2.24 -23.07
C ARG G 319 -14.17 3.69 -23.48
N PRO G 320 -14.91 4.46 -22.69
CA PRO G 320 -15.17 5.86 -23.07
C PRO G 320 -13.89 6.65 -23.25
N LEU G 321 -13.91 7.53 -24.24
CA LEU G 321 -12.72 8.27 -24.63
C LEU G 321 -12.53 9.44 -23.66
N LYS G 322 -11.28 9.72 -23.32
CA LYS G 322 -10.96 10.77 -22.36
C LYS G 322 -10.96 12.12 -23.07
N SER G 323 -12.02 12.90 -22.88
CA SER G 323 -12.19 14.15 -23.59
C SER G 323 -11.53 15.29 -22.85
N LEU G 324 -11.84 16.52 -23.27
CA LEU G 324 -11.22 17.70 -22.68
C LEU G 324 -11.63 17.86 -21.22
N ALA G 325 -12.91 17.68 -20.92
CA ALA G 325 -13.39 17.90 -19.55
C ALA G 325 -12.82 16.86 -18.59
N ASP G 326 -12.80 15.59 -19.00
CA ASP G 326 -12.38 14.54 -18.09
C ASP G 326 -10.92 14.70 -17.70
N MET G 327 -10.08 15.15 -18.61
CA MET G 327 -8.65 15.23 -18.38
C MET G 327 -8.25 16.63 -17.89
N ILE G 328 -9.12 17.30 -17.16
CA ILE G 328 -8.74 18.57 -16.55
C ILE G 328 -7.51 18.37 -15.67
N LYS G 329 -7.66 17.58 -14.60
CA LYS G 329 -6.53 17.29 -13.72
C LYS G 329 -6.84 16.01 -12.94
N GLY G 330 -6.26 14.90 -13.37
CA GLY G 330 -6.45 13.65 -12.65
C GLY G 330 -7.90 13.27 -12.49
N LYS G 331 -8.44 13.47 -11.29
CA LYS G 331 -9.85 13.25 -11.00
C LYS G 331 -10.70 14.49 -11.25
N GLN G 332 -10.56 15.04 -12.47
CA GLN G 332 -11.38 16.12 -13.02
C GLN G 332 -11.23 17.45 -12.29
N GLY G 333 -10.56 17.44 -11.13
CA GLY G 333 -10.43 18.65 -10.36
C GLY G 333 -9.09 19.33 -10.59
N ARG G 334 -8.26 19.40 -9.56
CA ARG G 334 -6.86 19.76 -9.66
C ARG G 334 -6.02 18.78 -8.84
N PHE G 335 -6.58 17.59 -8.61
CA PHE G 335 -6.06 16.68 -7.60
C PHE G 335 -4.64 16.21 -7.91
N ARG G 336 -4.41 15.71 -9.12
CA ARG G 336 -3.27 14.84 -9.37
C ARG G 336 -1.98 15.62 -9.60
N GLN G 337 -1.92 16.37 -10.70
CA GLN G 337 -0.67 16.99 -11.14
C GLN G 337 -0.62 18.49 -10.80
N ASN G 338 -1.64 18.99 -10.14
CA ASN G 338 -1.68 20.35 -9.61
C ASN G 338 -2.11 20.26 -8.16
N LEU G 339 -2.40 21.41 -7.56
CA LEU G 339 -3.08 21.50 -6.25
C LEU G 339 -2.50 20.49 -5.26
N LEU G 340 -1.28 20.76 -4.84
CA LEU G 340 -0.70 20.00 -3.74
C LEU G 340 -0.49 18.54 -4.11
N GLY G 341 -0.54 18.23 -5.40
CA GLY G 341 -0.34 16.87 -5.84
C GLY G 341 1.01 16.62 -6.48
N LYS G 342 1.94 17.56 -6.36
CA LYS G 342 3.18 17.46 -7.11
C LYS G 342 4.11 16.43 -6.51
N ARG G 343 4.61 15.51 -7.33
CA ARG G 343 5.78 14.75 -6.94
C ARG G 343 6.96 15.69 -6.82
N VAL G 344 7.73 15.54 -5.76
CA VAL G 344 8.78 16.49 -5.46
C VAL G 344 10.14 15.85 -5.66
N ASP G 345 11.08 16.70 -6.02
CA ASP G 345 12.46 16.36 -6.23
C ASP G 345 13.21 16.51 -4.90
N TYR G 346 14.44 15.98 -4.83
CA TYR G 346 15.19 15.93 -3.58
C TYR G 346 14.40 15.19 -2.50
N SER G 347 14.04 13.94 -2.79
CA SER G 347 13.19 13.17 -1.90
C SER G 347 13.54 11.69 -2.00
N GLY G 348 13.29 10.96 -0.92
CA GLY G 348 13.59 9.55 -0.85
C GLY G 348 12.57 8.80 0.00
N ARG G 349 12.75 7.49 0.08
CA ARG G 349 11.78 6.63 0.75
C ARG G 349 12.47 5.37 1.21
N SER G 350 12.14 4.90 2.41
CA SER G 350 12.74 3.66 2.89
C SER G 350 11.98 3.13 4.10
N VAL G 351 12.29 1.89 4.46
CA VAL G 351 11.66 1.24 5.61
C VAL G 351 12.23 1.80 6.90
N ILE G 352 11.38 1.88 7.93
CA ILE G 352 11.75 2.47 9.21
C ILE G 352 12.00 1.35 10.22
N THR G 353 13.10 1.48 10.96
CA THR G 353 13.40 0.63 12.09
C THR G 353 13.59 1.51 13.33
N VAL G 354 13.67 0.87 14.48
CA VAL G 354 13.71 1.58 15.75
C VAL G 354 15.15 1.86 16.14
N GLY G 355 15.44 3.12 16.46
CA GLY G 355 16.71 3.47 17.05
C GLY G 355 16.51 4.06 18.42
N PRO G 356 16.83 3.27 19.47
CA PRO G 356 16.64 3.77 20.83
C PRO G 356 17.77 4.64 21.32
N TYR G 357 18.89 4.69 20.61
CA TYR G 357 20.02 5.52 20.98
C TYR G 357 19.87 6.96 20.54
N LEU G 358 18.84 7.29 19.77
CA LEU G 358 18.68 8.63 19.24
C LEU G 358 18.19 9.58 20.32
N ARG G 359 18.27 10.87 20.02
CA ARG G 359 17.68 11.90 20.83
C ARG G 359 16.27 12.19 20.34
N LEU G 360 15.61 13.19 20.92
CA LEU G 360 14.26 13.52 20.49
C LEU G 360 14.26 14.22 19.14
N HIS G 361 15.32 14.94 18.81
CA HIS G 361 15.38 15.73 17.58
C HIS G 361 16.18 15.07 16.49
N GLN G 362 16.59 13.81 16.66
CA GLN G 362 17.45 13.15 15.68
C GLN G 362 16.75 11.98 15.04
N CYS G 363 17.16 11.69 13.81
CA CYS G 363 16.73 10.51 13.08
C CYS G 363 17.96 9.88 12.46
N GLY G 364 17.81 8.66 11.95
CA GLY G 364 18.88 7.95 11.29
C GLY G 364 18.66 7.93 9.80
N LEU G 365 19.68 8.35 9.04
CA LEU G 365 19.61 8.42 7.60
C LEU G 365 20.74 7.58 7.03
N PRO G 366 20.46 6.65 6.14
CA PRO G 366 21.54 5.85 5.54
C PRO G 366 22.48 6.72 4.72
N LYS G 367 23.76 6.35 4.69
CA LYS G 367 24.71 7.09 3.88
C LYS G 367 24.44 6.91 2.40
N LYS G 368 23.81 5.81 1.99
CA LYS G 368 23.44 5.63 0.60
C LYS G 368 22.23 6.47 0.23
N MET G 369 21.27 6.63 1.15
CA MET G 369 20.14 7.51 0.90
C MET G 369 20.57 8.96 0.82
N ALA G 370 21.45 9.38 1.74
CA ALA G 370 22.20 10.60 1.55
C ALA G 370 23.26 10.37 0.47
N LEU G 371 24.01 11.43 0.15
CA LEU G 371 24.94 11.43 -0.98
C LEU G 371 24.16 11.36 -2.28
N GLU G 372 22.86 11.15 -2.18
CA GLU G 372 21.95 11.19 -3.31
C GLU G 372 20.90 12.26 -3.13
N LEU G 373 20.37 12.42 -1.91
CA LEU G 373 19.53 13.58 -1.63
C LEU G 373 20.35 14.85 -1.61
N PHE G 374 21.62 14.78 -1.18
CA PHE G 374 22.47 15.93 -0.99
C PHE G 374 23.53 16.07 -2.07
N LYS G 375 23.23 15.64 -3.29
CA LYS G 375 24.23 15.72 -4.35
C LYS G 375 24.65 17.14 -4.70
N PRO G 376 23.74 18.10 -4.93
CA PRO G 376 24.20 19.46 -5.27
C PRO G 376 24.98 20.11 -4.15
N PHE G 377 24.62 19.87 -2.89
CA PHE G 377 25.41 20.42 -1.79
C PHE G 377 26.82 19.86 -1.80
N ILE G 378 26.96 18.57 -2.05
CA ILE G 378 28.29 17.96 -2.08
C ILE G 378 29.09 18.50 -3.26
N TYR G 379 28.44 18.71 -4.39
CA TYR G 379 29.11 19.35 -5.53
C TYR G 379 29.63 20.71 -5.13
N GLY G 380 28.80 21.50 -4.45
CA GLY G 380 29.23 22.83 -4.03
C GLY G 380 30.39 22.79 -3.07
N LYS G 381 30.35 21.87 -2.10
CA LYS G 381 31.46 21.77 -1.16
C LYS G 381 32.74 21.33 -1.84
N LEU G 382 32.66 20.36 -2.76
CA LEU G 382 33.84 19.94 -3.50
C LEU G 382 34.43 21.10 -4.28
N GLU G 383 33.59 21.86 -4.98
CA GLU G 383 34.10 22.98 -5.77
C GLU G 383 34.67 24.07 -4.89
N LEU G 384 34.07 24.31 -3.72
CA LEU G 384 34.50 25.40 -2.85
C LEU G 384 35.78 25.04 -2.09
N ARG G 385 36.01 23.76 -1.83
CA ARG G 385 37.23 23.35 -1.14
C ARG G 385 38.43 23.25 -2.08
N GLY G 386 38.24 23.49 -3.38
CA GLY G 386 39.31 23.37 -4.33
C GLY G 386 39.63 21.96 -4.76
N LEU G 387 38.89 20.96 -4.27
CA LEU G 387 39.17 19.58 -4.65
C LEU G 387 38.87 19.34 -6.13
N ALA G 388 37.71 19.79 -6.59
CA ALA G 388 37.32 19.61 -7.98
C ALA G 388 36.94 20.97 -8.56
N THR G 389 37.79 21.48 -9.45
CA THR G 389 37.54 22.79 -10.04
C THR G 389 36.32 22.76 -10.95
N THR G 390 36.38 21.98 -12.02
CA THR G 390 35.26 21.85 -12.94
C THR G 390 34.14 21.05 -12.28
N ILE G 391 32.91 21.29 -12.74
CA ILE G 391 31.78 20.54 -12.23
C ILE G 391 31.86 19.09 -12.67
N LYS G 392 32.47 18.83 -13.83
CA LYS G 392 32.64 17.45 -14.27
C LYS G 392 33.53 16.67 -13.31
N ALA G 393 34.59 17.29 -12.82
CA ALA G 393 35.46 16.62 -11.86
C ALA G 393 34.73 16.30 -10.57
N ALA G 394 33.89 17.23 -10.10
CA ALA G 394 33.10 16.97 -8.89
C ALA G 394 32.11 15.84 -9.10
N LYS G 395 31.44 15.82 -10.26
CA LYS G 395 30.51 14.75 -10.55
C LYS G 395 31.21 13.40 -10.61
N LYS G 396 32.38 13.35 -11.26
CA LYS G 396 33.12 12.10 -11.33
C LYS G 396 33.58 11.66 -9.94
N MET G 397 34.05 12.60 -9.12
CA MET G 397 34.53 12.26 -7.79
C MET G 397 33.39 11.74 -6.91
N VAL G 398 32.20 12.32 -7.04
CA VAL G 398 31.06 11.81 -6.29
C VAL G 398 30.65 10.44 -6.80
N GLU G 399 30.73 10.23 -8.12
CA GLU G 399 30.41 8.92 -8.69
C GLU G 399 31.33 7.84 -8.15
N ARG G 400 32.63 8.13 -8.09
CA ARG G 400 33.59 7.17 -7.57
C ARG G 400 33.56 7.07 -6.05
N GLU G 401 32.88 7.98 -5.37
CA GLU G 401 32.68 8.00 -3.92
C GLU G 401 33.94 7.64 -3.15
N GLU G 402 34.96 8.49 -3.30
CA GLU G 402 36.16 8.37 -2.48
C GLU G 402 35.82 8.64 -1.02
N ALA G 403 36.82 8.50 -0.15
CA ALA G 403 36.60 8.75 1.27
C ALA G 403 36.36 10.22 1.54
N VAL G 404 37.00 11.11 0.78
CA VAL G 404 36.82 12.53 1.00
C VAL G 404 35.39 12.95 0.70
N VAL G 405 34.74 12.28 -0.26
CA VAL G 405 33.32 12.54 -0.50
C VAL G 405 32.52 12.22 0.74
N TRP G 406 32.84 11.11 1.42
CA TRP G 406 32.11 10.74 2.62
C TRP G 406 32.34 11.75 3.74
N ASP G 407 33.58 12.23 3.90
CA ASP G 407 33.83 13.24 4.92
C ASP G 407 33.07 14.52 4.62
N ILE G 408 33.05 14.95 3.36
CA ILE G 408 32.36 16.18 3.01
C ILE G 408 30.85 16.01 3.19
N LEU G 409 30.32 14.82 2.87
CA LEU G 409 28.92 14.53 3.14
C LEU G 409 28.62 14.65 4.63
N ASP G 410 29.48 14.08 5.47
CA ASP G 410 29.30 14.21 6.91
C ASP G 410 29.31 15.68 7.32
N GLU G 411 30.10 16.49 6.63
CA GLU G 411 30.16 17.92 6.97
C GLU G 411 28.89 18.66 6.56
N VAL G 412 28.33 18.36 5.38
CA VAL G 412 27.18 19.13 4.92
C VAL G 412 25.90 18.72 5.65
N ILE G 413 25.86 17.50 6.20
CA ILE G 413 24.72 17.02 6.98
C ILE G 413 24.59 17.77 8.29
N ARG G 414 25.66 18.42 8.74
CA ARG G 414 25.86 18.79 10.15
C ARG G 414 24.61 19.34 10.84
N GLU G 415 24.09 20.46 10.36
CA GLU G 415 22.93 21.09 10.98
C GLU G 415 21.82 21.31 9.96
N HIS G 416 21.63 20.33 9.08
CA HIS G 416 20.65 20.44 8.01
C HIS G 416 19.48 19.51 8.30
N PRO G 417 18.40 20.00 8.89
CA PRO G 417 17.29 19.11 9.23
C PRO G 417 16.56 18.63 8.00
N VAL G 418 16.30 17.33 7.96
CA VAL G 418 15.51 16.73 6.89
C VAL G 418 14.20 16.28 7.52
N LEU G 419 13.12 16.34 6.77
CA LEU G 419 11.80 16.12 7.34
C LEU G 419 11.18 14.84 6.78
N LEU G 420 10.75 13.97 7.69
CA LEU G 420 10.17 12.68 7.36
C LEU G 420 8.66 12.73 7.52
N ASN G 421 7.97 11.98 6.67
CA ASN G 421 6.54 11.80 6.81
C ASN G 421 6.14 10.36 6.51
N ARG G 422 5.03 9.94 7.11
CA ARG G 422 4.41 8.66 6.83
C ARG G 422 3.22 8.83 5.90
N ALA G 423 2.76 7.72 5.33
CA ALA G 423 1.87 7.80 4.17
C ALA G 423 0.53 8.44 4.51
N PRO G 424 -0.31 7.90 5.41
CA PRO G 424 -1.57 8.59 5.69
C PRO G 424 -1.37 9.77 6.63
N THR G 425 -0.96 10.91 6.10
CA THR G 425 -0.71 12.09 6.91
C THR G 425 -2.04 12.62 7.42
N LEU G 426 -2.52 12.05 8.52
CA LEU G 426 -3.84 12.39 9.02
C LEU G 426 -3.84 13.79 9.62
N HIS G 427 -2.99 14.03 10.62
CA HIS G 427 -2.87 15.35 11.23
C HIS G 427 -1.51 15.95 10.86
N ARG G 428 -1.23 17.12 11.43
CA ARG G 428 -0.01 17.83 11.09
C ARG G 428 1.23 17.23 11.74
N LEU G 429 1.07 16.38 12.74
CA LEU G 429 2.21 15.74 13.37
C LEU G 429 2.71 14.54 12.60
N GLY G 430 2.08 14.23 11.47
CA GLY G 430 2.49 13.17 10.59
C GLY G 430 3.63 13.54 9.68
N ILE G 431 4.17 14.75 9.80
CA ILE G 431 5.33 15.18 9.04
C ILE G 431 6.19 16.04 9.97
N GLN G 432 7.40 15.58 10.26
CA GLN G 432 8.22 16.21 11.28
C GLN G 432 9.66 16.30 10.80
N ALA G 433 10.38 17.31 11.27
CA ALA G 433 11.75 17.55 10.83
C ALA G 433 12.72 17.09 11.91
N PHE G 434 13.66 16.23 11.52
CA PHE G 434 14.68 15.70 12.40
C PHE G 434 16.06 16.05 11.87
N GLU G 435 17.02 16.15 12.78
CA GLU G 435 18.42 16.24 12.40
C GLU G 435 18.93 14.87 12.00
N PRO G 436 19.50 14.70 10.82
CA PRO G 436 19.93 13.37 10.40
C PRO G 436 21.23 12.97 11.08
N VAL G 437 21.35 11.66 11.29
CA VAL G 437 22.58 11.03 11.75
C VAL G 437 22.91 9.97 10.73
N LEU G 438 24.08 10.08 10.10
CA LEU G 438 24.42 9.13 9.05
C LEU G 438 24.71 7.77 9.65
N ILE G 439 24.07 6.75 9.10
CA ILE G 439 24.22 5.38 9.58
C ILE G 439 24.59 4.49 8.41
N GLU G 440 25.26 3.38 8.72
CA GLU G 440 25.63 2.39 7.71
C GLU G 440 24.52 1.36 7.64
N GLY G 441 23.64 1.52 6.67
CA GLY G 441 22.50 0.63 6.54
C GLY G 441 21.63 1.08 5.38
N LYS G 442 20.43 0.51 5.31
CA LYS G 442 19.49 0.89 4.26
C LYS G 442 18.11 1.22 4.80
N ALA G 443 17.91 1.18 6.11
CA ALA G 443 16.62 1.48 6.71
C ALA G 443 16.72 2.72 7.58
N ILE G 444 15.71 3.57 7.48
CA ILE G 444 15.64 4.78 8.28
C ILE G 444 15.41 4.39 9.74
N GLN G 445 16.14 5.03 10.65
CA GLN G 445 15.96 4.77 12.06
C GLN G 445 15.16 5.90 12.70
N LEU G 446 14.05 5.55 13.34
CA LEU G 446 13.10 6.51 13.87
C LEU G 446 13.08 6.43 15.38
N HIS G 447 13.09 7.60 16.02
CA HIS G 447 13.04 7.65 17.47
C HIS G 447 11.74 7.03 17.95
N PRO G 448 11.78 6.12 18.93
CA PRO G 448 10.53 5.46 19.35
C PRO G 448 9.47 6.40 19.88
N LEU G 449 9.86 7.46 20.60
CA LEU G 449 8.87 8.29 21.26
C LEU G 449 7.91 8.94 20.25
N VAL G 450 8.44 9.36 19.10
CA VAL G 450 7.60 10.03 18.11
C VAL G 450 6.64 9.08 17.41
N CYS G 451 6.78 7.78 17.62
CA CYS G 451 6.00 6.81 16.85
C CYS G 451 4.51 7.03 17.03
N ALA G 452 4.07 7.28 18.27
CA ALA G 452 2.65 7.51 18.52
C ALA G 452 2.10 8.66 17.70
N ALA G 453 2.93 9.69 17.43
CA ALA G 453 2.49 10.78 16.57
C ALA G 453 2.25 10.28 15.14
N TYR G 454 3.15 9.46 14.63
CA TYR G 454 3.07 8.98 13.26
C TYR G 454 2.09 7.84 13.07
N ASN G 455 1.61 7.25 14.17
CA ASN G 455 0.89 5.97 14.10
C ASN G 455 1.71 4.92 13.38
N ALA G 456 3.00 4.86 13.70
CA ALA G 456 3.95 4.02 12.98
C ALA G 456 4.42 2.88 13.88
N ASP G 457 4.29 1.66 13.38
CA ASP G 457 4.90 0.49 13.98
C ASP G 457 5.93 -0.06 13.02
N PHE G 458 6.94 -0.72 13.57
CA PHE G 458 8.04 -1.23 12.77
C PHE G 458 7.76 -2.66 12.32
N ASP G 459 6.74 -2.80 11.48
CA ASP G 459 6.38 -4.08 10.89
C ASP G 459 6.23 -3.95 9.38
N GLY G 460 7.17 -3.27 8.75
CA GLY G 460 7.14 -3.05 7.32
C GLY G 460 6.71 -1.66 6.89
N ASP G 461 6.49 -0.74 7.82
CA ASP G 461 6.13 0.62 7.46
C ASP G 461 7.26 1.28 6.70
N GLN G 462 6.91 2.23 5.84
CA GLN G 462 7.90 2.98 5.10
C GLN G 462 7.63 4.47 5.29
N MET G 463 8.70 5.25 5.26
CA MET G 463 8.62 6.69 5.43
C MET G 463 9.36 7.38 4.29
N ALA G 464 8.95 8.61 4.02
CA ALA G 464 9.56 9.42 2.98
C ALA G 464 10.33 10.57 3.60
N VAL G 465 11.46 10.90 2.99
CA VAL G 465 12.38 11.93 3.47
C VAL G 465 12.40 13.04 2.44
N HIS G 466 12.26 14.28 2.90
CA HIS G 466 12.37 15.45 2.06
C HIS G 466 13.42 16.39 2.64
N VAL G 467 14.13 17.08 1.76
CA VAL G 467 15.24 17.95 2.13
C VAL G 467 14.80 19.40 1.93
N PRO G 468 14.70 20.21 2.99
CA PRO G 468 14.37 21.63 2.81
C PRO G 468 15.56 22.46 2.36
N LEU G 469 15.77 22.54 1.06
CA LEU G 469 17.00 23.09 0.48
C LEU G 469 16.96 24.62 0.34
N THR G 470 16.61 25.32 1.42
CA THR G 470 16.61 26.77 1.40
C THR G 470 16.85 27.27 2.81
N LEU G 471 17.38 28.49 2.92
CA LEU G 471 17.64 29.07 4.23
C LEU G 471 16.34 29.24 5.01
N GLU G 472 15.34 29.85 4.37
CA GLU G 472 14.05 30.01 5.02
C GLU G 472 13.43 28.67 5.33
N ALA G 473 13.50 27.72 4.40
CA ALA G 473 12.96 26.39 4.65
C ALA G 473 13.69 25.69 5.78
N GLN G 474 15.01 25.89 5.87
CA GLN G 474 15.77 25.30 6.97
C GLN G 474 15.32 25.86 8.31
N LEU G 475 15.16 27.19 8.40
CA LEU G 475 14.69 27.77 9.64
C LEU G 475 13.28 27.31 9.98
N GLU G 476 12.45 27.11 8.96
CA GLU G 476 11.08 26.64 9.19
C GLU G 476 11.08 25.21 9.73
N ALA G 477 11.92 24.35 9.16
CA ALA G 477 12.03 22.99 9.67
C ALA G 477 12.59 22.97 11.09
N ARG G 478 13.53 23.85 11.39
CA ARG G 478 14.16 23.84 12.71
C ARG G 478 13.24 24.44 13.78
N ALA G 479 12.44 25.45 13.43
CA ALA G 479 11.66 26.17 14.41
C ALA G 479 10.16 25.93 14.31
N LEU G 480 9.71 25.13 13.36
CA LEU G 480 8.27 24.82 13.31
C LEU G 480 7.98 23.33 13.23
N MET G 481 8.82 22.55 12.55
CA MET G 481 8.56 21.14 12.34
C MET G 481 9.44 20.21 13.17
N MET G 482 10.32 20.75 14.01
CA MET G 482 11.21 19.88 14.77
C MET G 482 10.41 19.09 15.80
N SER G 483 10.84 17.85 16.04
CA SER G 483 10.13 17.01 17.00
C SER G 483 10.20 17.58 18.42
N THR G 484 11.18 18.41 18.72
CA THR G 484 11.23 19.08 20.01
C THR G 484 10.31 20.29 20.07
N ASN G 485 9.70 20.67 18.96
CA ASN G 485 8.81 21.83 18.93
C ASN G 485 7.36 21.41 19.13
N ASN G 486 6.94 20.34 18.47
CA ASN G 486 5.57 19.83 18.60
C ASN G 486 5.58 18.65 19.56
N ILE G 487 5.42 18.97 20.85
CA ILE G 487 5.31 17.95 21.89
C ILE G 487 3.85 17.65 22.21
N LEU G 488 3.02 18.68 22.34
CA LEU G 488 1.61 18.52 22.60
C LEU G 488 0.85 18.46 21.29
N SER G 489 -0.16 17.59 21.24
CA SER G 489 -0.99 17.49 20.05
C SER G 489 -1.90 18.71 19.95
N PRO G 490 -2.02 19.34 18.79
CA PRO G 490 -2.84 20.55 18.70
C PRO G 490 -4.31 20.23 18.51
N ALA G 491 -4.82 19.24 19.23
CA ALA G 491 -6.22 18.86 19.11
C ALA G 491 -6.88 18.89 20.48
N ASN G 492 -6.15 18.45 21.51
CA ASN G 492 -6.66 18.51 22.86
C ASN G 492 -5.68 19.10 23.86
N GLY G 493 -4.42 19.26 23.51
CA GLY G 493 -3.44 19.86 24.39
C GLY G 493 -2.67 18.86 25.24
N GLU G 494 -3.16 17.63 25.36
CA GLU G 494 -2.42 16.63 26.09
C GLU G 494 -1.15 16.25 25.32
N PRO G 495 -0.07 15.95 26.03
CA PRO G 495 1.18 15.59 25.34
C PRO G 495 1.01 14.38 24.45
N ILE G 496 1.64 14.42 23.28
CA ILE G 496 1.55 13.33 22.32
C ILE G 496 2.86 12.57 22.18
N ILE G 497 3.99 13.13 22.61
CA ILE G 497 5.24 12.39 22.71
C ILE G 497 5.32 11.87 24.13
N VAL G 498 4.79 10.67 24.33
CA VAL G 498 4.71 10.08 25.67
C VAL G 498 5.29 8.67 25.62
N PRO G 499 5.85 8.17 26.71
CA PRO G 499 6.34 6.79 26.72
C PRO G 499 5.22 5.80 26.43
N SER G 500 5.55 4.77 25.65
CA SER G 500 4.58 3.75 25.27
C SER G 500 5.24 2.40 25.33
N GLN G 501 4.43 1.36 25.55
CA GLN G 501 4.86 -0.03 25.50
C GLN G 501 5.97 -0.34 26.50
N ASP G 502 7.18 -0.58 25.99
CA ASP G 502 8.25 -1.08 26.84
C ASP G 502 8.70 -0.04 27.85
N VAL G 503 8.64 1.24 27.49
CA VAL G 503 9.01 2.30 28.44
C VAL G 503 8.07 2.30 29.63
N VAL G 504 6.76 2.16 29.36
CA VAL G 504 5.79 2.11 30.44
C VAL G 504 6.00 0.88 31.30
N LEU G 505 6.29 -0.26 30.67
CA LEU G 505 6.56 -1.48 31.43
C LEU G 505 7.77 -1.30 32.34
N GLY G 506 8.82 -0.68 31.83
CA GLY G 506 10.01 -0.47 32.65
C GLY G 506 9.74 0.48 33.80
N LEU G 507 9.04 1.58 33.54
CA LEU G 507 8.75 2.53 34.59
C LEU G 507 7.81 1.94 35.64
N TYR G 508 6.89 1.07 35.22
CA TYR G 508 5.99 0.42 36.16
C TYR G 508 6.72 -0.63 36.98
N TYR G 509 7.55 -1.44 36.35
CA TYR G 509 8.32 -2.43 37.08
C TYR G 509 9.28 -1.78 38.06
N MET G 510 9.85 -0.63 37.70
CA MET G 510 10.78 0.02 38.59
C MET G 510 10.08 0.59 39.83
N THR G 511 8.94 1.23 39.64
CA THR G 511 8.24 1.89 40.75
C THR G 511 7.10 1.00 41.26
N ARG G 512 7.49 -0.09 41.91
CA ARG G 512 6.55 -0.99 42.56
C ARG G 512 7.20 -1.49 43.85
N ASP G 513 6.38 -2.07 44.72
CA ASP G 513 6.87 -2.58 45.99
C ASP G 513 6.31 -3.97 46.24
N CYS G 514 7.07 -4.77 46.97
CA CYS G 514 6.63 -6.06 47.47
C CYS G 514 6.87 -6.13 48.96
N VAL G 515 6.09 -6.97 49.65
CA VAL G 515 6.05 -6.94 51.11
C VAL G 515 7.41 -7.28 51.69
N ASN G 516 8.07 -8.29 51.15
CA ASN G 516 9.39 -8.70 51.65
C ASN G 516 10.34 -8.78 50.47
N ALA G 517 11.51 -8.16 50.61
CA ALA G 517 12.53 -8.18 49.58
C ALA G 517 13.88 -7.97 50.24
N LYS G 518 14.92 -7.89 49.42
CA LYS G 518 16.26 -7.63 49.92
C LYS G 518 16.36 -6.16 50.30
N GLY G 519 16.45 -5.88 51.60
CA GLY G 519 16.39 -4.51 52.08
C GLY G 519 14.99 -4.15 52.52
N GLU G 520 14.82 -3.82 53.80
CA GLU G 520 13.51 -3.52 54.35
C GLU G 520 13.67 -2.50 55.45
N GLY G 521 13.04 -1.34 55.29
CA GLY G 521 13.17 -0.30 56.29
C GLY G 521 14.57 0.25 56.41
N MET G 522 15.45 -0.12 55.49
CA MET G 522 16.81 0.40 55.49
C MET G 522 16.82 1.88 55.14
N VAL G 523 17.76 2.61 55.71
CA VAL G 523 17.81 4.06 55.60
C VAL G 523 18.96 4.43 54.67
N LEU G 524 18.66 5.24 53.67
CA LEU G 524 19.62 5.66 52.65
C LEU G 524 19.78 7.17 52.66
N THR G 525 21.02 7.62 52.47
CA THR G 525 21.34 9.03 52.48
C THR G 525 20.89 9.75 51.21
N GLY G 526 20.55 9.02 50.16
CA GLY G 526 20.11 9.64 48.94
C GLY G 526 19.89 8.64 47.83
N PRO G 527 19.39 9.11 46.69
CA PRO G 527 19.17 8.20 45.55
C PRO G 527 20.44 7.53 45.05
N LYS G 528 21.60 8.18 45.15
CA LYS G 528 22.82 7.56 44.67
C LYS G 528 23.14 6.29 45.44
N GLU G 529 22.96 6.32 46.77
CA GLU G 529 23.13 5.11 47.54
C GLU G 529 22.11 4.05 47.15
N ALA G 530 20.90 4.45 46.79
CA ALA G 530 19.90 3.50 46.33
C ALA G 530 20.35 2.80 45.05
N GLU G 531 20.88 3.58 44.10
CA GLU G 531 21.36 2.97 42.86
C GLU G 531 22.55 2.07 43.11
N ARG G 532 23.47 2.48 43.99
CA ARG G 532 24.60 1.63 44.32
C ARG G 532 24.15 0.33 44.96
N LEU G 533 23.16 0.40 45.85
CA LEU G 533 22.67 -0.81 46.51
C LEU G 533 21.97 -1.73 45.53
N TYR G 534 21.18 -1.18 44.61
CA TYR G 534 20.50 -2.03 43.65
C TYR G 534 21.48 -2.67 42.69
N ARG G 535 22.37 -1.87 42.09
CA ARG G 535 23.22 -2.37 41.02
C ARG G 535 24.18 -3.45 41.53
N SER G 536 24.75 -3.24 42.71
CA SER G 536 25.67 -4.24 43.26
C SER G 536 24.94 -5.46 43.82
N GLY G 537 23.63 -5.41 43.99
CA GLY G 537 22.86 -6.56 44.38
C GLY G 537 22.54 -6.71 45.84
N LEU G 538 22.75 -5.67 46.65
CA LEU G 538 22.41 -5.75 48.06
C LEU G 538 20.97 -5.34 48.35
N ALA G 539 20.23 -4.90 47.35
CA ALA G 539 18.85 -4.50 47.55
C ALA G 539 18.08 -4.75 46.27
N SER G 540 16.76 -4.85 46.41
CA SER G 540 15.88 -5.12 45.28
C SER G 540 15.22 -3.82 44.81
N LEU G 541 14.78 -3.83 43.56
CA LEU G 541 14.10 -2.66 43.01
C LEU G 541 12.81 -2.38 43.74
N HIS G 542 12.14 -3.43 44.21
CA HIS G 542 10.84 -3.30 44.86
C HIS G 542 10.94 -3.16 46.37
N ALA G 543 12.15 -3.16 46.93
CA ALA G 543 12.31 -3.08 48.37
C ALA G 543 11.86 -1.73 48.90
N ARG G 544 11.22 -1.75 50.08
CA ARG G 544 10.74 -0.54 50.73
C ARG G 544 11.79 -0.03 51.70
N VAL G 545 12.19 1.23 51.53
CA VAL G 545 13.24 1.85 52.32
C VAL G 545 12.79 3.24 52.75
N LYS G 546 13.63 3.88 53.57
CA LYS G 546 13.48 5.30 53.91
C LYS G 546 14.68 6.03 53.35
N VAL G 547 14.43 7.03 52.51
CA VAL G 547 15.48 7.70 51.77
C VAL G 547 15.43 9.19 52.06
N ARG G 548 16.60 9.80 52.22
CA ARG G 548 16.64 11.25 52.35
C ARG G 548 16.55 11.89 50.97
N ILE G 549 15.53 12.72 50.77
CA ILE G 549 15.22 13.28 49.45
C ILE G 549 15.12 14.79 49.58
N THR G 550 15.75 15.49 48.63
CA THR G 550 15.68 16.95 48.56
C THR G 550 14.83 17.33 47.36
N GLU G 551 13.75 18.06 47.59
CA GLU G 551 12.90 18.58 46.55
C GLU G 551 13.14 20.07 46.39
N TYR G 552 12.73 20.59 45.23
CA TYR G 552 12.81 22.02 44.95
C TYR G 552 11.43 22.52 44.58
N GLU G 553 11.05 23.67 45.14
CA GLU G 553 9.79 24.31 44.82
C GLU G 553 10.05 25.68 44.21
N LYS G 554 9.15 26.08 43.31
CA LYS G 554 9.16 27.40 42.69
C LYS G 554 8.18 28.35 43.36
N ASP G 555 7.97 28.20 44.67
CA ASP G 555 7.00 29.04 45.38
C ASP G 555 7.41 30.50 45.32
N ALA G 556 8.69 30.79 45.53
CA ALA G 556 9.17 32.16 45.36
C ALA G 556 9.06 32.57 43.90
N ASN G 557 8.96 33.88 43.68
CA ASN G 557 8.76 34.40 42.33
C ASN G 557 9.98 34.08 41.47
N GLY G 558 9.85 33.05 40.64
CA GLY G 558 10.93 32.65 39.76
C GLY G 558 12.18 32.17 40.48
N GLU G 559 12.03 31.58 41.66
CA GLU G 559 13.16 31.10 42.43
C GLU G 559 12.88 29.68 42.93
N LEU G 560 13.93 28.89 43.01
CA LEU G 560 13.85 27.50 43.46
C LEU G 560 14.41 27.41 44.87
N VAL G 561 13.61 26.90 45.80
CA VAL G 561 14.03 26.71 47.18
C VAL G 561 13.96 25.23 47.50
N ALA G 562 14.97 24.75 48.22
CA ALA G 562 15.14 23.33 48.48
C ALA G 562 14.65 22.96 49.87
N LYS G 563 14.02 21.79 49.96
CA LYS G 563 13.63 21.21 51.24
C LYS G 563 14.10 19.76 51.28
N THR G 564 14.72 19.38 52.37
CA THR G 564 15.25 18.03 52.56
C THR G 564 14.43 17.30 53.61
N SER G 565 14.00 16.08 53.31
CA SER G 565 13.18 15.34 54.25
C SER G 565 13.38 13.84 54.04
N LEU G 566 13.05 13.08 55.08
CA LEU G 566 13.15 11.62 55.04
C LEU G 566 11.81 11.06 54.59
N LYS G 567 11.83 10.26 53.53
CA LYS G 567 10.61 9.80 52.89
C LYS G 567 10.55 8.27 52.90
N ASP G 568 9.36 7.74 53.18
CA ASP G 568 9.07 6.32 53.05
C ASP G 568 8.81 6.03 51.58
N THR G 569 9.70 5.29 50.93
CA THR G 569 9.57 5.06 49.51
C THR G 569 10.13 3.67 49.20
N THR G 570 10.41 3.41 47.94
CA THR G 570 11.07 2.18 47.53
C THR G 570 12.41 2.52 46.89
N VAL G 571 13.22 1.48 46.67
CA VAL G 571 14.50 1.67 46.01
C VAL G 571 14.30 2.14 44.58
N GLY G 572 13.33 1.55 43.87
CA GLY G 572 13.12 1.91 42.48
C GLY G 572 12.70 3.36 42.31
N ARG G 573 11.80 3.85 43.17
CA ARG G 573 11.39 5.24 43.08
C ARG G 573 12.55 6.18 43.38
N ALA G 574 13.39 5.82 44.36
CA ALA G 574 14.55 6.64 44.66
C ALA G 574 15.52 6.69 43.48
N ILE G 575 15.74 5.54 42.84
CA ILE G 575 16.60 5.50 41.65
C ILE G 575 16.01 6.38 40.56
N LEU G 576 14.69 6.31 40.36
CA LEU G 576 14.05 7.14 39.35
C LEU G 576 14.15 8.62 39.67
N TRP G 577 14.20 8.98 40.96
CA TRP G 577 14.21 10.38 41.33
C TRP G 577 15.43 11.13 40.81
N MET G 578 16.53 10.43 40.52
CA MET G 578 17.69 11.11 39.97
C MET G 578 17.48 11.60 38.54
N ILE G 579 16.29 11.40 37.99
CA ILE G 579 16.03 11.75 36.60
C ILE G 579 15.08 12.94 36.49
N VAL G 580 14.28 13.23 37.50
CA VAL G 580 13.27 14.28 37.45
C VAL G 580 13.96 15.64 37.57
N PRO G 581 13.66 16.59 36.68
CA PRO G 581 14.29 17.90 36.79
C PRO G 581 13.90 18.61 38.07
N LYS G 582 14.78 19.48 38.54
CA LYS G 582 14.50 20.22 39.76
C LYS G 582 13.26 21.09 39.58
N GLY G 583 12.41 21.07 40.61
CA GLY G 583 11.17 21.83 40.59
C GLY G 583 9.92 20.99 40.63
N LEU G 584 10.03 19.68 40.45
CA LEU G 584 8.85 18.83 40.50
C LEU G 584 8.80 18.09 41.82
N PRO G 585 7.62 17.97 42.43
CA PRO G 585 7.55 17.34 43.76
C PRO G 585 7.82 15.85 43.69
N TYR G 586 8.28 15.32 44.83
CA TYR G 586 8.54 13.88 44.89
C TYR G 586 7.25 13.07 44.81
N SER G 587 6.10 13.69 45.08
CA SER G 587 4.85 12.94 45.09
C SER G 587 4.48 12.41 43.72
N ILE G 588 5.12 12.90 42.65
CA ILE G 588 4.84 12.39 41.32
C ILE G 588 5.53 11.06 41.05
N VAL G 589 6.46 10.65 41.91
CA VAL G 589 7.17 9.39 41.73
C VAL G 589 6.68 8.30 42.68
N ASN G 590 6.10 8.67 43.82
CA ASN G 590 5.68 7.70 44.84
C ASN G 590 4.38 7.01 44.43
N GLN G 591 4.38 6.42 43.24
CA GLN G 591 3.23 5.71 42.71
C GLN G 591 3.73 4.54 41.88
N ALA G 592 2.86 4.00 41.02
CA ALA G 592 3.22 2.90 40.15
C ALA G 592 3.52 3.34 38.71
N LEU G 593 3.05 4.51 38.30
CA LEU G 593 3.41 5.11 37.01
C LEU G 593 2.96 4.25 35.84
N GLY G 594 1.65 4.06 35.74
CA GLY G 594 1.08 3.25 34.67
C GLY G 594 0.55 3.97 33.46
N LYS G 595 1.41 4.74 32.79
CA LYS G 595 1.11 5.39 31.51
C LYS G 595 0.08 6.51 31.64
N LYS G 596 -0.58 6.61 32.78
CA LYS G 596 -1.43 7.74 33.08
C LYS G 596 -0.77 8.70 34.06
N ALA G 597 0.04 8.16 34.98
CA ALA G 597 0.86 9.01 35.83
C ALA G 597 2.06 9.56 35.08
N ILE G 598 2.56 8.86 34.06
CA ILE G 598 3.78 9.30 33.39
C ILE G 598 3.47 10.41 32.39
N SER G 599 2.34 10.33 31.68
CA SER G 599 1.93 11.45 30.84
C SER G 599 1.56 12.65 31.69
N LYS G 600 0.93 12.42 32.85
CA LYS G 600 0.63 13.52 33.75
C LYS G 600 1.91 14.18 34.26
N MET G 601 2.93 13.39 34.56
CA MET G 601 4.17 13.96 35.08
C MET G 601 4.91 14.72 33.99
N LEU G 602 4.85 14.23 32.75
CA LEU G 602 5.41 15.01 31.63
C LEU G 602 4.64 16.30 31.42
N ASN G 603 3.31 16.25 31.55
CA ASN G 603 2.51 17.46 31.41
C ASN G 603 2.84 18.48 32.48
N THR G 604 2.98 18.04 33.73
CA THR G 604 3.35 18.97 34.79
C THR G 604 4.74 19.52 34.58
N CYS G 605 5.67 18.69 34.09
CA CYS G 605 7.00 19.20 33.78
C CYS G 605 6.93 20.28 32.72
N TYR G 606 6.10 20.09 31.69
CA TYR G 606 5.96 21.11 30.66
C TYR G 606 5.35 22.38 31.23
N ARG G 607 4.30 22.24 32.05
CA ARG G 607 3.57 23.41 32.51
C ARG G 607 4.31 24.18 33.60
N ILE G 608 5.28 23.56 34.25
CA ILE G 608 6.01 24.21 35.34
C ILE G 608 7.41 24.66 34.90
N LEU G 609 8.15 23.78 34.23
CA LEU G 609 9.55 24.05 33.95
C LEU G 609 9.77 24.74 32.60
N GLY G 610 9.21 24.18 31.54
CA GLY G 610 9.33 24.80 30.24
C GLY G 610 9.32 23.76 29.14
N LEU G 611 9.96 24.09 28.02
CA LEU G 611 10.04 23.18 26.89
C LEU G 611 11.31 22.33 26.92
N LYS G 612 12.48 22.96 26.93
CA LYS G 612 13.72 22.20 26.84
C LYS G 612 13.94 21.27 28.03
N PRO G 613 13.68 21.63 29.30
CA PRO G 613 13.80 20.62 30.36
C PRO G 613 12.85 19.46 30.15
N THR G 614 11.66 19.71 29.59
CA THR G 614 10.74 18.62 29.30
C THR G 614 11.29 17.70 28.23
N VAL G 615 11.96 18.25 27.21
CA VAL G 615 12.55 17.41 26.17
C VAL G 615 13.65 16.53 26.76
N ILE G 616 14.52 17.13 27.59
CA ILE G 616 15.57 16.35 28.23
C ILE G 616 14.96 15.26 29.10
N PHE G 617 13.91 15.61 29.84
CA PHE G 617 13.24 14.65 30.72
C PHE G 617 12.62 13.51 29.92
N ALA G 618 11.99 13.83 28.79
CA ALA G 618 11.38 12.77 27.99
C ALA G 618 12.43 11.82 27.44
N ASP G 619 13.55 12.35 26.95
CA ASP G 619 14.61 11.48 26.46
C ASP G 619 15.14 10.59 27.57
N GLN G 620 15.39 11.17 28.74
CA GLN G 620 15.91 10.37 29.84
C GLN G 620 14.90 9.34 30.31
N ILE G 621 13.62 9.67 30.29
CA ILE G 621 12.58 8.71 30.67
C ILE G 621 12.59 7.53 29.73
N MET G 622 12.67 7.79 28.42
CA MET G 622 12.71 6.68 27.48
C MET G 622 13.95 5.81 27.68
N TYR G 623 15.11 6.44 27.89
CA TYR G 623 16.33 5.68 28.11
C TYR G 623 16.20 4.77 29.33
N THR G 624 15.80 5.34 30.48
CA THR G 624 15.73 4.54 31.69
C THR G 624 14.63 3.50 31.62
N GLY G 625 13.53 3.80 30.94
CA GLY G 625 12.47 2.81 30.81
C GLY G 625 12.90 1.61 30.00
N PHE G 626 13.58 1.86 28.88
CA PHE G 626 14.11 0.74 28.10
C PHE G 626 15.10 -0.06 28.93
N ALA G 627 16.01 0.63 29.63
CA ALA G 627 17.04 -0.06 30.39
C ALA G 627 16.44 -0.97 31.46
N TYR G 628 15.49 -0.45 32.23
CA TYR G 628 14.95 -1.24 33.33
C TYR G 628 13.90 -2.24 32.86
N ALA G 629 13.27 -2.04 31.70
CA ALA G 629 12.47 -3.10 31.12
C ALA G 629 13.34 -4.26 30.70
N ALA G 630 14.50 -3.98 30.11
CA ALA G 630 15.42 -5.06 29.76
C ALA G 630 15.96 -5.76 31.00
N ARG G 631 16.30 -4.98 32.03
CA ARG G 631 16.75 -5.59 33.29
C ARG G 631 15.66 -6.42 33.93
N SER G 632 14.40 -6.02 33.76
CA SER G 632 13.30 -6.71 34.44
C SER G 632 13.15 -8.14 33.96
N GLY G 633 13.41 -8.39 32.68
CA GLY G 633 13.21 -9.71 32.13
C GLY G 633 11.77 -10.16 32.14
N ALA G 634 10.82 -9.23 31.96
CA ALA G 634 9.42 -9.59 31.91
C ALA G 634 9.12 -10.39 30.64
N SER G 635 8.34 -11.45 30.80
CA SER G 635 8.05 -12.34 29.68
C SER G 635 6.69 -12.98 29.90
N VAL G 636 6.10 -13.46 28.81
CA VAL G 636 4.81 -14.14 28.84
C VAL G 636 5.04 -15.63 28.70
N GLY G 637 4.35 -16.40 29.54
CA GLY G 637 4.40 -17.84 29.45
C GLY G 637 3.00 -18.41 29.47
N ILE G 638 2.90 -19.68 29.08
CA ILE G 638 1.58 -20.31 29.00
C ILE G 638 0.96 -20.45 30.38
N ASP G 639 1.76 -20.36 31.43
CA ASP G 639 1.24 -20.46 32.79
C ASP G 639 0.96 -19.10 33.42
N ASP G 640 1.20 -18.00 32.70
CA ASP G 640 0.93 -16.68 33.23
C ASP G 640 -0.54 -16.30 33.16
N MET G 641 -1.36 -17.11 32.50
CA MET G 641 -2.79 -16.83 32.33
C MET G 641 -3.55 -17.82 33.22
N VAL G 642 -3.90 -17.36 34.41
CA VAL G 642 -4.49 -18.24 35.43
C VAL G 642 -6.00 -18.25 35.24
N ILE G 643 -6.52 -19.37 34.75
CA ILE G 643 -7.97 -19.54 34.64
C ILE G 643 -8.55 -19.75 36.04
N PRO G 644 -9.65 -19.08 36.39
CA PRO G 644 -10.25 -19.29 37.72
C PRO G 644 -10.71 -20.73 37.89
N GLU G 645 -10.61 -21.22 39.13
CA GLU G 645 -10.93 -22.61 39.40
C GLU G 645 -12.42 -22.90 39.40
N LYS G 646 -13.25 -21.88 39.60
CA LYS G 646 -14.70 -22.06 39.67
C LYS G 646 -15.39 -21.89 38.32
N LYS G 647 -14.62 -21.78 37.23
CA LYS G 647 -15.23 -21.57 35.92
C LYS G 647 -16.14 -22.73 35.53
N HIS G 648 -15.71 -23.96 35.77
CA HIS G 648 -16.55 -25.11 35.43
C HIS G 648 -17.81 -25.13 36.29
N GLU G 649 -17.72 -24.69 37.54
CA GLU G 649 -18.90 -24.67 38.40
C GLU G 649 -19.94 -23.69 37.91
N ILE G 650 -19.53 -22.46 37.57
CA ILE G 650 -20.49 -21.48 37.08
C ILE G 650 -21.03 -21.89 35.72
N ILE G 651 -20.20 -22.50 34.88
CA ILE G 651 -20.71 -23.01 33.61
C ILE G 651 -21.76 -24.08 33.86
N SER G 652 -21.53 -24.96 34.84
CA SER G 652 -22.50 -25.99 35.17
C SER G 652 -23.80 -25.38 35.67
N GLU G 653 -23.73 -24.36 36.52
CA GLU G 653 -24.95 -23.70 36.98
C GLU G 653 -25.71 -23.07 35.82
N ALA G 654 -24.98 -22.44 34.90
CA ALA G 654 -25.63 -21.84 33.74
C ALA G 654 -26.31 -22.89 32.88
N GLU G 655 -25.67 -24.04 32.68
CA GLU G 655 -26.28 -25.12 31.90
C GLU G 655 -27.52 -25.67 32.61
N ALA G 656 -27.46 -25.83 33.93
CA ALA G 656 -28.62 -26.29 34.65
C ALA G 656 -29.78 -25.32 34.53
N GLU G 657 -29.50 -24.02 34.64
CA GLU G 657 -30.56 -23.03 34.54
C GLU G 657 -31.14 -22.99 33.14
N VAL G 658 -30.30 -23.13 32.11
CA VAL G 658 -30.83 -23.11 30.75
C VAL G 658 -31.63 -24.37 30.48
N ALA G 659 -31.27 -25.51 31.07
CA ALA G 659 -32.09 -26.71 30.94
C ALA G 659 -33.45 -26.50 31.61
N GLU G 660 -33.46 -25.85 32.78
CA GLU G 660 -34.70 -25.57 33.48
C GLU G 660 -35.59 -24.65 32.66
N ILE G 661 -35.00 -23.62 32.06
CA ILE G 661 -35.81 -22.71 31.24
C ILE G 661 -36.26 -23.42 29.96
N GLN G 662 -35.47 -24.35 29.45
CA GLN G 662 -35.90 -25.13 28.29
C GLN G 662 -37.14 -25.95 28.62
N GLU G 663 -37.12 -26.65 29.76
CA GLU G 663 -38.29 -27.45 30.13
C GLU G 663 -39.48 -26.56 30.45
N GLN G 664 -39.23 -25.37 31.03
CA GLN G 664 -40.30 -24.43 31.30
C GLN G 664 -40.95 -23.94 30.00
N PHE G 665 -40.13 -23.68 28.98
CA PHE G 665 -40.68 -23.36 27.66
C PHE G 665 -41.47 -24.53 27.10
N GLN G 666 -40.95 -25.75 27.26
CA GLN G 666 -41.66 -26.93 26.79
C GLN G 666 -43.01 -27.08 27.48
N SER G 667 -43.13 -26.60 28.72
CA SER G 667 -44.43 -26.57 29.38
C SER G 667 -45.42 -25.66 28.64
N GLY G 668 -44.94 -24.71 27.87
CA GLY G 668 -45.80 -23.88 27.05
C GLY G 668 -46.23 -22.56 27.65
N LEU G 669 -45.70 -22.19 28.82
CA LEU G 669 -46.07 -20.95 29.46
C LEU G 669 -45.21 -19.78 29.02
N VAL G 670 -44.19 -20.02 28.21
CA VAL G 670 -43.28 -18.99 27.74
C VAL G 670 -43.17 -19.09 26.24
N THR G 671 -43.26 -17.95 25.56
CA THR G 671 -43.04 -17.88 24.12
C THR G 671 -41.55 -17.74 23.82
N ALA G 672 -41.23 -17.76 22.52
CA ALA G 672 -39.83 -17.78 22.10
C ALA G 672 -39.09 -16.50 22.51
N GLY G 673 -39.75 -15.34 22.40
CA GLY G 673 -39.05 -14.10 22.69
C GLY G 673 -38.59 -13.99 24.14
N GLU G 674 -39.46 -14.34 25.09
CA GLU G 674 -39.09 -14.23 26.49
C GLU G 674 -37.95 -15.18 26.84
N ARG G 675 -38.01 -16.42 26.36
CA ARG G 675 -36.97 -17.38 26.69
C ARG G 675 -35.65 -17.00 26.03
N TYR G 676 -35.71 -16.45 24.80
CA TYR G 676 -34.49 -15.99 24.15
C TYR G 676 -33.85 -14.85 24.94
N ASN G 677 -34.66 -13.86 25.34
CA ASN G 677 -34.11 -12.75 26.12
C ASN G 677 -33.54 -13.25 27.44
N LYS G 678 -34.25 -14.17 28.11
CA LYS G 678 -33.78 -14.67 29.38
C LYS G 678 -32.50 -15.47 29.24
N VAL G 679 -32.36 -16.26 28.18
CA VAL G 679 -31.15 -17.04 28.00
C VAL G 679 -29.97 -16.13 27.71
N ILE G 680 -30.20 -15.07 26.92
CA ILE G 680 -29.13 -14.10 26.70
C ILE G 680 -28.74 -13.44 28.00
N ASP G 681 -29.73 -13.10 28.84
CA ASP G 681 -29.45 -12.44 30.10
C ASP G 681 -28.63 -13.34 31.03
N ILE G 682 -28.99 -14.62 31.13
CA ILE G 682 -28.27 -15.49 32.05
C ILE G 682 -26.86 -15.74 31.54
N TRP G 683 -26.70 -15.89 30.22
CA TRP G 683 -25.35 -16.08 29.69
C TRP G 683 -24.48 -14.84 29.93
N ALA G 684 -25.06 -13.65 29.76
CA ALA G 684 -24.30 -12.43 30.01
C ALA G 684 -23.92 -12.31 31.49
N ALA G 685 -24.84 -12.67 32.39
CA ALA G 685 -24.52 -12.65 33.81
C ALA G 685 -23.41 -13.65 34.13
N ALA G 686 -23.46 -14.83 33.53
CA ALA G 686 -22.41 -15.81 33.73
C ALA G 686 -21.07 -15.30 33.23
N ASN G 687 -21.06 -14.62 32.08
CA ASN G 687 -19.83 -14.03 31.57
C ASN G 687 -19.30 -12.98 32.53
N ASP G 688 -20.17 -12.12 33.05
CA ASP G 688 -19.75 -11.10 33.99
C ASP G 688 -19.12 -11.74 35.22
N ARG G 689 -19.77 -12.77 35.77
CA ARG G 689 -19.25 -13.40 36.98
C ARG G 689 -17.95 -14.13 36.71
N VAL G 690 -17.81 -14.76 35.54
CA VAL G 690 -16.57 -15.45 35.20
C VAL G 690 -15.42 -14.45 35.11
N SER G 691 -15.66 -13.33 34.43
CA SER G 691 -14.61 -12.32 34.31
C SER G 691 -14.25 -11.73 35.66
N LYS G 692 -15.25 -11.51 36.52
CA LYS G 692 -14.98 -11.01 37.85
C LYS G 692 -14.15 -11.98 38.66
N ALA G 693 -14.48 -13.28 38.58
CA ALA G 693 -13.69 -14.28 39.30
C ALA G 693 -12.27 -14.35 38.78
N MET G 694 -12.08 -14.28 37.46
CA MET G 694 -10.73 -14.32 36.91
C MET G 694 -9.92 -13.11 37.32
N MET G 695 -10.50 -11.91 37.29
CA MET G 695 -9.79 -10.74 37.79
C MET G 695 -9.50 -10.86 39.28
N ASP G 696 -10.41 -11.42 40.05
CA ASP G 696 -10.17 -11.60 41.48
C ASP G 696 -8.98 -12.52 41.70
N ASN G 697 -8.88 -13.60 40.93
CA ASN G 697 -7.77 -14.53 41.12
C ASN G 697 -6.46 -14.00 40.55
N LEU G 698 -6.53 -13.10 39.58
CA LEU G 698 -5.31 -12.60 38.94
C LEU G 698 -4.77 -11.33 39.59
N GLN G 699 -5.61 -10.55 40.26
CA GLN G 699 -5.19 -9.25 40.78
C GLN G 699 -4.16 -9.41 41.89
N THR G 700 -4.54 -10.11 42.95
CA THR G 700 -3.71 -10.27 44.13
C THR G 700 -3.29 -11.73 44.29
N GLU G 701 -2.94 -12.37 43.17
CA GLU G 701 -2.60 -13.79 43.20
C GLU G 701 -1.43 -14.07 44.13
N THR G 702 -0.53 -13.11 44.31
CA THR G 702 0.60 -13.31 45.19
C THR G 702 0.14 -13.29 46.63
N VAL G 703 0.61 -14.26 47.42
CA VAL G 703 0.44 -14.28 48.86
C VAL G 703 1.82 -14.51 49.46
N ILE G 704 2.54 -13.42 49.73
CA ILE G 704 3.92 -13.49 50.19
C ILE G 704 3.95 -13.18 51.68
N ASN G 705 4.61 -14.05 52.44
CA ASN G 705 4.73 -13.87 53.87
C ASN G 705 5.67 -12.72 54.18
N ARG G 706 5.58 -12.22 55.42
CA ARG G 706 6.43 -11.15 55.89
C ARG G 706 7.16 -11.60 57.14
N ASP G 707 7.81 -10.66 57.83
CA ASP G 707 8.49 -11.01 59.08
C ASP G 707 7.51 -11.57 60.11
N GLY G 708 6.23 -11.20 60.01
CA GLY G 708 5.21 -11.78 60.86
C GLY G 708 4.00 -12.26 60.08
N GLN G 709 3.72 -13.55 60.17
CA GLN G 709 2.57 -14.19 59.49
C GLN G 709 2.74 -14.02 57.98
N GLU G 710 1.63 -13.97 57.25
CA GLU G 710 1.64 -13.80 55.81
C GLU G 710 0.55 -12.82 55.40
N GLU G 711 0.81 -12.03 54.37
CA GLU G 711 -0.12 -11.02 53.88
C GLU G 711 -0.42 -11.28 52.41
N LYS G 712 -1.18 -10.37 51.82
CA LYS G 712 -1.61 -10.48 50.42
C LYS G 712 -1.40 -9.14 49.75
N GLN G 713 -0.70 -9.14 48.61
CA GLN G 713 -0.38 -7.90 47.91
C GLN G 713 -0.48 -8.11 46.40
N VAL G 714 -0.26 -7.01 45.67
CA VAL G 714 -0.56 -6.99 44.24
C VAL G 714 0.31 -7.98 43.48
N SER G 715 -0.31 -8.74 42.59
CA SER G 715 0.40 -9.81 41.89
C SER G 715 1.43 -9.24 40.91
N PHE G 716 2.51 -10.00 40.73
CA PHE G 716 3.53 -9.68 39.76
C PHE G 716 3.40 -10.51 38.50
N ASN G 717 2.22 -11.08 38.25
CA ASN G 717 1.96 -11.81 37.03
C ASN G 717 2.21 -10.91 35.83
N SER G 718 2.93 -11.44 34.84
CA SER G 718 3.39 -10.61 33.74
C SER G 718 2.24 -10.04 32.93
N ILE G 719 1.19 -10.84 32.71
CA ILE G 719 0.05 -10.36 31.92
C ILE G 719 -0.73 -9.30 32.69
N TYR G 720 -0.95 -9.51 33.99
CA TYR G 720 -1.55 -8.46 34.79
C TYR G 720 -0.64 -7.25 34.90
N MET G 721 0.67 -7.48 34.96
CA MET G 721 1.61 -6.36 35.01
C MET G 721 1.56 -5.55 33.73
N MET G 722 1.26 -6.20 32.60
CA MET G 722 1.12 -5.47 31.34
C MET G 722 -0.20 -4.71 31.30
N ALA G 723 -1.28 -5.36 31.74
CA ALA G 723 -2.61 -4.73 31.67
C ALA G 723 -2.72 -3.55 32.63
N ASP G 724 -2.24 -3.72 33.88
CA ASP G 724 -2.36 -2.67 34.88
C ASP G 724 -1.44 -1.51 34.57
N SER G 725 -0.24 -1.78 34.04
CA SER G 725 0.67 -0.71 33.67
C SER G 725 0.16 0.12 32.51
N GLY G 726 -0.85 -0.37 31.79
CA GLY G 726 -1.31 0.33 30.62
C GLY G 726 -0.38 0.24 29.44
N ALA G 727 0.69 -0.55 29.54
CA ALA G 727 1.62 -0.68 28.42
C ALA G 727 0.95 -1.32 27.22
N ARG G 728 0.17 -2.38 27.44
CA ARG G 728 -0.48 -3.09 26.36
C ARG G 728 -1.58 -3.97 26.94
N GLY G 729 -2.72 -3.97 26.28
CA GLY G 729 -3.84 -4.80 26.69
C GLY G 729 -4.79 -4.08 27.62
N SER G 730 -5.96 -4.68 27.80
CA SER G 730 -7.00 -4.15 28.67
C SER G 730 -7.77 -5.32 29.26
N ALA G 731 -8.73 -5.00 30.13
CA ALA G 731 -9.47 -6.04 30.83
C ALA G 731 -10.23 -6.95 29.87
N ALA G 732 -10.69 -6.42 28.74
CA ALA G 732 -11.42 -7.24 27.78
C ALA G 732 -10.53 -8.32 27.19
N GLN G 733 -9.29 -7.96 26.82
CA GLN G 733 -8.40 -8.94 26.21
C GLN G 733 -7.92 -9.96 27.23
N ILE G 734 -7.71 -9.55 28.48
CA ILE G 734 -7.38 -10.53 29.51
C ILE G 734 -8.55 -11.46 29.74
N ARG G 735 -9.78 -10.93 29.65
CA ARG G 735 -10.96 -11.78 29.77
C ARG G 735 -11.00 -12.81 28.65
N GLN G 736 -10.63 -12.42 27.42
CA GLN G 736 -10.54 -13.40 26.34
C GLN G 736 -9.42 -14.40 26.59
N LEU G 737 -8.30 -13.96 27.16
CA LEU G 737 -7.15 -14.84 27.32
C LEU G 737 -7.39 -15.91 28.38
N ALA G 738 -7.91 -15.53 29.54
CA ALA G 738 -8.05 -16.46 30.65
C ALA G 738 -9.49 -16.83 30.95
N GLY G 739 -10.38 -15.86 31.16
CA GLY G 739 -11.78 -16.12 31.35
C GLY G 739 -12.43 -16.55 30.05
N MET G 740 -13.71 -16.87 30.12
CA MET G 740 -14.38 -17.38 28.92
C MET G 740 -14.44 -16.29 27.86
N ARG G 741 -14.34 -16.71 26.60
CA ARG G 741 -14.29 -15.77 25.48
C ARG G 741 -15.50 -14.86 25.44
N GLY G 742 -16.65 -15.35 25.88
CA GLY G 742 -17.83 -14.52 26.01
C GLY G 742 -18.85 -14.75 24.93
N LEU G 743 -20.05 -14.23 25.17
CA LEU G 743 -21.13 -14.30 24.21
C LEU G 743 -20.85 -13.32 23.07
N MET G 744 -20.87 -13.84 21.85
CA MET G 744 -20.55 -13.01 20.70
C MET G 744 -21.23 -13.57 19.46
N ALA G 745 -21.65 -12.67 18.58
CA ALA G 745 -22.32 -13.04 17.34
C ALA G 745 -22.49 -11.83 16.43
N LYS G 746 -22.31 -12.03 15.13
CA LYS G 746 -22.65 -10.99 14.17
C LYS G 746 -22.88 -11.57 12.79
N PRO G 747 -23.82 -12.50 12.61
CA PRO G 747 -24.16 -12.90 11.23
C PRO G 747 -24.93 -11.81 10.52
N ASP G 748 -25.88 -11.17 11.19
CA ASP G 748 -26.56 -9.99 10.69
C ASP G 748 -26.75 -8.94 11.78
N GLY G 749 -26.01 -9.03 12.88
CA GLY G 749 -26.22 -8.22 14.06
C GLY G 749 -26.90 -8.95 15.20
N SER G 750 -27.50 -10.09 14.93
CA SER G 750 -28.18 -10.86 15.96
C SER G 750 -27.17 -11.49 16.92
N ILE G 751 -27.69 -12.17 17.92
CA ILE G 751 -26.88 -12.81 18.96
C ILE G 751 -27.31 -14.27 19.09
N ILE G 752 -26.35 -15.18 19.04
CA ILE G 752 -26.65 -16.60 19.13
C ILE G 752 -26.86 -17.00 20.59
N GLU G 753 -27.68 -18.03 20.80
CA GLU G 753 -28.07 -18.43 22.14
C GLU G 753 -26.89 -18.91 22.97
N THR G 754 -26.12 -19.85 22.43
CA THR G 754 -25.00 -20.42 23.18
C THR G 754 -23.72 -19.67 22.88
N PRO G 755 -22.95 -19.28 23.90
CA PRO G 755 -21.72 -18.51 23.65
C PRO G 755 -20.49 -19.38 23.46
N ILE G 756 -19.35 -18.73 23.27
CA ILE G 756 -18.06 -19.42 23.26
C ILE G 756 -17.60 -19.52 24.71
N THR G 757 -17.61 -20.72 25.27
CA THR G 757 -17.25 -20.92 26.66
C THR G 757 -15.78 -21.18 26.86
N ALA G 758 -14.98 -21.21 25.80
CA ALA G 758 -13.58 -21.57 25.88
C ALA G 758 -12.70 -20.37 25.54
N ASN G 759 -11.70 -20.13 26.38
CA ASN G 759 -10.78 -19.02 26.21
C ASN G 759 -9.72 -19.38 25.17
N PHE G 760 -8.66 -18.59 25.11
CA PHE G 760 -7.56 -18.87 24.20
C PHE G 760 -6.48 -19.72 24.83
N ARG G 761 -6.43 -19.81 26.16
CA ARG G 761 -5.51 -20.75 26.79
C ARG G 761 -5.90 -22.18 26.47
N GLU G 762 -7.17 -22.52 26.67
CA GLU G 762 -7.71 -23.76 26.13
C GLU G 762 -8.06 -23.57 24.67
N GLY G 763 -8.26 -24.68 23.98
CA GLY G 763 -8.59 -24.60 22.58
C GLY G 763 -10.02 -24.16 22.34
N LEU G 764 -10.29 -23.82 21.09
CA LEU G 764 -11.64 -23.57 20.61
C LEU G 764 -12.05 -24.72 19.69
N ASN G 765 -13.28 -25.19 19.85
CA ASN G 765 -13.80 -26.19 18.94
C ASN G 765 -13.92 -25.61 17.55
N VAL G 766 -14.22 -26.48 16.57
CA VAL G 766 -14.43 -26.02 15.21
C VAL G 766 -15.61 -25.04 15.15
N LEU G 767 -16.70 -25.37 15.85
CA LEU G 767 -17.87 -24.51 15.82
C LEU G 767 -17.57 -23.13 16.40
N GLN G 768 -16.91 -23.08 17.57
CA GLN G 768 -16.66 -21.80 18.22
C GLN G 768 -15.76 -20.92 17.37
N TYR G 769 -14.74 -21.51 16.75
CA TYR G 769 -13.90 -20.75 15.85
C TYR G 769 -14.69 -20.22 14.66
N PHE G 770 -15.59 -21.05 14.11
CA PHE G 770 -16.39 -20.57 13.00
C PHE G 770 -17.31 -19.43 13.41
N ILE G 771 -17.78 -19.43 14.66
CA ILE G 771 -18.54 -18.28 15.15
C ILE G 771 -17.66 -17.04 15.24
N SER G 772 -16.47 -17.18 15.81
CA SER G 772 -15.61 -16.02 15.98
C SER G 772 -15.22 -15.41 14.63
N THR G 773 -15.21 -16.23 13.58
CA THR G 773 -14.84 -15.73 12.27
C THR G 773 -15.84 -14.71 11.73
N HIS G 774 -17.14 -14.88 11.98
CA HIS G 774 -18.12 -13.87 11.53
C HIS G 774 -17.75 -12.49 12.05
N GLY G 775 -17.55 -12.38 13.36
CA GLY G 775 -17.22 -11.09 13.94
C GLY G 775 -15.91 -10.55 13.44
N ALA G 776 -14.89 -11.41 13.33
CA ALA G 776 -13.60 -10.94 12.83
C ALA G 776 -13.72 -10.41 11.41
N ARG G 777 -14.45 -11.11 10.55
CA ARG G 777 -14.61 -10.67 9.17
C ARG G 777 -15.35 -9.34 9.10
N LYS G 778 -16.43 -9.20 9.87
CA LYS G 778 -17.17 -7.94 9.86
C LYS G 778 -16.29 -6.80 10.33
N GLY G 779 -15.51 -7.03 11.38
CA GLY G 779 -14.62 -5.99 11.88
C GLY G 779 -13.58 -5.59 10.86
N LEU G 780 -12.95 -6.57 10.20
CA LEU G 780 -11.93 -6.26 9.22
C LEU G 780 -12.51 -5.51 8.03
N ALA G 781 -13.68 -5.94 7.54
CA ALA G 781 -14.29 -5.24 6.42
C ALA G 781 -14.68 -3.82 6.80
N ASP G 782 -15.24 -3.63 8.00
CA ASP G 782 -15.61 -2.28 8.43
C ASP G 782 -14.39 -1.39 8.54
N THR G 783 -13.31 -1.91 9.10
CA THR G 783 -12.10 -1.11 9.24
C THR G 783 -11.52 -0.76 7.88
N ALA G 784 -11.62 -1.68 6.91
CA ALA G 784 -11.14 -1.39 5.57
C ALA G 784 -12.00 -0.34 4.86
N LEU G 785 -13.32 -0.38 5.06
CA LEU G 785 -14.22 0.47 4.29
C LEU G 785 -14.67 1.73 5.02
N LYS G 786 -14.24 1.96 6.26
CA LYS G 786 -14.54 3.24 6.90
C LYS G 786 -13.45 4.26 6.63
N THR G 787 -12.27 3.83 6.19
CA THR G 787 -11.19 4.77 5.92
C THR G 787 -11.55 5.71 4.78
N ALA G 788 -12.25 5.21 3.76
CA ALA G 788 -12.68 6.06 2.67
C ALA G 788 -13.64 7.14 3.14
N ASN G 789 -14.59 6.77 4.00
CA ASN G 789 -15.52 7.75 4.55
C ASN G 789 -14.78 8.79 5.39
N SER G 790 -13.82 8.35 6.20
CA SER G 790 -13.04 9.29 7.00
C SER G 790 -12.26 10.25 6.12
N GLY G 791 -11.63 9.73 5.06
CA GLY G 791 -10.87 10.60 4.17
C GLY G 791 -11.74 11.61 3.45
N TYR G 792 -12.90 11.17 2.94
CA TYR G 792 -13.81 12.10 2.30
C TYR G 792 -14.30 13.17 3.29
N LEU G 793 -14.63 12.76 4.51
CA LEU G 793 -15.08 13.72 5.51
C LEU G 793 -14.00 14.75 5.81
N THR G 794 -12.76 14.31 5.95
CA THR G 794 -11.70 15.26 6.29
C THR G 794 -11.38 16.17 5.10
N ARG G 795 -11.55 15.66 3.87
CA ARG G 795 -11.41 16.53 2.70
C ARG G 795 -12.46 17.63 2.73
N ARG G 796 -13.71 17.27 3.00
CA ARG G 796 -14.77 18.26 3.04
C ARG G 796 -14.52 19.28 4.14
N LEU G 797 -14.09 18.82 5.31
CA LEU G 797 -13.82 19.74 6.41
C LEU G 797 -12.68 20.69 6.07
N VAL G 798 -11.59 20.17 5.50
CA VAL G 798 -10.46 21.01 5.14
C VAL G 798 -10.89 22.08 4.14
N ASP G 799 -11.67 21.68 3.13
CA ASP G 799 -12.07 22.65 2.12
C ASP G 799 -13.03 23.69 2.66
N VAL G 800 -13.94 23.30 3.56
CA VAL G 800 -14.87 24.28 4.11
C VAL G 800 -14.14 25.23 5.04
N ALA G 801 -13.10 24.76 5.71
CA ALA G 801 -12.42 25.55 6.74
C ALA G 801 -11.06 26.07 6.29
N GLN G 802 -10.71 25.93 5.02
CA GLN G 802 -9.38 26.34 4.58
C GLN G 802 -9.15 27.83 4.77
N ASP G 803 -10.15 28.65 4.45
CA ASP G 803 -9.98 30.11 4.42
C ASP G 803 -10.35 30.65 5.79
N LEU G 804 -9.46 30.44 6.74
CA LEU G 804 -9.66 30.95 8.09
C LEU G 804 -8.31 31.00 8.78
N VAL G 805 -7.80 32.21 9.03
CA VAL G 805 -6.56 32.39 9.76
C VAL G 805 -6.77 33.49 10.78
N VAL G 806 -5.97 33.46 11.83
CA VAL G 806 -6.02 34.49 12.86
C VAL G 806 -5.38 35.76 12.31
N THR G 807 -6.15 36.85 12.26
CA THR G 807 -5.67 38.08 11.64
C THR G 807 -5.59 39.27 12.58
N GLU G 808 -6.27 39.24 13.72
CA GLU G 808 -6.34 40.41 14.58
C GLU G 808 -6.05 40.02 16.02
N ASP G 809 -5.47 40.96 16.76
CA ASP G 809 -5.14 40.69 18.16
C ASP G 809 -6.39 40.63 19.02
N ASP G 810 -7.34 41.52 18.81
CA ASP G 810 -8.55 41.54 19.63
C ASP G 810 -9.64 42.30 18.89
N CYS G 811 -10.77 41.63 18.64
CA CYS G 811 -11.88 42.30 17.99
C CYS G 811 -12.59 43.27 18.92
N GLY G 812 -12.51 43.04 20.23
CA GLY G 812 -13.10 43.93 21.19
C GLY G 812 -14.57 43.71 21.47
N THR G 813 -15.15 42.61 20.99
CA THR G 813 -16.57 42.37 21.20
C THR G 813 -16.85 41.94 22.63
N HIS G 814 -18.09 42.18 23.06
CA HIS G 814 -18.58 41.71 24.34
C HIS G 814 -19.28 40.36 24.24
N GLU G 815 -19.55 39.89 23.02
CA GLU G 815 -20.30 38.67 22.83
C GLU G 815 -19.46 37.46 23.25
N GLY G 816 -20.14 36.37 23.57
CA GLY G 816 -19.46 35.16 23.97
C GLY G 816 -20.41 34.00 24.05
N ILE G 817 -19.90 32.89 24.57
CA ILE G 817 -20.65 31.65 24.73
C ILE G 817 -20.62 31.24 26.19
N MET G 818 -21.79 30.92 26.74
CA MET G 818 -21.88 30.46 28.12
C MET G 818 -21.53 28.97 28.19
N MET G 819 -20.64 28.61 29.11
CA MET G 819 -20.12 27.26 29.23
C MET G 819 -20.40 26.73 30.63
N THR G 820 -20.97 25.53 30.67
CA THR G 820 -21.35 24.80 31.87
C THR G 820 -20.86 23.37 31.73
N PRO G 821 -20.63 22.67 32.84
CA PRO G 821 -20.22 21.26 32.74
C PRO G 821 -21.26 20.44 32.00
N VAL G 822 -20.79 19.66 31.03
CA VAL G 822 -21.69 18.84 30.21
C VAL G 822 -22.21 17.70 31.10
N ILE G 823 -23.53 17.71 31.32
CA ILE G 823 -24.22 16.83 32.23
C ILE G 823 -25.41 16.20 31.52
N GLU G 824 -25.52 14.87 31.63
CA GLU G 824 -26.76 14.19 31.23
C GLU G 824 -27.03 13.10 32.25
N GLY G 825 -28.30 12.99 32.65
CA GLY G 825 -28.72 11.95 33.58
C GLY G 825 -28.05 12.00 34.93
N GLY G 826 -27.58 10.85 35.40
CA GLY G 826 -27.11 10.71 36.77
C GLY G 826 -25.60 10.67 36.95
N ASP G 827 -24.84 11.21 35.99
CA ASP G 827 -23.39 11.19 36.08
C ASP G 827 -22.80 12.46 35.45
N VAL G 828 -21.57 12.76 35.85
CA VAL G 828 -20.81 13.88 35.30
C VAL G 828 -20.03 13.39 34.09
N LYS G 829 -20.11 14.16 33.00
CA LYS G 829 -19.39 13.84 31.78
C LYS G 829 -18.25 14.81 31.50
N GLU G 830 -18.51 16.10 31.42
CA GLU G 830 -17.45 17.07 31.14
C GLU G 830 -17.39 18.14 32.22
N PRO G 831 -16.35 18.15 33.05
CA PRO G 831 -16.22 19.21 34.04
C PRO G 831 -15.90 20.55 33.39
N LEU G 832 -16.21 21.61 34.11
CA LEU G 832 -16.01 22.95 33.55
C LEU G 832 -14.54 23.25 33.31
N ARG G 833 -13.64 22.64 34.08
CA ARG G 833 -12.22 22.87 33.86
C ARG G 833 -11.79 22.45 32.47
N ASP G 834 -12.26 21.29 32.01
CA ASP G 834 -11.93 20.83 30.67
C ASP G 834 -12.50 21.76 29.61
N ARG G 835 -13.72 22.25 29.80
CA ARG G 835 -14.40 23.03 28.79
C ARG G 835 -14.00 24.50 28.76
N VAL G 836 -13.32 24.99 29.79
CA VAL G 836 -12.98 26.39 29.86
C VAL G 836 -11.48 26.64 29.78
N LEU G 837 -10.66 25.60 29.87
CA LEU G 837 -9.21 25.78 29.91
C LEU G 837 -8.70 26.37 28.61
N GLY G 838 -7.84 27.37 28.71
CA GLY G 838 -7.30 28.02 27.54
C GLY G 838 -8.31 28.78 26.71
N ARG G 839 -9.22 29.48 27.37
CA ARG G 839 -10.18 30.34 26.70
C ARG G 839 -10.16 31.70 27.40
N VAL G 840 -10.66 32.71 26.70
CA VAL G 840 -10.64 34.07 27.20
C VAL G 840 -12.04 34.42 27.71
N THR G 841 -12.12 34.92 28.94
CA THR G 841 -13.40 35.25 29.55
C THR G 841 -14.02 36.44 28.83
N ALA G 842 -15.33 36.37 28.58
CA ALA G 842 -16.01 37.46 27.91
C ALA G 842 -16.65 38.43 28.90
N GLU G 843 -16.89 37.98 30.13
CA GLU G 843 -17.45 38.84 31.18
C GLU G 843 -16.83 38.45 32.51
N ASP G 844 -16.87 39.39 33.45
CA ASP G 844 -16.32 39.15 34.77
C ASP G 844 -17.07 38.02 35.46
N VAL G 845 -16.31 37.11 36.07
CA VAL G 845 -16.86 35.97 36.78
C VAL G 845 -17.13 36.38 38.22
N LEU G 846 -18.33 36.08 38.71
CA LEU G 846 -18.77 36.48 40.03
C LEU G 846 -18.82 35.28 40.95
N LYS G 847 -18.17 35.40 42.11
CA LYS G 847 -18.35 34.44 43.18
C LYS G 847 -19.81 34.53 43.65
N PRO G 848 -20.37 33.43 44.16
CA PRO G 848 -21.77 33.49 44.67
C PRO G 848 -22.02 34.66 45.60
N GLY G 849 -21.02 35.13 46.33
CA GLY G 849 -21.13 36.39 47.03
C GLY G 849 -21.26 37.54 46.06
N THR G 850 -22.31 38.35 46.20
CA THR G 850 -22.59 39.40 45.24
C THR G 850 -21.51 40.48 45.28
N ALA G 851 -21.16 40.96 44.09
CA ALA G 851 -20.24 42.09 43.92
C ALA G 851 -18.82 41.74 44.38
N ASP G 852 -18.32 40.58 43.97
CA ASP G 852 -16.93 40.21 44.15
C ASP G 852 -16.38 39.74 42.80
N ILE G 853 -15.53 40.55 42.19
CA ILE G 853 -14.94 40.24 40.89
C ILE G 853 -13.78 39.29 41.12
N LEU G 854 -13.89 38.08 40.59
CA LEU G 854 -12.87 37.06 40.80
C LEU G 854 -11.76 37.16 39.76
N VAL G 855 -12.10 37.01 38.49
CA VAL G 855 -11.14 37.07 37.40
C VAL G 855 -11.60 38.16 36.44
N PRO G 856 -10.75 39.10 36.06
CA PRO G 856 -11.21 40.25 35.27
C PRO G 856 -11.61 39.88 33.85
N ARG G 857 -12.35 40.76 33.20
CA ARG G 857 -12.79 40.52 31.83
C ARG G 857 -11.61 40.51 30.87
N ASN G 858 -11.75 39.73 29.80
CA ASN G 858 -10.75 39.65 28.73
C ASN G 858 -9.40 39.21 29.30
N THR G 859 -9.38 37.99 29.82
CA THR G 859 -8.18 37.37 30.35
C THR G 859 -8.12 35.92 29.91
N LEU G 860 -6.90 35.38 29.89
CA LEU G 860 -6.68 34.00 29.49
C LEU G 860 -6.66 33.12 30.74
N LEU G 861 -7.45 32.05 30.72
CA LEU G 861 -7.51 31.12 31.84
C LEU G 861 -6.50 30.01 31.63
N HIS G 862 -5.54 29.92 32.54
CA HIS G 862 -4.57 28.83 32.51
C HIS G 862 -4.73 27.99 33.77
N GLU G 863 -3.82 27.03 33.99
CA GLU G 863 -4.00 26.07 35.07
C GLU G 863 -4.17 26.76 36.41
N GLN G 864 -3.47 27.87 36.64
CA GLN G 864 -3.64 28.61 37.88
C GLN G 864 -5.05 29.17 38.01
N TRP G 865 -5.54 29.82 36.96
CA TRP G 865 -6.90 30.37 36.99
C TRP G 865 -7.93 29.25 37.10
N CYS G 866 -7.73 28.15 36.37
CA CYS G 866 -8.68 27.05 36.44
C CYS G 866 -8.72 26.46 37.85
N ASP G 867 -7.55 26.27 38.48
CA ASP G 867 -7.53 25.76 39.85
C ASP G 867 -8.17 26.74 40.82
N LEU G 868 -7.94 28.04 40.62
CA LEU G 868 -8.52 29.03 41.51
C LEU G 868 -10.04 29.05 41.40
N LEU G 869 -10.58 28.93 40.18
CA LEU G 869 -12.03 28.90 40.04
C LEU G 869 -12.61 27.56 40.46
N GLU G 870 -11.82 26.48 40.43
CA GLU G 870 -12.28 25.22 40.97
C GLU G 870 -12.30 25.22 42.49
N GLU G 871 -11.42 26.00 43.12
CA GLU G 871 -11.46 26.12 44.58
C GLU G 871 -12.77 26.72 45.05
N ASN G 872 -13.26 27.74 44.34
CA ASN G 872 -14.58 28.28 44.59
C ASN G 872 -15.62 27.40 43.88
N SER G 873 -16.84 27.90 43.74
CA SER G 873 -17.91 27.10 43.17
C SER G 873 -18.48 27.71 41.91
N VAL G 874 -17.62 28.15 40.99
CA VAL G 874 -18.09 28.63 39.70
C VAL G 874 -18.71 27.48 38.93
N ASP G 875 -19.83 27.75 38.28
CA ASP G 875 -20.55 26.69 37.57
C ASP G 875 -20.85 27.04 36.13
N ALA G 876 -20.94 28.33 35.80
CA ALA G 876 -21.11 28.79 34.43
C ALA G 876 -20.16 29.94 34.16
N VAL G 877 -19.39 29.84 33.07
CA VAL G 877 -18.40 30.84 32.70
C VAL G 877 -18.69 31.30 31.28
N LYS G 878 -18.71 32.60 31.06
CA LYS G 878 -18.99 33.15 29.73
C LYS G 878 -17.66 33.47 29.05
N VAL G 879 -17.31 32.66 28.05
CA VAL G 879 -16.02 32.78 27.37
C VAL G 879 -16.27 33.02 25.88
N ARG G 880 -15.52 33.94 25.29
CA ARG G 880 -15.70 34.25 23.88
C ARG G 880 -15.24 33.09 23.01
N SER G 881 -15.93 32.90 21.89
CA SER G 881 -15.64 31.83 20.96
C SER G 881 -15.54 32.40 19.56
N VAL G 882 -15.14 31.55 18.61
CA VAL G 882 -14.88 32.01 17.26
C VAL G 882 -16.16 32.31 16.50
N VAL G 883 -17.31 31.82 16.95
CA VAL G 883 -18.56 32.09 16.25
C VAL G 883 -19.10 33.49 16.51
N SER G 884 -18.38 34.31 17.27
CA SER G 884 -18.81 35.67 17.55
C SER G 884 -17.64 36.66 17.51
N CYS G 885 -16.61 36.35 16.73
CA CYS G 885 -15.46 37.25 16.66
C CYS G 885 -15.77 38.50 15.85
N ASP G 886 -16.74 38.42 14.94
CA ASP G 886 -17.29 39.52 14.16
C ASP G 886 -16.23 40.23 13.32
N THR G 887 -14.99 39.74 13.34
CA THR G 887 -13.97 40.30 12.48
C THR G 887 -14.14 39.77 11.06
N ASP G 888 -13.55 40.48 10.12
CA ASP G 888 -13.77 40.22 8.70
C ASP G 888 -12.64 39.35 8.16
N PHE G 889 -13.01 38.22 7.55
CA PHE G 889 -12.07 37.31 6.90
C PHE G 889 -10.97 36.86 7.87
N GLY G 890 -11.40 36.21 8.94
CA GLY G 890 -10.47 35.71 9.91
C GLY G 890 -11.11 35.63 11.28
N VAL G 891 -10.27 35.53 12.30
CA VAL G 891 -10.70 35.39 13.69
C VAL G 891 -9.71 36.12 14.58
N CYS G 892 -10.22 36.83 15.59
CA CYS G 892 -9.36 37.51 16.53
C CYS G 892 -8.52 36.52 17.33
N ALA G 893 -7.30 36.92 17.66
CA ALA G 893 -6.43 36.06 18.46
C ALA G 893 -6.93 35.92 19.89
N HIS G 894 -7.83 36.80 20.33
CA HIS G 894 -8.40 36.71 21.67
C HIS G 894 -9.71 35.97 21.69
N CYS G 895 -10.56 36.16 20.67
CA CYS G 895 -11.81 35.41 20.60
C CYS G 895 -11.53 33.92 20.53
N TYR G 896 -10.62 33.51 19.65
CA TYR G 896 -10.05 32.18 19.68
C TYR G 896 -9.16 32.07 20.91
N GLY G 897 -9.23 30.93 21.60
CA GLY G 897 -8.47 30.77 22.82
C GLY G 897 -6.98 30.63 22.59
N ARG G 898 -6.30 29.91 23.47
CA ARG G 898 -4.91 29.57 23.24
C ARG G 898 -4.83 28.33 22.36
N ASP G 899 -3.81 28.26 21.52
CA ASP G 899 -3.60 27.06 20.72
C ASP G 899 -3.18 25.92 21.62
N LEU G 900 -3.73 24.74 21.38
CA LEU G 900 -3.47 23.63 22.28
C LEU G 900 -2.05 23.11 22.18
N ALA G 901 -1.37 23.36 21.07
CA ALA G 901 -0.03 22.81 20.87
C ALA G 901 0.99 23.47 21.78
N ARG G 902 0.84 24.76 22.04
CA ARG G 902 1.78 25.51 22.88
C ARG G 902 1.02 26.31 23.92
N GLY G 903 1.64 26.49 25.08
CA GLY G 903 0.94 27.07 26.21
C GLY G 903 0.50 28.50 26.00
N HIS G 904 1.23 29.26 25.20
CA HIS G 904 0.91 30.68 25.03
C HIS G 904 -0.34 30.84 24.18
N ILE G 905 -0.87 32.07 24.19
CA ILE G 905 -2.00 32.38 23.31
C ILE G 905 -1.54 32.32 21.85
N ILE G 906 -2.52 32.17 20.96
CA ILE G 906 -2.18 31.96 19.55
C ILE G 906 -1.64 33.25 18.95
N ASN G 907 -0.75 33.10 17.98
CA ASN G 907 -0.14 34.23 17.30
C ASN G 907 -0.87 34.49 15.98
N LYS G 908 -0.82 35.75 15.55
CA LYS G 908 -1.45 36.13 14.29
C LYS G 908 -0.82 35.35 13.14
N GLY G 909 -1.66 34.86 12.25
CA GLY G 909 -1.21 34.16 11.07
C GLY G 909 -1.21 32.65 11.15
N GLU G 910 -1.67 32.07 12.24
CA GLU G 910 -1.75 30.62 12.36
C GLU G 910 -3.02 30.14 11.66
N ALA G 911 -2.84 29.28 10.66
CA ALA G 911 -3.97 28.77 9.87
C ALA G 911 -4.75 27.79 10.74
N ILE G 912 -5.78 28.30 11.42
CA ILE G 912 -6.50 27.45 12.38
C ILE G 912 -7.59 26.60 11.73
N GLY G 913 -8.04 26.96 10.53
CA GLY G 913 -9.05 26.14 9.87
C GLY G 913 -8.54 24.76 9.50
N VAL G 914 -7.34 24.69 8.93
CA VAL G 914 -6.78 23.39 8.57
C VAL G 914 -6.50 22.57 9.82
N ILE G 915 -6.01 23.22 10.88
CA ILE G 915 -5.75 22.51 12.13
C ILE G 915 -7.05 21.93 12.70
N ALA G 916 -8.12 22.73 12.69
CA ALA G 916 -9.39 22.24 13.21
C ALA G 916 -9.91 21.08 12.37
N ALA G 917 -9.83 21.20 11.04
CA ALA G 917 -10.31 20.13 10.19
C ALA G 917 -9.52 18.85 10.41
N GLN G 918 -8.20 18.95 10.52
CA GLN G 918 -7.38 17.76 10.76
C GLN G 918 -7.67 17.17 12.13
N SER G 919 -7.89 18.00 13.13
CA SER G 919 -8.18 17.48 14.47
C SER G 919 -9.49 16.73 14.49
N ILE G 920 -10.50 17.24 13.77
CA ILE G 920 -11.79 16.55 13.74
C ILE G 920 -11.70 15.28 12.90
N GLY G 921 -10.90 15.29 11.84
CA GLY G 921 -10.86 14.17 10.93
C GLY G 921 -9.81 13.11 11.17
N GLU G 922 -8.87 13.34 12.08
CA GLU G 922 -7.87 12.34 12.43
C GLU G 922 -8.52 11.13 13.08
N PRO G 923 -9.45 11.30 14.05
CA PRO G 923 -10.31 10.18 14.42
C PRO G 923 -11.32 9.89 13.32
N GLY G 924 -12.18 8.92 13.53
CA GLY G 924 -13.09 8.52 12.48
C GLY G 924 -12.71 7.16 11.96
N THR G 925 -11.41 6.93 11.82
CA THR G 925 -10.92 5.58 11.57
C THR G 925 -11.13 4.68 12.77
N GLN G 926 -11.39 5.26 13.95
CA GLN G 926 -11.69 4.50 15.14
C GLN G 926 -13.09 4.76 15.67
N LEU G 927 -13.99 5.28 14.84
CA LEU G 927 -15.40 5.40 15.17
C LEU G 927 -16.16 4.26 14.50
N THR G 928 -16.91 3.50 15.30
CA THR G 928 -17.41 2.20 14.89
C THR G 928 -18.57 2.26 13.90
N MET G 929 -18.85 3.43 13.31
CA MET G 929 -19.98 3.65 12.39
C MET G 929 -21.24 2.87 12.76
N ALA G 942 -36.65 0.86 30.06
CA ALA G 942 -36.81 1.47 31.37
C ALA G 942 -38.22 2.02 31.56
N ALA G 943 -39.18 1.11 31.76
CA ALA G 943 -40.56 1.51 31.96
C ALA G 943 -40.80 2.15 33.34
N GLU G 944 -39.84 2.06 34.25
CA GLU G 944 -39.99 2.63 35.58
C GLU G 944 -39.84 4.15 35.50
N SER G 945 -40.89 4.86 35.91
CA SER G 945 -40.87 6.32 35.93
C SER G 945 -40.15 6.88 37.15
N SER G 946 -39.81 6.04 38.13
CA SER G 946 -39.09 6.50 39.30
C SER G 946 -37.68 6.92 38.93
N ILE G 947 -37.21 7.99 39.58
CA ILE G 947 -35.88 8.54 39.37
C ILE G 947 -35.10 8.41 40.67
N GLN G 948 -33.82 8.06 40.55
CA GLN G 948 -32.96 7.90 41.70
C GLN G 948 -32.05 9.11 41.86
N VAL G 949 -31.61 9.34 43.10
CA VAL G 949 -30.70 10.43 43.42
C VAL G 949 -29.41 9.82 43.94
N LYS G 950 -28.29 10.15 43.29
CA LYS G 950 -27.03 9.52 43.63
C LYS G 950 -26.50 10.00 44.97
N ASN G 951 -26.56 11.31 45.22
CA ASN G 951 -25.97 11.90 46.41
C ASN G 951 -26.97 12.83 47.08
N LYS G 952 -26.74 13.08 48.37
CA LYS G 952 -27.65 13.89 49.16
C LYS G 952 -27.57 15.36 48.78
N GLY G 953 -28.32 15.75 47.75
CA GLY G 953 -28.36 17.14 47.33
C GLY G 953 -29.74 17.74 47.35
N SER G 954 -29.85 18.96 47.88
CA SER G 954 -31.15 19.63 47.92
C SER G 954 -31.69 19.84 46.50
N ILE G 955 -32.97 19.52 46.33
CA ILE G 955 -33.59 19.60 45.02
C ILE G 955 -34.02 21.04 44.75
N LYS G 956 -33.71 21.52 43.54
CA LYS G 956 -34.11 22.84 43.08
C LYS G 956 -34.88 22.68 41.78
N LEU G 957 -36.12 23.17 41.76
CA LEU G 957 -36.99 23.05 40.61
C LEU G 957 -37.17 24.41 39.96
N SER G 958 -36.93 24.47 38.64
CA SER G 958 -37.02 25.70 37.89
C SER G 958 -37.89 25.49 36.66
N ASN G 959 -38.54 26.57 36.22
CA ASN G 959 -39.44 26.57 35.07
C ASN G 959 -40.60 25.59 35.30
N VAL G 960 -41.35 25.85 36.36
CA VAL G 960 -42.45 24.99 36.78
C VAL G 960 -43.67 25.83 37.10
N LYS G 961 -44.83 25.18 37.05
CA LYS G 961 -46.10 25.80 37.42
C LYS G 961 -46.66 25.08 38.64
N SER G 962 -46.97 25.84 39.68
CA SER G 962 -47.44 25.28 40.94
C SER G 962 -48.96 25.15 40.90
N VAL G 963 -49.45 23.91 40.96
CA VAL G 963 -50.88 23.62 40.97
C VAL G 963 -51.17 22.75 42.18
N VAL G 964 -52.17 23.15 42.98
CA VAL G 964 -52.54 22.39 44.16
C VAL G 964 -53.27 21.13 43.74
N ASN G 965 -52.82 19.99 44.23
CA ASN G 965 -53.42 18.70 43.93
C ASN G 965 -54.32 18.26 45.08
N SER G 966 -54.82 17.02 44.99
CA SER G 966 -55.66 16.48 46.05
C SER G 966 -54.90 16.27 47.36
N SER G 967 -53.58 16.30 47.33
CA SER G 967 -52.77 16.14 48.54
C SER G 967 -51.82 17.33 48.69
N GLY G 968 -50.88 17.23 49.63
CA GLY G 968 -49.93 18.31 49.84
C GLY G 968 -48.97 18.50 48.69
N LYS G 969 -48.80 17.49 47.85
CA LYS G 969 -47.92 17.60 46.70
C LYS G 969 -48.56 18.48 45.62
N LEU G 970 -47.73 18.91 44.67
CA LEU G 970 -48.15 19.77 43.59
C LEU G 970 -47.89 19.09 42.25
N VAL G 971 -48.63 19.52 41.23
CA VAL G 971 -48.52 18.97 39.88
C VAL G 971 -48.01 20.07 38.95
N ILE G 972 -47.02 19.74 38.13
CA ILE G 972 -46.43 20.69 37.20
C ILE G 972 -47.16 20.60 35.87
N THR G 973 -47.68 21.73 35.41
CA THR G 973 -48.39 21.80 34.14
C THR G 973 -47.54 22.36 33.01
N SER G 974 -46.27 22.65 33.27
CA SER G 974 -45.36 23.20 32.27
C SER G 974 -44.59 22.06 31.62
N ARG G 975 -44.56 22.06 30.28
CA ARG G 975 -43.90 20.98 29.55
C ARG G 975 -42.40 20.97 29.81
N ASN G 976 -41.77 22.14 29.86
CA ASN G 976 -40.33 22.23 30.07
C ASN G 976 -40.05 22.51 31.55
N THR G 977 -39.35 21.58 32.20
CA THR G 977 -39.02 21.69 33.62
C THR G 977 -37.54 21.38 33.82
N GLU G 978 -36.97 21.97 34.86
CA GLU G 978 -35.56 21.81 35.18
C GLU G 978 -35.38 21.38 36.63
N LEU G 979 -34.58 20.35 36.84
CA LEU G 979 -34.24 19.86 38.17
C LEU G 979 -32.73 19.95 38.38
N LYS G 980 -32.33 20.43 39.55
CA LYS G 980 -30.93 20.56 39.89
C LYS G 980 -30.71 20.15 41.33
N LEU G 981 -29.47 19.83 41.67
CA LEU G 981 -29.11 19.40 43.02
C LEU G 981 -28.03 20.31 43.58
N ILE G 982 -28.27 20.85 44.77
CA ILE G 982 -27.32 21.69 45.48
C ILE G 982 -27.11 21.07 46.86
N ASP G 983 -25.96 20.44 47.07
CA ASP G 983 -25.67 19.74 48.31
C ASP G 983 -24.99 20.64 49.33
N GLU G 984 -23.83 21.19 48.98
CA GLU G 984 -23.12 22.11 49.86
C GLU G 984 -22.65 23.38 49.18
N PHE G 985 -22.53 23.40 47.85
CA PHE G 985 -22.12 24.58 47.12
C PHE G 985 -23.02 24.75 45.91
N GLY G 986 -22.79 25.81 45.14
CA GLY G 986 -23.65 26.12 44.02
C GLY G 986 -23.47 25.22 42.81
N ARG G 987 -22.50 24.32 42.84
CA ARG G 987 -22.29 23.42 41.71
C ARG G 987 -23.44 22.43 41.60
N THR G 988 -23.98 22.29 40.40
CA THR G 988 -25.05 21.34 40.13
C THR G 988 -24.46 19.97 39.81
N LYS G 989 -25.21 18.92 40.18
CA LYS G 989 -24.75 17.56 39.98
C LYS G 989 -25.54 16.83 38.91
N GLU G 990 -26.86 16.74 39.04
CA GLU G 990 -27.70 16.03 38.09
C GLU G 990 -28.75 16.97 37.52
N SER G 991 -29.26 16.61 36.34
CA SER G 991 -30.28 17.41 35.67
C SER G 991 -31.61 16.68 35.54
N TYR G 992 -31.61 15.50 34.92
CA TYR G 992 -32.82 14.71 34.67
C TYR G 992 -33.81 15.54 33.84
N LYS G 993 -35.08 15.17 33.86
CA LYS G 993 -36.12 15.88 33.13
C LYS G 993 -37.47 15.37 33.61
N VAL G 994 -38.40 16.29 33.85
CA VAL G 994 -39.71 15.99 34.39
C VAL G 994 -40.75 16.44 33.37
N PRO G 995 -41.59 15.55 32.85
CA PRO G 995 -42.61 15.92 31.87
C PRO G 995 -43.77 16.65 32.53
N TYR G 996 -44.77 17.00 31.73
CA TYR G 996 -45.94 17.67 32.23
C TYR G 996 -46.79 16.72 33.05
N GLY G 997 -47.53 17.28 34.01
CA GLY G 997 -48.43 16.49 34.85
C GLY G 997 -47.74 15.50 35.76
N ALA G 998 -46.66 15.92 36.41
CA ALA G 998 -45.91 15.07 37.33
C ALA G 998 -46.15 15.50 38.77
N VAL G 999 -46.03 14.54 39.68
CA VAL G 999 -46.23 14.78 41.10
C VAL G 999 -44.88 14.60 41.80
N LEU G 1000 -44.44 15.64 42.49
CA LEU G 1000 -43.17 15.59 43.20
C LEU G 1000 -43.36 14.93 44.56
N ALA G 1001 -42.48 13.97 44.88
CA ALA G 1001 -42.58 13.28 46.16
C ALA G 1001 -42.20 14.19 47.32
N LYS G 1002 -41.16 15.01 47.14
CA LYS G 1002 -40.69 15.91 48.18
C LYS G 1002 -40.70 17.33 47.64
N GLY G 1003 -40.97 18.29 48.52
CA GLY G 1003 -41.13 19.66 48.10
C GLY G 1003 -39.83 20.28 47.63
N ASP G 1004 -39.97 21.39 46.90
CA ASP G 1004 -38.82 22.10 46.37
C ASP G 1004 -38.02 22.75 47.50
N GLY G 1005 -36.70 22.76 47.36
CA GLY G 1005 -35.82 23.41 48.29
C GLY G 1005 -35.39 22.57 49.47
N GLU G 1006 -35.95 21.37 49.64
CA GLU G 1006 -35.58 20.51 50.75
C GLU G 1006 -34.41 19.62 50.36
N GLN G 1007 -33.61 19.26 51.37
CA GLN G 1007 -32.42 18.44 51.15
C GLN G 1007 -32.81 16.97 51.29
N VAL G 1008 -32.90 16.27 50.16
CA VAL G 1008 -33.19 14.85 50.15
C VAL G 1008 -31.92 14.07 50.48
N ALA G 1009 -32.06 13.04 51.31
CA ALA G 1009 -30.91 12.24 51.73
C ALA G 1009 -30.28 11.46 50.58
N GLY G 1010 -30.96 11.35 49.45
CA GLY G 1010 -30.42 10.63 48.31
C GLY G 1010 -30.85 9.18 48.28
N GLY G 1011 -30.86 8.62 47.07
CA GLY G 1011 -31.27 7.24 46.87
C GLY G 1011 -32.75 7.01 46.86
N GLU G 1012 -33.56 8.06 46.96
CA GLU G 1012 -35.01 7.93 46.97
C GLU G 1012 -35.61 8.86 45.92
N THR G 1013 -36.73 8.43 45.36
CA THR G 1013 -37.39 9.21 44.33
C THR G 1013 -37.95 10.51 44.90
N VAL G 1014 -37.80 11.60 44.14
CA VAL G 1014 -38.31 12.89 44.54
C VAL G 1014 -39.51 13.35 43.72
N ALA G 1015 -39.79 12.69 42.59
CA ALA G 1015 -40.94 13.03 41.77
C ALA G 1015 -41.41 11.78 41.04
N ASN G 1016 -42.73 11.60 40.97
CA ASN G 1016 -43.32 10.44 40.33
C ASN G 1016 -44.39 10.90 39.35
N TRP G 1017 -44.46 10.21 38.21
CA TRP G 1017 -45.43 10.54 37.17
C TRP G 1017 -45.73 9.29 36.37
N ASP G 1018 -46.81 9.35 35.60
CA ASP G 1018 -47.17 8.23 34.74
C ASP G 1018 -46.24 8.20 33.54
N PRO G 1019 -45.49 7.11 33.32
CA PRO G 1019 -44.54 7.07 32.20
C PRO G 1019 -45.18 6.76 30.85
N HIS G 1020 -46.51 6.64 30.78
CA HIS G 1020 -47.19 6.34 29.54
C HIS G 1020 -48.29 7.33 29.19
N THR G 1021 -48.87 8.01 30.17
CA THR G 1021 -49.97 8.93 29.96
C THR G 1021 -49.67 10.26 30.63
N MET G 1022 -50.11 11.35 29.99
CA MET G 1022 -49.94 12.68 30.54
C MET G 1022 -51.27 13.17 31.09
N PRO G 1023 -51.45 13.21 32.41
CA PRO G 1023 -52.73 13.66 32.95
C PRO G 1023 -52.96 15.15 32.73
N VAL G 1024 -54.24 15.53 32.64
CA VAL G 1024 -54.64 16.92 32.49
C VAL G 1024 -55.34 17.32 33.78
N ILE G 1025 -54.77 18.29 34.50
CA ILE G 1025 -55.33 18.68 35.78
C ILE G 1025 -56.65 19.42 35.58
N THR G 1026 -57.41 19.51 36.66
CA THR G 1026 -58.70 20.20 36.66
C THR G 1026 -58.52 21.57 37.30
N GLU G 1027 -58.77 22.63 36.53
CA GLU G 1027 -58.62 23.99 37.05
C GLU G 1027 -59.71 24.32 38.06
N VAL G 1028 -60.90 23.72 37.91
CA VAL G 1028 -62.04 23.96 38.79
C VAL G 1028 -62.34 22.67 39.54
N SER G 1029 -62.43 22.78 40.86
CA SER G 1029 -62.75 21.64 41.71
C SER G 1029 -64.26 21.53 41.89
N GLY G 1030 -64.80 20.35 41.65
CA GLY G 1030 -66.22 20.12 41.79
C GLY G 1030 -66.68 19.04 40.83
N PHE G 1031 -67.98 19.05 40.57
CA PHE G 1031 -68.58 18.05 39.69
C PHE G 1031 -68.05 18.21 38.26
N VAL G 1032 -67.90 17.08 37.58
CA VAL G 1032 -67.46 17.08 36.19
C VAL G 1032 -68.67 17.28 35.29
N ARG G 1033 -68.59 18.27 34.41
CA ARG G 1033 -69.67 18.60 33.49
C ARG G 1033 -69.38 17.98 32.13
N PHE G 1034 -70.26 17.10 31.68
CA PHE G 1034 -70.13 16.43 30.39
C PHE G 1034 -71.20 16.97 29.44
N THR G 1035 -70.78 17.38 28.25
CA THR G 1035 -71.66 17.94 27.24
C THR G 1035 -71.71 17.02 26.04
N ASP G 1036 -72.93 16.81 25.52
CA ASP G 1036 -73.17 15.94 24.37
C ASP G 1036 -72.65 14.53 24.61
N MET G 1037 -73.21 13.90 25.65
CA MET G 1037 -72.84 12.54 26.04
C MET G 1037 -73.70 11.58 25.23
N ILE G 1038 -73.11 10.97 24.20
CA ILE G 1038 -73.82 10.07 23.29
C ILE G 1038 -73.49 8.63 23.69
N ASP G 1039 -74.52 7.82 23.86
CA ASP G 1039 -74.36 6.41 24.23
C ASP G 1039 -74.55 5.53 23.02
N GLY G 1040 -73.65 4.58 22.82
CA GLY G 1040 -73.66 3.68 21.70
C GLY G 1040 -72.75 4.09 20.55
N GLN G 1041 -72.35 5.35 20.51
CA GLN G 1041 -71.40 5.85 19.51
C GLN G 1041 -70.14 6.41 20.13
N THR G 1042 -70.26 7.15 21.23
CA THR G 1042 -69.11 7.70 21.95
C THR G 1042 -68.97 7.08 23.34
N ILE G 1043 -69.40 5.82 23.48
CA ILE G 1043 -69.32 5.09 24.74
C ILE G 1043 -68.65 3.76 24.49
N THR G 1044 -67.63 3.44 25.27
CA THR G 1044 -66.91 2.17 25.17
C THR G 1044 -66.77 1.60 26.58
N ARG G 1045 -67.63 0.66 26.94
CA ARG G 1045 -67.58 0.06 28.26
C ARG G 1045 -66.32 -0.78 28.42
N GLN G 1046 -65.71 -0.69 29.59
CA GLN G 1046 -64.49 -1.43 29.87
C GLN G 1046 -64.76 -2.64 30.75
N SER G 1054 -68.38 5.30 36.01
CA SER G 1054 -67.75 4.15 35.38
C SER G 1054 -66.72 4.59 34.34
N SER G 1055 -65.86 3.67 33.94
CA SER G 1055 -64.83 3.96 32.94
C SER G 1055 -65.45 3.86 31.56
N LEU G 1056 -65.73 5.01 30.95
CA LEU G 1056 -66.33 5.08 29.64
C LEU G 1056 -65.57 6.08 28.78
N VAL G 1057 -65.46 5.80 27.49
CA VAL G 1057 -64.80 6.73 26.59
C VAL G 1057 -65.65 7.98 26.40
N VAL G 1058 -64.97 9.08 26.05
CA VAL G 1058 -65.65 10.37 25.92
C VAL G 1058 -66.25 10.49 24.52
N LEU G 1059 -65.40 10.48 23.49
CA LEU G 1059 -65.85 10.63 22.12
C LEU G 1059 -64.70 10.27 21.19
N ASP G 1060 -65.05 10.04 19.92
CA ASP G 1060 -64.07 9.76 18.87
C ASP G 1060 -64.25 10.76 17.76
N SER G 1061 -63.16 11.45 17.39
CA SER G 1061 -63.24 12.44 16.33
C SER G 1061 -63.58 11.80 14.99
N ALA G 1062 -63.01 10.63 14.70
CA ALA G 1062 -63.31 9.94 13.46
C ALA G 1062 -64.77 9.51 13.41
N GLU G 1063 -65.31 9.01 14.53
CA GLU G 1063 -66.71 8.61 14.57
C GLU G 1063 -67.63 9.82 14.37
N ARG G 1064 -67.31 10.94 14.98
CA ARG G 1064 -68.12 12.15 14.85
C ARG G 1064 -67.82 12.86 13.54
N ARG G 1072 -65.68 17.09 19.61
CA ARG G 1072 -65.14 17.19 20.96
C ARG G 1072 -65.73 18.37 21.71
N PRO G 1073 -66.88 18.16 22.35
CA PRO G 1073 -67.50 19.23 23.14
C PRO G 1073 -66.60 19.66 24.28
N ALA G 1074 -66.64 20.96 24.57
CA ALA G 1074 -65.82 21.56 25.63
C ALA G 1074 -66.74 22.16 26.69
N LEU G 1075 -66.45 21.85 27.95
CA LEU G 1075 -67.24 22.38 29.06
C LEU G 1075 -66.32 22.58 30.25
N LYS G 1076 -66.71 23.49 31.13
CA LYS G 1076 -65.96 23.77 32.35
C LYS G 1076 -66.43 22.88 33.49
N ILE G 1077 -65.53 22.61 34.43
CA ILE G 1077 -65.86 21.79 35.58
C ILE G 1077 -66.84 22.54 36.47
N VAL G 1078 -67.90 21.85 36.91
CA VAL G 1078 -68.91 22.49 37.73
C VAL G 1078 -68.32 22.84 39.10
N ASP G 1079 -68.85 23.90 39.70
CA ASP G 1079 -68.38 24.32 41.02
C ASP G 1079 -68.78 23.31 42.09
N ALA G 1080 -70.08 23.06 42.25
CA ALA G 1080 -70.58 22.06 43.18
C ALA G 1080 -71.33 20.94 42.47
N GLN G 1081 -72.46 21.25 41.83
CA GLN G 1081 -73.22 20.26 41.09
C GLN G 1081 -73.30 20.59 39.60
N GLY G 1082 -73.68 21.82 39.25
CA GLY G 1082 -73.82 22.20 37.85
C GLY G 1082 -73.50 23.64 37.56
N ASN G 1083 -72.94 24.34 38.56
CA ASN G 1083 -72.62 25.75 38.41
C ASN G 1083 -71.53 25.96 37.38
N ASP G 1084 -71.61 27.09 36.67
CA ASP G 1084 -70.67 27.42 35.61
C ASP G 1084 -69.56 28.30 36.18
N VAL G 1085 -68.31 27.91 35.91
CA VAL G 1085 -67.16 28.65 36.40
C VAL G 1085 -66.32 29.16 35.23
N ALA G 1094 -62.56 27.73 31.65
CA ALA G 1094 -61.86 26.46 31.43
C ALA G 1094 -62.52 25.66 30.31
N GLN G 1095 -61.72 25.24 29.35
CA GLN G 1095 -62.19 24.46 28.20
C GLN G 1095 -61.57 23.07 28.25
N TYR G 1096 -62.41 22.04 28.13
CA TYR G 1096 -61.96 20.65 28.15
C TYR G 1096 -61.91 20.13 26.72
N PHE G 1097 -60.73 19.74 26.28
CA PHE G 1097 -60.52 19.24 24.93
C PHE G 1097 -60.39 17.71 24.96
N LEU G 1098 -61.10 17.05 24.08
CA LEU G 1098 -61.09 15.58 24.00
C LEU G 1098 -60.50 15.14 22.68
N PRO G 1099 -59.21 14.77 22.64
CA PRO G 1099 -58.63 14.26 21.40
C PRO G 1099 -59.07 12.83 21.10
N GLY G 1100 -58.48 12.24 20.06
CA GLY G 1100 -58.84 10.87 19.72
C GLY G 1100 -58.56 9.90 20.86
N LYS G 1101 -59.49 8.98 21.07
CA LYS G 1101 -59.40 7.94 22.09
C LYS G 1101 -59.32 8.50 23.51
N ALA G 1102 -59.78 9.72 23.72
CA ALA G 1102 -59.81 10.30 25.06
C ALA G 1102 -60.94 9.69 25.87
N ILE G 1103 -60.61 9.23 27.08
CA ILE G 1103 -61.56 8.57 27.95
C ILE G 1103 -61.51 9.23 29.33
N VAL G 1104 -62.69 9.46 29.91
CA VAL G 1104 -62.80 10.01 31.26
C VAL G 1104 -63.59 9.02 32.10
N GLN G 1105 -62.99 8.58 33.21
CA GLN G 1105 -63.61 7.61 34.11
C GLN G 1105 -64.51 8.27 35.14
N LEU G 1106 -64.61 9.59 35.17
CA LEU G 1106 -65.42 10.32 36.14
C LEU G 1106 -66.73 10.73 35.49
N GLU G 1107 -67.84 10.26 36.05
CA GLU G 1107 -69.14 10.62 35.54
C GLU G 1107 -69.56 12.00 36.07
N ASP G 1108 -70.71 12.47 35.58
CA ASP G 1108 -71.23 13.75 36.03
C ASP G 1108 -71.60 13.70 37.52
N GLY G 1109 -71.31 14.79 38.23
CA GLY G 1109 -71.59 14.86 39.64
C GLY G 1109 -70.58 14.14 40.52
N VAL G 1110 -69.42 13.77 39.98
CA VAL G 1110 -68.41 13.07 40.77
C VAL G 1110 -67.79 13.96 41.83
N GLN G 1111 -67.91 15.28 41.70
CA GLN G 1111 -67.36 16.24 42.67
C GLN G 1111 -65.86 16.03 42.85
N ILE G 1112 -65.14 15.95 41.73
CA ILE G 1112 -63.71 15.72 41.79
C ILE G 1112 -62.98 17.01 42.18
N SER G 1113 -62.00 16.87 43.07
CA SER G 1113 -61.20 17.99 43.50
C SER G 1113 -60.18 18.38 42.43
N SER G 1114 -59.62 19.57 42.59
CA SER G 1114 -58.64 20.07 41.63
C SER G 1114 -57.31 19.31 41.75
N GLY G 1115 -56.58 19.26 40.64
CA GLY G 1115 -55.29 18.61 40.61
C GLY G 1115 -55.33 17.11 40.41
N ASP G 1116 -56.51 16.52 40.24
CA ASP G 1116 -56.65 15.08 40.06
C ASP G 1116 -57.15 14.78 38.66
N THR G 1117 -56.67 13.67 38.10
CA THR G 1117 -57.06 13.25 36.75
C THR G 1117 -57.10 11.73 36.69
N LEU G 1118 -58.07 11.21 35.96
CA LEU G 1118 -58.17 9.78 35.71
C LEU G 1118 -57.31 9.40 34.50
N ALA G 1119 -57.41 8.14 34.09
CA ALA G 1119 -56.66 7.68 32.93
C ALA G 1119 -57.18 8.35 31.66
N ARG G 1120 -56.26 8.89 30.87
CA ARG G 1120 -56.62 9.57 29.62
C ARG G 1120 -56.62 8.66 28.41
N ILE G 1121 -55.89 7.54 28.47
CA ILE G 1121 -55.84 6.55 27.39
C ILE G 1121 -55.38 7.20 26.10
N PRO G 1122 -54.11 7.59 25.98
CA PRO G 1122 -53.63 8.19 24.73
C PRO G 1122 -53.78 7.24 23.56
N GLN G 1123 -54.08 7.81 22.39
CA GLN G 1123 -54.28 7.01 21.18
C GLN G 1123 -52.95 6.50 20.64
N GLY G 1133 -26.81 7.19 15.40
CA GLY G 1133 -25.56 6.87 16.05
C GLY G 1133 -24.45 6.54 15.07
N GLY G 1134 -23.39 5.91 15.59
CA GLY G 1134 -22.24 5.61 14.78
C GLY G 1134 -21.49 6.88 14.42
N LEU G 1135 -20.79 6.84 13.29
CA LEU G 1135 -20.25 8.09 12.82
C LEU G 1135 -20.47 8.26 11.32
N PRO G 1136 -21.57 7.76 10.77
CA PRO G 1136 -22.28 8.48 9.72
C PRO G 1136 -23.14 9.56 10.36
N ARG G 1137 -22.61 10.24 11.34
CA ARG G 1137 -23.36 11.31 12.00
C ARG G 1137 -22.55 12.58 12.14
N VAL G 1138 -21.24 12.48 12.37
CA VAL G 1138 -20.39 13.63 12.20
C VAL G 1138 -20.50 14.13 10.77
N ALA G 1139 -20.71 13.21 9.82
CA ALA G 1139 -21.06 13.62 8.47
C ALA G 1139 -22.49 14.17 8.42
N ASP G 1140 -23.43 13.49 9.08
CA ASP G 1140 -24.82 13.93 9.04
C ASP G 1140 -24.99 15.27 9.75
N LEU G 1141 -24.19 15.53 10.78
CA LEU G 1141 -24.32 16.78 11.51
C LEU G 1141 -23.72 17.94 10.73
N PHE G 1142 -22.57 17.73 10.10
CA PHE G 1142 -21.87 18.84 9.47
C PHE G 1142 -22.55 19.26 8.17
N GLU G 1143 -23.10 18.32 7.42
CA GLU G 1143 -23.91 18.70 6.27
C GLU G 1143 -25.25 19.30 6.67
N ALA G 1144 -25.60 19.25 7.96
CA ALA G 1144 -26.82 19.86 8.46
C ALA G 1144 -28.04 19.34 7.69
N ARG G 1145 -28.14 18.01 7.62
CA ARG G 1145 -29.24 17.39 6.89
C ARG G 1145 -30.51 17.40 7.74
N ARG G 1146 -31.63 17.71 7.10
CA ARG G 1146 -32.90 17.66 7.79
C ARG G 1146 -33.26 16.22 8.11
N PRO G 1147 -33.56 15.90 9.37
CA PRO G 1147 -33.87 14.51 9.73
C PRO G 1147 -35.21 14.06 9.15
N LYS G 1148 -35.61 12.83 9.45
CA LYS G 1148 -36.81 12.28 8.83
C LYS G 1148 -38.07 12.95 9.38
N GLU G 1149 -38.14 13.14 10.69
CA GLU G 1149 -39.32 13.72 11.35
C GLU G 1149 -38.90 14.94 12.15
N PRO G 1150 -38.82 16.10 11.52
CA PRO G 1150 -38.46 17.32 12.27
C PRO G 1150 -39.53 17.66 13.30
N ALA G 1151 -39.09 18.31 14.37
CA ALA G 1151 -39.98 18.79 15.41
C ALA G 1151 -40.32 20.25 15.15
N ILE G 1152 -41.60 20.56 15.16
CA ILE G 1152 -42.07 21.92 14.88
C ILE G 1152 -41.85 22.78 16.12
N LEU G 1153 -41.69 24.08 15.90
CA LEU G 1153 -41.56 25.05 16.97
C LEU G 1153 -42.61 26.14 16.79
N ALA G 1154 -42.56 27.15 17.66
CA ALA G 1154 -43.64 28.12 17.74
C ALA G 1154 -43.05 29.53 17.82
N GLU G 1155 -43.91 30.50 18.15
CA GLU G 1155 -43.59 31.91 18.17
C GLU G 1155 -43.96 32.50 19.53
N ILE G 1156 -43.98 33.84 19.60
CA ILE G 1156 -43.91 34.57 20.87
C ILE G 1156 -45.02 34.13 21.83
N SER G 1157 -46.26 34.07 21.34
CA SER G 1157 -47.41 33.78 22.19
C SER G 1157 -48.29 32.72 21.52
N GLY G 1158 -48.22 31.49 22.03
CA GLY G 1158 -48.98 30.38 21.50
C GLY G 1158 -50.34 30.17 22.14
N ILE G 1159 -51.28 31.08 21.86
CA ILE G 1159 -52.62 30.95 22.42
C ILE G 1159 -53.32 29.72 21.84
N VAL G 1160 -54.32 29.23 22.57
CA VAL G 1160 -55.10 28.09 22.11
C VAL G 1160 -55.84 28.46 20.84
N SER G 1161 -55.56 27.73 19.76
CA SER G 1161 -56.31 27.91 18.52
C SER G 1161 -56.73 26.59 17.88
N PHE G 1162 -56.16 25.47 18.28
CA PHE G 1162 -56.52 24.14 17.77
C PHE G 1162 -56.46 24.11 16.25
N GLY G 1163 -57.61 24.09 15.61
CA GLY G 1163 -57.68 24.11 14.17
C GLY G 1163 -59.01 24.59 13.64
N LYS G 1164 -58.97 25.55 12.72
CA LYS G 1164 -60.18 26.11 12.12
C LYS G 1164 -60.38 25.48 10.75
N GLU G 1165 -61.53 24.86 10.54
CA GLU G 1165 -61.87 24.17 9.30
C GLU G 1165 -60.80 23.14 8.94
N THR G 1166 -60.61 22.19 9.86
CA THR G 1166 -59.63 21.12 9.66
C THR G 1166 -60.15 20.11 8.66
N LYS G 1167 -59.90 20.34 7.38
CA LYS G 1167 -60.41 19.48 6.32
C LYS G 1167 -59.51 18.24 6.20
N GLY G 1168 -59.69 17.49 5.11
CA GLY G 1168 -58.88 16.31 4.86
C GLY G 1168 -57.41 16.58 4.66
N LYS G 1169 -57.03 17.83 4.46
CA LYS G 1169 -55.62 18.22 4.36
C LYS G 1169 -55.04 18.29 5.77
N ARG G 1170 -53.84 18.87 5.90
CA ARG G 1170 -53.17 19.00 7.18
C ARG G 1170 -54.07 19.69 8.20
N ARG G 1171 -54.49 18.95 9.22
CA ARG G 1171 -55.47 19.44 10.17
C ARG G 1171 -54.79 20.14 11.34
N LEU G 1172 -55.60 20.53 12.34
CA LEU G 1172 -55.12 21.20 13.55
C LEU G 1172 -54.30 22.44 13.20
N VAL G 1173 -54.87 23.28 12.33
CA VAL G 1173 -54.20 24.50 11.91
C VAL G 1173 -54.13 25.45 13.11
N ILE G 1174 -52.94 25.60 13.68
CA ILE G 1174 -52.75 26.44 14.85
C ILE G 1174 -52.51 27.88 14.38
N THR G 1175 -53.32 28.80 14.93
CA THR G 1175 -53.25 30.21 14.55
C THR G 1175 -53.15 31.05 15.82
N PRO G 1176 -51.95 31.14 16.42
CA PRO G 1176 -51.78 32.00 17.60
C PRO G 1176 -51.77 33.47 17.20
N VAL G 1177 -52.74 34.23 17.71
CA VAL G 1177 -52.84 35.64 17.35
C VAL G 1177 -51.62 36.40 17.84
N ASP G 1178 -51.23 36.17 19.10
CA ASP G 1178 -50.08 36.84 19.72
C ASP G 1178 -50.21 38.35 19.63
N GLY G 1179 -51.43 38.86 19.83
CA GLY G 1179 -51.68 40.29 19.70
C GLY G 1179 -51.86 40.78 18.28
N SER G 1180 -50.92 40.47 17.40
CA SER G 1180 -51.01 40.88 16.00
C SER G 1180 -50.19 39.92 15.15
N ASP G 1181 -50.51 39.91 13.85
CA ASP G 1181 -49.82 39.09 12.85
C ASP G 1181 -49.77 37.63 13.26
N PRO G 1182 -50.90 36.92 13.23
CA PRO G 1182 -50.87 35.49 13.58
C PRO G 1182 -50.12 34.68 12.53
N TYR G 1183 -49.54 33.57 12.98
CA TYR G 1183 -48.80 32.66 12.12
C TYR G 1183 -49.63 31.39 11.92
N GLU G 1184 -49.88 31.04 10.67
CA GLU G 1184 -50.69 29.86 10.36
C GLU G 1184 -49.76 28.70 10.02
N GLU G 1185 -49.76 27.68 10.87
CA GLU G 1185 -48.96 26.48 10.67
C GLU G 1185 -49.89 25.30 10.39
N MET G 1186 -49.42 24.36 9.58
CA MET G 1186 -50.18 23.18 9.19
C MET G 1186 -49.45 21.92 9.62
N ILE G 1187 -50.18 20.98 10.22
CA ILE G 1187 -49.64 19.71 10.67
C ILE G 1187 -50.48 18.61 10.04
N PRO G 1188 -49.88 17.57 9.45
CA PRO G 1188 -50.67 16.57 8.71
C PRO G 1188 -51.49 15.64 9.60
N LYS G 1189 -51.54 15.92 10.89
CA LYS G 1189 -52.31 15.19 11.90
C LYS G 1189 -51.79 13.78 12.15
N TRP G 1190 -50.73 13.37 11.46
CA TRP G 1190 -50.09 12.09 11.76
C TRP G 1190 -49.14 12.18 12.94
N ARG G 1191 -48.89 13.39 13.44
CA ARG G 1191 -48.02 13.61 14.58
C ARG G 1191 -48.81 14.31 15.68
N GLN G 1192 -48.61 13.85 16.92
CA GLN G 1192 -49.38 14.36 18.05
C GLN G 1192 -48.99 15.80 18.34
N LEU G 1193 -49.93 16.56 18.92
CA LEU G 1193 -49.68 17.93 19.33
C LEU G 1193 -49.46 17.97 20.84
N ASN G 1194 -48.41 18.65 21.27
CA ASN G 1194 -47.96 18.52 22.66
C ASN G 1194 -48.72 19.48 23.57
N VAL G 1195 -48.64 20.78 23.31
CA VAL G 1195 -49.18 21.78 24.21
C VAL G 1195 -50.64 22.06 23.84
N PHE G 1196 -51.56 21.46 24.58
CA PHE G 1196 -52.98 21.62 24.29
C PHE G 1196 -53.49 23.01 24.69
N GLU G 1197 -53.06 23.51 25.84
CA GLU G 1197 -53.51 24.81 26.31
C GLU G 1197 -52.60 25.90 25.74
N GLY G 1198 -52.79 27.14 26.20
CA GLY G 1198 -51.96 28.23 25.74
C GLY G 1198 -50.63 28.27 26.45
N GLU G 1199 -50.67 28.49 27.77
CA GLU G 1199 -49.49 28.52 28.63
C GLU G 1199 -48.46 29.55 28.19
N ARG G 1200 -48.87 30.51 27.35
CA ARG G 1200 -47.98 31.54 26.82
C ARG G 1200 -46.73 30.91 26.20
N VAL G 1201 -46.95 30.10 25.17
CA VAL G 1201 -45.87 29.41 24.49
C VAL G 1201 -44.99 30.43 23.77
N GLU G 1202 -43.70 30.43 24.09
CA GLU G 1202 -42.75 31.38 23.53
C GLU G 1202 -42.01 30.77 22.35
N ARG G 1203 -41.22 31.60 21.67
CA ARG G 1203 -40.44 31.15 20.53
C ARG G 1203 -39.44 30.09 20.96
N GLY G 1204 -39.23 29.10 20.09
CA GLY G 1204 -38.33 28.02 20.38
C GLY G 1204 -38.94 26.87 21.15
N ASP G 1205 -40.20 26.99 21.57
CA ASP G 1205 -40.85 25.91 22.29
C ASP G 1205 -41.12 24.74 21.35
N VAL G 1206 -41.25 23.56 21.94
CA VAL G 1206 -41.43 22.32 21.19
C VAL G 1206 -42.93 22.13 20.98
N ILE G 1207 -43.42 22.50 19.79
CA ILE G 1207 -44.82 22.28 19.46
C ILE G 1207 -45.13 20.80 19.38
N SER G 1208 -44.25 20.03 18.75
CA SER G 1208 -44.44 18.59 18.60
C SER G 1208 -43.12 17.88 18.87
N ASP G 1209 -43.22 16.67 19.40
CA ASP G 1209 -42.03 15.91 19.76
C ASP G 1209 -41.30 15.39 18.53
N GLY G 1210 -39.98 15.25 18.65
CA GLY G 1210 -39.15 14.76 17.58
C GLY G 1210 -37.78 15.40 17.58
N PRO G 1211 -36.86 14.84 16.80
CA PRO G 1211 -35.53 15.46 16.65
C PRO G 1211 -35.65 16.80 15.94
N GLU G 1212 -34.79 17.75 16.31
CA GLU G 1212 -34.85 19.08 15.73
C GLU G 1212 -33.76 19.25 14.67
N ALA G 1213 -34.16 19.76 13.51
CA ALA G 1213 -33.20 20.11 12.48
C ALA G 1213 -32.42 21.35 12.90
N PRO G 1214 -31.13 21.42 12.59
CA PRO G 1214 -30.35 22.60 12.97
C PRO G 1214 -30.84 23.89 12.32
N HIS G 1215 -31.47 23.79 11.14
CA HIS G 1215 -31.97 24.99 10.48
C HIS G 1215 -33.04 25.67 11.31
N ASP G 1216 -33.95 24.89 11.91
CA ASP G 1216 -34.96 25.48 12.77
C ASP G 1216 -34.33 26.14 13.99
N ILE G 1217 -33.29 25.52 14.55
CA ILE G 1217 -32.65 26.07 15.73
C ILE G 1217 -32.06 27.45 15.43
N LEU G 1218 -31.37 27.57 14.30
CA LEU G 1218 -30.74 28.84 13.94
C LEU G 1218 -31.77 29.94 13.66
N ARG G 1219 -32.86 29.57 12.98
CA ARG G 1219 -33.83 30.58 12.58
C ARG G 1219 -34.50 31.23 13.79
N LEU G 1220 -34.83 30.43 14.81
CA LEU G 1220 -35.63 30.89 15.93
C LEU G 1220 -34.85 31.14 17.21
N ARG G 1221 -34.03 30.19 17.66
CA ARG G 1221 -33.41 30.31 18.97
C ARG G 1221 -32.13 31.13 18.96
N GLY G 1222 -31.46 31.25 17.82
CA GLY G 1222 -30.31 32.13 17.70
C GLY G 1222 -29.07 31.40 17.24
N VAL G 1223 -28.02 32.19 16.99
CA VAL G 1223 -26.76 31.65 16.50
C VAL G 1223 -26.05 30.85 17.59
N HIS G 1224 -26.09 31.32 18.82
CA HIS G 1224 -25.42 30.61 19.91
C HIS G 1224 -26.09 29.28 20.21
N ALA G 1225 -27.37 29.13 19.88
CA ALA G 1225 -28.06 27.88 20.16
C ALA G 1225 -27.64 26.77 19.21
N VAL G 1226 -27.46 27.08 17.92
CA VAL G 1226 -27.06 26.06 16.97
C VAL G 1226 -25.62 25.63 17.21
N THR G 1227 -24.77 26.55 17.68
CA THR G 1227 -23.39 26.17 17.99
C THR G 1227 -23.34 25.19 19.15
N ARG G 1228 -24.12 25.43 20.20
CA ARG G 1228 -24.16 24.50 21.31
C ARG G 1228 -24.80 23.17 20.91
N TYR G 1229 -25.73 23.19 19.96
CA TYR G 1229 -26.33 21.95 19.50
C TYR G 1229 -25.32 21.10 18.75
N ILE G 1230 -24.62 21.68 17.78
CA ILE G 1230 -23.72 20.90 16.94
C ILE G 1230 -22.51 20.46 17.75
N VAL G 1231 -22.00 21.31 18.63
CA VAL G 1231 -20.84 20.96 19.44
C VAL G 1231 -21.20 19.81 20.39
N ASN G 1232 -22.35 19.90 21.05
CA ASN G 1232 -22.73 18.85 22.00
C ASN G 1232 -23.02 17.54 21.30
N GLU G 1233 -23.65 17.59 20.13
CA GLU G 1233 -24.00 16.36 19.44
C GLU G 1233 -22.79 15.72 18.77
N VAL G 1234 -21.87 16.53 18.23
CA VAL G 1234 -20.65 15.97 17.67
C VAL G 1234 -19.76 15.40 18.77
N GLN G 1235 -19.55 16.16 19.84
CA GLN G 1235 -18.71 15.70 20.93
C GLN G 1235 -19.26 14.43 21.57
N ASP G 1236 -20.58 14.25 21.53
CA ASP G 1236 -21.19 13.04 22.06
C ASP G 1236 -20.70 11.82 21.27
N VAL G 1237 -20.58 11.95 19.95
CA VAL G 1237 -20.09 10.85 19.13
C VAL G 1237 -18.64 10.53 19.48
N TYR G 1238 -17.81 11.55 19.66
CA TYR G 1238 -16.40 11.31 19.98
C TYR G 1238 -16.20 10.87 21.42
N ARG G 1239 -16.94 11.47 22.36
CA ARG G 1239 -16.77 11.13 23.77
C ARG G 1239 -17.18 9.69 24.05
N LEU G 1240 -18.25 9.23 23.41
CA LEU G 1240 -18.77 7.89 23.70
C LEU G 1240 -17.75 6.82 23.36
N GLN G 1241 -17.00 6.99 22.29
CA GLN G 1241 -15.92 6.08 21.98
C GLN G 1241 -14.69 6.31 22.86
N GLY G 1242 -14.44 7.55 23.26
CA GLY G 1242 -13.28 7.85 24.07
C GLY G 1242 -12.19 8.61 23.34
N VAL G 1243 -12.59 9.61 22.55
CA VAL G 1243 -11.66 10.47 21.82
C VAL G 1243 -11.79 11.88 22.34
N LYS G 1244 -10.67 12.51 22.65
CA LYS G 1244 -10.66 13.87 23.18
C LYS G 1244 -10.36 14.85 22.05
N ILE G 1245 -11.31 15.73 21.76
CA ILE G 1245 -11.13 16.81 20.81
C ILE G 1245 -11.66 18.08 21.46
N ASN G 1246 -10.89 19.17 21.41
CA ASN G 1246 -11.33 20.41 22.01
C ASN G 1246 -12.55 20.96 21.27
N ASP G 1247 -13.38 21.69 22.01
CA ASP G 1247 -14.56 22.31 21.41
C ASP G 1247 -14.19 23.47 20.50
N LYS G 1248 -12.96 23.97 20.59
CA LYS G 1248 -12.54 25.07 19.73
C LYS G 1248 -12.57 24.65 18.26
N HIS G 1249 -12.18 23.41 17.98
CA HIS G 1249 -12.04 22.96 16.61
C HIS G 1249 -13.39 22.68 15.94
N ILE G 1250 -14.46 22.56 16.72
CA ILE G 1250 -15.78 22.39 16.13
C ILE G 1250 -16.44 23.74 15.88
N GLU G 1251 -16.25 24.69 16.79
CA GLU G 1251 -16.79 26.03 16.57
C GLU G 1251 -16.13 26.72 15.38
N VAL G 1252 -14.89 26.33 15.05
CA VAL G 1252 -14.27 26.86 13.85
C VAL G 1252 -14.96 26.34 12.60
N ILE G 1253 -15.31 25.05 12.59
CA ILE G 1253 -16.02 24.48 11.46
C ILE G 1253 -17.41 25.10 11.36
N VAL G 1254 -18.10 25.24 12.49
CA VAL G 1254 -19.45 25.82 12.48
C VAL G 1254 -19.41 27.25 11.95
N ARG G 1255 -18.37 28.01 12.30
CA ARG G 1255 -18.26 29.38 11.83
C ARG G 1255 -18.25 29.45 10.31
N GLN G 1256 -17.70 28.42 9.65
CA GLN G 1256 -17.70 28.38 8.20
C GLN G 1256 -18.99 27.82 7.63
N MET G 1257 -19.94 27.42 8.47
CA MET G 1257 -21.26 27.02 8.00
C MET G 1257 -22.30 28.10 8.23
N LEU G 1258 -21.95 29.19 8.92
CA LEU G 1258 -22.89 30.24 9.28
C LEU G 1258 -22.68 31.52 8.47
N ARG G 1259 -22.14 31.41 7.26
CA ARG G 1259 -21.94 32.56 6.39
C ARG G 1259 -23.21 32.77 5.57
N LYS G 1260 -23.18 33.76 4.67
CA LYS G 1260 -24.17 33.90 3.61
C LYS G 1260 -25.57 34.10 4.18
N ALA G 1261 -25.77 35.25 4.83
CA ALA G 1261 -27.09 35.58 5.33
C ALA G 1261 -28.03 35.96 4.18
N THR G 1262 -29.33 35.85 4.41
CA THR G 1262 -30.35 36.23 3.43
C THR G 1262 -30.95 37.55 3.83
N ILE G 1263 -30.92 38.51 2.92
CA ILE G 1263 -31.36 39.87 3.17
C ILE G 1263 -32.86 39.95 2.95
N VAL G 1264 -33.54 40.74 3.79
CA VAL G 1264 -34.99 40.85 3.75
C VAL G 1264 -35.47 42.29 3.57
N ASN G 1265 -34.63 43.28 3.83
CA ASN G 1265 -34.95 44.68 3.57
C ASN G 1265 -34.05 45.21 2.47
N ALA G 1266 -34.36 46.41 2.01
CA ALA G 1266 -33.71 46.96 0.82
C ALA G 1266 -33.17 48.36 1.04
N GLY G 1267 -32.76 49.01 -0.05
CA GLY G 1267 -32.21 50.35 -0.03
C GLY G 1267 -30.71 50.41 -0.25
N SER G 1268 -29.98 49.32 0.01
CA SER G 1268 -28.54 49.29 -0.13
C SER G 1268 -28.16 48.34 -1.26
N SER G 1269 -28.86 48.47 -2.38
CA SER G 1269 -28.62 47.74 -3.62
C SER G 1269 -28.83 46.23 -3.46
N ASP G 1270 -29.49 45.81 -2.38
CA ASP G 1270 -29.77 44.40 -2.13
C ASP G 1270 -31.26 44.22 -1.88
N PHE G 1271 -31.82 43.13 -2.39
CA PHE G 1271 -33.24 42.84 -2.17
C PHE G 1271 -33.45 41.33 -2.27
N LEU G 1272 -33.58 40.67 -1.12
CA LEU G 1272 -33.96 39.26 -1.03
C LEU G 1272 -33.01 38.36 -1.83
N GLU G 1273 -31.75 38.36 -1.41
CA GLU G 1273 -30.76 37.49 -2.03
C GLU G 1273 -29.71 37.13 -0.98
N GLY G 1274 -29.06 35.98 -1.17
CA GLY G 1274 -28.08 35.49 -0.22
C GLY G 1274 -26.67 36.00 -0.44
N GLU G 1275 -26.19 36.84 0.48
CA GLU G 1275 -24.86 37.41 0.40
C GLU G 1275 -24.11 37.12 1.69
N GLN G 1276 -22.78 37.14 1.60
CA GLN G 1276 -21.93 36.83 2.74
C GLN G 1276 -22.17 37.81 3.87
N VAL G 1277 -22.10 37.29 5.11
CA VAL G 1277 -22.33 38.14 6.28
C VAL G 1277 -21.25 39.20 6.38
N GLU G 1278 -20.02 38.86 5.99
CA GLU G 1278 -18.94 39.83 6.05
C GLU G 1278 -19.23 41.03 5.16
N TYR G 1279 -19.76 40.79 3.96
CA TYR G 1279 -20.15 41.91 3.10
C TYR G 1279 -21.38 42.63 3.65
N SER G 1280 -22.27 41.89 4.30
CA SER G 1280 -23.45 42.52 4.89
C SER G 1280 -23.07 43.39 6.07
N ARG G 1281 -22.01 43.00 6.80
CA ARG G 1281 -21.60 43.79 7.96
C ARG G 1281 -20.93 45.09 7.54
N VAL G 1282 -20.06 45.04 6.53
CA VAL G 1282 -19.36 46.25 6.09
C VAL G 1282 -20.34 47.22 5.44
N LYS G 1283 -21.32 46.70 4.71
CA LYS G 1283 -22.32 47.57 4.09
C LYS G 1283 -23.12 48.31 5.14
N ILE G 1284 -23.50 47.62 6.22
CA ILE G 1284 -24.23 48.27 7.30
C ILE G 1284 -23.36 49.33 7.98
N ALA G 1285 -22.08 49.04 8.17
CA ALA G 1285 -21.20 49.96 8.88
C ALA G 1285 -21.07 51.29 8.14
N ASN G 1286 -20.91 51.25 6.81
CA ASN G 1286 -20.80 52.49 6.05
C ASN G 1286 -22.15 53.21 5.98
N ARG G 1287 -23.24 52.45 5.82
CA ARG G 1287 -24.56 53.07 5.74
C ARG G 1287 -24.95 53.69 7.07
N GLU G 1288 -24.66 53.03 8.18
CA GLU G 1288 -24.98 53.60 9.48
C GLU G 1288 -24.13 54.82 9.79
N LEU G 1289 -22.86 54.81 9.38
CA LEU G 1289 -21.99 55.96 9.64
C LEU G 1289 -22.50 57.22 8.96
N GLU G 1290 -22.97 57.10 7.72
CA GLU G 1290 -23.49 58.25 7.00
C GLU G 1290 -24.81 58.70 7.64
N ALA G 1291 -25.31 59.85 7.17
CA ALA G 1291 -26.53 60.42 7.73
C ALA G 1291 -27.72 59.50 7.51
N ASN G 1292 -27.80 58.88 6.33
CA ASN G 1292 -28.92 58.00 5.98
C ASN G 1292 -28.72 56.63 6.64
N GLY G 1293 -29.09 56.57 7.92
CA GLY G 1293 -28.92 55.34 8.68
C GLY G 1293 -29.94 54.27 8.33
N LYS G 1294 -31.13 54.67 7.88
CA LYS G 1294 -32.22 53.73 7.64
C LYS G 1294 -31.97 52.84 6.44
N VAL G 1295 -31.02 53.20 5.59
CA VAL G 1295 -30.70 52.37 4.42
C VAL G 1295 -30.19 51.00 4.85
N GLY G 1296 -29.54 50.93 6.02
CA GLY G 1296 -29.03 49.66 6.50
C GLY G 1296 -30.11 48.60 6.61
N ALA G 1297 -29.91 47.46 5.94
CA ALA G 1297 -30.94 46.44 5.82
C ALA G 1297 -30.60 45.24 6.69
N THR G 1298 -31.57 44.82 7.51
CA THR G 1298 -31.36 43.65 8.35
C THR G 1298 -31.39 42.39 7.49
N TYR G 1299 -30.90 41.30 8.07
CA TYR G 1299 -30.66 40.07 7.35
C TYR G 1299 -31.23 38.89 8.14
N SER G 1300 -31.34 37.76 7.46
CA SER G 1300 -31.71 36.50 8.07
C SER G 1300 -30.58 35.51 7.80
N ARG G 1301 -29.82 35.17 8.83
CA ARG G 1301 -28.67 34.30 8.66
C ARG G 1301 -29.11 32.91 8.22
N ASP G 1302 -28.25 32.26 7.42
CA ASP G 1302 -28.56 30.97 6.84
C ASP G 1302 -27.48 29.97 7.21
N LEU G 1303 -27.86 28.70 7.28
CA LEU G 1303 -26.96 27.62 7.64
C LEU G 1303 -26.79 26.68 6.45
N LEU G 1304 -25.54 26.36 6.14
CA LEU G 1304 -25.22 25.52 5.01
C LEU G 1304 -24.32 24.37 5.46
N GLY G 1305 -24.48 23.22 4.83
CA GLY G 1305 -23.60 22.10 5.09
C GLY G 1305 -22.20 22.39 4.60
N ILE G 1306 -21.26 21.53 5.00
CA ILE G 1306 -19.87 21.75 4.62
C ILE G 1306 -19.69 21.59 3.11
N THR G 1307 -20.40 20.64 2.51
CA THR G 1307 -20.24 20.42 1.08
C THR G 1307 -20.86 21.56 0.27
N LYS G 1308 -21.85 22.25 0.83
CA LYS G 1308 -22.46 23.37 0.11
C LYS G 1308 -21.90 24.71 0.53
N ALA G 1309 -21.27 24.80 1.70
CA ALA G 1309 -20.65 26.05 2.11
C ALA G 1309 -19.33 26.30 1.39
N SER G 1310 -18.60 25.23 1.06
CA SER G 1310 -17.33 25.40 0.36
C SER G 1310 -17.51 25.71 -1.11
N LEU G 1311 -18.57 25.19 -1.74
CA LEU G 1311 -18.71 25.40 -3.18
C LEU G 1311 -19.23 26.79 -3.53
N ALA G 1312 -19.67 27.58 -2.55
CA ALA G 1312 -20.36 28.83 -2.79
C ALA G 1312 -19.50 30.03 -2.46
N THR G 1313 -18.25 29.81 -2.07
CA THR G 1313 -17.33 30.90 -1.72
C THR G 1313 -17.10 31.81 -2.91
N GLU G 1314 -16.54 32.98 -2.63
CA GLU G 1314 -16.34 34.00 -3.67
C GLU G 1314 -15.17 33.73 -4.58
N SER G 1315 -14.24 32.85 -4.20
CA SER G 1315 -13.09 32.52 -5.03
C SER G 1315 -13.42 31.30 -5.88
N PHE G 1316 -13.51 31.48 -7.20
CA PHE G 1316 -13.88 30.38 -8.08
C PHE G 1316 -12.71 29.43 -8.33
N ILE G 1317 -11.48 29.84 -8.05
CA ILE G 1317 -10.36 28.91 -8.18
C ILE G 1317 -10.45 27.84 -7.10
N SER G 1318 -10.70 28.25 -5.86
CA SER G 1318 -11.20 27.30 -4.89
C SER G 1318 -12.63 26.93 -5.25
N ALA G 1319 -13.10 25.82 -4.70
CA ALA G 1319 -14.41 25.25 -4.96
C ALA G 1319 -14.56 24.73 -6.38
N ALA G 1320 -13.58 24.97 -7.25
CA ALA G 1320 -13.46 24.24 -8.50
C ALA G 1320 -12.45 23.11 -8.42
N SER G 1321 -11.67 23.07 -7.35
CA SER G 1321 -10.68 22.03 -7.13
C SER G 1321 -11.14 20.98 -6.13
N PHE G 1322 -12.37 21.08 -5.64
CA PHE G 1322 -12.85 20.21 -4.58
C PHE G 1322 -14.01 19.34 -5.01
N GLN G 1323 -15.06 19.93 -5.56
CA GLN G 1323 -16.24 19.21 -6.03
C GLN G 1323 -16.51 19.61 -7.46
N GLU G 1324 -17.69 19.27 -7.98
CA GLU G 1324 -18.03 19.39 -9.39
C GLU G 1324 -17.45 20.64 -10.03
N THR G 1325 -16.54 20.43 -10.98
CA THR G 1325 -15.87 21.52 -11.66
C THR G 1325 -16.65 22.00 -12.88
N THR G 1326 -17.43 21.11 -13.50
CA THR G 1326 -18.25 21.52 -14.62
C THR G 1326 -19.26 22.57 -14.21
N ARG G 1327 -19.87 22.41 -13.05
CA ARG G 1327 -20.88 23.37 -12.59
C ARG G 1327 -20.24 24.66 -12.10
N VAL G 1328 -19.09 24.57 -11.42
CA VAL G 1328 -18.50 25.75 -10.82
C VAL G 1328 -17.94 26.68 -11.90
N LEU G 1329 -17.24 26.11 -12.90
CA LEU G 1329 -16.69 26.94 -13.96
C LEU G 1329 -17.80 27.55 -14.81
N THR G 1330 -18.88 26.79 -15.05
CA THR G 1330 -19.98 27.30 -15.87
C THR G 1330 -20.59 28.54 -15.24
N GLU G 1331 -20.86 28.50 -13.94
CA GLU G 1331 -21.44 29.66 -13.29
C GLU G 1331 -20.42 30.79 -13.12
N ALA G 1332 -19.14 30.45 -13.04
CA ALA G 1332 -18.11 31.49 -12.97
C ALA G 1332 -17.85 32.10 -14.34
N ALA G 1333 -17.89 31.28 -15.40
CA ALA G 1333 -17.65 31.79 -16.74
C ALA G 1333 -18.74 32.76 -17.16
N VAL G 1334 -20.00 32.45 -16.86
CA VAL G 1334 -21.09 33.32 -17.24
C VAL G 1334 -21.02 34.64 -16.46
N ALA G 1335 -20.84 34.56 -15.14
CA ALA G 1335 -20.85 35.75 -14.32
C ALA G 1335 -19.61 36.62 -14.52
N GLY G 1336 -18.56 36.08 -15.11
CA GLY G 1336 -17.36 36.84 -15.37
C GLY G 1336 -16.67 37.33 -14.10
N LYS G 1337 -16.51 36.46 -13.13
CA LYS G 1337 -15.96 36.83 -11.84
C LYS G 1337 -14.44 36.62 -11.80
N ARG G 1338 -13.82 37.11 -10.74
CA ARG G 1338 -12.39 36.97 -10.53
C ARG G 1338 -12.15 36.42 -9.13
N ASP G 1339 -10.97 35.83 -8.93
CA ASP G 1339 -10.66 35.11 -7.70
C ASP G 1339 -10.04 36.00 -6.63
N GLU G 1340 -9.06 36.82 -7.02
CA GLU G 1340 -8.27 37.69 -6.15
C GLU G 1340 -7.31 36.93 -5.24
N LEU G 1341 -7.36 35.60 -5.22
CA LEU G 1341 -6.38 34.74 -4.54
C LEU G 1341 -6.20 35.17 -3.08
N ARG G 1342 -7.25 34.96 -2.30
CA ARG G 1342 -7.24 35.37 -0.90
C ARG G 1342 -7.05 34.21 0.07
N GLY G 1343 -7.42 32.99 -0.30
CA GLY G 1343 -7.34 31.85 0.57
C GLY G 1343 -6.01 31.11 0.48
N LEU G 1344 -6.04 29.85 0.94
CA LEU G 1344 -4.82 29.05 0.93
C LEU G 1344 -4.67 28.22 -0.34
N LYS G 1345 -5.75 27.56 -0.78
CA LYS G 1345 -5.67 26.74 -1.99
C LYS G 1345 -5.45 27.58 -3.24
N GLU G 1346 -5.96 28.80 -3.26
CA GLU G 1346 -5.70 29.67 -4.41
C GLU G 1346 -4.21 29.98 -4.53
N ASN G 1347 -3.55 30.26 -3.40
CA ASN G 1347 -2.14 30.59 -3.44
C ASN G 1347 -1.26 29.37 -3.63
N VAL G 1348 -1.67 28.22 -3.09
CA VAL G 1348 -0.90 27.00 -3.28
C VAL G 1348 -0.91 26.59 -4.75
N ILE G 1349 -2.07 26.72 -5.41
CA ILE G 1349 -2.18 26.28 -6.79
C ILE G 1349 -1.23 27.06 -7.69
N VAL G 1350 -1.23 28.40 -7.55
CA VAL G 1350 -0.40 29.25 -8.39
C VAL G 1350 1.02 29.38 -7.86
N GLY G 1351 1.38 28.68 -6.80
CA GLY G 1351 2.74 28.65 -6.34
C GLY G 1351 3.22 29.87 -5.60
N ARG G 1352 2.33 30.66 -5.02
CA ARG G 1352 2.70 31.82 -4.25
C ARG G 1352 2.76 31.45 -2.77
N LEU G 1353 3.29 32.39 -1.97
CA LEU G 1353 3.33 32.19 -0.53
C LEU G 1353 1.91 32.22 0.02
N ILE G 1354 1.56 31.23 0.82
CA ILE G 1354 0.23 31.16 1.41
C ILE G 1354 0.08 32.31 2.40
N PRO G 1355 -1.12 32.86 2.58
CA PRO G 1355 -1.31 33.92 3.58
C PRO G 1355 -1.57 33.37 4.97
N ALA G 1356 -0.62 32.59 5.48
CA ALA G 1356 -0.73 32.00 6.80
C ALA G 1356 0.65 31.53 7.22
N GLY G 1357 1.02 31.82 8.46
CA GLY G 1357 2.34 31.44 8.93
C GLY G 1357 3.40 32.42 8.49
N THR G 1358 4.57 31.92 8.11
CA THR G 1358 5.67 32.79 7.72
C THR G 1358 5.35 33.60 6.47
N GLY G 1359 4.39 33.16 5.67
CA GLY G 1359 3.96 33.94 4.53
C GLY G 1359 2.94 35.00 4.83
N TYR G 1360 2.42 35.02 6.05
CA TYR G 1360 1.46 36.05 6.44
C TYR G 1360 2.12 37.42 6.46
N ALA G 1361 3.35 37.50 6.97
CA ALA G 1361 4.04 38.79 7.03
C ALA G 1361 4.28 39.35 5.63
N TYR G 1362 4.70 38.50 4.69
CA TYR G 1362 4.95 38.96 3.33
C TYR G 1362 3.68 39.45 2.65
N HIS G 1363 2.55 38.80 2.93
CA HIS G 1363 1.30 39.18 2.27
C HIS G 1363 0.82 40.54 2.74
N GLN G 1364 1.15 40.93 3.97
CA GLN G 1364 0.73 42.25 4.44
C GLN G 1364 1.45 43.37 3.71
N ASP G 1365 2.73 43.16 3.36
CA ASP G 1365 3.46 44.18 2.62
C ASP G 1365 2.81 44.42 1.26
N ARG G 1366 2.38 43.35 0.59
CA ARG G 1366 1.78 43.52 -0.73
C ARG G 1366 0.44 44.24 -0.64
N MET G 1367 -0.32 44.00 0.43
CA MET G 1367 -1.65 44.60 0.55
C MET G 1367 -1.57 46.12 0.67
N ARG G 1368 -0.63 46.62 1.46
CA ARG G 1368 -0.56 48.07 1.66
C ARG G 1368 -0.09 48.78 0.39
N ARG G 1369 0.79 48.15 -0.37
CA ARG G 1369 1.21 48.75 -1.64
C ARG G 1369 0.06 48.83 -2.63
N ARG G 1370 -0.79 47.81 -2.64
CA ARG G 1370 -1.95 47.83 -3.54
C ARG G 1370 -2.89 48.98 -3.20
N ALA G 1371 -3.15 49.19 -1.90
CA ALA G 1371 -4.03 50.28 -1.50
C ALA G 1371 -3.41 51.64 -1.80
N ALA G 1372 -2.10 51.76 -1.59
CA ALA G 1372 -1.41 53.02 -1.85
C ALA G 1372 -1.22 53.30 -3.33
N GLY G 1373 -1.46 52.32 -4.20
CA GLY G 1373 -1.30 52.51 -5.63
C GLY G 1373 -0.21 51.66 -6.23
N ALA H 1 25.13 24.25 18.65
CA ALA H 1 23.93 23.77 17.98
C ALA H 1 22.68 24.03 18.83
N ARG H 2 21.61 24.48 18.19
CA ARG H 2 20.37 24.80 18.87
C ARG H 2 19.43 23.61 18.74
N VAL H 3 19.40 22.77 19.78
CA VAL H 3 18.43 21.67 19.81
C VAL H 3 17.01 22.22 19.90
N THR H 4 16.81 23.24 20.73
CA THR H 4 15.52 23.88 20.90
C THR H 4 15.66 25.37 20.67
N VAL H 5 14.63 25.95 20.06
CA VAL H 5 14.62 27.37 19.69
C VAL H 5 13.73 28.18 20.63
N GLN H 6 13.57 27.72 21.86
CA GLN H 6 12.71 28.42 22.82
C GLN H 6 13.27 29.79 23.18
N ASP H 7 14.57 29.88 23.46
CA ASP H 7 15.16 31.13 23.90
C ASP H 7 14.96 32.23 22.86
N ALA H 8 15.20 31.90 21.59
CA ALA H 8 14.99 32.89 20.54
C ALA H 8 13.52 33.26 20.45
N VAL H 9 12.63 32.30 20.72
CA VAL H 9 11.19 32.58 20.62
C VAL H 9 10.77 33.60 21.67
N GLU H 10 11.19 33.42 22.92
CA GLU H 10 10.86 34.45 23.90
C GLU H 10 11.61 35.75 23.66
N LYS H 11 12.79 35.70 23.05
CA LYS H 11 13.51 36.95 22.78
C LYS H 11 12.70 37.87 21.86
N ILE H 12 12.17 37.34 20.76
CA ILE H 12 11.22 38.04 19.91
C ILE H 12 10.03 37.11 19.74
N GLY H 13 8.93 37.44 20.41
CA GLY H 13 7.88 36.45 20.56
C GLY H 13 6.85 36.43 19.47
N ASN H 14 7.09 35.62 18.43
CA ASN H 14 6.03 35.26 17.51
C ASN H 14 6.06 33.80 17.06
N ARG H 15 7.22 33.13 17.09
CA ARG H 15 7.42 31.77 16.57
C ARG H 15 7.30 31.75 15.05
N PHE H 16 6.86 32.88 14.49
CA PHE H 16 6.76 33.06 13.05
C PHE H 16 7.66 34.16 12.53
N ASP H 17 7.92 35.19 13.35
CA ASP H 17 8.79 36.29 12.95
C ASP H 17 10.27 35.94 13.07
N LEU H 18 10.65 35.12 14.05
CA LEU H 18 12.07 34.83 14.19
C LEU H 18 12.58 34.01 13.03
N VAL H 19 11.70 33.26 12.36
CA VAL H 19 12.10 32.57 11.14
C VAL H 19 12.58 33.59 10.10
N LEU H 20 11.80 34.66 9.92
CA LEU H 20 12.18 35.69 8.97
C LEU H 20 13.43 36.44 9.40
N VAL H 21 13.52 36.80 10.68
CA VAL H 21 14.68 37.53 11.17
C VAL H 21 15.94 36.69 11.01
N ALA H 22 15.88 35.42 11.42
CA ALA H 22 17.05 34.55 11.31
C ALA H 22 17.39 34.25 9.87
N ALA H 23 16.38 34.15 8.99
CA ALA H 23 16.67 33.98 7.58
C ALA H 23 17.42 35.19 7.03
N ARG H 24 17.01 36.39 7.41
CA ARG H 24 17.72 37.59 6.96
C ARG H 24 19.15 37.61 7.47
N ARG H 25 19.34 37.30 8.75
CA ARG H 25 20.68 37.30 9.32
C ARG H 25 21.56 36.24 8.67
N ALA H 26 21.00 35.04 8.46
CA ALA H 26 21.76 33.98 7.83
C ALA H 26 22.12 34.33 6.39
N ARG H 27 21.21 35.00 5.68
CA ARG H 27 21.54 35.46 4.34
C ARG H 27 22.68 36.46 4.36
N GLN H 28 22.64 37.39 5.31
CA GLN H 28 23.73 38.37 5.42
C GLN H 28 25.06 37.68 5.67
N MET H 29 25.07 36.68 6.55
CA MET H 29 26.31 35.99 6.87
C MET H 29 26.77 35.03 5.79
N GLN H 30 25.86 34.53 4.96
CA GLN H 30 26.19 33.48 3.99
C GLN H 30 26.50 34.03 2.60
N VAL H 31 25.72 35.00 2.12
CA VAL H 31 26.05 35.61 0.84
C VAL H 31 27.39 36.32 0.93
N GLY H 32 27.61 37.07 2.00
CA GLY H 32 28.88 37.74 2.21
C GLY H 32 28.71 39.13 2.79
N GLY H 33 29.83 39.79 3.08
CA GLY H 33 29.77 41.13 3.60
C GLY H 33 29.38 41.23 5.07
N LYS H 34 29.41 40.12 5.80
CA LYS H 34 29.07 40.15 7.21
C LYS H 34 29.79 39.01 7.91
N ASP H 35 30.04 39.20 9.20
CA ASP H 35 30.69 38.22 10.05
C ASP H 35 29.87 38.00 11.31
N PRO H 36 29.90 36.79 11.86
CA PRO H 36 29.11 36.53 13.06
C PRO H 36 29.55 37.36 14.24
N LEU H 37 28.60 37.77 15.07
CA LEU H 37 28.87 38.49 16.30
C LEU H 37 28.95 37.58 17.51
N VAL H 38 28.88 36.27 17.30
CA VAL H 38 28.96 35.27 18.37
C VAL H 38 30.06 34.30 17.96
N PRO H 39 30.81 33.72 18.91
CA PRO H 39 31.86 32.76 18.52
C PRO H 39 31.30 31.63 17.68
N GLU H 40 32.09 31.22 16.69
CA GLU H 40 31.68 30.25 15.68
C GLU H 40 32.20 28.88 16.07
N GLU H 41 31.29 27.93 16.27
CA GLU H 41 31.63 26.54 16.59
C GLU H 41 31.48 25.64 15.37
N ASN H 42 31.91 26.15 14.21
CA ASN H 42 31.78 25.51 12.89
C ASN H 42 30.33 25.14 12.56
N ASP H 43 29.37 25.84 13.16
CA ASP H 43 27.97 25.64 12.85
C ASP H 43 27.63 26.19 11.47
N LYS H 44 26.45 25.80 10.98
CA LYS H 44 25.89 26.44 9.81
C LYS H 44 25.42 27.85 10.19
N THR H 45 25.11 28.65 9.16
CA THR H 45 24.65 30.01 9.41
C THR H 45 23.28 30.02 10.10
N THR H 46 22.48 28.97 9.91
CA THR H 46 21.14 28.94 10.47
C THR H 46 21.17 29.02 11.99
N VAL H 47 21.78 28.02 12.63
CA VAL H 47 21.82 28.01 14.08
C VAL H 47 22.74 29.10 14.62
N ILE H 48 23.67 29.62 13.80
CA ILE H 48 24.46 30.75 14.26
C ILE H 48 23.58 31.99 14.42
N ALA H 49 22.74 32.27 13.43
CA ALA H 49 21.80 33.38 13.54
C ALA H 49 20.82 33.14 14.68
N LEU H 50 20.39 31.89 14.87
CA LEU H 50 19.50 31.58 15.98
C LEU H 50 20.17 31.85 17.32
N ARG H 51 21.44 31.49 17.45
CA ARG H 51 22.18 31.79 18.68
C ARG H 51 22.33 33.29 18.88
N GLU H 52 22.59 34.03 17.79
CA GLU H 52 22.69 35.49 17.90
C GLU H 52 21.39 36.09 18.41
N ILE H 53 20.26 35.61 17.89
CA ILE H 53 18.97 36.09 18.37
C ILE H 53 18.76 35.72 19.82
N GLU H 54 19.14 34.48 20.21
CA GLU H 54 18.95 34.04 21.58
C GLU H 54 19.77 34.88 22.55
N GLU H 55 20.99 35.24 22.18
CA GLU H 55 21.83 36.07 23.04
C GLU H 55 21.27 37.49 23.18
N GLY H 56 20.29 37.86 22.36
CA GLY H 56 19.66 39.16 22.47
C GLY H 56 20.33 40.28 21.74
N LEU H 57 21.29 39.98 20.85
CA LEU H 57 22.04 40.99 20.14
C LEU H 57 21.67 41.07 18.66
N ILE H 58 20.54 40.48 18.26
CA ILE H 58 20.02 40.60 16.91
C ILE H 58 18.50 40.61 16.97
N ASN H 59 17.89 41.55 16.26
CA ASN H 59 16.44 41.58 16.08
C ASN H 59 16.15 42.35 14.80
N ASN H 60 14.87 42.64 14.56
CA ASN H 60 14.51 43.34 13.34
C ASN H 60 14.92 44.80 13.38
N GLN H 61 14.69 45.47 14.52
CA GLN H 61 14.97 46.90 14.61
C GLN H 61 16.45 47.20 14.41
N ILE H 62 17.31 46.46 15.10
CA ILE H 62 18.74 46.75 14.99
C ILE H 62 19.27 46.32 13.62
N LEU H 63 18.67 45.29 13.01
CA LEU H 63 19.03 44.98 11.64
C LEU H 63 18.72 46.13 10.71
N ASP H 64 17.55 46.76 10.90
CA ASP H 64 17.19 47.91 10.08
C ASP H 64 18.14 49.07 10.31
N VAL H 65 18.53 49.32 11.58
CA VAL H 65 19.44 50.43 11.84
C VAL H 65 20.82 50.15 11.25
N ARG H 66 21.28 48.90 11.25
CA ARG H 66 22.55 48.60 10.62
C ARG H 66 22.47 48.77 9.10
N GLU H 67 21.36 48.38 8.50
CA GLU H 67 21.18 48.61 7.06
C GLU H 67 21.21 50.10 6.75
N ARG H 68 20.52 50.90 7.56
CA ARG H 68 20.52 52.35 7.37
C ARG H 68 21.93 52.93 7.55
N GLN H 69 22.67 52.43 8.54
CA GLN H 69 24.03 52.91 8.74
C GLN H 69 24.92 52.58 7.55
N GLU H 70 24.78 51.37 7.00
CA GLU H 70 25.57 51.00 5.83
C GLU H 70 25.19 51.87 4.63
N GLN H 71 23.89 52.16 4.47
CA GLN H 71 23.47 53.02 3.38
C GLN H 71 24.03 54.44 3.54
N GLN H 72 24.03 54.95 4.77
CA GLN H 72 24.56 56.30 5.02
C GLN H 72 26.06 56.34 4.79
N GLU H 73 26.77 55.26 5.12
CA GLU H 73 28.22 55.24 4.91
C GLU H 73 28.57 55.36 3.44
N GLN H 74 27.84 54.66 2.57
CA GLN H 74 28.07 54.72 1.14
C GLN H 74 27.32 55.89 0.51
N THR I 1 3.18 -17.95 -40.75
CA THR I 1 2.55 -18.36 -39.51
C THR I 1 3.35 -17.91 -38.30
N ALA I 2 2.65 -17.39 -37.28
CA ALA I 2 3.30 -16.88 -36.08
C ALA I 2 3.50 -18.02 -35.07
N GLY I 3 4.29 -19.01 -35.50
CA GLY I 3 4.66 -20.11 -34.63
C GLY I 3 6.12 -20.02 -34.21
N THR I 4 6.55 -18.81 -33.88
CA THR I 4 7.96 -18.56 -33.60
C THR I 4 8.41 -19.31 -32.35
N PRO I 5 9.44 -20.15 -32.43
CA PRO I 5 9.92 -20.84 -31.23
C PRO I 5 10.92 -20.03 -30.43
N SER I 6 10.64 -18.75 -30.21
CA SER I 6 11.49 -17.87 -29.44
C SER I 6 10.80 -16.52 -29.28
N GLY I 7 11.19 -15.79 -28.25
CA GLY I 7 10.65 -14.46 -28.03
C GLY I 7 11.15 -13.81 -26.76
N ASN I 8 11.28 -12.48 -26.77
CA ASN I 8 11.74 -11.77 -25.59
C ASN I 8 10.63 -10.89 -25.03
N GLY I 9 10.08 -10.01 -25.86
CA GLY I 9 9.02 -9.12 -25.43
C GLY I 9 9.54 -7.80 -24.88
N VAL I 10 8.72 -6.77 -24.95
CA VAL I 10 9.06 -5.44 -24.46
C VAL I 10 8.11 -5.07 -23.34
N ASP I 11 8.68 -4.71 -22.17
CA ASP I 11 7.88 -4.38 -21.01
C ASP I 11 7.42 -2.93 -20.99
N TYR I 12 7.96 -2.09 -21.86
CA TYR I 12 7.52 -0.70 -21.93
C TYR I 12 6.05 -0.62 -22.31
N GLN I 13 5.34 0.30 -21.66
CA GLN I 13 3.89 0.36 -21.80
C GLN I 13 3.47 1.82 -21.97
N ASP I 14 2.17 2.07 -21.89
CA ASP I 14 1.61 3.42 -21.88
C ASP I 14 1.35 3.93 -20.47
N ASP I 15 1.90 3.26 -19.46
CA ASP I 15 1.83 3.66 -18.04
C ASP I 15 0.45 3.36 -17.46
N GLU I 16 0.40 3.14 -16.15
CA GLU I 16 -0.87 2.95 -15.45
C GLU I 16 -1.71 4.21 -15.52
N LEU I 17 -1.08 5.34 -15.87
CA LEU I 17 -1.75 6.59 -16.14
C LEU I 17 -2.25 6.61 -17.59
N PRO I 18 -3.46 7.11 -17.83
CA PRO I 18 -3.98 7.11 -19.21
C PRO I 18 -3.15 7.98 -20.16
N VAL I 19 -2.93 9.24 -19.81
CA VAL I 19 -2.13 10.13 -20.64
C VAL I 19 -0.69 9.63 -20.66
N TYR I 20 -0.13 9.51 -21.85
CA TYR I 20 1.22 8.97 -21.99
C TYR I 20 2.25 9.96 -21.46
N GLN I 21 1.89 11.24 -21.48
CA GLN I 21 2.81 12.31 -21.08
C GLN I 21 4.16 12.15 -21.77
N GLY I 22 5.18 11.71 -21.04
CA GLY I 22 6.46 11.48 -21.66
C GLY I 22 7.61 11.32 -20.69
N GLU I 23 8.80 11.74 -21.12
CA GLU I 23 9.98 11.70 -20.26
C GLU I 23 11.01 12.66 -20.85
N THR I 24 11.40 13.66 -20.08
CA THR I 24 12.45 14.58 -20.53
C THR I 24 13.76 13.83 -20.67
N THR I 25 14.43 14.05 -21.79
CA THR I 25 15.66 13.33 -22.12
C THR I 25 16.83 14.31 -22.15
N GLN I 26 18.00 13.81 -21.76
CA GLN I 26 19.23 14.57 -21.78
C GLN I 26 20.03 14.19 -23.01
N SER I 27 20.26 15.16 -23.89
CA SER I 27 21.06 14.98 -25.09
C SER I 27 22.36 15.75 -24.92
N LEU I 28 23.17 15.78 -25.98
CA LEU I 28 24.45 16.49 -25.92
C LEU I 28 24.23 17.97 -25.64
N GLN I 29 23.28 18.60 -26.36
CA GLN I 29 23.05 20.02 -26.17
C GLN I 29 22.49 20.32 -24.79
N ASP I 30 21.56 19.49 -24.30
CA ASP I 30 21.00 19.73 -22.98
C ASP I 30 22.05 19.54 -21.89
N TYR I 31 22.89 18.51 -22.03
CA TYR I 31 23.96 18.29 -21.07
C TYR I 31 24.95 19.45 -21.08
N LEU I 32 25.28 19.96 -22.27
CA LEU I 32 26.20 21.08 -22.36
C LEU I 32 25.58 22.35 -21.77
N MET I 33 24.26 22.52 -21.94
CA MET I 33 23.55 23.59 -21.26
C MET I 33 23.67 23.45 -19.75
N TRP I 34 23.48 22.24 -19.23
CA TRP I 34 23.59 22.03 -17.79
C TRP I 34 24.98 22.36 -17.29
N GLN I 35 26.00 21.96 -18.04
CA GLN I 35 27.37 22.30 -17.64
C GLN I 35 27.61 23.80 -17.71
N VAL I 36 27.09 24.47 -18.74
CA VAL I 36 27.29 25.90 -18.89
C VAL I 36 26.66 26.66 -17.74
N GLU I 37 25.45 26.26 -17.34
CA GLU I 37 24.74 26.96 -16.28
C GLU I 37 25.45 26.89 -14.94
N LEU I 38 26.39 25.95 -14.76
CA LEU I 38 27.07 25.76 -13.48
C LEU I 38 28.52 26.22 -13.50
N THR I 39 28.94 26.88 -14.57
CA THR I 39 30.28 27.46 -14.59
C THR I 39 30.19 28.98 -14.53
N PRO I 40 31.11 29.63 -13.84
CA PRO I 40 31.03 31.09 -13.71
C PRO I 40 31.31 31.80 -15.02
N PHE I 41 30.26 32.32 -15.64
CA PHE I 41 30.33 33.00 -16.92
C PHE I 41 29.62 34.34 -16.82
N THR I 42 30.19 35.35 -17.48
CA THR I 42 29.54 36.65 -17.54
C THR I 42 28.30 36.56 -18.42
N ASP I 43 27.44 37.60 -18.33
CA ASP I 43 26.22 37.61 -19.13
C ASP I 43 26.54 37.60 -20.61
N THR I 44 27.45 38.45 -21.05
CA THR I 44 27.94 38.37 -22.43
C THR I 44 28.64 37.04 -22.68
N ASP I 45 29.42 36.58 -21.71
CA ASP I 45 30.08 35.29 -21.83
C ASP I 45 29.05 34.16 -21.92
N ARG I 46 27.97 34.26 -21.15
CA ARG I 46 26.91 33.25 -21.23
C ARG I 46 26.22 33.29 -22.60
N ALA I 47 26.00 34.49 -23.14
CA ALA I 47 25.40 34.59 -24.47
C ALA I 47 26.30 33.96 -25.52
N ILE I 48 27.61 34.21 -25.44
CA ILE I 48 28.54 33.55 -26.35
C ILE I 48 28.49 32.04 -26.15
N ALA I 49 28.42 31.59 -24.89
CA ALA I 49 28.42 30.15 -24.61
C ALA I 49 27.21 29.48 -25.24
N THR I 50 26.02 30.08 -25.10
CA THR I 50 24.84 29.45 -25.69
C THR I 50 24.84 29.56 -27.21
N SER I 51 25.35 30.67 -27.76
CA SER I 51 25.40 30.80 -29.21
C SER I 51 26.33 29.76 -29.83
N ILE I 52 27.48 29.51 -29.21
CA ILE I 52 28.45 28.55 -29.72
C ILE I 52 28.23 27.14 -29.23
N VAL I 53 27.26 26.91 -28.33
CA VAL I 53 26.86 25.55 -28.02
C VAL I 53 25.60 25.13 -28.77
N ASP I 54 24.82 26.09 -29.27
CA ASP I 54 23.71 25.74 -30.15
C ASP I 54 24.23 25.20 -31.48
N ALA I 55 25.42 25.61 -31.88
CA ALA I 55 25.97 25.24 -33.18
C ALA I 55 26.49 23.82 -33.24
N VAL I 56 26.66 23.14 -32.11
CA VAL I 56 27.25 21.81 -32.11
C VAL I 56 26.27 20.82 -32.74
N ASP I 57 26.80 19.71 -33.24
CA ASP I 57 26.00 18.66 -33.85
C ASP I 57 25.95 17.45 -32.92
N ASP I 58 25.26 16.41 -33.38
CA ASP I 58 25.18 15.18 -32.60
C ASP I 58 26.54 14.50 -32.50
N THR I 59 27.34 14.54 -33.57
CA THR I 59 28.67 13.95 -33.55
C THR I 59 29.63 14.66 -32.62
N GLY I 60 29.28 15.87 -32.15
CA GLY I 60 30.11 16.60 -31.22
C GLY I 60 30.99 17.66 -31.82
N TYR I 61 30.88 17.91 -33.13
CA TYR I 61 31.72 18.88 -33.81
C TYR I 61 30.93 20.14 -34.12
N LEU I 62 31.48 21.28 -33.73
CA LEU I 62 30.87 22.57 -34.03
C LEU I 62 30.80 22.78 -35.53
N THR I 63 29.67 23.27 -36.02
CA THR I 63 29.41 23.32 -37.46
C THR I 63 29.82 24.64 -38.11
N ILE I 64 29.22 25.74 -37.69
CA ILE I 64 29.41 27.02 -38.37
C ILE I 64 30.77 27.61 -38.03
N GLN I 65 31.24 28.54 -38.85
CA GLN I 65 32.55 29.17 -38.66
C GLN I 65 32.49 30.19 -37.53
N ILE I 66 33.67 30.57 -37.05
CA ILE I 66 33.74 31.56 -35.97
C ILE I 66 33.30 32.93 -36.48
N GLU I 67 33.68 33.28 -37.71
CA GLU I 67 33.20 34.53 -38.30
C GLU I 67 31.69 34.54 -38.38
N ASP I 68 31.09 33.38 -38.67
CA ASP I 68 29.63 33.28 -38.67
C ASP I 68 29.05 33.56 -37.29
N ILE I 69 29.69 33.04 -36.23
CA ILE I 69 29.22 33.29 -34.88
C ILE I 69 29.33 34.78 -34.54
N VAL I 70 30.45 35.39 -34.92
CA VAL I 70 30.64 36.82 -34.64
C VAL I 70 29.59 37.64 -35.37
N ASP I 71 29.31 37.31 -36.62
CA ASP I 71 28.25 38.00 -37.36
C ASP I 71 26.90 37.79 -36.70
N SER I 72 26.63 36.56 -36.21
CA SER I 72 25.37 36.29 -35.55
C SER I 72 25.19 37.12 -34.29
N ILE I 73 26.27 37.29 -33.52
CA ILE I 73 26.20 38.14 -32.33
C ILE I 73 25.87 39.57 -32.74
N GLY I 74 26.54 40.08 -33.77
CA GLY I 74 26.25 41.41 -34.27
C GLY I 74 26.47 42.51 -33.26
N ASP I 75 27.50 42.41 -32.44
CA ASP I 75 27.77 43.41 -31.42
C ASP I 75 29.26 43.71 -31.39
N ASP I 76 29.59 44.99 -31.18
CA ASP I 76 30.98 45.39 -31.09
C ASP I 76 31.61 44.87 -29.81
N GLU I 77 32.94 44.85 -29.78
CA GLU I 77 33.72 44.37 -28.65
C GLU I 77 33.45 42.89 -28.35
N ILE I 78 32.88 42.17 -29.30
CA ILE I 78 32.61 40.75 -29.16
C ILE I 78 33.44 40.05 -30.24
N GLY I 79 34.63 40.57 -30.48
CA GLY I 79 35.47 40.10 -31.57
C GLY I 79 35.85 38.63 -31.44
N LEU I 80 36.68 38.20 -32.40
CA LEU I 80 37.00 36.78 -32.53
C LEU I 80 37.78 36.26 -31.33
N GLU I 81 38.57 37.12 -30.68
CA GLU I 81 39.43 36.65 -29.58
C GLU I 81 38.60 36.10 -28.42
N GLU I 82 37.59 36.85 -27.97
CA GLU I 82 36.77 36.41 -26.86
C GLU I 82 35.89 35.23 -27.21
N VAL I 83 35.38 35.18 -28.44
CA VAL I 83 34.61 34.02 -28.86
C VAL I 83 35.49 32.77 -28.86
N GLU I 84 36.72 32.90 -29.35
CA GLU I 84 37.65 31.77 -29.32
C GLU I 84 37.99 31.38 -27.89
N ALA I 85 38.09 32.36 -26.99
CA ALA I 85 38.34 32.05 -25.59
C ALA I 85 37.20 31.25 -24.99
N VAL I 86 35.96 31.65 -25.27
CA VAL I 86 34.80 30.91 -24.76
C VAL I 86 34.74 29.52 -25.40
N LEU I 87 35.11 29.40 -26.68
CA LEU I 87 35.17 28.09 -27.31
C LEU I 87 36.17 27.18 -26.60
N LYS I 88 37.38 27.70 -26.36
CA LYS I 88 38.40 26.89 -25.69
C LYS I 88 38.00 26.57 -24.26
N ARG I 89 37.17 27.40 -23.64
CA ARG I 89 36.65 27.08 -22.31
C ARG I 89 35.61 25.97 -22.39
N ILE I 90 34.69 26.06 -23.35
CA ILE I 90 33.63 25.07 -23.48
C ILE I 90 34.18 23.71 -23.88
N GLN I 91 35.29 23.69 -24.62
CA GLN I 91 35.88 22.42 -25.04
C GLN I 91 36.35 21.59 -23.84
N ARG I 92 36.46 22.19 -22.67
CA ARG I 92 36.86 21.51 -21.44
C ARG I 92 35.66 21.01 -20.65
N PHE I 93 34.73 20.31 -21.31
CA PHE I 93 33.53 19.84 -20.64
C PHE I 93 33.59 18.32 -20.51
N ASP I 94 32.50 17.71 -20.05
CA ASP I 94 32.50 16.28 -19.78
C ASP I 94 32.86 15.46 -21.01
N PRO I 95 32.26 15.65 -22.19
CA PRO I 95 32.85 15.01 -23.37
C PRO I 95 34.04 15.84 -23.85
N VAL I 96 35.20 15.57 -23.24
CA VAL I 96 36.39 16.37 -23.50
C VAL I 96 36.70 16.35 -24.98
N GLY I 97 36.93 17.52 -25.55
CA GLY I 97 37.11 17.65 -26.98
C GLY I 97 35.85 17.97 -27.75
N VAL I 98 34.72 18.16 -27.06
CA VAL I 98 33.49 18.52 -27.75
C VAL I 98 33.61 19.93 -28.32
N ALA I 99 32.81 20.20 -29.35
CA ALA I 99 32.81 21.47 -30.06
C ALA I 99 34.20 21.80 -30.59
N ALA I 100 34.70 20.94 -31.47
CA ALA I 100 35.99 21.11 -32.09
C ALA I 100 35.83 21.54 -33.55
N LYS I 101 36.72 22.42 -34.00
CA LYS I 101 36.65 22.90 -35.37
C LYS I 101 36.84 21.76 -36.37
N ASP I 102 37.93 21.00 -36.21
CA ASP I 102 38.25 19.90 -37.10
C ASP I 102 38.94 18.81 -36.28
N LEU I 103 39.38 17.75 -36.96
CA LEU I 103 40.00 16.63 -36.26
C LEU I 103 41.31 17.05 -35.61
N ARG I 104 42.09 17.89 -36.29
CA ARG I 104 43.37 18.33 -35.72
C ARG I 104 43.14 19.00 -34.37
N ASP I 105 42.16 19.90 -34.30
CA ASP I 105 41.86 20.56 -33.04
C ASP I 105 41.39 19.56 -32.00
N CYS I 106 40.58 18.58 -32.41
CA CYS I 106 40.05 17.60 -31.46
C CYS I 106 41.16 16.75 -30.85
N LEU I 107 42.08 16.25 -31.68
CA LEU I 107 43.22 15.52 -31.14
C LEU I 107 44.05 16.41 -30.23
N LEU I 108 44.29 17.65 -30.63
CA LEU I 108 45.10 18.54 -29.81
C LEU I 108 44.47 18.77 -28.45
N ILE I 109 43.15 18.99 -28.42
CA ILE I 109 42.50 19.27 -27.15
C ILE I 109 42.44 18.03 -26.28
N GLN I 110 42.12 16.86 -26.85
CA GLN I 110 42.11 15.66 -26.03
C GLN I 110 43.50 15.30 -25.53
N LEU I 111 44.55 15.63 -26.28
CA LEU I 111 45.90 15.41 -25.81
C LEU I 111 46.34 16.46 -24.80
N SER I 112 45.66 17.61 -24.76
CA SER I 112 46.01 18.62 -23.77
C SER I 112 45.79 18.13 -22.35
N GLN I 113 44.70 17.40 -22.13
CA GLN I 113 44.38 16.87 -20.80
C GLN I 113 45.13 15.56 -20.61
N PHE I 114 46.38 15.65 -20.19
CA PHE I 114 47.21 14.48 -19.92
C PHE I 114 48.27 14.85 -18.89
N ALA I 115 49.08 13.86 -18.53
CA ALA I 115 50.07 14.04 -17.46
C ALA I 115 51.29 14.83 -17.91
N LYS I 116 51.40 15.17 -19.20
CA LYS I 116 52.56 15.85 -19.76
C LYS I 116 53.85 15.05 -19.58
N GLU I 117 53.71 13.74 -19.36
CA GLU I 117 54.87 12.87 -19.20
C GLU I 117 54.72 11.56 -19.98
N THR I 118 53.85 11.54 -20.98
CA THR I 118 53.62 10.33 -21.76
C THR I 118 54.84 10.03 -22.61
N PRO I 119 55.03 8.76 -23.00
CA PRO I 119 56.23 8.39 -23.77
C PRO I 119 56.39 9.15 -25.07
N TRP I 120 55.29 9.52 -25.73
CA TRP I 120 55.34 10.18 -27.02
C TRP I 120 54.46 11.43 -27.03
N LEU I 121 54.59 12.24 -25.99
CA LEU I 121 53.76 13.44 -25.87
C LEU I 121 54.10 14.45 -26.96
N GLU I 122 55.33 14.97 -26.94
CA GLU I 122 55.73 15.96 -27.93
C GLU I 122 55.92 15.36 -29.31
N GLU I 123 56.18 14.05 -29.40
CA GLU I 123 56.36 13.42 -30.70
C GLU I 123 55.08 13.47 -31.52
N ALA I 124 53.94 13.21 -30.88
CA ALA I 124 52.65 13.22 -31.55
C ALA I 124 51.86 14.49 -31.30
N ARG I 125 52.40 15.42 -30.51
CA ARG I 125 51.68 16.66 -30.23
C ARG I 125 51.55 17.51 -31.49
N LEU I 126 52.67 17.75 -32.17
CA LEU I 126 52.67 18.62 -33.35
C LEU I 126 53.35 18.02 -34.57
N ILE I 127 54.32 17.12 -34.41
CA ILE I 127 54.97 16.53 -35.56
C ILE I 127 53.99 15.67 -36.36
N ILE I 128 53.14 14.93 -35.66
CA ILE I 128 52.18 14.04 -36.30
C ILE I 128 50.78 14.67 -36.35
N SER I 129 50.35 15.32 -35.26
CA SER I 129 49.00 15.86 -35.20
C SER I 129 48.91 17.20 -35.94
N ASP I 130 49.65 18.19 -35.48
CA ASP I 130 49.58 19.52 -36.08
C ASP I 130 50.25 19.61 -37.43
N HIS I 131 51.07 18.62 -37.80
CA HIS I 131 51.76 18.64 -39.09
C HIS I 131 51.69 17.25 -39.71
N LEU I 132 51.68 17.24 -41.05
CA LEU I 132 51.71 15.99 -41.83
C LEU I 132 50.53 15.08 -41.46
N ASP I 133 49.38 15.67 -41.19
CA ASP I 133 48.19 14.88 -40.91
C ASP I 133 47.79 14.05 -42.11
N LEU I 134 47.87 14.63 -43.31
CA LEU I 134 47.62 13.86 -44.52
C LEU I 134 48.64 12.75 -44.69
N LEU I 135 49.89 13.02 -44.32
CA LEU I 135 50.91 11.97 -44.36
C LEU I 135 50.56 10.85 -43.39
N ALA I 136 50.09 11.19 -42.19
CA ALA I 136 49.68 10.17 -41.23
C ALA I 136 48.46 9.40 -41.74
N ASN I 137 47.62 10.04 -42.54
CA ASN I 137 46.47 9.34 -43.13
C ASN I 137 46.93 8.22 -44.05
N HIS I 138 47.97 8.47 -44.85
CA HIS I 138 48.52 7.46 -45.75
C HIS I 138 49.43 6.52 -44.96
N ASP I 139 50.20 5.71 -45.68
CA ASP I 139 51.13 4.79 -45.03
C ASP I 139 52.21 5.51 -44.24
N PHE I 140 52.46 6.78 -44.55
CA PHE I 140 53.44 7.60 -43.83
C PHE I 140 54.84 6.99 -43.90
N ARG I 141 55.18 6.40 -45.05
CA ARG I 141 56.52 5.87 -45.23
C ARG I 141 57.56 6.99 -45.22
N THR I 142 57.24 8.11 -45.88
CA THR I 142 58.14 9.25 -45.91
C THR I 142 57.97 10.17 -44.71
N LEU I 143 56.99 9.92 -43.84
CA LEU I 143 56.81 10.76 -42.67
C LEU I 143 57.97 10.62 -41.69
N MET I 144 58.60 9.44 -41.64
CA MET I 144 59.76 9.25 -40.77
C MET I 144 60.90 10.17 -41.17
N ARG I 145 61.15 10.32 -42.48
CA ARG I 145 62.19 11.22 -42.94
C ARG I 145 61.78 12.68 -42.76
N VAL I 146 60.48 12.97 -42.84
CA VAL I 146 60.01 14.35 -42.70
C VAL I 146 60.29 14.87 -41.31
N THR I 147 60.00 14.07 -40.28
CA THR I 147 60.24 14.46 -38.90
C THR I 147 61.59 13.99 -38.38
N ARG I 148 62.39 13.32 -39.22
CA ARG I 148 63.71 12.83 -38.83
C ARG I 148 63.63 11.94 -37.59
N LEU I 149 62.63 11.07 -37.57
CA LEU I 149 62.41 10.15 -36.46
C LEU I 149 62.37 8.73 -36.99
N LYS I 150 62.83 7.80 -36.13
CA LYS I 150 62.86 6.39 -36.51
C LYS I 150 61.44 5.84 -36.67
N GLU I 151 61.30 4.88 -37.58
CA GLU I 151 59.99 4.26 -37.81
C GLU I 151 59.52 3.51 -36.58
N GLU I 152 60.43 3.02 -35.75
CA GLU I 152 60.04 2.32 -34.54
C GLU I 152 59.30 3.26 -33.59
N VAL I 153 59.79 4.49 -33.43
CA VAL I 153 59.12 5.46 -32.56
C VAL I 153 57.80 5.88 -33.17
N LEU I 154 57.76 6.07 -34.49
CA LEU I 154 56.51 6.45 -35.15
C LEU I 154 55.46 5.36 -35.03
N LYS I 155 55.88 4.09 -34.95
CA LYS I 155 54.93 3.01 -34.79
C LYS I 155 54.17 3.14 -33.47
N GLU I 156 54.87 3.51 -32.40
CA GLU I 156 54.19 3.74 -31.12
C GLU I 156 53.44 5.07 -31.10
N ALA I 157 53.97 6.08 -31.80
CA ALA I 157 53.30 7.37 -31.84
C ALA I 157 51.94 7.28 -32.54
N VAL I 158 51.87 6.50 -33.61
CA VAL I 158 50.60 6.32 -34.31
C VAL I 158 49.57 5.66 -33.39
N ASN I 159 49.99 4.65 -32.64
CA ASN I 159 49.08 4.01 -31.69
C ASN I 159 48.64 4.98 -30.60
N LEU I 160 49.56 5.79 -30.10
CA LEU I 160 49.22 6.77 -29.08
C LEU I 160 48.20 7.77 -29.60
N ILE I 161 48.38 8.23 -30.84
CA ILE I 161 47.43 9.16 -31.44
C ILE I 161 46.08 8.49 -31.63
N GLN I 162 46.08 7.24 -32.09
CA GLN I 162 44.84 6.51 -32.30
C GLN I 162 44.15 6.16 -30.98
N SER I 163 44.85 6.25 -29.86
CA SER I 163 44.22 5.97 -28.56
C SER I 163 43.13 6.97 -28.21
N LEU I 164 43.14 8.16 -28.82
CA LEU I 164 42.13 9.16 -28.50
C LEU I 164 40.84 8.86 -29.23
N ASP I 165 39.79 9.58 -28.84
CA ASP I 165 38.46 9.30 -29.35
C ASP I 165 38.18 10.12 -30.61
N PRO I 166 37.98 9.49 -31.76
CA PRO I 166 37.62 10.16 -32.96
C PRO I 166 36.54 11.22 -32.84
N ARG I 167 35.38 10.83 -32.31
CA ARG I 167 34.17 11.66 -32.36
C ARG I 167 33.65 11.84 -30.94
N PRO I 168 34.27 12.72 -30.16
CA PRO I 168 33.81 12.95 -28.78
C PRO I 168 32.39 13.51 -28.76
N GLY I 169 31.67 13.17 -27.70
CA GLY I 169 30.30 13.62 -27.55
C GLY I 169 29.26 12.74 -28.18
N GLN I 170 29.65 11.71 -28.93
CA GLN I 170 28.70 10.74 -29.44
C GLN I 170 28.39 9.65 -28.42
N SER I 171 29.11 9.62 -27.31
CA SER I 171 28.85 8.66 -26.24
C SER I 171 27.78 9.14 -25.25
N ILE I 172 27.37 10.40 -25.35
CA ILE I 172 26.36 10.95 -24.44
C ILE I 172 24.95 10.75 -24.97
N GLN I 173 24.79 10.57 -26.29
CA GLN I 173 23.47 10.46 -26.90
C GLN I 173 22.63 9.37 -26.24
N THR I 174 21.33 9.66 -26.10
CA THR I 174 20.39 8.74 -25.51
C THR I 174 19.47 8.07 -26.54
N GLY I 175 19.75 8.23 -27.82
CA GLY I 175 18.90 7.64 -28.84
C GLY I 175 18.97 6.12 -28.80
N GLU I 176 17.80 5.50 -28.87
CA GLU I 176 17.69 4.04 -28.89
C GLU I 176 17.36 3.60 -30.31
N PRO I 177 18.14 2.68 -30.90
CA PRO I 177 17.84 2.26 -32.28
C PRO I 177 16.59 1.41 -32.36
N GLU I 178 15.46 1.97 -31.90
CA GLU I 178 14.19 1.26 -31.91
C GLU I 178 13.51 1.31 -33.28
N TYR I 179 14.20 1.81 -34.30
CA TYR I 179 13.62 1.89 -35.63
C TYR I 179 13.50 0.49 -36.24
N VAL I 180 12.57 -0.30 -35.71
CA VAL I 180 12.28 -1.60 -36.27
C VAL I 180 11.82 -1.47 -37.72
N ILE I 181 11.96 -2.56 -38.47
CA ILE I 181 11.33 -2.68 -39.78
C ILE I 181 10.06 -3.50 -39.58
N PRO I 182 8.88 -2.87 -39.65
CA PRO I 182 7.64 -3.64 -39.56
C PRO I 182 7.62 -4.89 -40.42
N ASP I 183 8.24 -4.85 -41.60
CA ASP I 183 8.22 -5.97 -42.53
C ASP I 183 6.77 -6.32 -42.90
N VAL I 184 6.05 -5.30 -43.38
CA VAL I 184 4.64 -5.46 -43.69
C VAL I 184 4.44 -6.38 -44.89
N LEU I 185 5.49 -6.61 -45.67
CA LEU I 185 5.46 -7.58 -46.76
C LEU I 185 6.31 -8.78 -46.35
N VAL I 186 5.67 -9.77 -45.75
CA VAL I 186 6.32 -11.03 -45.41
C VAL I 186 6.16 -11.99 -46.58
N ARG I 187 7.27 -12.51 -47.06
CA ARG I 187 7.29 -13.42 -48.19
C ARG I 187 8.28 -14.54 -47.94
N LYS I 188 8.03 -15.68 -48.57
CA LYS I 188 8.80 -16.89 -48.32
C LYS I 188 9.25 -17.50 -49.63
N VAL I 189 9.83 -18.69 -49.54
CA VAL I 189 10.34 -19.44 -50.68
C VAL I 189 9.44 -20.64 -50.89
N ASN I 190 8.91 -20.77 -52.11
CA ASN I 190 8.02 -21.88 -52.46
C ASN I 190 8.37 -22.32 -53.88
N ASP I 191 7.49 -23.12 -54.48
CA ASP I 191 7.69 -23.51 -55.88
C ASP I 191 7.62 -22.31 -56.80
N ARG I 192 6.66 -21.42 -56.57
CA ARG I 192 6.53 -20.17 -57.33
C ARG I 192 6.90 -18.95 -56.51
N TRP I 193 7.37 -19.13 -55.28
CA TRP I 193 7.78 -18.04 -54.40
C TRP I 193 6.63 -17.04 -54.17
N VAL I 194 5.57 -17.55 -53.55
CA VAL I 194 4.41 -16.71 -53.27
C VAL I 194 4.77 -15.65 -52.23
N VAL I 195 4.02 -14.55 -52.24
CA VAL I 195 4.24 -13.43 -51.34
C VAL I 195 2.99 -13.20 -50.51
N GLU I 196 3.16 -13.07 -49.20
CA GLU I 196 2.07 -12.81 -48.27
C GLU I 196 2.19 -11.39 -47.73
N LEU I 197 1.34 -11.07 -46.75
CA LEU I 197 1.41 -9.80 -46.06
C LEU I 197 0.95 -10.00 -44.62
N ASN I 198 1.56 -9.25 -43.70
CA ASN I 198 1.25 -9.33 -42.29
C ASN I 198 0.93 -7.93 -41.77
N SER I 199 0.63 -7.86 -40.47
CA SER I 199 0.27 -6.62 -39.78
C SER I 199 -0.90 -5.92 -40.45
N ASP I 200 -1.90 -6.67 -40.90
CA ASP I 200 -3.07 -6.09 -41.55
C ASP I 200 -4.14 -5.72 -40.51
N LEU I 201 -23.57 4.42 -37.88
CA LEU I 201 -23.30 3.03 -38.25
C LEU I 201 -22.56 2.96 -39.58
N GLN I 202 -22.82 3.92 -40.47
CA GLN I 202 -22.20 3.94 -41.78
C GLN I 202 -20.91 4.77 -41.78
N GLU I 203 -20.03 4.48 -40.83
CA GLU I 203 -18.71 5.08 -40.81
C GLU I 203 -17.65 3.98 -40.70
N ALA I 204 -17.95 2.95 -39.91
CA ALA I 204 -17.08 1.79 -39.83
C ALA I 204 -16.99 1.08 -41.17
N ARG I 205 -18.11 1.00 -41.89
CA ARG I 205 -18.10 0.40 -43.21
C ARG I 205 -17.21 1.18 -44.17
N TRP I 206 -17.30 2.51 -44.13
CA TRP I 206 -16.46 3.33 -45.00
C TRP I 206 -14.99 3.19 -44.66
N LEU I 207 -14.66 3.19 -43.37
CA LEU I 207 -13.27 3.01 -42.96
C LEU I 207 -12.74 1.65 -43.38
N ILE I 208 -13.54 0.60 -43.20
CA ILE I 208 -13.12 -0.74 -43.59
C ILE I 208 -12.93 -0.83 -45.09
N LYS I 209 -13.82 -0.19 -45.85
CA LYS I 209 -13.67 -0.18 -47.30
C LYS I 209 -12.39 0.52 -47.73
N SER I 210 -12.08 1.66 -47.11
CA SER I 210 -10.84 2.38 -47.43
C SER I 210 -9.62 1.53 -47.09
N LEU I 211 -9.63 0.89 -45.91
CA LEU I 211 -8.51 0.04 -45.53
C LEU I 211 -8.35 -1.13 -46.47
N GLU I 212 -9.46 -1.77 -46.85
CA GLU I 212 -9.40 -2.89 -47.78
C GLU I 212 -8.86 -2.45 -49.14
N SER I 213 -9.29 -1.28 -49.62
CA SER I 213 -8.77 -0.78 -50.89
C SER I 213 -7.27 -0.51 -50.80
N ALA I 214 -6.82 0.11 -49.71
CA ALA I 214 -5.39 0.40 -49.56
C ALA I 214 -4.57 -0.89 -49.51
N ASN I 215 -5.01 -1.86 -48.72
CA ASN I 215 -4.30 -3.13 -48.65
C ASN I 215 -4.33 -3.89 -49.97
N ASP I 216 -5.46 -3.82 -50.70
CA ASP I 216 -5.52 -4.47 -52.00
C ASP I 216 -4.55 -3.83 -52.99
N THR I 217 -4.47 -2.49 -52.99
CA THR I 217 -3.51 -1.83 -53.87
C THR I 217 -2.08 -2.19 -53.50
N LEU I 218 -1.77 -2.21 -52.19
CA LEU I 218 -0.43 -2.59 -51.77
C LEU I 218 -0.11 -4.02 -52.18
N LEU I 219 -1.05 -4.95 -52.00
CA LEU I 219 -0.83 -6.33 -52.39
C LEU I 219 -0.64 -6.44 -53.90
N ARG I 220 -1.45 -5.73 -54.68
CA ARG I 220 -1.34 -5.82 -56.13
C ARG I 220 0.02 -5.33 -56.60
N VAL I 221 0.45 -4.17 -56.10
CA VAL I 221 1.76 -3.67 -56.50
C VAL I 221 2.87 -4.60 -55.99
N SER I 222 2.65 -5.26 -54.86
CA SER I 222 3.65 -6.18 -54.34
C SER I 222 3.81 -7.39 -55.24
N ARG I 223 2.71 -8.03 -55.61
CA ARG I 223 2.80 -9.17 -56.54
C ARG I 223 3.39 -8.73 -57.88
N CYS I 224 3.01 -7.55 -58.36
CA CYS I 224 3.57 -7.06 -59.62
C CYS I 224 5.08 -6.91 -59.51
N ILE I 225 5.55 -6.33 -58.41
CA ILE I 225 6.98 -6.12 -58.23
C ILE I 225 7.72 -7.46 -58.13
N VAL I 226 7.19 -8.40 -57.33
CA VAL I 226 7.92 -9.64 -57.10
C VAL I 226 7.92 -10.50 -58.37
N GLU I 227 6.80 -10.52 -59.10
CA GLU I 227 6.80 -11.24 -60.35
C GLU I 227 7.76 -10.62 -61.36
N GLN I 228 7.89 -9.29 -61.35
CA GLN I 228 8.86 -8.65 -62.23
C GLN I 228 10.27 -8.72 -61.67
N GLN I 229 10.44 -9.20 -60.44
CA GLN I 229 11.74 -9.32 -59.80
C GLN I 229 11.93 -10.72 -59.22
N GLN I 230 11.56 -11.74 -59.99
CA GLN I 230 11.77 -13.11 -59.54
C GLN I 230 13.24 -13.51 -59.63
N ALA I 231 13.91 -13.11 -60.70
CA ALA I 231 15.27 -13.60 -60.95
C ALA I 231 16.28 -12.98 -60.00
N PHE I 232 16.00 -11.77 -59.50
CA PHE I 232 16.94 -11.09 -58.61
C PHE I 232 17.19 -11.93 -57.35
N PHE I 233 16.13 -12.55 -56.84
CA PHE I 233 16.22 -13.23 -55.55
C PHE I 233 16.63 -14.69 -55.73
N GLU I 234 16.21 -15.32 -56.82
CA GLU I 234 16.65 -16.67 -57.11
C GLU I 234 18.11 -16.66 -57.56
N GLN I 235 18.83 -17.71 -57.18
CA GLN I 235 20.26 -17.88 -57.51
C GLN I 235 21.01 -16.69 -56.92
N GLY I 236 21.86 -16.00 -57.68
CA GLY I 236 22.61 -14.90 -57.12
C GLY I 236 21.74 -13.67 -56.91
N GLU I 237 22.20 -12.79 -56.02
CA GLU I 237 21.48 -11.56 -55.76
C GLU I 237 21.70 -10.50 -56.84
N GLU I 238 22.73 -10.66 -57.67
CA GLU I 238 23.01 -9.70 -58.73
C GLU I 238 22.28 -10.13 -60.02
N TYR I 239 20.96 -10.07 -59.96
CA TYR I 239 20.11 -10.33 -61.13
C TYR I 239 19.00 -9.29 -61.22
N MET I 240 19.35 -8.03 -60.99
CA MET I 240 18.40 -6.93 -61.06
C MET I 240 18.25 -6.47 -62.51
N LYS I 241 17.03 -6.51 -63.02
CA LYS I 241 16.61 -5.90 -64.28
C LYS I 241 16.06 -4.50 -64.06
N PRO I 242 16.19 -3.56 -65.00
CA PRO I 242 15.73 -2.17 -64.78
C PRO I 242 14.28 -1.90 -65.22
N MET I 243 13.30 -2.29 -64.40
CA MET I 243 11.95 -1.93 -64.81
C MET I 243 11.72 -0.44 -64.53
N VAL I 244 10.66 0.08 -65.14
CA VAL I 244 10.27 1.48 -64.96
C VAL I 244 8.88 1.51 -64.34
N LEU I 245 8.52 2.69 -63.82
CA LEU I 245 7.21 2.84 -63.19
C LEU I 245 6.09 2.54 -64.16
N ALA I 246 6.28 2.81 -65.45
CA ALA I 246 5.25 2.53 -66.44
C ALA I 246 5.00 1.04 -66.57
N ASP I 247 6.02 0.20 -66.39
CA ASP I 247 5.82 -1.24 -66.45
C ASP I 247 4.87 -1.72 -65.36
N ILE I 248 5.10 -1.29 -64.12
CA ILE I 248 4.20 -1.64 -63.03
C ILE I 248 2.83 -1.00 -63.25
N ALA I 249 2.80 0.21 -63.79
CA ALA I 249 1.52 0.87 -64.07
C ALA I 249 0.67 0.07 -65.04
N GLN I 250 1.28 -0.42 -66.11
CA GLN I 250 0.55 -1.27 -67.06
C GLN I 250 0.26 -2.63 -66.47
N ALA I 251 1.07 -3.09 -65.52
CA ALA I 251 0.83 -4.39 -64.91
C ALA I 251 -0.47 -4.41 -64.12
N VAL I 252 -0.77 -3.33 -63.38
CA VAL I 252 -1.95 -3.29 -62.53
C VAL I 252 -2.99 -2.30 -63.03
N GLU I 253 -2.79 -1.72 -64.21
CA GLU I 253 -3.75 -0.79 -64.81
C GLU I 253 -4.05 0.39 -63.88
N MET I 254 -3.03 0.85 -63.16
CA MET I 254 -3.11 2.02 -62.30
C MET I 254 -2.04 3.01 -62.72
N HIS I 255 -2.23 4.27 -62.32
CA HIS I 255 -1.32 5.32 -62.73
C HIS I 255 0.02 5.19 -62.00
N GLU I 256 1.08 5.62 -62.67
CA GLU I 256 2.43 5.45 -62.14
C GLU I 256 2.63 6.23 -60.85
N SER I 257 2.08 7.44 -60.77
CA SER I 257 2.23 8.26 -59.57
C SER I 257 1.59 7.61 -58.36
N THR I 258 0.40 7.01 -58.53
CA THR I 258 -0.25 6.34 -57.41
C THR I 258 0.58 5.15 -56.92
N ILE I 259 1.13 4.37 -57.85
CA ILE I 259 1.96 3.23 -57.47
C ILE I 259 3.22 3.72 -56.75
N SER I 260 3.82 4.80 -57.24
CA SER I 260 5.01 5.35 -56.59
C SER I 260 4.68 5.83 -55.18
N ARG I 261 3.53 6.49 -55.01
CA ARG I 261 3.12 6.93 -53.68
C ARG I 261 2.80 5.75 -52.78
N VAL I 262 2.39 4.63 -53.35
CA VAL I 262 2.14 3.44 -52.56
C VAL I 262 3.44 2.85 -52.02
N THR I 263 4.50 2.89 -52.84
CA THR I 263 5.76 2.22 -52.54
C THR I 263 6.88 3.20 -52.22
N THR I 264 6.57 4.27 -51.49
CA THR I 264 7.63 5.18 -51.04
C THR I 264 8.46 4.54 -49.93
N GLN I 265 7.80 3.94 -48.94
CA GLN I 265 8.53 3.46 -47.77
C GLN I 265 8.04 2.10 -47.26
N LYS I 266 7.23 1.38 -48.03
CA LYS I 266 6.85 0.04 -47.61
C LYS I 266 8.06 -0.89 -47.64
N TYR I 267 8.11 -1.81 -46.69
CA TYR I 267 9.26 -2.70 -46.53
C TYR I 267 8.82 -4.15 -46.64
N LEU I 268 9.71 -4.99 -47.15
CA LEU I 268 9.43 -6.40 -47.38
C LEU I 268 10.39 -7.26 -46.56
N HIS I 269 9.94 -8.47 -46.26
CA HIS I 269 10.72 -9.45 -45.51
C HIS I 269 11.41 -10.37 -46.51
N SER I 270 12.73 -10.21 -46.65
CA SER I 270 13.50 -11.03 -47.56
C SER I 270 14.55 -11.84 -46.80
N PRO I 271 14.61 -13.15 -47.02
CA PRO I 271 15.67 -13.94 -46.37
C PRO I 271 17.06 -13.51 -46.76
N ARG I 272 17.26 -12.99 -47.98
CA ARG I 272 18.59 -12.61 -48.45
C ARG I 272 18.66 -11.23 -49.08
N GLY I 273 17.55 -10.65 -49.54
CA GLY I 273 17.60 -9.39 -50.24
C GLY I 273 17.51 -8.18 -49.31
N ILE I 274 17.59 -7.01 -49.91
CA ILE I 274 17.51 -5.75 -49.17
C ILE I 274 16.07 -5.49 -48.76
N PHE I 275 15.89 -4.58 -47.81
CA PHE I 275 14.59 -4.32 -47.20
C PHE I 275 14.13 -2.93 -47.61
N GLU I 276 13.44 -2.85 -48.74
CA GLU I 276 12.87 -1.61 -49.24
C GLU I 276 11.95 -1.94 -50.41
N LEU I 277 11.24 -0.93 -50.87
CA LEU I 277 10.41 -1.06 -52.06
C LEU I 277 10.80 -0.10 -53.17
N LYS I 278 11.76 0.81 -52.91
CA LYS I 278 12.28 1.71 -53.93
C LYS I 278 13.64 1.29 -54.45
N TYR I 279 14.28 0.30 -53.84
CA TYR I 279 15.58 -0.16 -54.33
C TYR I 279 15.46 -0.73 -55.73
N PHE I 280 14.45 -1.56 -55.98
CA PHE I 280 14.31 -2.21 -57.27
C PHE I 280 13.91 -1.23 -58.37
N PHE I 281 13.14 -0.20 -58.01
CA PHE I 281 12.59 0.75 -58.99
C PHE I 281 13.73 1.64 -59.48
N SER I 282 14.52 1.11 -60.41
CA SER I 282 15.60 1.83 -61.03
C SER I 282 15.49 1.71 -62.55
N SER I 283 15.52 2.84 -63.24
CA SER I 283 15.50 2.90 -64.70
C SER I 283 16.92 3.28 -65.13
N HIS I 284 17.77 2.28 -65.27
CA HIS I 284 19.21 2.47 -65.45
C HIS I 284 19.73 1.58 -66.57
N VAL I 285 19.06 1.63 -67.73
CA VAL I 285 19.38 0.71 -68.83
C VAL I 285 20.85 0.82 -69.22
N ASN I 286 21.44 2.01 -69.09
CA ASN I 286 22.86 2.25 -69.30
C ASN I 286 23.35 1.82 -70.69
N THR I 287 22.42 1.64 -71.63
CA THR I 287 22.74 1.23 -73.00
C THR I 287 23.58 -0.05 -73.02
N GLU I 288 23.04 -1.10 -72.39
CA GLU I 288 23.72 -2.38 -72.37
C GLU I 288 23.79 -2.99 -73.77
N GLY I 289 24.86 -3.75 -74.02
CA GLY I 289 25.07 -4.36 -75.31
C GLY I 289 23.97 -5.33 -75.69
N GLY I 290 23.61 -6.22 -74.78
CA GLY I 290 22.51 -7.12 -74.99
C GLY I 290 21.25 -6.65 -74.30
N GLY I 291 20.32 -6.06 -75.04
CA GLY I 291 19.12 -5.52 -74.44
C GLY I 291 19.46 -4.38 -73.49
N GLU I 292 19.01 -4.50 -72.25
CA GLU I 292 19.28 -3.51 -71.22
C GLU I 292 19.67 -4.21 -69.92
N ALA I 293 20.39 -3.48 -69.08
CA ALA I 293 20.81 -3.98 -67.78
C ALA I 293 20.54 -2.90 -66.74
N SER I 294 20.76 -3.24 -65.47
CA SER I 294 20.48 -2.32 -64.35
C SER I 294 21.80 -1.86 -63.75
N SER I 295 21.87 -0.58 -63.40
CA SER I 295 23.10 -0.02 -62.85
C SER I 295 23.39 -0.56 -61.45
N THR I 296 22.37 -0.98 -60.71
CA THR I 296 22.63 -1.58 -59.40
C THR I 296 23.40 -2.89 -59.55
N ALA I 297 23.02 -3.72 -60.52
CA ALA I 297 23.76 -4.95 -60.79
C ALA I 297 25.17 -4.65 -61.26
N ILE I 298 25.33 -3.62 -62.10
CA ILE I 298 26.65 -3.23 -62.56
C ILE I 298 27.53 -2.78 -61.40
N ARG I 299 26.96 -2.01 -60.47
CA ARG I 299 27.70 -1.57 -59.29
C ARG I 299 28.08 -2.76 -58.42
N ALA I 300 27.16 -3.71 -58.25
CA ALA I 300 27.48 -4.90 -57.46
C ALA I 300 28.61 -5.70 -58.10
N LEU I 301 28.57 -5.86 -59.43
CA LEU I 301 29.64 -6.57 -60.12
C LEU I 301 30.96 -5.83 -60.01
N VAL I 302 30.93 -4.49 -60.09
CA VAL I 302 32.14 -3.70 -59.96
C VAL I 302 32.72 -3.86 -58.56
N LYS I 303 31.87 -3.83 -57.54
CA LYS I 303 32.34 -4.02 -56.18
C LYS I 303 32.94 -5.40 -55.99
N LYS I 304 32.30 -6.43 -56.55
CA LYS I 304 32.84 -7.78 -56.45
C LYS I 304 34.19 -7.90 -57.13
N LEU I 305 34.32 -7.28 -58.32
CA LEU I 305 35.59 -7.33 -59.04
C LEU I 305 36.69 -6.58 -58.28
N ILE I 306 36.35 -5.43 -57.70
CA ILE I 306 37.35 -4.63 -56.98
C ILE I 306 37.79 -5.35 -55.71
N ALA I 307 36.83 -5.98 -55.01
CA ALA I 307 37.17 -6.69 -53.78
C ALA I 307 38.11 -7.86 -54.06
N ALA I 308 37.86 -8.60 -55.13
CA ALA I 308 38.68 -9.75 -55.51
C ALA I 308 39.68 -9.27 -56.57
N GLU I 309 40.81 -8.75 -56.11
CA GLU I 309 41.85 -8.25 -56.99
C GLU I 309 43.21 -8.48 -56.34
N ASN I 310 44.26 -8.08 -57.07
CA ASN I 310 45.61 -8.24 -56.58
C ASN I 310 45.88 -7.28 -55.41
N PRO I 311 46.90 -7.57 -54.59
CA PRO I 311 47.27 -6.64 -53.52
C PRO I 311 47.51 -5.24 -54.02
N ALA I 312 48.13 -5.12 -55.20
CA ALA I 312 48.30 -3.81 -55.82
C ALA I 312 46.96 -3.18 -56.15
N LYS I 313 46.01 -3.98 -56.65
CA LYS I 313 44.65 -3.55 -56.95
C LYS I 313 44.64 -2.32 -57.85
N PRO I 314 45.00 -2.46 -59.14
CA PRO I 314 44.94 -1.29 -60.04
C PRO I 314 43.55 -0.71 -60.13
N LEU I 315 42.58 -1.53 -60.55
CA LEU I 315 41.17 -1.13 -60.59
C LEU I 315 40.98 0.17 -61.36
N SER I 316 41.67 0.29 -62.50
CA SER I 316 41.57 1.49 -63.31
C SER I 316 40.16 1.63 -63.87
N ASP I 317 39.70 2.88 -63.94
CA ASP I 317 38.36 3.15 -64.49
C ASP I 317 38.26 2.68 -65.93
N SER I 318 39.28 2.97 -66.74
CA SER I 318 39.31 2.47 -68.11
C SER I 318 39.38 0.94 -68.13
N LYS I 319 40.20 0.36 -67.27
CA LYS I 319 40.29 -1.10 -67.21
C LYS I 319 38.96 -1.71 -66.75
N LEU I 320 38.30 -1.09 -65.77
CA LEU I 320 37.01 -1.59 -65.32
C LEU I 320 35.97 -1.50 -66.43
N THR I 321 35.98 -0.38 -67.17
CA THR I 321 35.04 -0.25 -68.29
C THR I 321 35.30 -1.28 -69.37
N SER I 322 36.58 -1.54 -69.68
CA SER I 322 36.91 -2.55 -70.66
C SER I 322 36.47 -3.94 -70.20
N MET I 323 36.67 -4.25 -68.92
CA MET I 323 36.23 -5.54 -68.38
C MET I 323 34.71 -5.67 -68.46
N LEU I 324 33.99 -4.60 -68.14
CA LEU I 324 32.53 -4.64 -68.22
C LEU I 324 32.07 -4.82 -69.65
N SER I 325 32.72 -4.13 -70.60
CA SER I 325 32.36 -4.30 -72.01
C SER I 325 32.64 -5.72 -72.49
N GLU I 326 33.76 -6.29 -72.08
CA GLU I 326 34.07 -7.67 -72.45
C GLU I 326 33.04 -8.63 -71.85
N GLN I 327 32.64 -8.40 -70.61
CA GLN I 327 31.62 -9.23 -69.98
C GLN I 327 30.25 -9.06 -70.64
N GLY I 328 30.04 -7.99 -71.39
CA GLY I 328 28.78 -7.75 -72.06
C GLY I 328 28.04 -6.51 -71.60
N ILE I 329 28.54 -5.77 -70.61
CA ILE I 329 27.89 -4.56 -70.13
C ILE I 329 28.54 -3.39 -70.84
N MET I 330 27.81 -2.80 -71.79
CA MET I 330 28.32 -1.67 -72.57
C MET I 330 28.20 -0.40 -71.71
N VAL I 331 29.13 -0.26 -70.77
CA VAL I 331 29.18 0.86 -69.85
C VAL I 331 30.37 1.73 -70.22
N ALA I 332 30.14 3.05 -70.22
CA ALA I 332 31.16 3.98 -70.64
C ALA I 332 32.22 4.16 -69.56
N ARG I 333 33.24 4.96 -69.88
CA ARG I 333 34.32 5.23 -68.95
C ARG I 333 33.81 6.02 -67.76
N ARG I 334 32.87 6.94 -67.97
CA ARG I 334 32.38 7.79 -66.91
C ARG I 334 31.61 7.02 -65.84
N THR I 335 30.67 6.15 -66.24
CA THR I 335 29.75 5.55 -65.29
C THR I 335 30.49 4.72 -64.23
N VAL I 336 31.58 4.05 -64.63
CA VAL I 336 32.31 3.21 -63.70
C VAL I 336 32.88 4.03 -62.55
N ALA I 337 33.42 5.21 -62.84
CA ALA I 337 33.98 6.05 -61.79
C ALA I 337 32.92 6.48 -60.79
N LYS I 338 31.75 6.90 -61.28
CA LYS I 338 30.68 7.28 -60.38
C LYS I 338 30.20 6.11 -59.54
N TYR I 339 30.06 4.93 -60.15
CA TYR I 339 29.63 3.76 -59.40
C TYR I 339 30.64 3.40 -58.31
N ARG I 340 31.93 3.48 -58.63
CA ARG I 340 32.95 3.18 -57.63
C ARG I 340 32.96 4.21 -56.51
N GLU I 341 32.84 5.50 -56.86
CA GLU I 341 32.89 6.55 -55.84
C GLU I 341 31.62 6.65 -55.03
N SER I 342 30.52 6.03 -55.49
CA SER I 342 29.27 6.08 -54.75
C SER I 342 29.42 5.43 -53.37
N LEU I 343 30.11 4.29 -53.30
CA LEU I 343 30.25 3.59 -52.04
C LEU I 343 31.66 3.04 -51.80
N SER I 344 32.67 3.59 -52.47
CA SER I 344 34.03 3.09 -52.31
C SER I 344 35.00 4.16 -52.79
N ILE I 345 36.29 3.89 -52.58
CA ILE I 345 37.36 4.79 -53.00
C ILE I 345 38.37 3.99 -53.82
N PRO I 346 39.07 4.60 -54.76
CA PRO I 346 40.01 3.84 -55.59
C PRO I 346 41.22 3.39 -54.79
N PRO I 347 41.55 2.10 -54.83
CA PRO I 347 42.72 1.61 -54.09
C PRO I 347 44.02 2.10 -54.71
N SER I 348 44.32 3.39 -54.53
CA SER I 348 45.50 4.01 -55.12
C SER I 348 45.55 3.81 -56.63
N ASN I 349 44.38 3.94 -57.26
CA ASN I 349 44.27 3.77 -58.70
C ASN I 349 44.81 4.97 -59.48
N GLN I 350 45.08 6.08 -58.81
CA GLN I 350 45.61 7.27 -59.48
C GLN I 350 47.04 7.05 -59.96
MG MG J . 2.34 -0.65 10.21
ZN ZN K . 11.93 26.69 -43.76
ZN ZN L . -12.75 37.85 17.46
#